data_3LUE
#
_entry.id   3LUE
#
loop_
_entity.id
_entity.type
_entity.pdbx_description
1 polymer 'Actin, cytoplasmic 1'
2 polymer Alpha-actinin-3
#
loop_
_entity_poly.entity_id
_entity_poly.type
_entity_poly.pdbx_seq_one_letter_code
_entity_poly.pdbx_strand_id
1 'polypeptide(L)'
;DDDIAALVVDNGSGMCKAGFAGDDAPRAVFPSIVGRPRHQGVMVGMGQKDSYVGDEAQSKRGILTLKYPIEHGIVTNWDD
MEKIWHHTFYNELRVAPEEHPVLLTEAPLNPKANREKMTQIMFETFNTPAMYVAIQAVLSLYASGRTTGIVMDSGDGVTH
TVPIYEGYALPHAILRLDLAGRDLTDYLMKILTERGYSFTTTAEREIVRDIKEKLCYVALDFEQEMATAASSSSLEKSYE
LPDGQVITIGNERFRCPEALFQPSFLGMESCGIHETTFNSIMKCDVDIRKDLYANTVLSGGTTMYPGIADRMQKEITALA
PSTMKIKIIAPPERKYSVWIGGSILASLSTFQQMWISKQEYDESGPSIVHRKCF
;
A,B,C,D,E,F,G,H,I,J
2 'polypeptide(L)'
;AWEKQQRKTFTAWCNSHLRKAGTQIENIEEDFRNGLKLMLLLEVISGERLPRPDKGKMRFHKIANVNKALDFIASKGVKL
VSIGAEEIVDGNLKMTLGMIWTIILRFAI
;
K,M,L,O,N,Q,P,S,R,T
#
# COMPACT_ATOMS: atom_id res chain seq x y z
N ASP A 1 113.64 -33.23 73.62
CA ASP A 1 113.29 -31.81 73.37
C ASP A 1 112.40 -31.48 72.13
N ASP A 2 111.08 -31.63 72.40
CA ASP A 2 109.91 -31.43 71.54
C ASP A 2 109.76 -32.44 70.42
N ASP A 3 110.75 -32.47 69.58
CA ASP A 3 110.71 -33.40 68.49
C ASP A 3 111.66 -34.34 69.19
N ILE A 4 110.76 -35.20 69.65
CA ILE A 4 110.94 -36.40 70.44
C ILE A 4 110.89 -36.17 71.94
N ALA A 5 109.69 -36.75 72.02
CA ALA A 5 108.79 -36.71 73.13
C ALA A 5 107.61 -37.51 72.54
N ALA A 6 107.10 -38.36 73.42
CA ALA A 6 105.91 -39.12 73.19
C ALA A 6 104.76 -38.10 73.17
N LEU A 7 103.66 -38.45 72.56
CA LEU A 7 102.49 -37.60 72.53
C LEU A 7 101.54 -38.21 73.56
N VAL A 8 101.09 -37.54 74.61
CA VAL A 8 100.12 -38.19 75.47
C VAL A 8 98.71 -37.93 74.89
N VAL A 9 97.83 -38.89 74.66
CA VAL A 9 96.49 -38.68 74.12
C VAL A 9 95.58 -39.24 75.21
N ASP A 10 94.76 -38.36 75.78
CA ASP A 10 93.84 -38.79 76.80
C ASP A 10 92.51 -38.76 76.14
N ASN A 11 91.83 -39.90 76.14
CA ASN A 11 90.57 -40.12 75.43
C ASN A 11 89.39 -40.17 76.35
N GLY A 12 88.80 -38.99 76.49
CA GLY A 12 87.62 -38.84 77.30
C GLY A 12 86.36 -38.87 76.47
N SER A 13 85.33 -39.33 77.20
CA SER A 13 83.95 -39.36 76.81
C SER A 13 83.41 -37.98 76.37
N GLY A 14 83.73 -36.92 77.07
CA GLY A 14 83.31 -35.61 76.65
C GLY A 14 84.40 -34.80 75.99
N MET A 15 85.63 -34.98 76.42
CA MET A 15 86.80 -34.19 76.04
C MET A 15 88.05 -35.04 75.74
N CYS A 16 88.91 -34.64 74.82
CA CYS A 16 90.16 -35.31 74.53
C CYS A 16 91.20 -34.25 74.81
N LYS A 17 92.36 -34.59 75.37
CA LYS A 17 93.43 -33.64 75.67
C LYS A 17 94.65 -34.38 75.15
N ALA A 18 95.47 -33.69 74.35
CA ALA A 18 96.61 -34.28 73.67
C ALA A 18 97.78 -33.33 73.67
N GLY A 19 98.96 -33.82 73.94
CA GLY A 19 100.10 -32.94 74.00
C GLY A 19 101.38 -33.72 73.95
N PHE A 20 102.39 -33.06 74.48
CA PHE A 20 103.70 -33.62 74.40
C PHE A 20 104.23 -33.87 75.79
N ALA A 21 104.83 -35.06 75.93
CA ALA A 21 105.43 -35.46 77.18
C ALA A 21 106.58 -34.52 77.46
N GLY A 22 106.59 -34.20 78.77
CA GLY A 22 107.46 -33.21 79.36
C GLY A 22 106.73 -31.89 79.55
N ASP A 23 105.47 -31.76 79.11
CA ASP A 23 104.72 -30.51 79.25
C ASP A 23 103.71 -30.51 80.40
N ASP A 24 103.65 -29.29 80.86
CA ASP A 24 102.79 -28.90 81.94
C ASP A 24 101.29 -29.01 81.57
N ALA A 25 100.77 -28.55 80.44
CA ALA A 25 99.33 -28.70 80.20
C ALA A 25 99.03 -29.27 78.83
N PRO A 26 97.90 -29.88 78.56
CA PRO A 26 97.47 -30.26 77.23
C PRO A 26 97.57 -29.17 76.17
N ARG A 27 98.17 -29.40 74.99
CA ARG A 27 98.19 -28.38 73.95
C ARG A 27 96.87 -28.35 73.18
N ALA A 28 96.16 -29.45 73.02
CA ALA A 28 94.91 -29.45 72.28
C ALA A 28 93.88 -30.05 73.20
N VAL A 29 92.87 -29.30 73.64
CA VAL A 29 91.81 -29.96 74.39
C VAL A 29 90.64 -29.92 73.44
N PHE A 30 89.86 -30.94 73.07
CA PHE A 30 88.76 -30.69 72.16
C PHE A 30 87.58 -31.50 72.48
N PRO A 31 86.37 -31.13 72.06
CA PRO A 31 85.15 -31.94 72.08
C PRO A 31 85.23 -33.35 71.47
N SER A 32 84.80 -34.42 72.16
CA SER A 32 84.87 -35.75 71.55
C SER A 32 83.62 -36.13 70.73
N ILE A 33 85.34 -36.54 63.11
CA ILE A 33 84.88 -37.27 61.95
C ILE A 33 84.58 -36.36 60.76
N VAL A 34 84.78 -36.93 59.54
CA VAL A 34 84.43 -36.33 58.25
C VAL A 34 83.28 -37.19 57.77
N GLY A 35 82.18 -36.60 57.33
CA GLY A 35 81.05 -37.39 56.91
C GLY A 35 80.63 -37.04 55.51
N ARG A 36 80.75 -37.98 54.58
CA ARG A 36 80.32 -37.72 53.19
C ARG A 36 78.96 -38.44 52.96
N PRO A 37 77.98 -37.76 52.36
CA PRO A 37 76.65 -38.29 52.08
C PRO A 37 76.51 -39.68 51.53
N ARG A 38 77.40 -40.32 50.77
CA ARG A 38 77.16 -41.67 50.20
C ARG A 38 75.73 -41.82 49.58
N HIS A 39 75.31 -40.66 49.02
CA HIS A 39 74.09 -40.34 48.28
C HIS A 39 74.20 -38.85 48.11
N GLN A 40 74.51 -38.41 46.88
CA GLN A 40 74.56 -36.99 46.50
C GLN A 40 73.52 -36.22 47.33
N GLY A 41 74.14 -35.43 48.20
CA GLY A 41 73.39 -34.62 49.12
C GLY A 41 73.71 -33.18 48.82
N VAL A 42 73.11 -32.39 49.75
CA VAL A 42 73.18 -30.90 50.02
C VAL A 42 71.81 -30.22 50.26
N MET A 43 71.80 -29.61 51.45
CA MET A 43 70.65 -28.86 51.91
C MET A 43 70.70 -27.58 51.07
N VAL A 44 69.57 -26.97 50.65
CA VAL A 44 69.59 -25.68 49.92
C VAL A 44 69.51 -24.53 50.94
N GLY A 45 70.68 -24.51 51.55
CA GLY A 45 71.13 -23.58 52.58
C GLY A 45 72.49 -24.11 52.98
N MET A 46 73.20 -24.41 51.88
CA MET A 46 74.59 -24.82 51.79
C MET A 46 74.97 -25.18 50.33
N GLY A 47 76.30 -24.98 50.07
CA GLY A 47 76.91 -25.17 48.75
C GLY A 47 76.83 -26.65 48.41
N GLN A 48 77.22 -27.19 47.22
CA GLN A 48 77.22 -28.65 47.07
C GLN A 48 78.53 -28.97 47.83
N LYS A 49 78.22 -29.25 49.13
CA LYS A 49 79.03 -29.64 50.28
C LYS A 49 78.77 -31.12 50.55
N ASP A 50 79.70 -31.98 50.16
CA ASP A 50 79.50 -33.37 50.44
C ASP A 50 80.55 -33.90 51.40
N SER A 51 81.19 -33.09 52.26
CA SER A 51 81.96 -33.61 53.39
C SER A 51 81.46 -32.72 54.50
N TYR A 52 80.77 -33.19 55.52
CA TYR A 52 80.43 -32.33 56.63
C TYR A 52 81.52 -32.72 57.63
N VAL A 53 82.05 -31.82 58.45
CA VAL A 53 83.17 -32.11 59.36
C VAL A 53 82.81 -31.81 60.83
N GLY A 54 83.28 -32.57 61.81
CA GLY A 54 83.05 -32.21 63.19
C GLY A 54 81.62 -32.46 63.61
N ASP A 55 80.97 -31.47 64.24
CA ASP A 55 79.58 -31.56 64.80
C ASP A 55 78.34 -31.37 63.90
N GLU A 56 78.54 -30.59 62.83
CA GLU A 56 77.57 -30.46 61.75
C GLU A 56 77.52 -31.76 60.95
N ALA A 57 78.25 -32.78 61.37
CA ALA A 57 78.20 -34.07 60.72
C ALA A 57 77.79 -35.03 61.81
N GLN A 58 77.72 -34.62 63.04
CA GLN A 58 77.26 -35.48 64.09
C GLN A 58 75.73 -35.47 63.84
N SER A 59 75.16 -34.28 63.63
CA SER A 59 73.72 -34.06 63.49
C SER A 59 73.11 -34.34 62.11
N LYS A 60 73.69 -35.33 61.46
CA LYS A 60 73.27 -35.88 60.17
C LYS A 60 74.03 -37.21 60.09
N ARG A 61 74.62 -37.72 61.20
CA ARG A 61 75.44 -38.93 61.28
C ARG A 61 74.69 -40.16 60.81
N GLY A 62 73.41 -40.11 61.23
CA GLY A 62 72.40 -41.06 60.84
C GLY A 62 72.20 -41.00 59.35
N ILE A 63 72.17 -39.86 58.66
CA ILE A 63 72.00 -39.88 57.21
C ILE A 63 73.30 -39.88 56.44
N LEU A 64 74.48 -39.97 57.10
CA LEU A 64 75.76 -39.82 56.41
C LEU A 64 76.73 -40.94 56.65
N THR A 65 77.73 -41.15 55.80
CA THR A 65 78.82 -42.10 56.15
C THR A 65 80.09 -41.34 56.65
N LEU A 66 80.43 -41.67 57.89
CA LEU A 66 81.50 -41.05 58.61
C LEU A 66 82.88 -41.73 58.64
N LYS A 67 83.94 -41.08 58.18
CA LYS A 67 85.32 -41.57 58.28
C LYS A 67 86.05 -40.89 59.47
N TYR A 68 86.76 -41.69 60.28
CA TYR A 68 87.56 -41.29 61.42
C TYR A 68 89.02 -41.21 60.98
N PRO A 69 82.06 -41.22 69.79
CA PRO A 69 82.75 -42.50 69.76
C PRO A 69 82.85 -43.13 71.13
N ILE A 70 83.27 -42.34 72.12
CA ILE A 70 83.65 -42.86 73.41
C ILE A 70 82.39 -42.69 74.21
N GLU A 71 82.06 -43.67 75.03
CA GLU A 71 80.80 -43.70 75.73
C GLU A 71 80.93 -44.42 77.06
N HIS A 72 82.65 -48.09 75.82
CA HIS A 72 83.48 -48.39 77.04
C HIS A 72 84.70 -47.63 77.35
N GLY A 73 83.20 -44.03 78.93
CA GLY A 73 84.63 -44.30 78.88
C GLY A 73 85.09 -45.29 77.83
N ILE A 74 84.19 -46.14 77.28
CA ILE A 74 84.50 -47.24 76.38
C ILE A 74 84.22 -46.86 74.93
N VAL A 75 84.98 -47.28 73.90
CA VAL A 75 84.76 -46.84 72.53
C VAL A 75 83.78 -47.82 71.93
N THR A 76 82.70 -47.18 71.46
CA THR A 76 81.57 -47.86 70.83
C THR A 76 81.69 -47.80 69.32
N ASN A 77 82.41 -46.81 68.79
CA ASN A 77 82.48 -46.64 67.36
C ASN A 77 83.92 -46.55 66.95
N TRP A 78 84.41 -47.57 66.32
CA TRP A 78 85.81 -47.56 65.96
C TRP A 78 86.23 -46.73 64.76
N ASP A 79 85.50 -46.48 63.67
CA ASP A 79 86.07 -45.65 62.63
C ASP A 79 85.92 -44.21 63.03
N ASP A 80 84.90 -43.83 63.79
CA ASP A 80 84.88 -42.45 64.24
C ASP A 80 85.90 -42.17 65.34
N MET A 81 86.25 -43.12 66.22
CA MET A 81 87.46 -42.91 67.04
C MET A 81 88.68 -42.79 66.07
N GLU A 82 88.81 -43.59 65.00
CA GLU A 82 89.95 -43.47 64.12
C GLU A 82 90.05 -42.10 63.54
N LYS A 83 88.92 -41.53 63.17
CA LYS A 83 88.90 -40.14 62.74
C LYS A 83 89.49 -39.19 63.80
N ILE A 84 89.08 -39.33 65.06
CA ILE A 84 89.50 -38.41 66.09
C ILE A 84 91.00 -38.39 66.21
N TRP A 85 91.56 -39.60 66.23
CA TRP A 85 93.01 -39.73 66.38
C TRP A 85 93.68 -39.11 65.17
N HIS A 86 93.41 -39.48 63.92
CA HIS A 86 93.93 -38.80 62.74
C HIS A 86 93.94 -37.28 62.87
N HIS A 87 92.84 -36.65 63.30
CA HIS A 87 92.71 -35.22 63.62
C HIS A 87 93.63 -34.77 64.79
N THR A 88 93.75 -35.53 65.89
CA THR A 88 94.74 -35.27 66.93
C THR A 88 96.16 -35.03 66.31
N PHE A 89 96.66 -36.00 65.52
CA PHE A 89 98.04 -35.92 65.00
C PHE A 89 98.19 -34.92 63.85
N TYR A 90 97.41 -35.17 62.80
CA TYR A 90 97.48 -34.40 61.57
C TYR A 90 96.83 -33.05 61.58
N ASN A 91 96.01 -32.66 62.53
CA ASN A 91 95.43 -31.33 62.48
C ASN A 91 95.64 -30.60 63.79
N GLU A 92 95.58 -31.29 64.96
CA GLU A 92 95.77 -30.56 66.18
C GLU A 92 97.24 -30.45 66.61
N LEU A 93 98.01 -31.52 66.71
CA LEU A 93 99.36 -31.33 67.18
C LEU A 93 100.32 -31.08 66.03
N ARG A 94 99.86 -31.46 64.79
CA ARG A 94 100.57 -31.27 63.50
C ARG A 94 101.88 -32.10 63.45
N VAL A 95 101.64 -33.37 63.79
CA VAL A 95 102.64 -34.36 64.09
C VAL A 95 102.51 -35.54 63.10
N ALA A 96 103.57 -36.34 63.13
CA ALA A 96 103.65 -37.49 62.31
C ALA A 96 103.68 -38.66 63.25
N PRO A 97 102.77 -39.59 63.10
CA PRO A 97 102.65 -40.72 64.00
C PRO A 97 103.84 -41.64 64.01
N GLU A 98 104.53 -41.82 62.87
CA GLU A 98 105.65 -42.77 62.76
C GLU A 98 107.05 -42.46 63.31
N GLU A 99 107.08 -41.37 64.06
CA GLU A 99 108.26 -40.79 64.66
C GLU A 99 108.11 -40.58 66.17
N HIS A 100 106.93 -40.81 66.79
CA HIS A 100 106.66 -40.50 68.20
C HIS A 100 105.98 -41.71 68.79
N PRO A 101 106.42 -42.15 69.96
CA PRO A 101 105.65 -43.11 70.67
C PRO A 101 104.39 -42.46 71.24
N VAL A 102 103.29 -43.20 71.37
CA VAL A 102 102.12 -42.61 71.99
C VAL A 102 101.69 -43.28 73.32
N LEU A 103 101.31 -42.48 74.32
CA LEU A 103 100.77 -43.11 75.49
C LEU A 103 99.30 -42.83 75.29
N LEU A 104 98.41 -43.81 75.16
CA LEU A 104 96.98 -43.52 74.97
C LEU A 104 96.33 -43.77 76.30
N THR A 105 95.41 -43.04 76.90
CA THR A 105 94.90 -43.59 78.13
C THR A 105 93.67 -44.45 77.90
N GLU A 106 93.22 -45.18 78.90
CA GLU A 106 92.06 -46.03 78.76
C GLU A 106 91.21 -46.11 80.04
N ALA A 107 89.94 -46.48 79.95
CA ALA A 107 89.07 -46.67 81.08
C ALA A 107 89.55 -47.76 82.01
N PRO A 108 89.44 -47.62 83.33
CA PRO A 108 89.46 -48.73 84.29
C PRO A 108 88.48 -49.78 83.82
N LEU A 109 88.90 -51.04 83.90
CA LEU A 109 88.09 -52.16 83.44
C LEU A 109 87.72 -52.13 81.92
N ASN A 110 88.54 -51.51 81.04
CA ASN A 110 88.26 -51.43 79.58
C ASN A 110 88.22 -52.83 78.97
N PRO A 111 87.20 -53.25 78.23
CA PRO A 111 87.12 -54.57 77.64
C PRO A 111 88.37 -55.04 76.90
N LYS A 112 88.75 -56.32 77.01
CA LYS A 112 89.87 -56.98 76.35
C LYS A 112 90.10 -56.61 74.91
N ALA A 113 89.07 -56.80 74.10
CA ALA A 113 89.14 -56.59 72.67
C ALA A 113 89.30 -55.13 72.32
N ASN A 114 88.94 -54.23 73.22
CA ASN A 114 89.14 -52.82 73.01
C ASN A 114 90.57 -52.52 73.12
N ARG A 115 91.25 -53.03 74.15
CA ARG A 115 92.69 -52.79 74.35
C ARG A 115 93.45 -53.26 73.13
N GLU A 116 93.07 -54.42 72.63
CA GLU A 116 93.67 -54.97 71.42
C GLU A 116 93.25 -54.12 70.26
N LYS A 117 92.01 -53.69 70.01
CA LYS A 117 91.80 -52.90 68.83
C LYS A 117 92.56 -51.60 68.89
N MET A 118 92.79 -50.94 70.02
CA MET A 118 93.55 -49.73 69.97
C MET A 118 95.02 -50.03 69.81
N THR A 119 95.56 -51.21 70.19
CA THR A 119 96.93 -51.62 69.85
C THR A 119 97.13 -51.83 68.33
N GLN A 120 96.18 -52.59 67.80
CA GLN A 120 95.95 -52.85 66.40
C GLN A 120 96.03 -51.59 65.56
N ILE A 121 95.04 -50.65 65.67
CA ILE A 121 94.97 -49.37 64.93
C ILE A 121 96.27 -48.57 64.99
N MET A 122 96.68 -48.33 66.24
CA MET A 122 97.85 -47.53 66.49
C MET A 122 98.98 -48.13 65.73
N PHE A 123 99.22 -49.45 65.75
CA PHE A 123 100.39 -49.98 65.03
C PHE A 123 100.30 -50.13 63.54
N GLU A 124 99.24 -50.75 63.08
CA GLU A 124 99.03 -51.00 61.66
C GLU A 124 98.55 -49.80 60.86
N THR A 125 97.57 -49.06 61.42
CA THR A 125 96.95 -47.91 60.79
C THR A 125 97.78 -46.69 61.02
N PHE A 126 98.39 -46.40 62.18
CA PHE A 126 99.22 -45.19 62.27
C PHE A 126 100.72 -45.39 62.28
N ASN A 127 101.14 -46.67 62.29
CA ASN A 127 102.54 -47.07 62.20
C ASN A 127 103.34 -46.34 63.23
N THR A 128 103.03 -46.73 64.45
CA THR A 128 103.56 -46.08 65.65
C THR A 128 104.83 -46.79 66.06
N PRO A 129 105.95 -46.12 66.36
CA PRO A 129 107.20 -46.74 66.75
C PRO A 129 106.97 -47.61 67.98
N ALA A 130 106.05 -47.17 68.87
CA ALA A 130 105.76 -47.76 70.17
C ALA A 130 104.52 -47.16 70.79
N MET A 131 103.99 -47.89 71.73
CA MET A 131 102.86 -47.39 72.43
C MET A 131 102.68 -48.06 73.77
N TYR A 132 101.94 -47.37 74.64
CA TYR A 132 101.51 -47.88 75.93
C TYR A 132 100.07 -47.33 76.16
N VAL A 133 99.33 -48.13 76.94
CA VAL A 133 97.98 -47.85 77.31
C VAL A 133 97.97 -47.92 78.85
N ALA A 134 97.82 -46.76 79.46
CA ALA A 134 97.62 -46.62 80.88
C ALA A 134 96.12 -46.32 81.27
N ILE A 135 95.66 -46.91 82.39
CA ILE A 135 94.34 -46.65 82.95
C ILE A 135 94.35 -45.22 83.40
N GLN A 136 93.27 -44.45 83.30
CA GLN A 136 93.33 -43.00 83.63
C GLN A 136 93.55 -42.64 85.06
N ALA A 137 92.92 -43.34 86.04
CA ALA A 137 93.05 -43.07 87.45
C ALA A 137 94.48 -43.25 87.95
N VAL A 138 95.23 -44.18 87.42
CA VAL A 138 96.61 -44.41 87.82
C VAL A 138 97.51 -43.23 87.43
N LEU A 139 97.24 -42.45 86.38
CA LEU A 139 98.04 -41.27 85.99
C LEU A 139 97.59 -40.07 86.82
N SER A 140 96.31 -39.98 87.22
CA SER A 140 95.90 -39.04 88.24
C SER A 140 96.74 -39.19 89.53
N LEU A 141 96.96 -40.43 90.01
CA LEU A 141 97.78 -40.67 91.18
C LEU A 141 99.28 -40.30 91.10
N TYR A 142 99.93 -40.75 90.02
CA TYR A 142 101.32 -40.44 89.79
C TYR A 142 101.48 -38.93 89.73
N ALA A 143 100.59 -38.19 89.05
CA ALA A 143 100.70 -36.74 88.96
C ALA A 143 100.49 -36.01 90.32
N SER A 144 99.94 -36.65 91.37
CA SER A 144 99.85 -36.03 92.70
C SER A 144 101.06 -36.37 93.52
N GLY A 145 100.45 -34.92 95.00
CA GLY A 145 101.70 -34.79 95.70
C GLY A 145 101.82 -35.92 96.65
N ARG A 146 101.52 -37.11 96.18
CA ARG A 146 101.48 -38.19 97.12
C ARG A 146 101.96 -39.41 96.38
N THR A 147 102.38 -40.33 97.24
CA THR A 147 103.04 -41.57 96.84
C THR A 147 102.39 -42.85 97.38
N THR A 148 101.60 -42.74 98.42
CA THR A 148 100.92 -43.89 98.96
C THR A 148 99.43 -43.45 99.02
N GLY A 149 98.42 -44.28 98.81
CA GLY A 149 97.09 -43.76 98.81
C GLY A 149 96.29 -44.71 97.98
N ILE A 150 95.05 -44.41 97.70
CA ILE A 150 94.23 -45.19 96.76
C ILE A 150 93.45 -44.10 96.06
N VAL A 151 93.34 -44.29 94.75
CA VAL A 151 92.69 -43.35 93.87
C VAL A 151 91.41 -44.05 93.48
N MET A 152 90.38 -43.26 93.24
CA MET A 152 89.14 -43.83 92.78
C MET A 152 88.96 -43.11 91.47
N ASP A 153 89.09 -43.77 90.34
CA ASP A 153 89.16 -43.06 89.08
C ASP A 153 87.91 -43.27 88.28
N SER A 154 87.13 -42.27 87.94
CA SER A 154 85.89 -42.51 87.23
C SER A 154 85.82 -41.64 86.00
N GLY A 155 86.03 -42.36 84.91
CA GLY A 155 86.01 -41.72 83.60
C GLY A 155 84.68 -41.87 82.85
N ASP A 156 84.71 -42.33 81.59
CA ASP A 156 83.50 -42.46 80.79
C ASP A 156 83.13 -43.91 80.64
N GLY A 157 84.14 -44.77 80.58
CA GLY A 157 83.86 -46.16 80.38
C GLY A 157 84.19 -47.00 81.57
N VAL A 158 85.01 -46.62 82.56
CA VAL A 158 85.28 -47.47 83.72
C VAL A 158 85.60 -46.66 84.98
N THR A 159 85.56 -47.42 86.07
CA THR A 159 85.93 -46.93 87.37
C THR A 159 86.83 -48.01 87.95
N HIS A 160 87.89 -47.55 88.57
CA HIS A 160 88.72 -48.48 89.33
C HIS A 160 89.13 -47.84 90.61
N THR A 161 89.31 -48.73 91.58
CA THR A 161 89.90 -48.35 92.84
C THR A 161 91.29 -49.05 92.78
N VAL A 162 92.37 -48.28 92.99
CA VAL A 162 93.73 -48.74 92.78
C VAL A 162 94.40 -48.45 94.10
N PRO A 163 94.86 -49.36 94.98
CA PRO A 163 95.77 -49.02 96.06
C PRO A 163 97.23 -48.87 95.59
N ILE A 164 97.93 -47.81 95.94
CA ILE A 164 99.28 -47.53 95.51
C ILE A 164 100.18 -47.43 96.76
N TYR A 165 101.23 -48.24 96.84
CA TYR A 165 102.25 -48.20 97.89
C TYR A 165 103.53 -47.71 97.21
N GLU A 166 103.94 -46.52 97.62
CA GLU A 166 105.13 -45.89 97.16
C GLU A 166 105.26 -45.71 95.65
N GLY A 167 104.21 -45.26 94.93
CA GLY A 167 104.25 -45.10 93.49
C GLY A 167 103.96 -46.37 92.67
N TYR A 168 103.48 -47.43 93.31
CA TYR A 168 103.34 -48.72 92.69
C TYR A 168 101.95 -49.18 93.03
N ALA A 169 101.19 -49.41 91.98
CA ALA A 169 99.81 -49.83 92.06
C ALA A 169 99.82 -51.26 92.54
N LEU A 170 98.89 -51.69 93.36
CA LEU A 170 98.95 -53.05 93.83
C LEU A 170 97.94 -53.89 93.04
N PRO A 171 98.29 -54.51 91.90
CA PRO A 171 97.36 -55.13 90.96
C PRO A 171 96.38 -56.15 91.56
N HIS A 172 96.77 -56.94 92.56
CA HIS A 172 95.76 -57.80 93.20
C HIS A 172 94.54 -57.08 93.85
N ALA A 173 94.76 -55.87 94.38
CA ALA A 173 93.70 -55.22 95.10
C ALA A 173 92.98 -54.23 94.22
N ILE A 174 93.34 -54.11 92.92
CA ILE A 174 92.67 -53.21 91.96
C ILE A 174 91.34 -53.88 91.65
N LEU A 175 90.31 -53.04 91.59
CA LEU A 175 88.95 -53.47 91.35
C LEU A 175 88.42 -52.52 90.28
N ARG A 176 87.69 -53.11 89.35
CA ARG A 176 87.13 -52.47 88.14
C ARG A 176 85.64 -52.52 88.19
N LEU A 177 85.03 -51.39 87.85
CA LEU A 177 83.58 -51.23 87.85
C LEU A 177 83.24 -50.59 86.53
N ASP A 178 82.36 -51.33 85.89
CA ASP A 178 81.95 -50.90 84.59
C ASP A 178 80.63 -50.15 84.66
N LEU A 179 80.84 -48.94 85.16
CA LEU A 179 79.78 -47.98 85.30
C LEU A 179 80.55 -46.68 85.55
N ALA A 180 80.38 -45.75 84.63
CA ALA A 180 81.07 -44.48 84.71
C ALA A 180 80.24 -43.47 83.93
N GLY A 181 80.73 -42.25 83.60
CA GLY A 181 79.98 -41.21 82.91
C GLY A 181 78.97 -41.57 81.80
N ARG A 182 79.21 -42.55 80.93
CA ARG A 182 78.27 -42.84 79.86
C ARG A 182 77.01 -43.52 80.42
N ASP A 183 77.24 -44.33 81.46
CA ASP A 183 76.17 -45.04 82.13
C ASP A 183 75.25 -44.03 82.75
N LEU A 184 75.79 -42.92 83.23
CA LEU A 184 75.04 -41.88 83.88
C LEU A 184 74.40 -40.93 82.88
N THR A 185 74.96 -40.64 81.71
CA THR A 185 74.26 -39.87 80.67
C THR A 185 73.03 -40.60 80.14
N ASP A 186 73.21 -41.89 79.94
CA ASP A 186 72.17 -42.79 79.51
C ASP A 186 70.99 -42.98 80.43
N TYR A 187 71.28 -43.06 81.73
CA TYR A 187 70.25 -43.25 82.72
C TYR A 187 69.50 -41.97 82.97
N LEU A 188 70.15 -40.83 82.76
CA LEU A 188 69.52 -39.54 82.89
C LEU A 188 68.48 -39.39 81.80
N MET A 189 68.82 -39.69 80.53
CA MET A 189 67.94 -39.56 79.35
C MET A 189 66.71 -40.43 79.48
N LYS A 190 66.84 -41.66 80.02
CA LYS A 190 65.72 -42.56 80.28
C LYS A 190 64.92 -41.99 81.39
N ILE A 191 65.42 -41.51 82.53
CA ILE A 191 64.49 -41.01 83.50
C ILE A 191 63.86 -39.73 82.92
N LEU A 192 64.54 -38.88 82.14
CA LEU A 192 63.94 -37.68 81.51
C LEU A 192 62.85 -37.98 80.44
N THR A 193 63.05 -38.97 79.57
CA THR A 193 62.10 -39.50 78.57
C THR A 193 60.94 -40.25 79.25
N GLU A 194 61.17 -40.80 80.45
CA GLU A 194 60.12 -41.45 81.21
C GLU A 194 59.16 -40.35 81.62
N ARG A 195 59.63 -39.11 81.87
CA ARG A 195 58.75 -38.01 82.18
C ARG A 195 58.05 -37.49 80.89
N GLY A 196 57.92 -38.32 79.84
CA GLY A 196 57.39 -37.91 78.57
C GLY A 196 58.21 -36.78 77.89
N TYR A 197 59.54 -36.88 77.86
CA TYR A 197 60.37 -35.90 77.16
C TYR A 197 60.84 -36.62 75.92
N SER A 198 61.43 -35.80 75.06
CA SER A 198 61.67 -36.26 73.72
C SER A 198 63.10 -35.85 73.33
N PHE A 199 64.05 -36.80 73.28
CA PHE A 199 65.43 -36.45 72.89
C PHE A 199 65.69 -37.06 71.55
N THR A 200 64.72 -36.72 70.69
CA THR A 200 64.71 -37.48 69.46
C THR A 200 65.75 -37.15 68.42
N THR A 201 66.43 -35.99 68.37
CA THR A 201 67.35 -35.79 67.26
C THR A 201 68.85 -35.64 67.44
N THR A 202 69.59 -36.75 67.22
CA THR A 202 71.07 -36.90 67.24
C THR A 202 71.93 -35.98 68.11
N ALA A 203 72.00 -34.68 67.77
CA ALA A 203 72.71 -33.64 68.50
C ALA A 203 72.08 -33.76 69.86
N GLU A 204 70.74 -33.60 69.98
CA GLU A 204 70.13 -33.64 71.28
C GLU A 204 70.27 -34.97 72.08
N ARG A 205 70.94 -36.02 71.59
CA ARG A 205 71.32 -37.19 72.42
C ARG A 205 72.56 -36.82 73.26
N GLU A 206 73.30 -35.91 72.67
CA GLU A 206 74.40 -35.26 73.32
C GLU A 206 73.87 -34.09 74.15
N ILE A 207 72.59 -33.75 74.19
CA ILE A 207 72.13 -32.64 75.05
C ILE A 207 71.81 -33.10 76.48
N VAL A 208 71.69 -34.43 76.68
CA VAL A 208 71.57 -34.96 78.02
C VAL A 208 72.94 -34.85 78.71
N ARG A 209 74.08 -35.00 78.00
CA ARG A 209 75.44 -34.87 78.52
C ARG A 209 75.56 -33.54 79.20
N ASP A 210 75.09 -32.43 78.66
CA ASP A 210 75.17 -31.12 79.33
C ASP A 210 74.19 -30.98 80.50
N ILE A 211 72.98 -31.54 80.49
CA ILE A 211 72.11 -31.43 81.67
C ILE A 211 72.83 -32.16 82.83
N LYS A 212 73.34 -33.36 82.54
CA LYS A 212 74.00 -34.26 83.45
C LYS A 212 75.13 -33.53 84.04
N GLU A 213 75.95 -32.94 83.20
CA GLU A 213 77.09 -32.32 83.79
C GLU A 213 76.66 -31.02 84.38
N LYS A 214 75.60 -30.33 83.93
CA LYS A 214 75.32 -29.02 84.50
C LYS A 214 74.46 -28.96 85.70
N LEU A 215 73.56 -29.90 85.90
CA LEU A 215 72.58 -29.80 86.98
C LEU A 215 72.74 -30.94 87.96
N CYS A 216 73.35 -32.10 87.62
CA CYS A 216 73.45 -33.16 88.62
C CYS A 216 74.32 -32.82 89.81
N TYR A 217 73.95 -33.56 90.85
CA TYR A 217 74.32 -33.39 92.23
C TYR A 217 74.28 -34.80 92.83
N VAL A 218 75.07 -34.96 93.89
CA VAL A 218 75.08 -36.16 94.70
C VAL A 218 74.49 -35.67 96.02
N ALA A 219 73.53 -36.47 96.46
CA ALA A 219 72.76 -36.29 97.68
C ALA A 219 73.51 -36.91 98.83
N LEU A 220 73.44 -36.34 100.05
CA LEU A 220 74.08 -36.86 101.27
C LEU A 220 73.23 -37.97 101.80
N ASP A 221 71.95 -37.70 101.81
CA ASP A 221 71.08 -38.75 102.21
C ASP A 221 70.04 -38.84 101.10
N PHE A 222 70.24 -39.75 100.10
CA PHE A 222 69.24 -39.91 99.03
C PHE A 222 67.81 -39.83 99.55
N GLU A 223 67.50 -40.62 100.59
CA GLU A 223 66.20 -40.73 101.27
C GLU A 223 65.67 -39.38 101.75
N GLN A 224 66.32 -38.66 102.67
CA GLN A 224 65.81 -37.37 103.02
C GLN A 224 65.98 -36.43 101.85
N GLU A 225 66.70 -36.74 100.77
CA GLU A 225 66.78 -35.84 99.65
C GLU A 225 65.59 -36.01 98.75
N MET A 226 65.01 -37.19 98.66
CA MET A 226 63.88 -37.36 97.78
C MET A 226 62.65 -36.60 98.30
N ALA A 227 62.43 -36.53 99.61
CA ALA A 227 61.34 -35.73 100.18
C ALA A 227 61.72 -34.27 100.32
N THR A 228 62.98 -34.00 100.00
CA THR A 228 63.47 -32.66 99.80
C THR A 228 63.76 -32.52 98.27
N ALA A 229 62.73 -33.05 97.56
CA ALA A 229 62.46 -32.88 96.16
C ALA A 229 60.95 -32.67 96.40
N ALA A 230 60.14 -33.55 97.03
CA ALA A 230 58.71 -33.26 97.25
C ALA A 230 58.47 -31.94 98.00
N SER A 231 59.36 -31.38 98.83
CA SER A 231 59.22 -30.04 99.40
C SER A 231 59.90 -29.07 98.44
N SER A 232 59.49 -29.18 97.19
CA SER A 232 60.11 -28.57 96.07
C SER A 232 60.55 -27.13 96.22
N SER A 233 59.80 -26.16 95.72
CA SER A 233 60.21 -24.78 95.55
C SER A 233 61.55 -24.74 94.75
N SER A 234 62.70 -24.90 95.42
CA SER A 234 64.03 -24.69 94.87
C SER A 234 64.76 -25.81 94.10
N LEU A 235 64.19 -27.00 93.93
CA LEU A 235 64.91 -28.09 93.29
C LEU A 235 64.76 -28.17 91.76
N GLU A 236 63.63 -27.73 91.17
CA GLU A 236 63.52 -27.92 89.74
C GLU A 236 64.34 -26.78 89.12
N LYS A 237 65.13 -27.18 88.14
CA LYS A 237 65.83 -26.20 87.30
C LYS A 237 65.47 -26.47 85.84
N SER A 238 65.60 -25.47 84.99
CA SER A 238 65.30 -25.64 83.58
C SER A 238 66.51 -25.52 82.61
N TYR A 239 66.30 -26.38 81.61
CA TYR A 239 67.18 -26.46 80.48
C TYR A 239 66.41 -26.24 79.16
N GLU A 240 67.10 -25.49 78.30
CA GLU A 240 66.58 -24.98 77.05
C GLU A 240 67.11 -25.81 75.92
N LEU A 241 66.22 -26.36 75.15
CA LEU A 241 66.60 -27.00 73.90
C LEU A 241 67.14 -25.97 72.86
N PRO A 242 68.07 -26.34 71.98
CA PRO A 242 68.30 -25.68 70.68
C PRO A 242 66.97 -25.34 69.99
N ASP A 243 66.08 -26.32 69.90
CA ASP A 243 64.69 -26.18 69.47
C ASP A 243 63.93 -25.00 70.10
N GLY A 244 64.41 -24.20 71.07
CA GLY A 244 63.63 -23.13 71.72
C GLY A 244 62.90 -23.61 72.99
N GLN A 245 62.45 -24.89 72.98
CA GLN A 245 61.72 -25.60 74.04
C GLN A 245 62.33 -25.64 75.45
N VAL A 246 61.52 -26.00 76.50
CA VAL A 246 62.04 -26.11 77.85
C VAL A 246 61.99 -27.49 78.54
N ILE A 247 62.94 -27.72 79.42
CA ILE A 247 63.09 -28.98 80.12
C ILE A 247 62.92 -28.52 81.54
N THR A 248 62.32 -29.33 82.37
CA THR A 248 62.45 -29.05 83.78
C THR A 248 62.85 -30.35 84.47
N ILE A 249 63.87 -30.21 85.33
CA ILE A 249 64.48 -31.32 86.04
C ILE A 249 64.47 -31.04 87.53
N GLY A 250 64.06 -32.07 88.22
CA GLY A 250 63.96 -32.00 89.65
C GLY A 250 64.61 -33.21 90.28
N ASN A 251 63.85 -34.24 90.74
CA ASN A 251 64.47 -35.31 91.51
C ASN A 251 65.57 -36.11 90.78
N GLU A 252 65.46 -36.01 89.47
CA GLU A 252 66.41 -36.53 88.53
C GLU A 252 67.86 -36.09 88.71
N ARG A 253 68.09 -34.82 89.04
CA ARG A 253 69.42 -34.28 89.19
C ARG A 253 70.33 -35.05 90.14
N PHE A 254 69.80 -35.47 91.31
CA PHE A 254 70.58 -36.23 92.29
C PHE A 254 70.39 -37.74 92.10
N ARG A 255 69.24 -38.20 91.58
CA ARG A 255 68.90 -39.58 91.23
C ARG A 255 69.83 -40.10 90.13
N CYS A 256 70.43 -39.26 89.30
CA CYS A 256 71.36 -39.69 88.25
C CYS A 256 72.66 -40.19 88.94
N PRO A 257 73.57 -39.35 89.53
CA PRO A 257 74.79 -39.83 90.16
C PRO A 257 74.54 -40.90 91.18
N GLU A 258 73.38 -41.04 91.83
CA GLU A 258 73.09 -42.13 92.76
C GLU A 258 73.26 -43.56 92.27
N ALA A 259 73.25 -43.72 90.96
CA ALA A 259 73.52 -45.02 90.38
C ALA A 259 74.98 -45.41 90.63
N LEU A 260 75.87 -44.49 90.93
CA LEU A 260 77.22 -44.79 91.33
C LEU A 260 77.30 -45.49 92.68
N PHE A 261 76.43 -45.10 93.60
CA PHE A 261 76.42 -45.64 94.95
C PHE A 261 75.55 -46.87 95.11
N GLN A 262 74.51 -46.94 94.29
CA GLN A 262 73.54 -48.01 94.24
C GLN A 262 73.37 -48.44 92.78
N PRO A 263 74.12 -49.34 92.20
CA PRO A 263 73.98 -49.69 90.80
C PRO A 263 72.78 -50.59 90.55
N SER A 264 71.92 -50.78 91.55
CA SER A 264 70.65 -51.47 91.40
C SER A 264 69.79 -50.50 90.61
N PHE A 265 69.96 -49.18 90.79
CA PHE A 265 69.25 -48.19 90.01
C PHE A 265 69.45 -48.45 88.57
N LEU A 266 70.64 -48.81 88.17
CA LEU A 266 70.91 -49.23 86.81
C LEU A 266 70.55 -50.69 86.49
N GLY A 267 70.12 -51.55 87.40
CA GLY A 267 69.77 -52.91 87.00
C GLY A 267 70.97 -53.82 87.10
N MET A 268 72.03 -53.30 87.70
CA MET A 268 73.30 -53.98 87.98
C MET A 268 73.41 -54.48 89.40
N GLU A 269 73.97 -55.68 89.44
CA GLU A 269 74.21 -56.33 90.70
C GLU A 269 75.39 -55.68 91.42
N SER A 270 76.22 -54.82 90.79
CA SER A 270 77.42 -54.32 91.43
C SER A 270 77.20 -53.47 92.67
N CYS A 271 78.19 -53.63 93.54
CA CYS A 271 78.40 -52.79 94.70
C CYS A 271 78.55 -51.39 94.18
N GLY A 272 78.30 -50.36 94.96
CA GLY A 272 78.62 -49.03 94.49
C GLY A 272 80.05 -48.70 94.80
N ILE A 273 80.42 -47.55 94.28
CA ILE A 273 81.73 -46.97 94.45
C ILE A 273 82.33 -46.86 95.85
N HIS A 274 81.47 -46.84 96.86
CA HIS A 274 81.92 -46.63 98.23
C HIS A 274 82.38 -47.94 98.86
N GLU A 275 81.82 -49.02 98.36
CA GLU A 275 82.13 -50.34 98.82
C GLU A 275 83.34 -50.87 98.13
N THR A 276 83.54 -50.54 96.88
CA THR A 276 84.65 -50.97 96.09
C THR A 276 85.88 -50.29 96.65
N THR A 277 86.04 -48.95 96.91
CA THR A 277 87.20 -48.39 97.63
C THR A 277 87.49 -49.25 98.88
N PHE A 278 86.50 -49.49 99.74
CA PHE A 278 86.66 -50.35 100.92
C PHE A 278 87.05 -51.79 100.62
N ASN A 279 86.73 -52.37 99.50
CA ASN A 279 87.08 -53.77 99.34
C ASN A 279 88.45 -53.85 98.73
N SER A 280 89.05 -52.80 98.14
CA SER A 280 90.44 -52.83 97.65
C SER A 280 91.32 -52.68 98.88
N ILE A 281 91.10 -51.68 99.69
CA ILE A 281 91.73 -51.47 101.00
C ILE A 281 91.74 -52.76 101.76
N MET A 282 90.73 -53.58 101.83
CA MET A 282 90.85 -54.78 102.60
C MET A 282 91.74 -55.88 102.07
N LYS A 283 92.12 -55.76 100.80
CA LYS A 283 92.90 -56.70 100.03
C LYS A 283 94.39 -56.36 100.09
N CYS A 284 94.71 -55.19 100.63
CA CYS A 284 96.10 -54.76 100.74
C CYS A 284 96.81 -55.22 102.05
N ASP A 285 98.10 -55.02 102.07
CA ASP A 285 98.96 -55.23 103.21
C ASP A 285 98.39 -54.53 104.41
N VAL A 286 98.25 -55.32 105.45
CA VAL A 286 97.78 -54.89 106.75
C VAL A 286 98.45 -53.61 107.20
N ASP A 287 99.73 -53.39 106.90
CA ASP A 287 100.46 -52.21 107.41
C ASP A 287 100.37 -50.98 106.46
N ILE A 288 99.60 -50.98 105.34
CA ILE A 288 99.50 -49.74 104.62
C ILE A 288 98.08 -49.29 104.64
N ARG A 289 97.11 -50.07 105.06
CA ARG A 289 95.70 -49.70 105.10
C ARG A 289 95.44 -48.35 105.73
N LYS A 290 96.11 -48.09 106.85
CA LYS A 290 95.89 -46.82 107.53
C LYS A 290 96.34 -45.70 106.63
N ASP A 291 97.26 -45.97 105.72
CA ASP A 291 97.71 -44.97 104.82
C ASP A 291 96.71 -44.78 103.71
N LEU A 292 96.16 -45.88 103.23
CA LEU A 292 95.16 -45.84 102.17
C LEU A 292 93.84 -45.13 102.65
N TYR A 293 93.34 -45.28 103.89
CA TYR A 293 92.22 -44.45 104.35
C TYR A 293 92.50 -42.96 104.50
N ALA A 294 93.71 -42.56 104.81
CA ALA A 294 94.07 -41.17 104.97
C ALA A 294 94.28 -40.46 103.66
N ASN A 295 94.36 -41.24 102.57
CA ASN A 295 94.68 -40.72 101.24
C ASN A 295 93.77 -41.38 100.22
N THR A 296 92.49 -41.07 100.29
CA THR A 296 91.55 -41.53 99.30
C THR A 296 91.45 -40.32 98.40
N VAL A 297 91.87 -40.44 97.14
CA VAL A 297 91.89 -39.34 96.14
C VAL A 297 90.90 -39.75 95.05
N LEU A 298 90.12 -38.77 94.58
CA LEU A 298 89.16 -39.09 93.54
C LEU A 298 89.72 -38.49 92.26
N SER A 299 89.61 -39.16 91.10
CA SER A 299 90.04 -38.47 89.92
C SER A 299 89.15 -38.78 88.76
N GLY A 300 89.08 -38.05 87.65
CA GLY A 300 88.20 -38.42 86.51
C GLY A 300 87.00 -37.50 86.36
N GLY A 301 86.40 -37.31 85.18
CA GLY A 301 85.22 -36.45 84.98
C GLY A 301 84.00 -36.88 85.82
N THR A 302 83.66 -38.15 86.00
CA THR A 302 82.49 -38.54 86.77
C THR A 302 82.72 -38.26 88.27
N THR A 303 83.85 -37.68 88.75
CA THR A 303 84.01 -37.41 90.20
C THR A 303 83.74 -35.92 90.44
N MET A 304 83.28 -35.26 89.40
CA MET A 304 83.10 -33.84 89.51
C MET A 304 81.77 -33.40 90.12
N TYR A 305 80.88 -34.32 90.47
CA TYR A 305 79.56 -34.00 90.97
C TYR A 305 79.60 -33.29 92.28
N PRO A 306 78.94 -32.15 92.52
CA PRO A 306 78.72 -31.59 93.84
C PRO A 306 78.10 -32.65 94.74
N GLY A 307 78.66 -32.62 95.97
CA GLY A 307 78.43 -33.58 97.04
C GLY A 307 79.25 -34.88 97.00
N ILE A 308 80.07 -35.20 95.97
CA ILE A 308 80.65 -36.55 95.96
C ILE A 308 81.75 -36.74 96.99
N ALA A 309 82.55 -35.72 97.32
CA ALA A 309 83.54 -35.85 98.39
C ALA A 309 82.89 -36.12 99.71
N ASP A 310 81.93 -35.29 100.14
CA ASP A 310 81.14 -35.51 101.36
C ASP A 310 80.44 -36.84 101.42
N ARG A 311 79.80 -37.27 100.36
CA ARG A 311 79.08 -38.51 100.40
C ARG A 311 80.04 -39.67 100.36
N MET A 312 81.19 -39.58 99.69
CA MET A 312 82.19 -40.62 99.73
C MET A 312 82.67 -40.68 101.17
N GLN A 313 83.10 -39.60 101.81
CA GLN A 313 83.49 -39.54 103.21
C GLN A 313 82.46 -40.17 104.11
N LYS A 314 81.22 -39.68 104.21
CA LYS A 314 80.12 -40.25 104.97
C LYS A 314 80.03 -41.76 104.84
N GLU A 315 80.24 -42.27 103.63
CA GLU A 315 80.05 -43.69 103.39
C GLU A 315 81.23 -44.57 103.74
N ILE A 316 82.45 -44.05 103.57
CA ILE A 316 83.61 -44.83 103.91
C ILE A 316 83.72 -44.76 105.42
N THR A 317 83.40 -43.63 106.02
CA THR A 317 83.31 -43.54 107.46
C THR A 317 82.35 -44.53 108.10
N ALA A 318 81.28 -44.95 107.44
CA ALA A 318 80.41 -45.97 108.03
C ALA A 318 81.02 -47.37 107.93
N LEU A 319 81.62 -47.79 106.81
CA LEU A 319 82.23 -49.14 106.74
C LEU A 319 83.58 -49.30 107.51
N ALA A 320 84.34 -48.20 107.66
CA ALA A 320 85.70 -48.23 108.17
C ALA A 320 85.72 -48.49 109.65
N PRO A 321 86.73 -49.22 110.24
CA PRO A 321 86.88 -49.37 111.71
C PRO A 321 86.67 -48.01 112.42
N SER A 322 86.09 -48.07 113.63
CA SER A 322 85.59 -46.86 114.30
C SER A 322 86.58 -45.74 114.71
N THR A 323 87.81 -45.91 114.26
CA THR A 323 88.91 -45.07 114.60
C THR A 323 89.61 -44.48 113.40
N MET A 324 89.48 -45.04 112.17
CA MET A 324 90.36 -44.62 111.07
C MET A 324 90.24 -43.14 110.81
N LYS A 325 91.29 -42.36 110.58
CA LYS A 325 91.15 -40.97 110.22
C LYS A 325 90.84 -41.18 108.75
N ILE A 326 89.76 -40.69 108.16
CA ILE A 326 89.49 -40.92 106.77
C ILE A 326 89.54 -39.57 106.09
N LYS A 327 90.40 -39.40 105.11
CA LYS A 327 90.62 -38.12 104.51
C LYS A 327 90.38 -38.41 103.04
N ILE A 328 89.27 -37.93 102.51
CA ILE A 328 88.91 -38.12 101.10
C ILE A 328 89.59 -36.90 100.45
N ILE A 329 90.21 -36.90 99.25
CA ILE A 329 90.96 -35.75 98.74
C ILE A 329 90.30 -35.52 97.42
N ALA A 330 89.97 -34.29 97.07
CA ALA A 330 89.26 -34.10 95.84
C ALA A 330 89.72 -32.74 95.38
N PRO A 331 90.95 -32.77 94.77
CA PRO A 331 91.60 -31.57 94.29
C PRO A 331 90.70 -30.99 93.21
N PRO A 332 90.49 -29.69 93.19
CA PRO A 332 89.58 -29.07 92.27
C PRO A 332 90.01 -29.24 90.81
N GLU A 333 91.20 -29.77 90.46
CA GLU A 333 91.55 -29.88 89.06
C GLU A 333 91.55 -31.28 88.57
N ARG A 334 90.76 -32.08 89.26
CA ARG A 334 90.65 -33.53 89.09
C ARG A 334 90.04 -34.16 87.83
N LYS A 335 91.17 -31.04 86.86
CA LYS A 335 90.40 -31.22 85.63
C LYS A 335 91.42 -31.87 84.65
N TYR A 336 92.73 -31.58 84.77
CA TYR A 336 93.77 -32.16 83.91
C TYR A 336 94.69 -33.27 84.45
N SER A 337 94.43 -33.85 85.64
CA SER A 337 95.22 -34.92 86.25
C SER A 337 95.55 -36.06 85.31
N VAL A 338 94.63 -36.72 84.65
CA VAL A 338 95.00 -37.81 83.81
C VAL A 338 96.03 -37.38 82.75
N TRP A 339 95.92 -36.22 82.10
CA TRP A 339 96.88 -35.87 81.10
C TRP A 339 98.22 -35.53 81.76
N ILE A 340 98.39 -34.82 82.87
CA ILE A 340 99.73 -34.47 83.33
C ILE A 340 100.42 -35.61 84.04
N GLY A 341 99.66 -36.62 84.46
CA GLY A 341 100.28 -37.82 84.99
C GLY A 341 100.96 -38.67 83.92
N GLY A 342 100.37 -38.69 82.72
CA GLY A 342 100.90 -39.33 81.54
C GLY A 342 102.05 -38.51 80.96
N SER A 343 101.93 -37.20 80.73
CA SER A 343 103.08 -36.38 80.42
C SER A 343 104.31 -36.55 81.29
N ILE A 344 104.24 -36.83 82.60
CA ILE A 344 105.34 -37.05 83.55
C ILE A 344 106.01 -38.38 83.26
N LEU A 345 105.08 -39.35 83.28
CA LEU A 345 105.40 -40.75 83.07
C LEU A 345 106.07 -40.90 81.73
N ALA A 346 105.48 -40.59 80.58
CA ALA A 346 106.13 -40.77 79.31
C ALA A 346 107.34 -39.88 79.03
N SER A 347 107.79 -39.07 80.01
CA SER A 347 108.99 -38.28 79.84
C SER A 347 110.12 -38.90 80.62
N LEU A 348 109.87 -39.76 81.62
CA LEU A 348 110.97 -40.37 82.39
C LEU A 348 111.76 -41.36 81.49
N SER A 349 113.10 -41.47 81.63
CA SER A 349 113.84 -42.39 80.81
C SER A 349 113.49 -43.77 81.19
N THR A 350 112.97 -43.89 82.43
CA THR A 350 112.32 -45.09 82.99
C THR A 350 111.33 -45.76 81.99
N PHE A 351 110.48 -44.93 81.40
CA PHE A 351 109.37 -45.37 80.64
C PHE A 351 109.72 -46.03 79.33
N GLN A 352 110.81 -45.65 78.68
CA GLN A 352 111.12 -46.22 77.39
C GLN A 352 111.30 -47.73 77.53
N GLN A 353 111.54 -48.24 78.71
CA GLN A 353 111.56 -49.66 78.90
C GLN A 353 110.23 -49.75 79.62
N MET A 354 109.16 -49.86 78.88
CA MET A 354 107.83 -50.05 79.44
C MET A 354 106.86 -50.09 78.28
N TRP A 355 107.20 -49.48 77.14
CA TRP A 355 106.40 -49.51 75.92
C TRP A 355 106.32 -50.88 75.28
N ILE A 356 105.40 -51.01 74.34
CA ILE A 356 105.24 -52.16 73.47
C ILE A 356 105.78 -51.53 72.18
N SER A 357 106.78 -52.18 71.60
CA SER A 357 107.43 -51.65 70.43
C SER A 357 106.83 -52.26 69.20
N LYS A 358 107.12 -51.65 68.04
CA LYS A 358 106.69 -52.14 66.72
C LYS A 358 107.14 -53.56 66.62
N GLN A 359 108.44 -53.81 66.87
CA GLN A 359 109.00 -55.16 66.93
C GLN A 359 108.15 -56.16 67.73
N GLU A 360 107.78 -55.78 68.96
CA GLU A 360 107.03 -56.68 69.83
C GLU A 360 105.66 -56.97 69.31
N TYR A 361 105.03 -55.96 68.73
CA TYR A 361 103.71 -56.13 68.19
C TYR A 361 103.73 -57.17 67.07
N ASP A 362 104.78 -57.17 66.24
CA ASP A 362 104.94 -58.15 65.16
C ASP A 362 105.11 -59.54 65.70
N GLU A 363 106.03 -59.55 66.68
CA GLU A 363 106.41 -60.74 67.40
C GLU A 363 105.09 -61.32 67.90
N SER A 364 104.29 -60.57 68.69
CA SER A 364 103.18 -61.20 69.37
C SER A 364 101.85 -61.07 68.68
N GLY A 365 101.55 -59.87 68.25
CA GLY A 365 100.26 -59.60 67.67
C GLY A 365 99.63 -58.55 68.54
N PRO A 366 98.31 -58.31 68.56
CA PRO A 366 97.65 -57.38 69.49
C PRO A 366 97.46 -57.78 70.97
N SER A 367 97.47 -59.09 71.22
CA SER A 367 97.33 -59.67 72.53
C SER A 367 98.35 -59.09 73.50
N ILE A 368 99.62 -58.93 73.14
CA ILE A 368 100.66 -58.41 74.01
C ILE A 368 100.25 -57.24 74.90
N VAL A 369 99.22 -56.40 74.58
CA VAL A 369 98.78 -55.30 75.43
C VAL A 369 98.41 -55.86 76.78
N HIS A 370 97.90 -57.07 76.90
CA HIS A 370 97.46 -57.62 78.17
C HIS A 370 98.62 -57.99 79.05
N ARG A 371 99.74 -58.22 78.43
CA ARG A 371 100.86 -58.71 79.16
C ARG A 371 101.55 -57.49 79.65
N LYS A 372 101.79 -56.51 78.79
CA LYS A 372 102.67 -55.46 79.17
C LYS A 372 102.13 -54.28 79.85
N CYS A 373 100.81 -54.16 79.78
CA CYS A 373 100.16 -53.03 80.39
C CYS A 373 99.34 -53.52 81.61
N PHE A 374 100.18 -54.16 82.53
CA PHE A 374 100.05 -54.70 83.93
C PHE A 374 100.63 -55.96 84.63
N ASP B 1 28.30 -60.57 94.25
CA ASP B 1 27.29 -61.18 93.36
C ASP B 1 26.40 -60.22 92.49
N ASP B 2 27.02 -59.87 91.34
CA ASP B 2 26.55 -59.00 90.24
C ASP B 2 26.44 -57.54 90.59
N ASP B 3 25.60 -57.27 91.56
CA ASP B 3 25.42 -55.92 91.98
C ASP B 3 26.30 -56.13 93.19
N ILE B 4 27.40 -55.58 92.71
CA ILE B 4 28.71 -55.42 93.32
C ILE B 4 29.65 -56.57 93.09
N ALA B 5 30.38 -55.85 92.24
CA ALA B 5 31.38 -56.33 91.34
C ALA B 5 31.76 -55.01 90.64
N ALA B 6 33.07 -54.89 90.47
CA ALA B 6 33.69 -53.84 89.72
C ALA B 6 33.30 -54.09 88.27
N LEU B 7 33.35 -53.06 87.44
CA LEU B 7 33.07 -53.20 86.03
C LEU B 7 34.44 -53.18 85.36
N VAL B 8 34.89 -54.18 84.61
CA VAL B 8 36.17 -54.02 83.93
C VAL B 8 35.92 -53.30 82.59
N VAL B 9 36.60 -52.23 82.21
CA VAL B 9 36.40 -51.53 80.94
C VAL B 9 37.78 -51.62 80.28
N ASP B 10 37.82 -52.29 79.13
CA ASP B 10 39.07 -52.40 78.41
C ASP B 10 38.90 -51.52 77.24
N ASN B 11 39.80 -50.55 77.10
CA ASN B 11 39.74 -49.49 76.09
C ASN B 11 40.73 -49.69 75.00
N GLY B 12 40.21 -50.33 73.95
CA GLY B 12 41.00 -50.59 72.77
C GLY B 12 40.72 -49.56 71.69
N SER B 13 41.80 -49.42 70.91
CA SER B 13 41.88 -48.65 69.69
C SER B 13 40.80 -49.05 68.65
N GLY B 14 40.55 -50.33 68.46
CA GLY B 14 39.51 -50.74 67.55
C GLY B 14 38.23 -51.17 68.24
N MET B 15 38.36 -51.78 69.42
CA MET B 15 37.30 -52.42 70.16
C MET B 15 37.31 -52.10 71.67
N CYS B 16 36.18 -52.01 72.33
CA CYS B 16 36.09 -51.81 73.77
C CYS B 16 35.36 -53.03 74.26
N LYS B 17 35.69 -53.61 75.41
CA LYS B 17 35.02 -54.78 75.96
C LYS B 17 34.83 -54.37 77.42
N ALA B 18 33.61 -54.55 77.92
CA ALA B 18 33.21 -54.10 79.24
C ALA B 18 32.31 -55.10 79.91
N GLY B 19 32.53 -55.37 81.17
CA GLY B 19 31.72 -56.37 81.83
C GLY B 19 31.88 -56.27 83.32
N PHE B 20 31.59 -57.41 83.92
CA PHE B 20 31.57 -57.44 85.35
C PHE B 20 32.60 -58.42 85.85
N ALA B 21 33.32 -57.95 86.88
CA ALA B 21 34.35 -58.76 87.51
C ALA B 21 33.66 -59.95 88.14
N GLY B 22 34.39 -61.06 87.93
CA GLY B 22 33.96 -62.40 88.28
C GLY B 22 33.44 -63.13 87.05
N ASP B 23 33.34 -62.48 85.88
CA ASP B 23 32.82 -63.12 84.67
C ASP B 23 33.90 -63.56 83.70
N ASP B 24 33.47 -64.64 83.09
CA ASP B 24 34.21 -65.34 82.08
C ASP B 24 34.38 -64.50 80.80
N ALA B 25 33.39 -63.84 80.20
CA ALA B 25 33.68 -63.09 78.98
C ALA B 25 33.13 -61.67 79.03
N PRO B 26 33.61 -60.71 78.27
CA PRO B 26 32.99 -59.40 78.13
C PRO B 26 31.50 -59.41 77.82
N ARG B 27 30.64 -58.66 78.54
CA ARG B 27 29.23 -58.60 78.19
C ARG B 27 28.97 -57.65 77.04
N ALA B 28 29.75 -56.58 76.86
CA ALA B 28 29.52 -55.64 75.78
C ALA B 28 30.82 -55.54 75.03
N VAL B 29 30.90 -55.98 73.77
CA VAL B 29 32.13 -55.72 73.05
C VAL B 29 31.70 -54.68 72.03
N PHE B 30 32.29 -53.51 71.77
CA PHE B 30 31.74 -52.67 70.73
C PHE B 30 32.79 -51.96 69.97
N PRO B 31 32.54 -51.51 68.74
CA PRO B 31 33.38 -50.58 67.97
C PRO B 31 33.82 -49.28 68.68
N SER B 32 35.12 -48.93 68.69
CA SER B 32 35.52 -47.67 69.34
C SER B 32 35.48 -46.43 68.42
N ILE B 33 29.80 -41.53 70.63
CA ILE B 33 29.55 -40.11 70.58
C ILE B 33 28.17 -39.77 70.01
N VAL B 34 27.61 -38.64 70.50
CA VAL B 34 26.38 -38.02 70.01
C VAL B 34 26.86 -36.73 69.36
N GLY B 35 26.43 -36.45 68.14
CA GLY B 35 26.91 -35.26 67.48
C GLY B 35 25.77 -34.37 67.04
N ARG B 36 25.68 -33.17 67.60
CA ARG B 36 24.62 -32.24 67.19
C ARG B 36 25.25 -31.16 66.27
N PRO B 37 24.62 -30.84 65.13
CA PRO B 37 25.08 -29.85 64.17
C PRO B 37 25.62 -28.54 64.65
N ARG B 38 25.25 -27.91 65.78
CA ARG B 38 25.77 -26.58 66.15
C ARG B 38 25.77 -25.56 64.96
N HIS B 39 24.73 -25.78 64.13
CA HIS B 39 24.29 -25.05 62.93
C HIS B 39 23.17 -25.93 62.43
N GLN B 40 21.92 -25.48 62.60
CA GLN B 40 20.71 -26.14 62.08
C GLN B 40 21.08 -26.84 60.77
N GLY B 41 21.05 -28.16 60.94
CA GLY B 41 21.38 -29.06 59.86
C GLY B 41 20.16 -29.89 59.57
N VAL B 42 20.47 -30.83 58.63
CA VAL B 42 19.69 -31.98 58.07
C VAL B 42 19.77 -32.12 56.53
N MET B 43 20.23 -33.33 56.19
CA MET B 43 20.36 -33.73 54.80
C MET B 43 18.91 -34.00 54.36
N VAL B 44 18.50 -33.71 53.11
CA VAL B 44 17.14 -34.04 52.64
C VAL B 44 17.16 -35.45 52.02
N GLY B 45 17.29 -36.29 53.04
CA GLY B 45 17.33 -37.74 52.99
C GLY B 45 17.63 -38.14 54.43
N MET B 46 16.84 -37.44 55.26
CA MET B 46 16.70 -37.59 56.70
C MET B 46 15.78 -36.49 57.28
N GLY B 47 15.14 -36.89 58.42
CA GLY B 47 14.16 -36.07 59.13
C GLY B 47 14.88 -34.86 59.71
N GLN B 48 14.27 -33.83 60.36
CA GLN B 48 15.11 -32.80 60.97
C GLN B 48 15.54 -33.54 62.25
N LYS B 49 16.73 -34.17 62.01
CA LYS B 49 17.62 -34.98 62.83
C LYS B 49 18.84 -34.13 63.19
N ASP B 50 18.87 -33.64 64.41
CA ASP B 50 20.02 -32.86 64.80
C ASP B 50 20.81 -33.53 65.91
N SER B 51 20.74 -34.86 66.11
CA SER B 51 21.70 -35.57 66.95
C SER B 51 22.06 -36.74 66.06
N TYR B 52 23.27 -36.90 65.56
CA TYR B 52 23.61 -38.10 64.82
C TYR B 52 24.31 -38.91 65.91
N VAL B 53 24.20 -40.23 65.96
CA VAL B 53 24.77 -41.05 67.05
C VAL B 53 25.73 -42.12 66.50
N GLY B 54 26.80 -42.49 67.19
CA GLY B 54 27.63 -43.58 66.74
C GLY B 54 28.46 -43.22 65.52
N ASP B 55 28.43 -44.06 64.47
CA ASP B 55 29.23 -43.91 63.22
C ASP B 55 28.77 -43.00 62.07
N GLU B 56 27.44 -42.83 61.99
CA GLU B 56 26.81 -41.83 61.13
C GLU B 56 27.08 -40.44 61.67
N ALA B 57 27.86 -40.31 62.74
CA ALA B 57 28.24 -39.04 63.27
C ALA B 57 29.74 -39.02 63.23
N GLN B 58 30.39 -40.11 62.92
CA GLN B 58 31.83 -40.11 62.80
C GLN B 58 32.02 -39.43 61.42
N SER B 59 31.24 -39.86 60.42
CA SER B 59 31.34 -39.40 59.04
C SER B 59 30.68 -38.08 58.68
N LYS B 60 30.69 -37.18 59.67
CA LYS B 60 30.23 -35.80 59.59
C LYS B 60 30.83 -35.16 60.84
N ARG B 61 31.82 -35.80 61.51
CA ARG B 61 32.45 -35.35 62.76
C ARG B 61 33.10 -33.99 62.61
N GLY B 62 33.68 -33.87 61.41
CA GLY B 62 34.26 -32.65 60.91
C GLY B 62 33.19 -31.59 60.80
N ILE B 63 31.96 -31.84 60.35
CA ILE B 63 30.97 -30.77 60.30
C ILE B 63 30.09 -30.68 61.52
N LEU B 64 30.34 -31.48 62.58
CA LEU B 64 29.42 -31.55 63.72
C LEU B 64 30.08 -31.33 65.06
N THR B 65 29.34 -30.95 66.11
CA THR B 65 29.95 -30.95 67.47
C THR B 65 29.50 -32.22 68.28
N LEU B 66 30.54 -32.97 68.65
CA LEU B 66 30.39 -34.23 69.31
C LEU B 66 30.52 -34.29 70.84
N LYS B 67 29.50 -34.75 71.56
CA LYS B 67 29.55 -34.98 73.01
C LYS B 67 29.78 -36.48 73.30
N TYR B 68 30.72 -36.76 74.23
CA TYR B 68 31.09 -38.09 74.72
C TYR B 68 30.37 -38.33 76.04
N PRO B 69 38.46 -41.99 69.19
CA PRO B 69 39.09 -41.39 70.35
C PRO B 69 40.47 -41.97 70.62
N ILE B 70 40.58 -43.29 70.61
CA ILE B 70 41.75 -43.97 71.08
C ILE B 70 42.53 -44.20 69.83
N GLU B 71 43.84 -44.02 69.88
CA GLU B 71 44.67 -44.05 68.71
C GLU B 71 46.07 -44.55 69.04
N HIS B 72 47.11 -41.93 72.20
CA HIS B 72 47.99 -42.86 73.01
C HIS B 72 47.42 -43.98 73.78
N GLY B 73 46.60 -46.86 70.83
CA GLY B 73 46.39 -47.14 72.23
C GLY B 73 46.17 -45.95 73.14
N ILE B 74 46.53 -44.72 72.70
CA ILE B 74 46.51 -43.50 73.51
C ILE B 74 45.28 -42.65 73.18
N VAL B 75 44.62 -41.93 74.11
CA VAL B 75 43.39 -41.19 73.81
C VAL B 75 43.84 -39.82 73.36
N THR B 76 43.34 -39.54 72.14
CA THR B 76 43.61 -38.28 71.45
C THR B 76 42.45 -37.33 71.63
N ASN B 77 41.25 -37.84 71.90
CA ASN B 77 40.10 -37.00 71.97
C ASN B 77 39.38 -37.27 73.27
N TRP B 78 39.45 -36.35 74.19
CA TRP B 78 38.85 -36.58 75.47
C TRP B 78 37.34 -36.43 75.59
N ASP B 79 36.58 -35.59 74.88
CA ASP B 79 35.14 -35.60 75.13
C ASP B 79 34.53 -36.76 74.36
N ASP B 80 35.10 -37.18 73.22
CA ASP B 80 34.53 -38.36 72.60
C ASP B 80 34.91 -39.64 73.35
N MET B 81 36.06 -39.76 74.01
CA MET B 81 36.22 -40.87 74.96
C MET B 81 35.15 -40.70 76.08
N GLU B 82 34.85 -39.49 76.60
CA GLU B 82 33.86 -39.36 77.63
C GLU B 82 32.53 -39.88 77.18
N LYS B 83 32.17 -39.59 75.95
CA LYS B 83 30.98 -40.20 75.37
C LYS B 83 30.98 -41.72 75.46
N ILE B 84 32.09 -42.36 75.06
CA ILE B 84 32.14 -43.81 74.99
C ILE B 84 31.84 -44.41 76.33
N TRP B 85 32.49 -43.84 77.35
CA TRP B 85 32.33 -44.35 78.71
C TRP B 85 30.89 -44.14 79.14
N HIS B 86 30.29 -42.96 79.12
CA HIS B 86 28.86 -42.77 79.38
C HIS B 86 27.99 -43.84 78.74
N HIS B 87 28.16 -44.17 77.46
CA HIS B 87 27.51 -45.26 76.72
C HIS B 87 27.84 -46.66 77.30
N THR B 88 29.08 -46.96 77.65
CA THR B 88 29.44 -48.18 78.37
C THR B 88 28.48 -48.40 79.60
N PHE B 89 28.40 -47.42 80.52
CA PHE B 89 27.63 -47.58 81.76
C PHE B 89 26.13 -47.47 81.56
N TYR B 90 25.71 -46.32 81.02
CA TYR B 90 24.32 -45.99 80.83
C TYR B 90 23.61 -46.65 79.68
N ASN B 91 24.25 -47.27 78.72
CA ASN B 91 23.50 -47.89 77.64
C ASN B 91 23.93 -49.32 77.45
N GLU B 92 25.23 -49.67 77.60
CA GLU B 92 25.60 -51.04 77.40
C GLU B 92 25.48 -51.92 78.65
N LEU B 93 26.04 -51.56 79.80
CA LEU B 93 25.94 -52.47 80.91
C LEU B 93 24.71 -52.15 81.75
N ARG B 94 24.17 -50.91 81.56
CA ARG B 94 22.93 -50.39 82.21
C ARG B 94 23.11 -50.27 83.76
N VAL B 95 24.24 -49.61 84.04
CA VAL B 95 24.84 -49.52 85.34
C VAL B 95 24.92 -48.04 85.78
N ALA B 96 25.19 -47.91 87.07
CA ALA B 96 25.32 -46.63 87.67
C ALA B 96 26.75 -46.54 88.13
N PRO B 97 27.46 -45.53 87.71
CA PRO B 97 28.87 -45.39 88.00
C PRO B 97 29.18 -45.21 89.47
N GLU B 98 28.29 -44.55 90.24
CA GLU B 98 28.55 -44.24 91.66
C GLU B 98 28.41 -45.30 92.77
N GLU B 99 28.24 -46.53 92.29
CA GLU B 99 28.01 -47.71 93.09
C GLU B 99 29.00 -48.85 92.76
N HIS B 100 29.88 -48.71 91.75
CA HIS B 100 30.78 -49.79 91.29
C HIS B 100 32.15 -49.18 91.15
N PRO B 101 33.18 -49.85 91.65
CA PRO B 101 34.51 -49.46 91.32
C PRO B 101 34.81 -49.84 89.86
N VAL B 102 35.64 -49.08 89.16
CA VAL B 102 36.02 -49.49 87.82
C VAL B 102 37.50 -49.82 87.63
N LEU B 103 37.80 -50.89 86.89
CA LEU B 103 39.19 -51.09 86.59
C LEU B 103 39.24 -50.63 85.14
N LEU B 104 39.98 -49.62 84.75
CA LEU B 104 40.01 -49.19 83.36
C LEU B 104 41.29 -49.73 82.78
N THR B 105 41.48 -50.28 81.62
CA THR B 105 42.86 -50.60 81.29
C THR B 105 43.55 -49.48 80.55
N GLU B 106 44.85 -49.54 80.40
CA GLU B 106 45.59 -48.50 79.70
C GLU B 106 46.78 -49.03 78.89
N ALA B 107 47.26 -48.30 77.89
CA ALA B 107 48.41 -48.65 77.11
C ALA B 107 49.68 -48.76 77.94
N PRO B 108 50.57 -49.73 77.70
CA PRO B 108 51.97 -49.68 78.13
C PRO B 108 52.55 -48.34 77.71
N LEU B 109 53.32 -47.73 78.60
CA LEU B 109 53.91 -46.42 78.37
C LEU B 109 52.87 -45.27 78.12
N ASN B 110 51.63 -45.34 78.65
CA ASN B 110 50.60 -44.30 78.46
C ASN B 110 51.07 -42.97 79.05
N PRO B 111 51.05 -41.84 78.33
CA PRO B 111 51.49 -40.57 78.86
C PRO B 111 50.95 -40.18 80.24
N LYS B 112 51.77 -39.57 81.09
CA LYS B 112 51.44 -39.06 82.43
C LYS B 112 50.10 -38.40 82.58
N ALA B 113 49.89 -37.36 81.77
CA ALA B 113 48.70 -36.54 81.84
C ALA B 113 47.46 -37.29 81.40
N ASN B 114 47.63 -38.36 80.64
CA ASN B 114 46.52 -39.19 80.24
C ASN B 114 46.06 -39.95 81.41
N ARG B 115 46.95 -40.57 82.18
CA ARG B 115 46.60 -41.35 83.36
C ARG B 115 45.83 -40.47 84.33
N GLU B 116 46.31 -39.25 84.51
CA GLU B 116 45.64 -38.26 85.35
C GLU B 116 44.35 -37.89 84.69
N LYS B 117 44.20 -37.55 83.40
CA LYS B 117 42.88 -37.18 82.95
C LYS B 117 41.90 -38.32 83.09
N MET B 118 42.25 -39.59 82.95
CA MET B 118 41.24 -40.59 83.14
C MET B 118 40.96 -40.80 84.61
N THR B 119 41.86 -40.49 85.57
CA THR B 119 41.53 -40.46 87.01
C THR B 119 40.52 -39.35 87.37
N GLN B 120 40.86 -38.18 86.86
CA GLN B 120 40.07 -36.96 86.84
C GLN B 120 38.64 -37.22 86.44
N ILE B 121 38.36 -37.57 85.14
CA ILE B 121 37.00 -37.84 84.59
C ILE B 121 36.21 -38.86 85.43
N MET B 122 36.87 -40.00 85.63
CA MET B 122 36.24 -41.08 86.35
C MET B 122 35.80 -40.57 87.67
N PHE B 123 36.60 -39.82 88.44
CA PHE B 123 36.14 -39.39 89.76
C PHE B 123 35.18 -38.24 89.83
N GLU B 124 35.51 -37.15 89.16
CA GLU B 124 34.69 -35.95 89.17
C GLU B 124 33.46 -36.00 88.27
N THR B 125 33.63 -36.53 87.04
CA THR B 125 32.57 -36.62 86.04
C THR B 125 31.76 -37.84 86.26
N PHE B 126 32.25 -39.04 86.63
CA PHE B 126 31.33 -40.17 86.87
C PHE B 126 31.11 -40.55 88.32
N ASN B 127 31.84 -39.88 89.23
CA ASN B 127 31.69 -40.03 90.67
C ASN B 127 31.76 -41.49 91.03
N THR B 128 32.97 -41.97 90.83
CA THR B 128 33.29 -43.40 90.96
C THR B 128 33.74 -43.66 92.39
N PRO B 129 33.24 -44.67 93.11
CA PRO B 129 33.62 -44.98 94.47
C PRO B 129 35.12 -45.17 94.55
N ALA B 130 35.71 -45.76 93.48
CA ALA B 130 37.10 -46.17 93.38
C ALA B 130 37.47 -46.56 91.97
N MET B 131 38.76 -46.55 91.73
CA MET B 131 39.21 -46.97 90.46
C MET B 131 40.67 -47.40 90.49
N TYR B 132 41.03 -48.20 89.47
CA TYR B 132 42.40 -48.60 89.21
C TYR B 132 42.57 -48.62 87.67
N VAL B 133 43.82 -48.38 87.28
CA VAL B 133 44.25 -48.36 85.93
C VAL B 133 45.40 -49.37 85.84
N ALA B 134 45.14 -50.48 85.19
CA ALA B 134 46.14 -51.47 84.85
C ALA B 134 46.59 -51.43 83.35
N ILE B 135 47.89 -51.65 83.10
CA ILE B 135 48.47 -51.76 81.76
C ILE B 135 47.86 -52.99 81.15
N GLN B 136 47.56 -53.04 79.85
CA GLN B 136 46.85 -54.21 79.28
C GLN B 136 47.60 -55.50 79.24
N ALA B 137 48.92 -55.51 78.90
CA ALA B 137 49.73 -56.70 78.82
C ALA B 137 49.86 -57.43 80.15
N VAL B 138 49.88 -56.71 81.27
CA VAL B 138 49.98 -57.32 82.58
C VAL B 138 48.72 -58.12 82.93
N LEU B 139 47.52 -57.79 82.43
CA LEU B 139 46.28 -58.56 82.69
C LEU B 139 46.22 -59.75 81.73
N SER B 140 46.77 -59.64 80.50
CA SER B 140 47.01 -60.81 79.67
C SER B 140 47.82 -61.87 80.42
N LEU B 141 48.92 -61.49 81.11
CA LEU B 141 49.72 -62.42 81.87
C LEU B 141 49.05 -63.12 83.09
N TYR B 142 48.40 -62.31 83.93
CA TYR B 142 47.69 -62.83 85.07
C TYR B 142 46.64 -63.81 84.59
N ALA B 143 45.88 -63.51 83.53
CA ALA B 143 44.86 -64.42 83.02
C ALA B 143 45.42 -65.75 82.45
N SER B 144 46.73 -65.87 82.14
CA SER B 144 47.32 -67.15 81.71
C SER B 144 47.84 -67.91 82.91
N GLY B 145 48.12 -69.64 81.66
CA GLY B 145 48.24 -70.64 82.69
C GLY B 145 49.63 -70.61 83.21
N ARG B 146 50.12 -69.42 83.47
CA ARG B 146 51.50 -69.35 83.83
C ARG B 146 51.65 -68.23 84.83
N THR B 147 52.75 -68.37 85.53
CA THR B 147 53.10 -67.53 86.66
C THR B 147 54.48 -66.86 86.58
N THR B 148 55.36 -67.38 85.75
CA THR B 148 56.65 -66.77 85.58
C THR B 148 56.78 -66.59 84.05
N GLY B 149 57.41 -65.57 83.48
CA GLY B 149 57.41 -65.44 82.06
C GLY B 149 57.62 -63.99 81.78
N ILE B 150 57.53 -63.56 80.55
CA ILE B 150 57.55 -62.14 80.20
C ILE B 150 56.53 -62.09 79.08
N VAL B 151 55.74 -61.03 79.15
CA VAL B 151 54.65 -60.80 78.21
C VAL B 151 55.12 -59.65 77.37
N MET B 152 54.69 -59.65 76.12
CA MET B 152 55.04 -58.54 75.26
C MET B 152 53.67 -58.05 74.87
N ASP B 153 53.25 -56.88 75.35
CA ASP B 153 51.86 -56.50 75.19
C ASP B 153 51.73 -55.38 74.20
N SER B 154 51.03 -55.54 73.08
CA SER B 154 50.97 -54.46 72.11
C SER B 154 49.55 -54.15 71.76
N GLY B 155 49.16 -53.02 72.32
CA GLY B 155 47.81 -52.51 72.11
C GLY B 155 47.69 -51.45 71.01
N ASP B 156 47.07 -50.30 71.33
CA ASP B 156 46.86 -49.25 70.33
C ASP B 156 47.78 -48.10 70.60
N GLY B 157 48.05 -47.84 71.88
CA GLY B 157 48.87 -46.72 72.21
C GLY B 157 50.19 -47.11 72.80
N VAL B 158 50.46 -48.32 73.31
CA VAL B 158 51.77 -48.66 73.84
C VAL B 158 52.09 -50.15 73.72
N THR B 159 53.38 -50.41 73.93
CA THR B 159 53.92 -51.73 73.98
C THR B 159 54.80 -51.75 75.21
N HIS B 160 54.69 -52.83 75.95
CA HIS B 160 55.64 -53.04 77.04
C HIS B 160 56.06 -54.47 77.06
N THR B 161 57.29 -54.63 77.53
CA THR B 161 57.81 -55.93 77.83
C THR B 161 57.87 -55.92 79.39
N VAL B 162 57.27 -56.93 80.04
CA VAL B 162 57.08 -56.95 81.48
C VAL B 162 57.68 -58.28 81.87
N PRO B 163 58.79 -58.45 82.62
CA PRO B 163 59.14 -59.73 83.24
C PRO B 163 58.33 -60.01 84.52
N ILE B 164 57.72 -61.16 84.69
CA ILE B 164 56.90 -61.51 85.83
C ILE B 164 57.52 -62.74 86.53
N TYR B 165 57.84 -62.64 87.81
CA TYR B 165 58.32 -63.73 88.65
C TYR B 165 57.21 -64.02 89.65
N GLU B 166 56.63 -65.21 89.51
CA GLU B 166 55.61 -65.69 90.35
C GLU B 166 54.36 -64.82 90.47
N GLY B 167 53.81 -64.26 89.39
CA GLY B 167 52.65 -63.38 89.44
C GLY B 167 52.94 -61.90 89.77
N TYR B 168 54.21 -61.51 89.73
CA TYR B 168 54.62 -60.20 90.18
C TYR B 168 55.51 -59.67 89.09
N ALA B 169 55.09 -58.54 88.56
CA ALA B 169 55.76 -57.85 87.48
C ALA B 169 57.02 -57.26 88.06
N LEU B 170 58.13 -57.24 87.34
CA LEU B 170 59.32 -56.70 87.94
C LEU B 170 59.54 -55.28 87.42
N PRO B 171 59.03 -54.22 88.06
CA PRO B 171 58.98 -52.86 87.53
C PRO B 171 60.30 -52.28 87.04
N HIS B 172 61.45 -52.59 87.66
CA HIS B 172 62.72 -52.13 87.07
C HIS B 172 63.03 -52.62 85.62
N ALA B 173 62.57 -53.84 85.28
CA ALA B 173 62.94 -54.39 84.00
C ALA B 173 61.84 -54.17 83.00
N ILE B 174 60.73 -53.48 83.35
CA ILE B 174 59.62 -53.18 82.43
C ILE B 174 60.15 -52.07 81.52
N LEU B 175 59.83 -52.21 80.24
CA LEU B 175 60.27 -51.30 79.20
C LEU B 175 59.01 -51.00 78.39
N ARG B 176 58.90 -49.74 78.02
CA ARG B 176 57.74 -49.13 77.33
C ARG B 176 58.19 -48.61 76.00
N LEU B 177 57.36 -48.90 74.99
CA LEU B 177 57.62 -48.51 73.62
C LEU B 177 56.33 -47.88 73.13
N ASP B 178 56.56 -46.67 72.67
CA ASP B 178 55.44 -45.92 72.21
C ASP B 178 55.32 -46.00 70.69
N LEU B 179 54.86 -47.18 70.35
CA LEU B 179 54.61 -47.54 68.97
C LEU B 179 53.76 -48.80 69.12
N ALA B 180 52.54 -48.71 68.63
CA ALA B 180 51.60 -49.81 68.72
C ALA B 180 50.60 -49.64 67.59
N GLY B 181 49.45 -50.36 67.55
CA GLY B 181 48.46 -50.30 66.48
C GLY B 181 48.14 -48.96 65.78
N ARG B 182 48.09 -47.82 66.45
CA ARG B 182 47.74 -46.57 65.80
C ARG B 182 48.89 -46.09 64.91
N ASP B 183 50.10 -46.36 65.39
CA ASP B 183 51.30 -46.00 64.67
C ASP B 183 51.34 -46.76 63.37
N LEU B 184 50.84 -47.99 63.37
CA LEU B 184 50.81 -48.85 62.22
C LEU B 184 49.64 -48.55 61.31
N THR B 185 48.47 -48.12 61.76
CA THR B 185 47.40 -47.66 60.87
C THR B 185 47.78 -46.41 60.10
N ASP B 186 48.42 -45.51 60.81
CA ASP B 186 48.94 -44.29 60.27
C ASP B 186 50.02 -44.39 59.22
N TYR B 187 50.95 -45.33 59.43
CA TYR B 187 52.04 -45.53 58.52
C TYR B 187 51.58 -46.27 57.28
N LEU B 188 50.54 -47.07 57.42
CA LEU B 188 49.96 -47.79 56.30
C LEU B 188 49.33 -46.77 55.36
N MET B 189 48.51 -45.82 55.88
CA MET B 189 47.80 -44.79 55.10
C MET B 189 48.75 -43.90 54.34
N LYS B 190 49.90 -43.53 54.93
CA LYS B 190 50.94 -42.75 54.29
C LYS B 190 51.59 -43.61 53.23
N ILE B 191 51.96 -44.87 53.43
CA ILE B 191 52.59 -45.53 52.31
C ILE B 191 51.49 -45.74 51.25
N LEU B 192 50.22 -45.98 51.55
CA LEU B 192 49.14 -46.12 50.55
C LEU B 192 48.83 -44.81 49.75
N THR B 193 48.79 -43.65 50.40
CA THR B 193 48.63 -42.29 49.83
C THR B 193 49.89 -41.89 49.04
N GLU B 194 51.05 -42.44 49.40
CA GLU B 194 52.29 -42.18 48.66
C GLU B 194 52.10 -42.84 47.32
N ARG B 195 51.38 -43.96 47.22
CA ARG B 195 51.11 -44.58 45.93
C ARG B 195 50.01 -43.79 45.17
N GLY B 196 49.82 -42.50 45.46
CA GLY B 196 48.76 -41.70 44.90
C GLY B 196 47.34 -42.24 45.20
N TYR B 197 47.06 -42.61 46.45
CA TYR B 197 45.72 -43.04 46.84
C TYR B 197 45.17 -41.90 47.64
N SER B 198 43.87 -42.03 47.89
CA SER B 198 43.13 -40.89 48.40
C SER B 198 42.24 -41.38 49.53
N PHE B 199 42.59 -41.07 50.80
CA PHE B 199 41.73 -41.49 51.92
C PHE B 199 41.09 -40.27 52.49
N THR B 200 40.49 -39.56 51.53
CA THR B 200 40.09 -38.23 51.91
C THR B 200 38.86 -38.08 52.79
N THR B 201 37.92 -39.02 52.92
CA THR B 201 36.75 -38.70 53.74
C THR B 201 36.42 -39.44 55.03
N THR B 202 36.80 -38.83 56.17
CA THR B 202 36.54 -39.24 57.58
C THR B 202 36.37 -40.73 57.92
N ALA B 203 35.27 -41.37 57.46
CA ALA B 203 34.95 -42.78 57.63
C ALA B 203 36.16 -43.42 57.03
N GLU B 204 36.47 -43.13 55.74
CA GLU B 204 37.60 -43.79 55.11
C GLU B 204 38.99 -43.54 55.75
N ARG B 205 39.15 -42.75 56.83
CA ARG B 205 40.42 -42.71 57.61
C ARG B 205 40.49 -43.95 58.52
N GLU B 206 39.29 -44.38 58.85
CA GLU B 206 39.07 -45.63 59.53
C GLU B 206 39.05 -46.76 58.51
N ILE B 207 39.18 -46.57 57.21
CA ILE B 207 39.19 -47.71 56.28
C ILE B 207 40.60 -48.28 56.10
N VAL B 208 41.63 -47.53 56.52
CA VAL B 208 42.97 -48.08 56.55
C VAL B 208 43.07 -49.09 57.71
N ARG B 209 42.36 -48.89 58.84
CA ARG B 209 42.31 -49.80 59.99
C ARG B 209 41.92 -51.17 59.50
N ASP B 210 40.94 -51.34 58.64
CA ASP B 210 40.56 -52.67 58.13
C ASP B 210 41.55 -53.22 57.12
N ILE B 211 42.22 -52.45 56.24
CA ILE B 211 43.22 -53.04 55.33
C ILE B 211 44.35 -53.61 56.23
N LYS B 212 44.78 -52.80 57.21
CA LYS B 212 45.86 -53.08 58.12
C LYS B 212 45.53 -54.35 58.80
N GLU B 213 44.34 -54.42 59.36
CA GLU B 213 44.09 -55.62 60.10
C GLU B 213 43.79 -56.72 59.13
N LYS B 214 43.28 -56.48 57.91
CA LYS B 214 42.91 -57.61 57.08
C LYS B 214 43.96 -58.19 56.19
N LEU B 215 44.93 -57.41 55.76
CA LEU B 215 45.88 -57.88 54.76
C LEU B 215 47.29 -57.88 55.31
N CYS B 216 47.65 -57.11 56.38
CA CYS B 216 49.03 -57.15 56.85
C CYS B 216 49.45 -58.48 57.42
N TYR B 217 50.77 -58.59 57.33
CA TYR B 217 51.58 -59.78 57.49
C TYR B 217 52.92 -59.27 58.01
N VAL B 218 53.60 -60.16 58.73
CA VAL B 218 54.96 -59.96 59.19
C VAL B 218 55.75 -60.98 58.37
N ALA B 219 56.82 -60.44 57.80
CA ALA B 219 57.77 -61.14 56.95
C ALA B 219 58.81 -61.78 57.82
N LEU B 220 59.35 -62.97 57.45
CA LEU B 220 60.42 -63.68 58.16
C LEU B 220 61.72 -63.04 57.83
N ASP B 221 61.87 -62.79 56.55
CA ASP B 221 63.06 -62.09 56.17
C ASP B 221 62.57 -60.91 55.35
N PHE B 222 62.38 -59.71 55.96
CA PHE B 222 61.95 -58.53 55.19
C PHE B 222 62.63 -58.45 53.82
N GLU B 223 63.97 -58.55 53.82
CA GLU B 223 64.85 -58.50 52.64
C GLU B 223 64.46 -59.53 51.57
N GLN B 224 64.50 -60.84 51.79
CA GLN B 224 64.05 -61.72 50.78
C GLN B 224 62.55 -61.59 50.61
N GLU B 225 61.80 -60.89 51.46
CA GLU B 225 60.38 -60.72 51.22
C GLU B 225 60.13 -59.59 50.27
N MET B 226 60.97 -58.58 50.25
CA MET B 226 60.73 -57.48 49.35
C MET B 226 60.91 -57.89 47.88
N ALA B 227 61.87 -58.77 47.57
CA ALA B 227 62.04 -59.30 46.22
C ALA B 227 61.10 -60.46 45.94
N THR B 228 60.39 -60.86 46.99
CA THR B 228 59.25 -61.74 46.89
C THR B 228 58.00 -60.87 47.19
N ALA B 229 58.07 -59.70 46.52
CA ALA B 229 57.01 -58.75 46.29
C ALA B 229 57.42 -58.53 44.82
N ALA B 230 58.65 -58.13 44.41
CA ALA B 230 58.97 -57.96 42.98
C ALA B 230 58.72 -59.24 42.16
N SER B 231 58.75 -60.48 42.69
CA SER B 231 58.34 -61.68 41.97
C SER B 231 56.84 -61.88 42.24
N SER B 232 56.12 -60.81 41.99
CA SER B 232 54.75 -60.65 42.36
C SER B 232 53.82 -61.82 42.16
N SER B 233 53.02 -61.83 41.10
CA SER B 233 51.91 -62.76 40.91
C SER B 233 50.97 -62.69 42.15
N SER B 234 51.28 -63.44 43.22
CA SER B 234 50.42 -63.65 44.37
C SER B 234 50.40 -62.65 45.55
N LEU B 235 51.19 -61.58 45.54
CA LEU B 235 51.24 -60.69 46.70
C LEU B 235 50.23 -59.52 46.68
N GLU B 236 49.79 -59.02 45.52
CA GLU B 236 48.91 -57.88 45.58
C GLU B 236 47.53 -58.46 45.89
N LYS B 237 46.88 -57.81 46.84
CA LYS B 237 45.47 -58.10 47.11
C LYS B 237 44.68 -56.79 46.99
N SER B 238 43.39 -56.89 46.74
CA SER B 238 42.54 -55.71 46.64
C SER B 238 41.46 -55.54 47.73
N TYR B 239 41.35 -54.22 47.97
CA TYR B 239 40.36 -53.70 48.87
C TYR B 239 39.46 -52.68 48.15
N GLU B 240 38.18 -52.81 48.53
CA GLU B 240 37.08 -52.09 47.92
C GLU B 240 36.65 -50.97 48.83
N LEU B 241 36.68 -49.78 48.29
CA LEU B 241 36.08 -48.66 48.98
C LEU B 241 34.54 -48.77 49.10
N PRO B 242 33.91 -48.25 50.16
CA PRO B 242 32.49 -47.86 50.18
C PRO B 242 32.09 -47.14 48.87
N ASP B 243 32.88 -46.15 48.48
CA ASP B 243 32.82 -45.47 47.19
C ASP B 243 32.70 -46.40 45.96
N GLY B 244 32.77 -47.75 46.00
CA GLY B 244 32.75 -48.61 44.81
C GLY B 244 34.17 -48.92 44.27
N GLN B 245 35.08 -47.94 44.40
CA GLN B 245 36.48 -47.96 43.96
C GLN B 245 37.39 -49.12 44.44
N VAL B 246 38.58 -49.33 43.80
CA VAL B 246 39.49 -50.37 44.22
C VAL B 246 40.89 -49.94 44.72
N ILE B 247 41.45 -50.72 45.62
CA ILE B 247 42.74 -50.45 46.23
C ILE B 247 43.51 -51.66 45.80
N THR B 248 44.78 -51.50 45.54
CA THR B 248 45.58 -52.70 45.46
C THR B 248 46.83 -52.47 46.31
N ILE B 249 47.11 -53.50 47.14
CA ILE B 249 48.19 -53.48 48.10
C ILE B 249 49.08 -54.68 47.87
N GLY B 250 50.35 -54.37 47.89
CA GLY B 250 51.37 -55.36 47.69
C GLY B 250 52.44 -55.23 48.75
N ASN B 251 53.62 -54.63 48.46
CA ASN B 251 54.72 -54.68 49.42
C ASN B 251 54.43 -54.05 50.79
N GLU B 252 53.45 -53.17 50.73
CA GLU B 252 52.87 -52.53 51.87
C GLU B 252 52.36 -53.42 52.99
N ARG B 253 51.72 -54.53 52.66
CA ARG B 253 51.15 -55.45 53.63
C ARG B 253 52.12 -55.91 54.70
N PHE B 254 53.36 -56.26 54.33
CA PHE B 254 54.36 -56.72 55.29
C PHE B 254 55.25 -55.55 55.77
N ARG B 255 55.46 -54.51 54.94
CA ARG B 255 56.17 -53.28 55.23
C ARG B 255 55.48 -52.49 56.36
N CYS B 256 54.19 -52.67 56.60
CA CYS B 256 53.48 -51.99 57.69
C CYS B 256 53.98 -52.60 59.03
N PRO B 257 53.65 -53.84 59.47
CA PRO B 257 54.10 -54.39 60.75
C PRO B 257 55.60 -54.31 60.90
N GLU B 258 56.44 -54.28 59.88
CA GLU B 258 57.89 -54.11 60.00
C GLU B 258 58.41 -52.92 60.79
N ALA B 259 57.57 -51.92 60.92
CA ALA B 259 57.92 -50.79 61.74
C ALA B 259 57.99 -51.20 63.22
N LEU B 260 57.40 -52.31 63.61
CA LEU B 260 57.55 -52.84 64.95
C LEU B 260 58.96 -53.34 65.22
N PHE B 261 59.59 -53.94 64.22
CA PHE B 261 60.92 -54.51 64.34
C PHE B 261 62.04 -53.54 64.06
N GLN B 262 61.74 -52.57 63.19
CA GLN B 262 62.63 -51.52 62.78
C GLN B 262 61.91 -50.18 62.88
N PRO B 263 61.88 -49.46 63.97
CA PRO B 263 61.13 -48.23 64.08
C PRO B 263 61.82 -47.07 63.39
N SER B 264 62.88 -47.33 62.62
CA SER B 264 63.52 -46.36 61.77
C SER B 264 62.55 -46.15 60.63
N PHE B 265 61.79 -47.17 60.24
CA PHE B 265 60.75 -47.04 59.21
C PHE B 265 59.83 -45.94 59.60
N LEU B 266 59.47 -45.84 60.86
CA LEU B 266 58.69 -44.74 61.36
C LEU B 266 59.49 -43.46 61.67
N GLY B 267 60.81 -43.38 61.57
CA GLY B 267 61.48 -42.12 61.84
C GLY B 267 61.85 -42.01 63.31
N MET B 268 61.68 -43.12 64.02
CA MET B 268 62.02 -43.31 65.43
C MET B 268 63.33 -44.01 65.65
N GLU B 269 64.00 -43.46 66.66
CA GLU B 269 65.27 -43.99 67.07
C GLU B 269 65.08 -45.30 67.82
N SER B 270 63.88 -45.70 68.25
CA SER B 270 63.71 -46.88 69.08
C SER B 270 64.12 -48.20 68.47
N CYS B 271 64.60 -49.03 69.38
CA CYS B 271 64.85 -50.43 69.14
C CYS B 271 63.53 -51.03 68.73
N GLY B 272 63.49 -52.14 68.02
CA GLY B 272 62.22 -52.77 67.79
C GLY B 272 61.88 -53.70 68.92
N ILE B 273 60.67 -54.18 68.81
CA ILE B 273 60.09 -55.13 69.74
C ILE B 273 60.89 -56.38 70.17
N HIS B 274 61.83 -56.78 69.31
CA HIS B 274 62.58 -58.01 69.54
C HIS B 274 63.76 -57.77 70.47
N GLU B 275 64.23 -56.54 70.44
CA GLU B 275 65.34 -56.12 71.25
C GLU B 275 64.88 -55.72 72.61
N THR B 276 63.71 -55.13 72.72
CA THR B 276 63.15 -54.70 73.96
C THR B 276 62.80 -55.94 74.77
N THR B 277 62.09 -57.03 74.33
CA THR B 277 61.97 -58.27 75.10
C THR B 277 63.35 -58.69 75.64
N PHE B 278 64.38 -58.78 74.80
CA PHE B 278 65.76 -59.10 75.22
C PHE B 278 66.35 -58.10 76.20
N ASN B 279 66.01 -56.85 76.22
CA ASN B 279 66.70 -55.98 77.13
C ASN B 279 65.97 -55.97 78.45
N SER B 280 64.72 -56.44 78.59
CA SER B 280 64.05 -56.55 79.89
C SER B 280 64.62 -57.80 80.55
N ILE B 281 64.62 -58.92 79.87
CA ILE B 281 65.27 -60.16 80.28
C ILE B 281 66.67 -59.87 80.79
N MET B 282 67.48 -59.04 80.21
CA MET B 282 68.79 -58.85 80.76
C MET B 282 68.89 -58.08 82.07
N LYS B 283 67.80 -57.42 82.43
CA LYS B 283 67.66 -56.56 83.59
C LYS B 283 67.11 -57.33 84.79
N CYS B 284 66.67 -58.55 84.56
CA CYS B 284 66.13 -59.37 85.63
C CYS B 284 67.20 -60.22 86.39
N ASP B 285 66.76 -60.82 87.48
CA ASP B 285 67.52 -61.75 88.26
C ASP B 285 68.07 -62.84 87.38
N VAL B 286 69.38 -62.99 87.52
CA VAL B 286 70.15 -64.00 86.83
C VAL B 286 69.50 -65.36 86.89
N ASP B 287 68.81 -65.73 87.97
CA ASP B 287 68.24 -67.08 88.11
C ASP B 287 66.79 -67.19 87.57
N ILE B 288 66.16 -66.17 86.94
CA ILE B 288 64.87 -66.43 86.38
C ILE B 288 64.94 -66.25 84.91
N ARG B 289 65.99 -65.69 84.32
CA ARG B 289 66.12 -65.48 82.88
C ARG B 289 65.79 -66.69 82.05
N LYS B 290 66.25 -67.86 82.48
CA LYS B 290 65.99 -69.06 81.71
C LYS B 290 64.50 -69.32 81.70
N ASP B 291 63.80 -68.84 82.70
CA ASP B 291 62.38 -69.01 82.76
C ASP B 291 61.70 -68.04 81.83
N LEU B 292 62.20 -66.80 81.83
CA LEU B 292 61.65 -65.76 80.97
C LEU B 292 61.86 -66.10 79.45
N TYR B 293 62.99 -66.68 78.97
CA TYR B 293 63.06 -67.14 77.59
C TYR B 293 62.14 -68.29 77.22
N ALA B 294 61.80 -69.17 78.13
CA ALA B 294 60.94 -70.31 77.86
C ALA B 294 59.48 -69.93 77.83
N ASN B 295 59.18 -68.70 78.30
CA ASN B 295 57.81 -68.24 78.45
C ASN B 295 57.71 -66.80 77.97
N THR B 296 57.87 -66.62 76.67
CA THR B 296 57.69 -65.31 76.08
C THR B 296 56.28 -65.44 75.54
N VAL B 297 55.34 -64.64 76.06
CA VAL B 297 53.92 -64.66 75.67
C VAL B 297 53.62 -63.31 75.01
N LEU B 298 52.85 -63.35 73.92
CA LEU B 298 52.54 -62.10 73.25
C LEU B 298 51.08 -61.80 73.59
N SER B 299 50.71 -60.54 73.84
CA SER B 299 49.29 -60.33 74.02
C SER B 299 48.87 -59.02 73.42
N GLY B 300 47.62 -58.70 73.11
CA GLY B 300 47.25 -57.38 72.54
C GLY B 300 46.85 -57.45 71.09
N GLY B 301 46.01 -56.57 70.53
CA GLY B 301 45.62 -56.56 69.12
C GLY B 301 46.80 -56.45 68.13
N THR B 302 47.83 -55.65 68.35
CA THR B 302 48.92 -55.52 67.41
C THR B 302 49.78 -56.81 67.40
N THR B 303 49.47 -57.90 68.15
CA THR B 303 50.30 -59.13 68.09
C THR B 303 49.58 -60.14 67.22
N MET B 304 48.52 -59.70 66.58
CA MET B 304 47.73 -60.62 65.82
C MET B 304 48.21 -60.88 64.40
N TYR B 305 49.28 -60.22 63.95
CA TYR B 305 49.76 -60.32 62.59
C TYR B 305 50.24 -61.69 62.24
N PRO B 306 49.84 -62.36 61.15
CA PRO B 306 50.50 -63.55 60.64
C PRO B 306 51.98 -63.27 60.47
N GLY B 307 52.73 -64.34 60.89
CA GLY B 307 54.17 -64.37 61.01
C GLY B 307 54.77 -63.79 62.29
N ILE B 308 54.03 -63.15 63.24
CA ILE B 308 54.74 -62.48 64.33
C ILE B 308 55.35 -63.44 65.34
N ALA B 309 54.74 -64.60 65.61
CA ALA B 309 55.34 -65.59 66.50
C ALA B 309 56.64 -66.10 65.94
N ASP B 310 56.65 -66.60 64.70
CA ASP B 310 57.87 -67.03 64.01
C ASP B 310 58.94 -65.98 63.92
N ARG B 311 58.61 -64.77 63.58
CA ARG B 311 59.61 -63.74 63.45
C ARG B 311 60.09 -63.30 64.80
N MET B 312 59.27 -63.28 65.85
CA MET B 312 59.72 -62.98 67.19
C MET B 312 60.69 -64.10 67.56
N GLN B 313 60.35 -65.39 67.45
CA GLN B 313 61.23 -66.52 67.70
C GLN B 313 62.53 -66.37 66.97
N LYS B 314 62.59 -66.33 65.64
CA LYS B 314 63.79 -66.13 64.84
C LYS B 314 64.69 -65.03 65.38
N GLU B 315 64.09 -63.94 65.86
CA GLU B 315 64.88 -62.81 66.30
C GLU B 315 65.40 -62.89 67.71
N ILE B 316 64.65 -63.52 68.61
CA ILE B 316 65.12 -63.64 69.96
C ILE B 316 66.13 -64.76 69.95
N THR B 317 65.92 -65.80 69.14
CA THR B 317 66.92 -66.81 68.94
C THR B 317 68.25 -66.30 68.44
N ALA B 318 68.32 -65.20 67.68
CA ALA B 318 69.61 -64.65 67.28
C ALA B 318 70.30 -63.89 68.42
N LEU B 319 69.61 -63.06 69.22
CA LEU B 319 70.27 -62.37 70.34
C LEU B 319 70.61 -63.25 71.58
N ALA B 320 69.81 -64.31 71.81
CA ALA B 320 69.87 -65.11 73.01
C ALA B 320 71.10 -65.97 73.05
N PRO B 321 71.75 -66.25 74.23
CA PRO B 321 72.87 -67.21 74.35
C PRO B 321 72.56 -68.50 73.54
N SER B 322 73.62 -69.09 72.96
CA SER B 322 73.45 -70.16 71.96
C SER B 322 72.79 -71.50 72.36
N THR B 323 72.26 -71.51 73.58
CA THR B 323 71.69 -72.65 74.20
C THR B 323 70.28 -72.45 74.67
N MET B 324 69.77 -71.20 74.87
CA MET B 324 68.50 -71.01 75.55
C MET B 324 67.38 -71.74 74.85
N LYS B 325 66.46 -72.45 75.48
CA LYS B 325 65.32 -73.04 74.81
C LYS B 325 64.49 -71.79 74.70
N ILE B 326 64.01 -71.33 73.54
CA ILE B 326 63.20 -70.13 73.49
C ILE B 326 61.84 -70.54 73.02
N LYS B 327 60.81 -70.27 73.80
CA LYS B 327 59.49 -70.76 73.49
C LYS B 327 58.67 -69.48 73.49
N ILE B 328 58.25 -69.06 72.31
CA ILE B 328 57.45 -67.83 72.15
C ILE B 328 56.03 -68.39 72.30
N ILE B 329 54.99 -67.79 72.94
CA ILE B 329 53.70 -68.43 73.18
C ILE B 329 52.76 -67.45 72.55
N ALA B 330 51.81 -67.89 71.76
CA ALA B 330 50.96 -66.93 71.11
C ALA B 330 49.64 -67.62 71.00
N PRO B 331 48.91 -67.61 72.16
CA PRO B 331 47.63 -68.27 72.29
C PRO B 331 46.70 -67.60 71.28
N PRO B 332 45.89 -68.35 70.55
CA PRO B 332 45.06 -67.79 69.53
C PRO B 332 44.00 -66.85 70.09
N GLU B 333 43.79 -66.67 71.41
CA GLU B 333 42.77 -65.75 71.86
C GLU B 333 43.32 -64.51 72.47
N ARG B 334 44.53 -64.21 72.05
CA ARG B 334 45.36 -63.12 72.57
C ARG B 334 45.00 -61.64 72.36
N LYS B 335 42.02 -63.37 72.13
CA LYS B 335 41.42 -62.13 71.59
C LYS B 335 40.90 -61.41 72.85
N TYR B 336 40.46 -62.12 73.91
CA TYR B 336 39.96 -61.52 75.13
C TYR B 336 40.85 -61.48 76.41
N SER B 337 42.14 -61.85 76.34
CA SER B 337 43.08 -61.84 77.46
C SER B 337 43.04 -60.58 78.30
N VAL B 338 43.22 -59.39 77.77
CA VAL B 338 43.23 -58.23 78.62
C VAL B 338 41.92 -58.13 79.44
N TRP B 339 40.74 -58.40 78.90
CA TRP B 339 39.55 -58.27 79.68
C TRP B 339 39.48 -59.40 80.71
N ILE B 340 39.78 -60.68 80.51
CA ILE B 340 39.55 -61.67 81.55
C ILE B 340 40.64 -61.66 82.60
N GLY B 341 41.78 -61.04 82.31
CA GLY B 341 42.79 -60.84 83.34
C GLY B 341 42.37 -59.79 84.38
N GLY B 342 41.68 -58.77 83.93
CA GLY B 342 41.10 -57.72 84.75
C GLY B 342 39.88 -58.24 85.49
N SER B 343 38.89 -58.88 84.85
CA SER B 343 37.85 -59.59 85.55
C SER B 343 38.29 -60.51 86.70
N ILE B 344 39.44 -61.20 86.66
CA ILE B 344 40.00 -62.09 87.70
C ILE B 344 40.47 -61.27 88.87
N LEU B 345 41.34 -60.33 88.44
CA LEU B 345 42.02 -59.40 89.32
C LEU B 345 40.99 -58.62 90.08
N ALA B 346 40.10 -57.83 89.48
CA ALA B 346 39.13 -57.07 90.22
C ALA B 346 38.06 -57.86 90.98
N SER B 347 38.13 -59.21 90.98
CA SER B 347 37.21 -60.01 91.76
C SER B 347 37.89 -60.53 92.99
N LEU B 348 39.22 -60.58 93.06
CA LEU B 348 39.91 -61.09 94.26
C LEU B 348 39.70 -60.12 95.44
N SER B 349 39.54 -60.60 96.69
CA SER B 349 39.34 -59.69 97.80
C SER B 349 40.61 -58.95 98.04
N THR B 350 41.71 -59.54 97.54
CA THR B 350 43.05 -58.93 97.42
C THR B 350 43.00 -57.48 96.87
N PHE B 351 42.25 -57.32 95.78
CA PHE B 351 42.27 -56.14 95.00
C PHE B 351 41.65 -54.94 95.67
N GLN B 352 40.66 -55.10 96.54
CA GLN B 352 40.02 -53.95 97.15
C GLN B 352 41.05 -53.14 97.92
N GLN B 353 42.18 -53.72 98.29
CA GLN B 353 43.23 -52.95 98.89
C GLN B 353 44.13 -52.92 97.68
N MET B 354 43.92 -51.97 96.80
CA MET B 354 44.78 -51.79 95.63
C MET B 354 44.21 -50.62 94.84
N TRP B 355 42.90 -50.35 94.96
CA TRP B 355 42.23 -49.22 94.33
C TRP B 355 42.69 -47.87 94.87
N ILE B 356 42.30 -46.83 94.15
CA ILE B 356 42.45 -45.44 94.53
C ILE B 356 41.00 -45.14 94.84
N SER B 357 40.73 -44.68 96.06
CA SER B 357 39.38 -44.43 96.50
C SER B 357 39.03 -42.99 96.29
N LYS B 358 37.73 -42.67 96.38
CA LYS B 358 37.20 -41.31 96.27
C LYS B 358 37.93 -40.49 97.27
N GLN B 359 37.94 -40.95 98.54
CA GLN B 359 38.73 -40.31 99.61
C GLN B 359 40.16 -39.93 99.21
N GLU B 360 40.90 -40.90 98.63
CA GLU B 360 42.30 -40.65 98.28
C GLU B 360 42.44 -39.65 97.18
N TYR B 361 41.53 -39.67 96.23
CA TYR B 361 41.56 -38.74 95.13
C TYR B 361 41.42 -37.31 95.66
N ASP B 362 40.57 -37.10 96.66
CA ASP B 362 40.37 -35.79 97.29
C ASP B 362 41.62 -35.33 97.98
N GLU B 363 42.10 -36.31 98.76
CA GLU B 363 43.29 -36.17 99.55
C GLU B 363 44.37 -35.70 98.57
N SER B 364 44.65 -36.44 97.49
CA SER B 364 45.82 -36.12 96.70
C SER B 364 45.56 -35.29 95.48
N GLY B 365 44.55 -35.65 94.74
CA GLY B 365 44.28 -34.98 93.49
C GLY B 365 44.38 -36.04 92.43
N PRO B 366 44.57 -35.75 91.13
CA PRO B 366 44.82 -36.77 90.08
C PRO B 366 46.19 -37.46 89.98
N SER B 367 47.21 -36.79 90.53
CA SER B 367 48.57 -37.27 90.56
C SER B 367 48.64 -38.67 91.18
N ILE B 368 47.97 -38.96 92.29
CA ILE B 368 48.00 -40.23 92.96
C ILE B 368 48.00 -41.46 92.05
N VAL B 369 47.48 -41.42 90.79
CA VAL B 369 47.50 -42.56 89.87
C VAL B 369 48.93 -43.01 89.69
N HIS B 370 49.91 -42.13 89.71
CA HIS B 370 51.29 -42.51 89.47
C HIS B 370 51.88 -43.27 90.63
N ARG B 371 51.30 -43.08 91.78
CA ARG B 371 51.87 -43.65 92.95
C ARG B 371 51.28 -45.01 93.03
N LYS B 372 49.96 -45.13 92.89
CA LYS B 372 49.35 -46.37 93.24
C LYS B 372 49.21 -47.40 92.21
N CYS B 373 49.41 -46.97 90.97
CA CYS B 373 49.28 -47.90 89.86
C CYS B 373 50.68 -48.14 89.26
N PHE B 374 51.56 -48.64 90.23
CA PHE B 374 52.95 -49.23 90.24
C PHE B 374 54.12 -49.09 91.25
N ASP C 1 81.89 -28.00 26.99
CA ASP C 1 81.88 -26.64 26.38
C ASP C 1 80.86 -26.35 25.24
N ASP C 2 79.64 -26.00 25.73
CA ASP C 2 78.41 -25.64 25.00
C ASP C 2 77.75 -26.79 24.26
N ASP C 3 78.48 -27.33 23.34
CA ASP C 3 77.96 -28.42 22.58
C ASP C 3 78.76 -29.42 23.39
N ILE C 4 77.78 -29.82 24.20
CA ILE C 4 77.80 -30.79 25.27
C ILE C 4 78.14 -30.22 26.62
N ALA C 5 76.88 -30.35 27.03
CA ALA C 5 76.29 -29.76 28.20
C ALA C 5 74.85 -30.26 28.04
N ALA C 6 74.32 -30.67 29.18
CA ALA C 6 72.95 -31.04 29.35
C ALA C 6 72.14 -29.74 29.19
N LEU C 7 70.88 -29.86 28.86
CA LEU C 7 70.01 -28.70 28.76
C LEU C 7 69.18 -28.73 30.03
N VAL C 8 69.17 -27.71 30.90
CA VAL C 8 68.27 -27.80 32.04
C VAL C 8 66.88 -27.25 31.60
N VAL C 9 65.75 -27.91 31.79
CA VAL C 9 64.43 -27.41 31.40
C VAL C 9 63.68 -27.38 32.72
N ASP C 10 63.27 -26.18 33.11
CA ASP C 10 62.51 -26.04 34.33
C ASP C 10 61.13 -25.74 33.88
N ASN C 11 60.19 -26.57 34.31
CA ASN C 11 58.78 -26.54 33.87
C ASN C 11 57.87 -26.00 34.91
N GLY C 12 57.66 -24.69 34.79
CA GLY C 12 56.77 -23.99 35.68
C GLY C 12 55.39 -23.80 35.07
N SER C 13 54.48 -23.72 36.04
CA SER C 13 53.08 -23.41 35.86
C SER C 13 52.85 -22.07 35.12
N GLY C 14 53.60 -21.03 35.43
CA GLY C 14 53.46 -19.80 34.72
C GLY C 14 54.55 -19.55 33.70
N MET C 15 55.77 -20.02 33.99
CA MET C 15 56.97 -19.75 33.25
C MET C 15 57.86 -20.99 33.03
N CYS C 16 58.57 -21.12 31.92
CA CYS C 16 59.50 -22.21 31.67
C CYS C 16 60.82 -21.50 31.49
N LYS C 17 61.94 -22.04 31.97
CA LYS C 17 63.25 -21.44 31.81
C LYS C 17 64.10 -22.64 31.38
N ALA C 18 64.88 -22.46 30.31
CA ALA C 18 65.64 -23.51 29.68
C ALA C 18 66.99 -23.01 29.24
N GLY C 19 68.03 -23.78 29.47
CA GLY C 19 69.34 -23.32 29.12
C GLY C 19 70.32 -24.47 29.13
N PHE C 20 71.56 -24.05 29.30
CA PHE C 20 72.63 -25.01 29.20
C PHE C 20 73.37 -25.07 30.51
N ALA C 21 73.63 -26.33 30.91
CA ALA C 21 74.35 -26.59 32.14
C ALA C 21 75.74 -26.03 31.97
N GLY C 22 76.13 -25.42 33.11
CA GLY C 22 77.35 -24.66 33.27
C GLY C 22 77.05 -23.17 33.17
N ASP C 23 75.82 -22.75 32.88
CA ASP C 23 75.49 -21.33 32.75
C ASP C 23 74.79 -20.74 33.98
N ASP C 24 75.16 -19.49 34.07
CA ASP C 24 74.70 -18.60 35.10
C ASP C 24 73.18 -18.32 34.98
N ALA C 25 72.57 -17.99 33.85
CA ALA C 25 71.13 -17.72 33.87
C ALA C 25 70.39 -18.48 32.77
N PRO C 26 69.11 -18.74 32.85
CA PRO C 26 68.31 -19.27 31.76
C PRO C 26 68.46 -18.55 30.42
N ARG C 27 68.71 -19.22 29.30
CA ARG C 27 68.76 -18.54 28.01
C ARG C 27 67.38 -18.27 27.46
N ALA C 28 66.37 -19.09 27.73
CA ALA C 28 65.04 -18.87 27.20
C ALA C 28 64.11 -18.88 28.37
N VAL C 29 63.47 -17.75 28.72
CA VAL C 29 62.47 -17.85 29.76
C VAL C 29 61.16 -17.66 29.01
N PHE C 30 60.08 -18.44 29.07
CA PHE C 30 58.91 -18.08 28.28
C PHE C 30 57.66 -18.37 28.99
N PRO C 31 56.54 -17.73 28.64
CA PRO C 31 55.18 -18.09 29.07
C PRO C 31 54.74 -19.55 28.88
N SER C 32 54.20 -20.24 29.91
CA SER C 32 53.77 -21.62 29.71
C SER C 32 52.31 -21.77 29.21
N ILE C 33 52.15 -24.49 21.89
CA ILE C 33 51.27 -25.28 21.06
C ILE C 33 50.97 -24.64 19.70
N VAL C 34 50.73 -25.50 18.70
CA VAL C 34 50.28 -25.14 17.35
C VAL C 34 48.87 -25.68 17.30
N GLY C 35 47.90 -24.89 16.86
CA GLY C 35 46.54 -25.36 16.84
C GLY C 35 45.93 -25.23 15.47
N ARG C 36 45.60 -26.35 14.84
CA ARG C 36 44.95 -26.31 13.52
C ARG C 36 43.44 -26.59 13.70
N PRO C 37 42.56 -25.79 13.07
CA PRO C 37 41.12 -25.92 13.13
C PRO C 37 40.48 -27.28 13.04
N ARG C 38 40.98 -28.33 12.38
CA ARG C 38 40.27 -29.62 12.27
C ARG C 38 38.76 -29.45 11.92
N HIS C 39 38.55 -28.39 11.11
CA HIS C 39 37.33 -27.87 10.48
C HIS C 39 37.80 -26.58 9.87
N GLN C 40 37.94 -26.56 8.54
CA GLN C 40 38.29 -25.37 7.76
C GLN C 40 37.70 -24.14 8.47
N GLY C 41 38.68 -23.40 8.98
CA GLY C 41 38.40 -22.21 9.72
C GLY C 41 39.02 -21.04 8.98
N VAL C 42 38.88 -19.91 9.71
CA VAL C 42 39.40 -18.51 9.52
C VAL C 42 38.36 -17.39 9.74
N MET C 43 38.77 -16.55 10.69
CA MET C 43 38.00 -15.38 11.06
C MET C 43 38.20 -14.41 9.88
N VAL C 44 37.22 -13.60 9.46
CA VAL C 44 37.43 -12.60 8.39
C VAL C 44 37.88 -11.27 9.05
N GLY C 45 39.12 -11.48 9.46
CA GLY C 45 40.01 -10.53 10.10
C GLY C 45 41.24 -11.36 10.45
N MET C 46 41.58 -12.12 9.39
CA MET C 46 42.76 -12.96 9.23
C MET C 46 42.69 -13.76 7.90
N GLY C 47 43.93 -14.05 7.41
CA GLY C 47 44.17 -14.74 6.14
C GLY C 47 43.62 -16.16 6.25
N GLN C 48 43.58 -17.06 5.23
CA GLN C 48 43.16 -18.42 5.52
C GLN C 48 44.46 -18.97 6.15
N LYS C 49 44.39 -18.81 7.50
CA LYS C 49 45.29 -19.16 8.59
C LYS C 49 44.71 -20.36 9.32
N ASP C 50 45.26 -21.54 9.07
CA ASP C 50 44.76 -22.69 9.76
C ASP C 50 45.80 -23.29 10.68
N SER C 51 46.82 -22.55 11.17
CA SER C 51 47.64 -23.01 12.29
C SER C 51 47.66 -21.77 13.15
N TYR C 52 47.10 -21.74 14.35
CA TYR C 52 47.27 -20.58 15.19
C TYR C 52 48.40 -21.04 16.11
N VAL C 53 49.31 -20.20 16.55
CA VAL C 53 50.49 -20.61 17.34
C VAL C 53 50.55 -19.88 18.69
N GLY C 54 51.01 -20.48 19.78
CA GLY C 54 51.19 -19.76 21.01
C GLY C 54 49.87 -19.43 21.69
N ASP C 55 49.67 -18.17 22.07
CA ASP C 55 48.46 -17.68 22.83
C ASP C 55 47.16 -17.32 22.09
N GLU C 56 47.32 -16.92 20.83
CA GLU C 56 46.21 -16.74 19.89
C GLU C 56 45.64 -18.10 19.52
N ALA C 57 46.14 -19.19 20.11
CA ALA C 57 45.60 -20.50 19.88
C ALA C 57 45.19 -20.99 21.24
N GLN C 58 45.51 -20.30 22.31
CA GLN C 58 45.06 -20.71 23.62
C GLN C 58 43.59 -20.27 23.58
N SER C 59 43.32 -19.04 23.12
CA SER C 59 42.01 -18.41 23.12
C SER C 59 41.06 -18.80 21.98
N LYS C 60 41.19 -20.05 21.56
CA LYS C 60 40.37 -20.72 20.57
C LYS C 60 40.70 -22.21 20.77
N ARG C 61 41.36 -22.59 21.89
CA ARG C 61 41.83 -23.95 22.20
C ARG C 61 40.68 -24.95 22.22
N GLY C 62 39.59 -24.40 22.78
CA GLY C 62 38.29 -25.04 22.83
C GLY C 62 37.80 -25.27 21.42
N ILE C 63 37.93 -24.38 20.44
CA ILE C 63 37.45 -24.69 19.10
C ILE C 63 38.49 -25.28 18.19
N LEU C 64 39.72 -25.58 18.67
CA LEU C 64 40.82 -26.01 17.81
C LEU C 64 41.48 -27.30 18.23
N THR C 65 42.17 -28.01 17.34
CA THR C 65 43.02 -29.15 17.80
C THR C 65 44.52 -28.74 17.88
N LEU C 66 45.02 -28.87 19.10
CA LEU C 66 46.35 -28.46 19.45
C LEU C 66 47.47 -29.52 19.50
N LYS C 67 48.53 -29.37 18.72
CA LYS C 67 49.72 -30.23 18.77
C LYS C 67 50.85 -29.56 19.60
N TYR C 68 51.47 -30.33 20.51
CA TYR C 68 52.58 -29.95 21.36
C TYR C 68 53.87 -30.45 20.72
N PRO C 69 49.27 -26.17 30.02
CA PRO C 69 49.57 -27.56 30.27
C PRO C 69 49.80 -27.85 31.74
N ILE C 70 50.61 -27.02 32.39
CA ILE C 70 51.11 -27.33 33.71
C ILE C 70 50.15 -26.58 34.58
N GLU C 71 49.75 -27.18 35.69
CA GLU C 71 48.71 -26.64 36.54
C GLU C 71 48.94 -27.02 37.99
N HIS C 72 49.29 -31.24 37.65
CA HIS C 72 50.25 -31.50 38.77
C HIS C 72 51.67 -31.11 38.68
N GLY C 73 51.58 -26.96 39.33
CA GLY C 73 52.83 -27.66 39.17
C GLY C 73 52.77 -28.98 38.40
N ILE C 74 51.58 -29.60 38.25
CA ILE C 74 51.39 -30.92 37.68
C ILE C 74 50.91 -30.82 36.23
N VAL C 75 51.27 -31.69 35.27
CA VAL C 75 50.88 -31.54 33.87
C VAL C 75 49.58 -32.27 33.72
N THR C 76 48.63 -31.44 33.24
CA THR C 76 47.25 -31.86 33.00
C THR C 76 47.05 -32.20 31.53
N ASN C 77 47.87 -31.65 30.64
CA ASN C 77 47.67 -31.84 29.24
C ASN C 77 48.96 -32.31 28.62
N TRP C 78 49.01 -33.56 28.25
CA TRP C 78 50.24 -34.08 27.72
C TRP C 78 50.60 -33.74 26.28
N ASP C 79 49.74 -33.52 25.28
CA ASP C 79 50.27 -33.21 23.97
C ASP C 79 50.61 -31.74 23.95
N ASP C 80 49.92 -30.87 24.71
CA ASP C 80 50.37 -29.50 24.73
C ASP C 80 51.65 -29.31 25.55
N MET C 81 51.91 -30.09 26.62
CA MET C 81 53.28 -30.08 27.16
C MET C 81 54.24 -30.59 26.05
N GLU C 82 53.92 -31.62 25.25
CA GLU C 82 54.83 -32.07 24.21
C GLU C 82 55.16 -30.98 23.25
N LYS C 83 54.18 -30.20 22.89
CA LYS C 83 54.44 -29.01 22.09
C LYS C 83 55.48 -28.08 22.73
N ILE C 84 55.33 -27.77 24.03
CA ILE C 84 56.21 -26.82 24.67
C ILE C 84 57.63 -27.26 24.58
N TRP C 85 57.84 -28.54 24.86
CA TRP C 85 59.20 -29.10 24.85
C TRP C 85 59.73 -29.02 23.43
N HIS C 86 59.10 -29.57 22.39
CA HIS C 86 59.52 -29.38 21.01
C HIS C 86 59.96 -27.96 20.69
N HIS C 87 59.20 -26.93 21.07
CA HIS C 87 59.53 -25.50 20.97
C HIS C 87 60.76 -25.11 21.83
N THR C 88 60.91 -25.59 23.05
CA THR C 88 62.14 -25.42 23.84
C THR C 88 63.40 -25.79 23.00
N PHE C 89 63.45 -27.03 22.45
CA PHE C 89 64.64 -27.52 21.75
C PHE C 89 64.80 -26.93 20.34
N TYR C 90 63.77 -27.15 19.53
CA TYR C 90 63.77 -26.75 18.14
C TYR C 90 63.53 -25.30 17.84
N ASN C 91 63.07 -24.47 18.74
CA ASN C 91 62.88 -23.07 18.38
C ASN C 91 63.55 -22.16 19.38
N GLU C 92 63.58 -22.49 20.69
CA GLU C 92 64.22 -21.60 21.62
C GLU C 92 65.72 -21.86 21.80
N LEU C 93 66.17 -23.07 22.08
CA LEU C 93 67.60 -23.21 22.30
C LEU C 93 68.30 -23.57 21.00
N ARG C 94 67.51 -24.06 20.00
CA ARG C 94 67.94 -24.40 18.62
C ARG C 94 68.94 -25.60 18.64
N VAL C 95 68.44 -26.61 19.37
CA VAL C 95 69.17 -27.77 19.80
C VAL C 95 68.51 -29.05 19.23
N ALA C 96 69.30 -30.11 19.35
CA ALA C 96 68.88 -31.40 18.88
C ALA C 96 68.81 -32.25 20.11
N PRO C 97 67.67 -32.85 20.36
CA PRO C 97 67.45 -33.63 21.56
C PRO C 97 68.32 -34.85 21.67
N GLU C 98 68.67 -35.51 20.55
CA GLU C 98 69.44 -36.77 20.58
C GLU C 98 70.95 -36.80 20.81
N GLU C 99 71.44 -35.62 21.20
CA GLU C 99 72.84 -35.34 21.43
C GLU C 99 73.09 -34.73 22.83
N HIS C 100 72.05 -34.42 23.64
CA HIS C 100 72.19 -33.72 24.92
C HIS C 100 71.36 -34.47 25.93
N PRO C 101 71.90 -34.75 27.10
CA PRO C 101 71.07 -35.22 28.16
C PRO C 101 70.20 -34.08 28.69
N VAL C 102 69.00 -34.38 29.17
CA VAL C 102 68.19 -33.32 29.76
C VAL C 102 67.90 -33.49 31.26
N LEU C 103 67.98 -32.39 32.03
CA LEU C 103 67.55 -32.53 33.39
C LEU C 103 66.20 -31.85 33.33
N LEU C 104 65.08 -32.49 33.61
CA LEU C 104 63.78 -31.82 33.54
C LEU C 104 63.40 -31.52 34.96
N THR C 105 62.86 -30.42 35.44
CA THR C 105 62.49 -30.47 36.84
C THR C 105 61.06 -30.92 37.04
N GLU C 106 60.67 -31.22 38.26
CA GLU C 106 59.32 -31.65 38.54
C GLU C 106 58.77 -31.16 39.90
N ALA C 107 57.47 -31.11 40.08
CA ALA C 107 56.84 -30.74 41.33
C ALA C 107 57.20 -31.68 42.46
N PRO C 108 57.43 -31.20 43.69
CA PRO C 108 57.36 -32.00 44.91
C PRO C 108 56.05 -32.77 44.91
N LEU C 109 56.12 -34.03 45.29
CA LEU C 109 54.96 -34.92 45.29
C LEU C 109 54.29 -35.13 43.90
N ASN C 110 55.03 -35.03 42.77
CA ASN C 110 54.47 -35.21 41.41
C ASN C 110 53.93 -36.62 41.24
N PRO C 111 52.68 -36.86 40.80
CA PRO C 111 52.14 -38.18 40.64
C PRO C 111 53.01 -39.20 39.90
N LYS C 112 53.05 -40.46 40.33
CA LYS C 112 53.78 -41.57 39.74
C LYS C 112 53.78 -41.65 38.24
N ALA C 113 52.58 -41.69 37.66
CA ALA C 113 52.40 -41.85 36.24
C ALA C 113 52.86 -40.64 35.46
N ASN C 114 52.97 -39.50 36.10
CA ASN C 114 53.49 -38.31 35.47
C ASN C 114 54.94 -38.47 35.28
N ARG C 115 55.67 -38.90 36.31
CA ARG C 115 57.11 -39.10 36.24
C ARG C 115 57.44 -40.06 35.12
N GLU C 116 56.66 -41.14 35.03
CA GLU C 116 56.80 -42.11 33.96
C GLU C 116 56.39 -41.47 32.67
N LYS C 117 55.29 -40.74 32.48
CA LYS C 117 55.05 -40.21 31.16
C LYS C 117 56.13 -39.25 30.73
N MET C 118 56.76 -38.46 31.59
CA MET C 118 57.79 -37.60 31.08
C MET C 118 59.06 -38.37 30.82
N THR C 119 59.32 -39.55 31.45
CA THR C 119 60.43 -40.44 31.05
C THR C 119 60.22 -41.06 29.64
N GLN C 120 59.02 -41.57 29.50
CA GLN C 120 58.41 -42.07 28.28
C GLN C 120 58.65 -41.13 27.11
N ILE C 121 58.00 -39.93 27.08
CA ILE C 121 58.11 -38.91 26.00
C ILE C 121 59.57 -38.57 25.66
N MET C 122 60.29 -38.19 26.72
CA MET C 122 61.66 -37.77 26.55
C MET C 122 62.39 -38.86 25.86
N PHE C 123 62.27 -40.14 26.22
CA PHE C 123 63.06 -41.17 25.54
C PHE C 123 62.61 -41.62 24.18
N GLU C 124 61.34 -41.98 24.07
CA GLU C 124 60.77 -42.46 22.83
C GLU C 124 60.47 -41.40 21.79
N THR C 125 59.87 -40.27 22.24
CA THR C 125 59.47 -39.17 21.38
C THR C 125 60.61 -38.26 21.14
N PHE C 126 61.52 -37.91 22.07
CA PHE C 126 62.65 -37.04 21.69
C PHE C 126 64.00 -37.72 21.55
N ASN C 127 64.05 -39.01 21.88
CA ASN C 127 65.23 -39.86 21.71
C ASN C 127 66.42 -39.20 22.37
N THR C 128 66.29 -39.16 23.68
CA THR C 128 67.22 -38.45 24.56
C THR C 128 68.31 -39.42 24.99
N PRO C 129 69.60 -39.09 24.91
CA PRO C 129 70.70 -39.95 25.29
C PRO C 129 70.51 -40.40 26.73
N ALA C 130 69.97 -39.49 27.58
CA ALA C 130 69.82 -39.64 29.02
C ALA C 130 68.95 -38.54 29.60
N MET C 131 68.46 -38.83 30.78
CA MET C 131 67.69 -37.84 31.45
C MET C 131 67.63 -38.09 32.94
N TYR C 132 67.32 -37.00 33.67
CA TYR C 132 67.06 -37.03 35.09
C TYR C 132 65.91 -36.01 35.35
N VAL C 133 65.17 -36.34 36.42
CA VAL C 133 64.07 -35.56 36.87
C VAL C 133 64.37 -35.25 38.35
N ALA C 134 64.68 -34.00 38.61
CA ALA C 134 64.83 -33.48 39.95
C ALA C 134 63.59 -32.62 40.44
N ILE C 135 63.24 -32.76 41.74
CA ILE C 135 62.20 -31.96 42.38
C ILE C 135 62.70 -30.55 42.38
N GLN C 136 61.87 -29.52 42.21
CA GLN C 136 62.38 -28.13 42.09
C GLN C 136 63.00 -27.53 43.31
N ALA C 137 62.44 -27.74 44.53
CA ALA C 137 62.94 -27.20 45.78
C ALA C 137 64.34 -27.71 46.10
N VAL C 138 64.68 -28.94 45.76
CA VAL C 138 66.00 -29.48 46.02
C VAL C 138 67.08 -28.77 45.19
N LEU C 139 66.81 -28.23 44.00
CA LEU C 139 67.80 -27.49 43.18
C LEU C 139 67.88 -26.05 43.67
N SER C 140 66.79 -25.47 44.20
CA SER C 140 66.88 -24.22 44.96
C SER C 140 67.91 -24.34 46.10
N LEU C 141 67.88 -25.43 46.89
CA LEU C 141 68.84 -25.63 47.96
C LEU C 141 70.33 -25.80 47.57
N TYR C 142 70.58 -26.67 46.59
CA TYR C 142 71.92 -26.88 46.09
C TYR C 142 72.47 -25.56 45.57
N ALA C 143 71.68 -24.76 44.83
CA ALA C 143 72.15 -23.48 44.32
C ALA C 143 72.46 -22.42 45.41
N SER C 144 72.00 -22.59 46.67
CA SER C 144 72.36 -21.68 47.76
C SER C 144 73.59 -22.19 48.47
N GLY C 145 73.73 -20.31 49.53
CA GLY C 145 75.10 -20.42 49.99
C GLY C 145 75.11 -21.27 51.20
N ARG C 146 74.41 -22.38 51.14
CA ARG C 146 74.27 -23.14 52.34
C ARG C 146 74.24 -24.59 51.94
N THR C 147 74.58 -25.37 52.96
CA THR C 147 74.77 -26.80 52.86
C THR C 147 73.93 -27.65 53.83
N THR C 148 73.46 -27.06 54.90
CA THR C 148 72.62 -27.76 55.83
C THR C 148 71.35 -26.87 55.97
N GLY C 149 70.14 -27.35 56.14
CA GLY C 149 69.02 -26.46 56.18
C GLY C 149 67.85 -27.27 55.77
N ILE C 150 66.70 -26.66 55.59
CA ILE C 150 65.52 -27.34 55.04
C ILE C 150 64.92 -26.26 54.17
N VAL C 151 64.48 -26.71 52.99
CA VAL C 151 63.93 -25.84 51.98
C VAL C 151 62.47 -26.16 51.98
N MET C 152 61.65 -25.17 51.67
CA MET C 152 60.24 -25.39 51.58
C MET C 152 59.97 -24.98 50.15
N ASP C 153 59.68 -25.91 49.25
CA ASP C 153 59.66 -25.57 47.84
C ASP C 153 58.25 -25.57 47.32
N SER C 154 57.72 -24.46 46.82
CA SER C 154 56.34 -24.46 46.37
C SER C 154 56.23 -23.94 44.98
N GLY C 155 56.01 -24.91 44.12
CA GLY C 155 55.86 -24.63 42.70
C GLY C 155 54.41 -24.51 42.21
N ASP C 156 54.04 -25.25 41.15
CA ASP C 156 52.71 -25.16 40.59
C ASP C 156 51.93 -26.41 40.93
N GLY C 157 52.63 -27.54 40.99
CA GLY C 157 51.94 -28.77 41.24
C GLY C 157 52.29 -29.38 42.56
N VAL C 158 53.37 -29.05 43.28
CA VAL C 158 53.65 -29.64 44.58
C VAL C 158 54.45 -28.71 45.49
N THR C 159 54.44 -29.12 46.75
CA THR C 159 55.20 -28.50 47.80
C THR C 159 55.88 -29.64 48.53
N HIS C 160 57.14 -29.42 48.83
CA HIS C 160 57.83 -30.35 49.71
C HIS C 160 58.67 -29.59 50.69
N THR C 161 58.82 -30.24 51.83
CA THR C 161 59.74 -29.79 52.84
C THR C 161 60.84 -30.88 52.79
N VAL C 162 62.12 -30.48 52.62
CA VAL C 162 63.22 -31.38 52.37
C VAL C 162 64.21 -31.01 53.44
N PRO C 163 64.59 -31.79 54.47
CA PRO C 163 65.77 -31.52 55.28
C PRO C 163 67.08 -31.95 54.59
N ILE C 164 68.10 -31.11 54.51
CA ILE C 164 69.35 -31.39 53.84
C ILE C 164 70.49 -31.29 54.87
N TYR C 165 71.28 -32.35 55.04
CA TYR C 165 72.47 -32.39 55.88
C TYR C 165 73.65 -32.51 54.91
N GLU C 166 74.46 -31.46 54.91
CA GLU C 166 75.64 -31.37 54.12
C GLU C 166 75.47 -31.60 52.62
N GLY C 167 74.46 -31.02 51.96
CA GLY C 167 74.22 -31.22 50.54
C GLY C 167 73.43 -32.49 50.17
N TYR C 168 72.84 -33.15 51.15
CA TYR C 168 72.23 -34.45 50.96
C TYR C 168 70.87 -34.35 51.61
N ALA C 169 69.86 -34.56 50.78
CA ALA C 169 68.47 -34.49 51.18
C ALA C 169 68.20 -35.69 52.04
N LEU C 170 67.38 -35.59 53.08
CA LEU C 170 67.18 -36.75 53.89
C LEU C 170 65.84 -37.39 53.53
N PRO C 171 65.74 -38.33 52.59
CA PRO C 171 64.49 -38.82 52.01
C PRO C 171 63.44 -39.31 53.00
N HIS C 172 63.80 -39.92 54.13
CA HIS C 172 62.77 -40.25 55.12
C HIS C 172 61.96 -39.05 55.69
N ALA C 173 62.60 -37.88 55.82
CA ALA C 173 61.95 -36.76 56.46
C ALA C 173 61.35 -35.85 55.43
N ILE C 174 61.43 -36.15 54.11
CA ILE C 174 60.84 -35.34 53.04
C ILE C 174 59.34 -35.60 53.12
N LEU C 175 58.59 -34.51 52.97
CA LEU C 175 57.14 -34.53 53.05
C LEU C 175 56.67 -33.75 51.83
N ARG C 176 55.62 -34.26 51.22
CA ARG C 176 55.01 -33.78 49.97
C ARG C 176 53.60 -33.35 50.24
N LEU C 177 53.26 -32.20 49.67
CA LEU C 177 51.95 -31.58 49.83
C LEU C 177 51.51 -31.20 48.43
N ASP C 178 50.35 -31.75 48.16
CA ASP C 178 49.80 -31.54 46.86
C ASP C 178 48.78 -30.40 46.88
N LEU C 179 49.41 -29.24 46.98
CA LEU C 179 48.71 -27.99 46.98
C LEU C 179 49.83 -26.98 46.74
N ALA C 180 49.72 -26.28 45.62
CA ALA C 180 50.73 -25.32 45.23
C ALA C 180 50.05 -24.32 44.31
N GLY C 181 50.76 -23.44 43.57
CA GLY C 181 50.20 -22.40 42.72
C GLY C 181 48.90 -22.68 41.92
N ARG C 182 48.67 -23.85 41.34
CA ARG C 182 47.47 -24.07 40.55
C ARG C 182 46.25 -24.17 41.45
N ASP C 183 46.46 -24.73 42.63
CA ASP C 183 45.42 -24.89 43.62
C ASP C 183 44.96 -23.52 44.04
N LEU C 184 45.87 -22.56 44.10
CA LEU C 184 45.59 -21.21 44.51
C LEU C 184 45.04 -20.38 43.38
N THR C 185 45.37 -20.56 42.11
CA THR C 185 44.70 -19.87 41.00
C THR C 185 43.24 -20.28 40.88
N ASP C 186 43.01 -21.57 41.04
CA ASP C 186 41.71 -22.16 41.04
C ASP C 186 40.75 -21.74 42.12
N TYR C 187 41.28 -21.60 43.34
CA TYR C 187 40.48 -21.21 44.47
C TYR C 187 40.18 -19.73 44.43
N LEU C 188 41.04 -18.95 43.82
CA LEU C 188 40.84 -17.53 43.65
C LEU C 188 39.66 -17.32 42.72
N MET C 189 39.62 -18.00 41.56
CA MET C 189 38.57 -17.89 40.53
C MET C 189 37.20 -18.26 41.08
N LYS C 190 37.12 -19.31 41.92
CA LYS C 190 35.89 -19.71 42.58
C LYS C 190 35.52 -18.67 43.58
N ILE C 191 36.38 -18.12 44.45
CA ILE C 191 35.85 -17.13 45.35
C ILE C 191 35.48 -15.89 44.52
N LEU C 192 36.17 -15.51 43.45
CA LEU C 192 35.80 -14.37 42.58
C LEU C 192 34.46 -14.56 41.80
N THR C 193 34.19 -15.73 41.24
CA THR C 193 32.94 -16.16 40.57
C THR C 193 31.80 -16.30 41.59
N GLU C 194 32.13 -16.59 42.85
CA GLU C 194 31.13 -16.67 43.91
C GLU C 194 30.62 -15.27 44.11
N ARG C 195 31.45 -14.23 43.92
CA ARG C 195 30.98 -12.86 44.02
C ARG C 195 30.19 -12.47 42.74
N GLY C 196 29.62 -13.42 42.01
CA GLY C 196 28.96 -13.18 40.75
C GLY C 196 29.87 -12.57 39.67
N TYR C 197 31.09 -13.09 39.49
CA TYR C 197 31.98 -12.63 38.43
C TYR C 197 31.96 -13.72 37.41
N SER C 198 32.53 -13.37 36.27
CA SER C 198 32.35 -14.18 35.10
C SER C 198 33.71 -14.36 34.41
N PHE C 199 34.34 -15.54 34.51
CA PHE C 199 35.64 -15.74 33.85
C PHE C 199 35.42 -16.70 32.73
N THR C 200 34.42 -16.29 31.94
CA THR C 200 33.94 -17.27 31.00
C THR C 200 34.78 -17.54 29.78
N THR C 201 35.71 -16.71 29.30
CA THR C 201 36.39 -17.09 28.06
C THR C 201 37.88 -17.38 27.99
N THR C 202 38.22 -18.68 28.00
CA THR C 202 39.57 -19.30 27.85
C THR C 202 40.81 -18.51 28.30
N ALA C 203 41.16 -17.42 27.59
CA ALA C 203 42.28 -16.52 27.88
C ALA C 203 41.94 -16.12 29.28
N GLU C 204 40.76 -15.52 29.53
CA GLU C 204 40.45 -15.05 30.86
C GLU C 204 40.41 -16.12 31.99
N ARG C 205 40.64 -17.42 31.73
CA ARG C 205 40.86 -18.42 32.82
C ARG C 205 42.32 -18.27 33.33
N GLU C 206 43.12 -17.82 32.41
CA GLU C 206 44.48 -17.41 32.68
C GLU C 206 44.47 -15.98 33.20
N ILE C 207 43.37 -15.25 33.32
CA ILE C 207 43.43 -13.89 33.87
C ILE C 207 43.32 -13.87 35.40
N VAL C 208 42.88 -15.00 35.99
CA VAL C 208 42.93 -15.13 37.44
C VAL C 208 44.39 -15.31 37.87
N ARG C 209 45.26 -15.96 37.08
CA ARG C 209 46.69 -16.16 37.34
C ARG C 209 47.31 -14.81 37.59
N ASP C 210 47.04 -13.77 36.83
CA ASP C 210 47.63 -12.45 37.06
C ASP C 210 47.01 -11.73 38.26
N ILE C 211 45.71 -11.86 38.59
CA ILE C 211 45.18 -11.20 39.80
C ILE C 211 45.92 -11.83 41.01
N LYS C 212 46.00 -13.17 41.01
CA LYS C 212 46.58 -13.99 42.04
C LYS C 212 47.97 -13.53 42.23
N GLU C 213 48.71 -13.46 41.15
CA GLU C 213 50.08 -13.11 41.37
C GLU C 213 50.16 -11.63 41.62
N LYS C 214 49.25 -10.78 41.13
CA LYS C 214 49.47 -9.36 41.32
C LYS C 214 48.94 -8.74 42.56
N LEU C 215 47.88 -9.26 43.16
CA LEU C 215 47.23 -8.61 44.27
C LEU C 215 47.28 -9.48 45.51
N CYS C 216 47.47 -10.83 45.45
CA CYS C 216 47.50 -11.59 46.68
C CYS C 216 48.65 -11.27 47.60
N TYR C 217 48.34 -11.59 48.85
CA TYR C 217 49.03 -11.22 50.06
C TYR C 217 48.75 -12.36 51.04
N VAL C 218 49.67 -12.52 51.98
CA VAL C 218 49.54 -13.42 53.09
C VAL C 218 49.41 -12.48 54.28
N ALA C 219 48.38 -12.80 55.06
CA ALA C 219 47.98 -12.10 56.27
C ALA C 219 48.78 -12.64 57.43
N LEU C 220 49.13 -11.80 58.44
CA LEU C 220 49.85 -12.20 59.66
C LEU C 220 48.87 -12.83 60.60
N ASP C 221 47.74 -12.17 60.71
CA ASP C 221 46.73 -12.76 61.51
C ASP C 221 45.49 -12.78 60.63
N PHE C 222 45.21 -13.91 59.92
CA PHE C 222 44.00 -13.99 59.08
C PHE C 222 42.79 -13.33 59.75
N GLU C 223 42.52 -13.72 61.01
CA GLU C 223 41.42 -13.24 61.86
C GLU C 223 41.40 -11.71 62.01
N GLN C 224 42.40 -11.05 62.57
CA GLN C 224 42.34 -9.63 62.60
C GLN C 224 42.50 -9.09 61.19
N GLU C 225 42.85 -9.86 60.17
CA GLU C 225 42.92 -9.31 58.83
C GLU C 225 41.57 -9.31 58.19
N MET C 226 40.69 -10.22 58.53
CA MET C 226 39.38 -10.23 57.91
C MET C 226 38.55 -9.02 58.34
N ALA C 227 38.66 -8.57 59.59
CA ALA C 227 37.97 -7.36 60.05
C ALA C 227 38.75 -6.10 59.70
N THR C 228 39.94 -6.33 59.15
CA THR C 228 40.72 -5.30 58.50
C THR C 228 40.69 -5.63 56.97
N ALA C 229 39.43 -5.95 56.60
CA ALA C 229 38.91 -6.04 55.26
C ALA C 229 37.60 -5.32 55.63
N ALA C 230 36.74 -5.71 56.60
CA ALA C 230 35.53 -4.94 56.92
C ALA C 230 35.81 -3.48 57.27
N SER C 231 37.00 -3.05 57.77
CA SER C 231 37.34 -1.64 57.95
C SER C 231 38.04 -1.20 56.66
N SER C 232 37.35 -1.46 55.57
CA SER C 232 37.85 -1.35 54.24
C SER C 232 38.69 -0.14 53.90
N SER C 233 38.13 0.87 53.25
CA SER C 233 38.86 1.97 52.64
C SER C 233 39.95 1.39 51.68
N SER C 234 41.13 1.04 52.20
CA SER C 234 42.30 0.67 51.45
C SER C 234 42.52 -0.77 50.94
N LEU C 235 41.63 -1.72 51.20
CA LEU C 235 41.88 -3.11 50.80
C LEU C 235 41.37 -3.50 49.40
N GLU C 236 40.31 -2.86 48.87
CA GLU C 236 39.84 -3.34 47.59
C GLU C 236 40.77 -2.70 46.57
N LYS C 237 41.21 -3.55 45.64
CA LYS C 237 41.93 -3.07 44.47
C LYS C 237 41.20 -3.55 43.22
N SER C 238 41.41 -2.88 42.10
CA SER C 238 40.77 -3.27 40.85
C SER C 238 41.72 -3.77 39.73
N TYR C 239 41.08 -4.74 39.06
CA TYR C 239 41.64 -5.35 37.89
C TYR C 239 40.69 -5.20 36.69
N GLU C 240 41.35 -4.95 35.56
CA GLU C 240 40.73 -4.61 34.30
C GLU C 240 40.75 -5.80 33.40
N LEU C 241 39.60 -6.20 32.95
CA LEU C 241 39.52 -7.20 31.90
C LEU C 241 40.06 -6.68 30.54
N PRO C 242 40.64 -7.53 29.68
CA PRO C 242 40.76 -7.30 28.23
C PRO C 242 39.44 -6.73 27.67
N ASP C 243 38.33 -7.36 27.99
CA ASP C 243 36.97 -6.89 27.73
C ASP C 243 36.71 -5.42 28.08
N GLY C 244 37.59 -4.60 28.71
CA GLY C 244 37.29 -3.22 29.12
C GLY C 244 36.75 -3.14 30.57
N GLN C 245 35.99 -4.16 30.98
CA GLN C 245 35.34 -4.33 32.29
C GLN C 245 36.21 -4.24 33.57
N VAL C 246 35.59 -4.06 34.77
CA VAL C 246 36.33 -4.00 36.01
C VAL C 246 36.07 -5.10 37.07
N ILE C 247 37.09 -5.40 37.84
CA ILE C 247 37.04 -6.45 38.85
C ILE C 247 37.32 -5.62 40.09
N THR C 248 36.71 -5.98 41.19
CA THR C 248 37.23 -5.44 42.43
C THR C 248 37.40 -6.59 43.40
N ILE C 249 38.58 -6.59 44.03
CA ILE C 249 39.01 -7.64 44.95
C ILE C 249 39.40 -7.03 46.27
N GLY C 250 38.90 -7.67 47.28
CA GLY C 250 39.13 -7.25 48.64
C GLY C 250 39.55 -8.41 49.50
N ASN C 251 38.67 -9.02 50.32
CA ASN C 251 39.12 -10.02 51.28
C ASN C 251 39.78 -11.26 50.68
N GLU C 252 39.42 -11.44 49.42
CA GLU C 252 39.96 -12.45 48.56
C GLU C 252 41.48 -12.47 48.40
N ARG C 253 42.11 -11.30 48.31
CA ARG C 253 43.54 -11.19 48.11
C ARG C 253 44.39 -11.96 49.11
N PHE C 254 44.03 -11.91 50.40
CA PHE C 254 44.77 -12.62 51.45
C PHE C 254 44.15 -14.00 51.73
N ARG C 255 42.83 -14.17 51.54
CA ARG C 255 42.07 -15.41 51.66
C ARG C 255 42.56 -16.45 50.63
N CYS C 256 43.16 -16.05 49.52
CA CYS C 256 43.68 -17.00 48.53
C CYS C 256 44.92 -17.70 49.14
N PRO C 257 46.13 -17.09 49.33
CA PRO C 257 47.29 -17.76 49.90
C PRO C 257 46.99 -18.43 51.21
N GLU C 258 46.01 -18.04 52.03
CA GLU C 258 45.64 -18.73 53.26
C GLU C 258 45.31 -20.21 53.20
N ALA C 259 44.97 -20.66 52.01
CA ALA C 259 44.74 -22.07 51.79
C ALA C 259 46.06 -22.85 51.94
N LEU C 260 47.21 -22.21 51.84
CA LEU C 260 48.48 -22.83 52.12
C LEU C 260 48.66 -23.18 53.59
N PHE C 261 48.15 -22.32 54.47
CA PHE C 261 48.29 -22.49 55.90
C PHE C 261 47.18 -23.31 56.53
N GLN C 262 46.00 -23.24 55.91
CA GLN C 262 44.81 -23.92 56.31
C GLN C 262 44.20 -24.61 55.08
N PRO C 263 44.53 -25.82 54.69
CA PRO C 263 44.00 -26.42 53.49
C PRO C 263 42.58 -26.92 53.68
N SER C 264 41.94 -26.59 54.79
CA SER C 264 40.53 -26.84 55.02
C SER C 264 39.82 -25.87 54.12
N PHE C 265 40.37 -24.67 53.87
CA PHE C 265 39.80 -23.72 52.95
C PHE C 265 39.61 -24.36 51.63
N LEU C 266 40.53 -25.17 51.19
CA LEU C 266 40.38 -25.95 49.99
C LEU C 266 39.58 -27.25 50.17
N GLY C 267 39.14 -27.69 51.34
CA GLY C 267 38.36 -28.91 51.41
C GLY C 267 39.26 -30.12 51.59
N MET C 268 40.53 -29.83 51.86
CA MET C 268 41.59 -30.80 52.16
C MET C 268 41.88 -30.96 53.63
N GLU C 269 42.08 -32.23 53.94
CA GLU C 269 42.41 -32.61 55.28
C GLU C 269 43.86 -32.21 55.62
N SER C 270 44.71 -31.84 54.66
CA SER C 270 46.12 -31.60 54.95
C SER C 270 46.43 -30.47 55.92
N CYS C 271 47.50 -30.73 56.64
CA CYS C 271 48.17 -29.75 57.47
C CYS C 271 48.58 -28.63 56.55
N GLY C 272 48.79 -27.42 57.02
CA GLY C 272 49.34 -26.42 56.14
C GLY C 272 50.85 -26.50 56.15
N ILE C 273 51.38 -25.69 55.27
CA ILE C 273 52.80 -25.53 55.08
C ILE C 273 53.72 -25.29 56.29
N HIS C 274 53.13 -24.77 57.36
CA HIS C 274 53.90 -24.39 58.54
C HIS C 274 54.12 -25.59 59.46
N GLU C 275 53.19 -26.51 59.38
CA GLU C 275 53.24 -27.72 60.15
C GLU C 275 54.08 -28.75 59.48
N THR C 276 54.07 -28.81 58.17
CA THR C 276 54.82 -29.76 57.40
C THR C 276 56.29 -29.38 57.56
N THR C 277 56.85 -28.14 57.40
CA THR C 277 58.24 -27.83 57.76
C THR C 277 58.56 -28.42 59.15
N PHE C 278 57.76 -28.13 60.17
CA PHE C 278 57.94 -28.68 61.52
C PHE C 278 57.85 -30.20 61.59
N ASN C 279 57.14 -30.90 60.76
CA ASN C 279 57.07 -32.32 60.96
C ASN C 279 58.19 -32.98 60.22
N SER C 280 58.91 -32.35 59.27
CA SER C 280 60.08 -32.94 58.63
C SER C 280 61.23 -32.79 59.62
N ILE C 281 61.47 -31.60 60.13
CA ILE C 281 62.40 -31.31 61.22
C ILE C 281 62.23 -32.32 62.32
N MET C 282 61.08 -32.74 62.76
CA MET C 282 61.04 -33.68 63.83
C MET C 282 61.46 -35.11 63.52
N LYS C 283 61.56 -35.41 62.22
CA LYS C 283 61.89 -36.71 61.67
C LYS C 283 63.39 -36.86 61.41
N CYS C 284 64.11 -35.76 61.55
CA CYS C 284 65.55 -35.78 61.33
C CYS C 284 66.38 -36.13 62.61
N ASP C 285 67.66 -36.35 62.39
CA ASP C 285 68.65 -36.54 63.41
C ASP C 285 68.57 -35.44 64.43
N VAL C 286 68.45 -35.87 65.66
CA VAL C 286 68.41 -35.02 66.83
C VAL C 286 69.48 -33.96 66.80
N ASP C 287 70.68 -34.24 66.26
CA ASP C 287 71.80 -33.27 66.31
C ASP C 287 71.83 -32.33 65.06
N ILE C 288 70.86 -32.34 64.11
CA ILE C 288 70.95 -31.35 63.08
C ILE C 288 69.74 -30.48 63.17
N ARG C 289 68.71 -30.78 63.92
CA ARG C 289 67.50 -29.98 64.04
C ARG C 289 67.76 -28.52 64.29
N LYS C 290 68.71 -28.22 65.17
CA LYS C 290 68.98 -26.83 65.49
C LYS C 290 69.52 -26.15 64.25
N ASP C 291 70.10 -26.91 63.34
CA ASP C 291 70.61 -26.35 62.13
C ASP C 291 69.47 -26.11 61.16
N LEU C 292 68.56 -27.06 61.10
CA LEU C 292 67.39 -26.95 60.22
C LEU C 292 66.46 -25.77 60.65
N TYR C 293 66.21 -25.46 61.94
CA TYR C 293 65.49 -24.23 62.29
C TYR C 293 66.19 -22.92 61.95
N ALA C 294 67.50 -22.87 61.96
CA ALA C 294 68.24 -21.66 61.68
C ALA C 294 68.35 -21.39 60.19
N ASN C 295 67.97 -22.40 59.37
CA ASN C 295 68.11 -22.33 57.93
C ASN C 295 66.87 -22.88 57.27
N THR C 296 65.76 -22.16 57.42
CA THR C 296 64.54 -22.53 56.75
C THR C 296 64.58 -21.59 55.56
N VAL C 297 64.68 -22.13 54.34
CA VAL C 297 64.76 -21.37 53.08
C VAL C 297 63.49 -21.68 52.29
N LEU C 298 62.91 -20.66 51.68
CA LEU C 298 61.70 -20.88 50.91
C LEU C 298 62.11 -20.81 49.45
N SER C 299 61.58 -21.66 48.57
CA SER C 299 61.91 -21.44 47.18
C SER C 299 60.73 -21.72 46.30
N GLY C 300 60.61 -21.29 45.05
CA GLY C 300 59.44 -21.61 44.19
C GLY C 300 58.54 -20.42 43.95
N GLY C 301 57.77 -20.33 42.86
CA GLY C 301 56.84 -19.22 42.58
C GLY C 301 55.77 -19.02 43.67
N THR C 302 55.15 -20.04 44.26
CA THR C 302 54.12 -19.84 45.25
C THR C 302 54.74 -19.31 46.57
N THR C 303 56.06 -19.01 46.70
CA THR C 303 56.59 -18.48 47.97
C THR C 303 56.79 -16.98 47.80
N MET C 304 56.32 -16.46 46.68
CA MET C 304 56.56 -15.08 46.40
C MET C 304 55.56 -14.10 47.04
N TYR C 305 54.55 -14.58 47.75
CA TYR C 305 53.51 -13.76 48.32
C TYR C 305 54.02 -12.80 49.35
N PRO C 306 53.77 -11.48 49.34
CA PRO C 306 54.00 -10.59 50.45
C PRO C 306 53.33 -11.15 51.70
N GLY C 307 54.13 -11.02 52.78
CA GLY C 307 53.88 -11.57 54.11
C GLY C 307 54.30 -13.04 54.33
N ILE C 308 54.75 -13.84 53.34
CA ILE C 308 54.94 -15.26 53.63
C ILE C 308 56.14 -15.55 54.52
N ALA C 309 57.23 -14.79 54.43
CA ALA C 309 58.37 -14.97 55.33
C ALA C 309 57.97 -14.70 56.76
N ASP C 310 57.38 -13.53 57.05
CA ASP C 310 56.86 -13.20 58.38
C ASP C 310 55.85 -14.17 58.93
N ARG C 311 54.91 -14.60 58.13
CA ARG C 311 53.90 -15.52 58.62
C ARG C 311 54.49 -16.89 58.80
N MET C 312 55.44 -17.34 57.97
CA MET C 312 56.10 -18.61 58.17
C MET C 312 56.85 -18.48 59.49
N GLN C 313 57.69 -17.47 59.72
CA GLN C 313 58.38 -17.22 60.98
C GLN C 313 57.43 -17.26 62.16
N LYS C 314 56.43 -16.38 62.27
CA LYS C 314 55.41 -16.37 63.32
C LYS C 314 54.89 -17.76 63.64
N GLU C 315 54.68 -18.58 62.62
CA GLU C 315 54.08 -19.88 62.83
C GLU C 315 55.02 -20.98 63.25
N ILE C 316 56.26 -20.94 62.77
CA ILE C 316 57.21 -21.94 63.17
C ILE C 316 57.66 -21.56 64.56
N THR C 317 57.80 -20.27 64.84
CA THR C 317 58.07 -19.82 66.19
C THR C 317 57.04 -20.27 67.22
N ALA C 318 55.77 -20.47 66.87
CA ALA C 318 54.81 -20.99 67.83
C ALA C 318 54.97 -22.49 68.07
N LEU C 319 55.18 -23.34 67.04
CA LEU C 319 55.39 -24.78 67.29
C LEU C 319 56.77 -25.18 67.89
N ALA C 320 57.81 -24.38 67.60
CA ALA C 320 59.19 -24.73 67.91
C ALA C 320 59.47 -24.62 69.37
N PRO C 321 60.34 -25.47 70.00
CA PRO C 321 60.76 -25.31 71.42
C PRO C 321 61.09 -23.83 71.73
N SER C 322 60.79 -23.41 72.97
CA SER C 322 60.80 -21.98 73.32
C SER C 322 62.12 -21.17 73.25
N THR C 323 63.13 -21.84 72.70
CA THR C 323 64.46 -21.33 72.63
C THR C 323 65.01 -21.29 71.23
N MET C 324 64.48 -22.06 70.24
CA MET C 324 65.17 -22.21 68.96
C MET C 324 65.40 -20.88 68.30
N LYS C 325 66.54 -20.55 67.71
CA LYS C 325 66.72 -19.31 66.98
C LYS C 325 66.05 -19.76 65.70
N ILE C 326 65.02 -19.10 65.15
CA ILE C 326 64.41 -19.54 63.92
C ILE C 326 64.68 -18.49 62.88
N LYS C 327 65.32 -18.84 61.79
CA LYS C 327 65.73 -17.86 60.82
C LYS C 327 65.11 -18.42 59.54
N ILE C 328 64.09 -17.74 59.05
CA ILE C 328 63.38 -18.13 57.83
C ILE C 328 64.20 -17.39 56.77
N ILE C 329 64.53 -17.86 55.53
CA ILE C 329 65.43 -17.17 54.62
C ILE C 329 64.58 -17.05 53.40
N ALA C 330 64.53 -15.89 52.76
CA ALA C 330 63.65 -15.79 51.62
C ALA C 330 64.34 -14.80 50.73
N PRO C 331 65.35 -15.36 50.00
CA PRO C 331 66.19 -14.58 49.10
C PRO C 331 65.26 -14.01 48.04
N PRO C 332 65.40 -12.75 47.67
CA PRO C 332 64.51 -12.11 46.74
C PRO C 332 64.56 -12.74 45.35
N GLU C 333 65.46 -13.70 45.00
CA GLU C 333 65.45 -14.24 43.67
C GLU C 333 64.96 -15.65 43.60
N ARG C 334 64.16 -15.96 44.61
CA ARG C 334 63.62 -17.30 44.87
C ARG C 334 62.61 -17.99 43.95
N LYS C 335 64.29 -15.70 41.98
CA LYS C 335 63.26 -15.91 40.97
C LYS C 335 63.83 -17.06 40.10
N TYR C 336 65.16 -17.19 39.94
CA TYR C 336 65.78 -18.25 39.15
C TYR C 336 66.47 -19.44 39.86
N SER C 337 66.34 -19.60 41.19
CA SER C 337 66.91 -20.70 41.97
C SER C 337 66.71 -22.08 41.36
N VAL C 338 65.52 -22.54 41.05
CA VAL C 338 65.38 -23.86 40.52
C VAL C 338 66.24 -24.05 39.25
N TRP C 339 66.31 -23.10 38.32
CA TRP C 339 67.09 -23.32 37.14
C TRP C 339 68.58 -23.27 37.48
N ILE C 340 69.18 -22.42 38.31
CA ILE C 340 70.63 -22.41 38.45
C ILE C 340 71.11 -23.52 39.37
N GLY C 341 70.23 -24.10 40.16
CA GLY C 341 70.60 -25.28 40.92
C GLY C 341 70.77 -26.52 40.06
N GLY C 342 69.96 -26.63 39.01
CA GLY C 342 70.03 -27.67 38.00
C GLY C 342 71.19 -27.43 37.06
N SER C 343 71.39 -26.24 36.47
CA SER C 343 72.61 -25.91 35.78
C SER C 343 73.92 -26.26 36.50
N ILE C 344 74.06 -26.19 37.83
CA ILE C 344 75.24 -26.52 38.64
C ILE C 344 75.44 -28.02 38.66
N LEU C 345 74.32 -28.61 39.08
CA LEU C 345 74.19 -30.05 39.25
C LEU C 345 74.49 -30.72 37.93
N ALA C 346 73.77 -30.51 36.84
CA ALA C 346 74.05 -31.18 35.59
C ALA C 346 75.37 -30.82 34.91
N SER C 347 76.22 -29.99 35.54
CA SER C 347 77.52 -29.68 34.99
C SER C 347 78.58 -30.43 35.75
N LEU C 348 78.34 -30.91 36.97
CA LEU C 348 79.36 -31.64 37.73
C LEU C 348 79.65 -33.01 37.06
N SER C 349 80.91 -33.49 37.04
CA SER C 349 81.17 -34.78 36.42
C SER C 349 80.55 -35.84 37.25
N THR C 350 80.30 -35.50 38.51
CA THR C 350 79.49 -36.27 39.48
C THR C 350 78.17 -36.80 38.87
N PHE C 351 77.47 -35.90 38.18
CA PHE C 351 76.13 -36.13 37.75
C PHE C 351 76.00 -37.15 36.65
N GLN C 352 76.99 -37.30 35.77
CA GLN C 352 76.83 -38.25 34.67
C GLN C 352 76.63 -39.63 35.22
N GLN C 353 76.98 -39.92 36.46
CA GLN C 353 76.65 -41.18 37.04
C GLN C 353 75.54 -40.67 37.93
N MET C 354 74.34 -40.60 37.41
CA MET C 354 73.18 -40.21 38.18
C MET C 354 71.99 -40.21 37.23
N TRP C 355 72.22 -40.04 35.92
CA TRP C 355 71.21 -40.09 34.89
C TRP C 355 70.62 -41.48 34.69
N ILE C 356 69.51 -41.53 33.96
CA ILE C 356 68.86 -42.72 33.49
C ILE C 356 69.25 -42.63 32.02
N SER C 357 69.90 -43.68 31.52
CA SER C 357 70.39 -43.68 30.17
C SER C 357 69.39 -44.35 29.26
N LYS C 358 69.58 -44.15 27.94
CA LYS C 358 68.75 -44.76 26.90
C LYS C 358 68.77 -46.24 27.16
N GLN C 359 69.98 -46.82 27.28
CA GLN C 359 70.15 -48.23 27.66
C GLN C 359 69.26 -48.69 28.83
N GLU C 360 69.28 -47.92 29.93
CA GLU C 360 68.53 -48.31 31.12
C GLU C 360 67.04 -48.26 30.90
N TYR C 361 66.60 -47.27 30.14
CA TYR C 361 65.20 -47.14 29.86
C TYR C 361 64.69 -48.36 29.10
N ASP C 362 65.50 -48.90 28.18
CA ASP C 362 65.15 -50.09 27.41
C ASP C 362 65.04 -51.30 28.30
N GLU C 363 66.13 -51.37 29.10
CA GLU C 363 66.32 -52.41 30.08
C GLU C 363 65.04 -52.41 30.91
N SER C 364 64.66 -51.28 31.54
CA SER C 364 63.60 -51.34 32.53
C SER C 364 62.23 -50.96 32.02
N GLY C 365 62.18 -49.87 31.30
CA GLY C 365 60.91 -49.35 30.85
C GLY C 365 60.81 -47.97 31.45
N PRO C 366 59.64 -47.32 31.59
CA PRO C 366 59.46 -46.04 32.30
C PRO C 366 59.50 -46.00 33.83
N SER C 367 59.22 -47.15 34.45
CA SER C 367 59.21 -47.33 35.87
C SER C 367 60.54 -46.89 36.49
N ILE C 368 61.69 -47.23 35.92
CA ILE C 368 63.00 -46.88 36.45
C ILE C 368 63.13 -45.47 37.01
N VAL C 369 62.32 -44.45 36.60
CA VAL C 369 62.39 -43.09 37.16
C VAL C 369 62.19 -43.17 38.64
N HIS C 370 61.40 -44.10 39.18
CA HIS C 370 61.13 -44.16 40.60
C HIS C 370 62.30 -44.67 41.39
N ARG C 371 63.16 -45.37 40.71
CA ARG C 371 64.24 -46.01 41.39
C ARG C 371 65.32 -45.00 41.41
N LYS C 372 65.61 -44.37 40.27
CA LYS C 372 66.82 -43.60 40.21
C LYS C 372 66.77 -42.19 40.59
N CYS C 373 65.56 -41.67 40.66
CA CYS C 373 65.37 -40.28 41.00
C CYS C 373 64.75 -40.19 42.41
N PHE C 374 65.56 -40.84 43.35
CA PHE C 374 65.60 -40.94 44.86
C PHE C 374 65.96 -42.13 45.80
N ASP D 1 -1.01 -21.01 66.19
CA ASP D 1 -2.31 -21.47 65.66
C ASP D 1 -3.08 -20.51 64.68
N ASP D 2 -2.66 -20.66 63.40
CA ASP D 2 -3.10 -19.97 62.17
C ASP D 2 -2.73 -18.50 62.10
N ASP D 3 -3.24 -17.76 63.05
CA ASP D 3 -2.95 -16.37 63.08
C ASP D 3 -1.92 -16.55 64.17
N ILE D 4 -0.83 -16.52 63.39
CA ILE D 4 0.56 -16.64 63.75
C ILE D 4 1.08 -18.06 63.74
N ALA D 5 1.78 -17.82 62.62
CA ALA D 5 2.39 -18.80 61.77
C ALA D 5 2.95 -17.87 60.68
N ALA D 6 4.18 -18.21 60.30
CA ALA D 6 4.86 -17.63 59.20
C ALA D 6 4.11 -18.07 57.94
N LEU D 7 4.26 -17.34 56.86
CA LEU D 7 3.66 -17.71 55.60
C LEU D 7 4.80 -18.29 54.77
N VAL D 8 4.78 -19.53 54.29
CA VAL D 8 5.88 -19.95 53.44
C VAL D 8 5.55 -19.53 51.98
N VAL D 9 6.39 -18.85 51.22
CA VAL D 9 6.12 -18.44 49.84
C VAL D 9 7.24 -19.11 49.05
N ASP D 10 6.84 -20.02 48.16
CA ASP D 10 7.82 -20.68 47.34
C ASP D 10 7.65 -20.09 45.99
N ASN D 11 8.73 -19.53 45.45
CA ASN D 11 8.73 -18.77 44.20
C ASN D 11 9.37 -19.51 43.08
N GLY D 12 8.48 -20.20 42.35
CA GLY D 12 8.89 -20.96 41.21
C GLY D 12 8.67 -20.18 39.91
N SER D 13 9.55 -20.59 38.98
CA SER D 13 9.56 -20.19 37.60
C SER D 13 8.22 -20.47 36.88
N GLY D 14 7.59 -21.59 37.10
CA GLY D 14 6.32 -21.85 36.51
C GLY D 14 5.15 -21.68 37.46
N MET D 15 5.37 -22.00 38.73
CA MET D 15 4.36 -22.07 39.77
C MET D 15 4.79 -21.43 41.10
N CYS D 16 3.89 -20.84 41.87
CA CYS D 16 4.17 -20.29 43.18
C CYS D 16 3.27 -21.06 44.10
N LYS D 17 3.68 -21.42 45.30
CA LYS D 17 2.86 -22.15 46.26
C LYS D 17 3.11 -21.38 47.55
N ALA D 18 2.02 -21.02 48.24
CA ALA D 18 2.06 -20.17 49.42
C ALA D 18 1.09 -20.66 50.46
N GLY D 19 1.49 -20.67 51.71
CA GLY D 19 0.62 -21.19 52.73
C GLY D 19 1.12 -20.79 54.09
N PHE D 20 0.67 -21.59 55.04
CA PHE D 20 0.95 -21.28 56.40
C PHE D 20 1.76 -22.39 57.02
N ALA D 21 2.80 -21.95 57.76
CA ALA D 21 3.68 -22.87 58.44
C ALA D 21 2.84 -23.60 59.49
N GLY D 22 3.19 -24.90 59.51
CA GLY D 22 2.50 -25.91 60.28
C GLY D 22 1.55 -26.69 59.41
N ASP D 23 1.37 -26.35 58.13
CA ASP D 23 0.45 -27.05 57.24
C ASP D 23 1.14 -28.04 56.28
N ASP D 24 0.30 -29.03 56.09
CA ASP D 24 0.58 -30.15 55.24
C ASP D 24 0.69 -29.73 53.75
N ALA D 25 -0.19 -28.96 53.13
CA ALA D 25 0.01 -28.64 51.71
C ALA D 25 -0.11 -27.15 51.43
N PRO D 26 0.43 -26.60 50.37
CA PRO D 26 0.17 -25.24 49.93
C PRO D 26 -1.29 -24.84 49.85
N ARG D 27 -1.74 -23.72 50.43
CA ARG D 27 -3.13 -23.29 50.28
C ARG D 27 -3.35 -22.61 48.94
N ALA D 28 -2.38 -21.91 48.36
CA ALA D 28 -2.58 -21.23 47.10
C ALA D 28 -1.50 -21.73 46.18
N VAL D 29 -1.81 -22.47 45.10
CA VAL D 29 -0.75 -22.77 44.17
C VAL D 29 -1.09 -21.93 42.96
N PHE D 30 -0.28 -21.10 42.30
CA PHE D 30 -0.80 -20.40 41.14
C PHE D 30 0.22 -20.27 40.08
N PRO D 31 -0.17 -20.06 38.81
CA PRO D 31 0.70 -19.65 37.71
C PRO D 31 1.61 -18.44 37.93
N SER D 32 2.93 -18.52 37.66
CA SER D 32 3.79 -17.34 37.86
C SER D 32 3.89 -16.41 36.63
N ILE D 33 0.37 -9.58 38.08
CA ILE D 33 0.50 -8.20 37.66
C ILE D 33 -0.83 -7.58 37.21
N VAL D 34 -0.94 -6.26 37.42
CA VAL D 34 -2.03 -5.40 36.94
C VAL D 34 -1.38 -4.54 35.89
N GLY D 35 -1.97 -4.42 34.71
CA GLY D 35 -1.34 -3.64 33.67
C GLY D 35 -2.26 -2.57 33.15
N ARG D 36 -1.91 -1.31 33.35
CA ARG D 36 -2.74 -0.21 32.83
C ARG D 36 -2.06 0.37 31.57
N PRO D 37 -2.81 0.59 30.48
CA PRO D 37 -2.32 1.12 29.22
C PRO D 37 -1.36 2.27 29.22
N ARG D 38 -1.28 3.23 30.15
CA ARG D 38 -0.36 4.38 30.05
C ARG D 38 -0.35 5.04 28.63
N HIS D 39 -1.56 4.97 28.04
CA HIS D 39 -2.05 5.50 26.76
C HIS D 39 -3.44 4.92 26.68
N GLN D 40 -4.45 5.78 26.89
CA GLN D 40 -5.87 5.44 26.76
C GLN D 40 -6.00 4.36 25.66
N GLY D 41 -6.35 3.20 26.22
CA GLY D 41 -6.52 2.02 25.42
C GLY D 41 -7.95 1.58 25.55
N VAL D 42 -8.12 0.39 24.90
CA VAL D 42 -9.29 -0.54 24.80
C VAL D 42 -9.59 -1.06 23.37
N MET D 43 -9.55 -2.39 23.33
CA MET D 43 -9.85 -3.14 22.12
C MET D 43 -11.37 -3.01 21.98
N VAL D 44 -11.95 -2.91 20.77
CA VAL D 44 -13.42 -2.89 20.61
C VAL D 44 -13.92 -4.35 20.43
N GLY D 45 -13.80 -4.93 21.61
CA GLY D 45 -14.16 -6.27 21.99
C GLY D 45 -13.68 -6.40 23.43
N MET D 46 -14.04 -5.30 24.12
CA MET D 46 -13.90 -5.06 25.54
C MET D 46 -14.34 -3.61 25.91
N GLY D 47 -14.80 -3.51 27.17
CA GLY D 47 -15.35 -2.28 27.76
C GLY D 47 -14.21 -1.27 27.85
N GLN D 48 -14.36 0.02 28.24
CA GLN D 48 -13.17 0.85 28.42
C GLN D 48 -12.69 0.32 29.78
N LYS D 49 -11.79 -0.67 29.57
CA LYS D 49 -10.99 -1.51 30.47
C LYS D 49 -9.55 -1.04 30.39
N ASP D 50 -9.12 -0.31 31.40
CA ASP D 50 -7.75 0.13 31.39
C ASP D 50 -6.95 -0.49 32.52
N SER D 51 -7.33 -1.64 33.11
CA SER D 51 -6.43 -2.39 33.97
C SER D 51 -6.60 -3.79 33.42
N TYR D 52 -5.62 -4.44 32.82
CA TYR D 52 -5.79 -5.82 32.44
C TYR D 52 -5.11 -6.54 33.61
N VAL D 53 -5.55 -7.70 34.05
CA VAL D 53 -5.01 -8.37 35.24
C VAL D 53 -4.52 -9.79 34.90
N GLY D 54 -3.45 -10.31 35.51
CA GLY D 54 -3.07 -11.69 35.28
C GLY D 54 -2.46 -11.89 33.91
N ASP D 55 -2.95 -12.90 33.18
CA ASP D 55 -2.42 -13.33 31.83
C ASP D 55 -2.87 -12.61 30.55
N GLU D 56 -4.08 -12.05 30.60
CA GLU D 56 -4.59 -11.14 29.58
C GLU D 56 -3.85 -9.82 29.66
N ALA D 57 -2.85 -9.70 30.53
CA ALA D 57 -2.04 -8.52 30.60
C ALA D 57 -0.63 -9.00 30.35
N GLN D 58 -0.39 -10.28 30.28
CA GLN D 58 0.93 -10.76 29.98
C GLN D 58 1.00 -10.52 28.44
N SER D 59 -0.07 -10.90 27.73
CA SER D 59 -0.15 -10.85 26.27
C SER D 59 -0.49 -9.49 25.64
N LYS D 60 -0.02 -8.45 26.31
CA LYS D 60 -0.10 -7.05 25.91
C LYS D 60 0.91 -6.36 26.82
N ARG D 61 1.82 -7.10 27.50
CA ARG D 61 2.80 -6.60 28.47
C ARG D 61 3.73 -5.59 27.85
N GLY D 62 4.06 -5.95 26.59
CA GLY D 62 4.82 -5.13 25.68
C GLY D 62 4.08 -3.84 25.42
N ILE D 63 2.76 -3.79 25.24
CA ILE D 63 2.10 -2.51 25.01
C ILE D 63 1.57 -1.86 26.26
N LEU D 64 1.81 -2.42 27.47
CA LEU D 64 1.19 -1.92 28.69
C LEU D 64 2.16 -1.62 29.80
N THR D 65 1.80 -0.78 30.79
CA THR D 65 2.66 -0.66 31.99
C THR D 65 2.09 -1.49 33.18
N LEU D 66 2.93 -2.42 33.62
CA LEU D 66 2.59 -3.38 34.64
C LEU D 66 3.03 -3.12 36.08
N LYS D 67 2.11 -3.03 37.04
CA LYS D 67 2.41 -2.93 38.47
C LYS D 67 2.30 -4.31 39.16
N TYR D 68 3.30 -4.64 39.98
CA TYR D 68 3.40 -5.86 40.78
C TYR D 68 2.94 -5.55 42.20
N PRO D 69 8.05 -13.11 35.66
CA PRO D 69 9.05 -12.48 36.50
C PRO D 69 10.25 -13.39 36.73
N ILE D 70 9.99 -14.64 37.09
CA ILE D 70 11.01 -15.52 37.58
C ILE D 70 11.41 -16.28 36.35
N GLU D 71 12.70 -16.52 36.16
CA GLU D 71 13.21 -17.09 34.95
C GLU D 71 14.45 -17.92 35.22
N HIS D 72 16.83 -15.10 37.31
CA HIS D 72 17.58 -16.04 38.23
C HIS D 72 16.92 -16.71 39.36
N GLY D 73 14.73 -19.78 37.51
CA GLY D 73 14.76 -19.64 38.95
C GLY D 73 15.07 -18.26 39.48
N ILE D 74 15.65 -17.35 38.67
CA ILE D 74 16.14 -16.04 39.09
C ILE D 74 15.14 -14.95 38.70
N VAL D 75 14.92 -13.86 39.46
CA VAL D 75 13.90 -12.86 39.13
C VAL D 75 14.59 -11.84 38.25
N THR D 76 13.93 -11.72 37.07
CA THR D 76 14.38 -10.81 36.01
C THR D 76 13.58 -9.51 36.07
N ASN D 77 12.38 -9.54 36.64
CA ASN D 77 11.53 -8.38 36.62
C ASN D 77 11.08 -8.10 38.03
N TRP D 78 11.60 -7.06 38.62
CA TRP D 78 11.25 -6.78 39.98
C TRP D 78 9.90 -6.13 40.26
N ASP D 79 9.25 -5.30 39.44
CA ASP D 79 7.96 -4.78 39.88
C ASP D 79 6.91 -5.82 39.58
N ASP D 80 7.08 -6.66 38.54
CA ASP D 80 6.09 -7.71 38.38
C ASP D 80 6.26 -8.83 39.40
N MET D 81 7.46 -9.16 39.90
CA MET D 81 7.51 -10.00 41.11
C MET D 81 6.80 -9.24 42.26
N GLU D 82 6.96 -7.92 42.45
CA GLU D 82 6.28 -7.23 43.53
C GLU D 82 4.80 -7.39 43.43
N LYS D 83 4.28 -7.31 42.23
CA LYS D 83 2.86 -7.61 42.03
C LYS D 83 2.48 -9.00 42.54
N ILE D 84 3.26 -10.04 42.19
CA ILE D 84 2.90 -11.39 42.55
C ILE D 84 2.75 -11.53 44.04
N TRP D 85 3.74 -10.97 44.74
CA TRP D 85 3.75 -11.07 46.21
C TRP D 85 2.54 -10.33 46.74
N HIS D 86 2.30 -9.05 46.47
CA HIS D 86 1.07 -8.36 46.86
C HIS D 86 -0.18 -9.21 46.68
N HIS D 87 -0.39 -9.86 45.54
CA HIS D 87 -1.46 -10.83 45.25
C HIS D 87 -1.40 -12.09 46.16
N THR D 88 -0.23 -12.68 46.42
CA THR D 88 -0.07 -13.75 47.40
C THR D 88 -0.76 -13.35 48.75
N PHE D 89 -0.37 -12.20 49.35
CA PHE D 89 -0.86 -11.81 50.68
C PHE D 89 -2.29 -11.29 50.66
N TYR D 90 -2.49 -10.24 49.87
CA TYR D 90 -3.75 -9.53 49.79
C TYR D 90 -4.83 -10.17 48.99
N ASN D 91 -4.62 -11.18 48.17
CA ASN D 91 -5.72 -11.75 47.43
C ASN D 91 -5.75 -13.25 47.60
N GLU D 92 -4.59 -13.95 47.68
CA GLU D 92 -4.66 -15.37 47.84
C GLU D 92 -4.73 -15.84 49.29
N LEU D 93 -3.86 -15.43 50.19
CA LEU D 93 -3.96 -15.97 51.53
C LEU D 93 -4.84 -15.08 52.40
N ARG D 94 -5.05 -13.82 51.94
CA ARG D 94 -5.94 -12.80 52.56
C ARG D 94 -5.40 -12.38 53.97
N VAL D 95 -4.10 -12.07 53.89
CA VAL D 95 -3.22 -11.87 55.01
C VAL D 95 -2.65 -10.44 54.99
N ALA D 96 -2.07 -10.10 56.13
CA ALA D 96 -1.48 -8.82 56.32
C ALA D 96 -0.02 -9.08 56.53
N PRO D 97 0.83 -8.49 55.73
CA PRO D 97 2.25 -8.74 55.78
C PRO D 97 2.91 -8.33 57.08
N GLU D 98 2.43 -7.26 57.74
CA GLU D 98 3.07 -6.71 58.95
C GLU D 98 2.89 -7.38 60.33
N GLU D 99 2.29 -8.57 60.26
CA GLU D 99 1.93 -9.40 61.39
C GLU D 99 2.49 -10.83 61.28
N HIS D 100 3.13 -11.22 60.16
CA HIS D 100 3.57 -12.61 59.91
C HIS D 100 4.99 -12.53 59.41
N PRO D 101 5.88 -13.35 59.94
CA PRO D 101 7.16 -13.48 59.32
C PRO D 101 7.03 -14.27 58.02
N VAL D 102 7.86 -14.01 57.02
CA VAL D 102 7.81 -14.81 55.82
C VAL D 102 9.07 -15.64 55.53
N LEU D 103 8.91 -16.90 55.09
CA LEU D 103 10.08 -17.60 54.68
C LEU D 103 9.94 -17.53 53.17
N LEU D 104 10.82 -16.93 52.41
CA LEU D 104 10.66 -16.86 50.96
C LEU D 104 11.59 -17.90 50.40
N THR D 105 11.37 -18.76 49.42
CA THR D 105 12.51 -19.56 49.01
C THR D 105 13.28 -18.93 47.90
N GLU D 106 14.46 -19.43 47.59
CA GLU D 106 15.28 -18.87 46.53
C GLU D 106 16.08 -19.94 45.75
N ALA D 107 16.50 -19.65 44.53
CA ALA D 107 17.32 -20.54 43.73
C ALA D 107 18.66 -20.83 44.37
N PRO D 108 19.19 -22.06 44.30
CA PRO D 108 20.60 -22.37 44.50
C PRO D 108 21.41 -21.42 43.64
N LEU D 109 22.49 -20.90 44.20
CA LEU D 109 23.34 -19.94 43.52
C LEU D 109 22.63 -18.61 43.09
N ASN D 110 21.57 -18.15 43.79
CA ASN D 110 20.83 -16.91 43.44
C ASN D 110 21.76 -15.71 43.55
N PRO D 111 21.90 -14.83 42.54
CA PRO D 111 22.77 -13.68 42.61
C PRO D 111 22.67 -12.82 43.88
N LYS D 112 23.79 -12.32 44.40
CA LYS D 112 23.91 -11.44 45.56
C LYS D 112 22.87 -10.37 45.69
N ALA D 113 22.77 -9.53 44.66
CA ALA D 113 21.89 -8.40 44.65
C ALA D 113 20.42 -8.79 44.62
N ASN D 114 20.13 -10.01 44.19
CA ASN D 114 18.78 -10.51 44.21
C ASN D 114 18.40 -10.78 45.60
N ARG D 115 19.24 -11.45 46.38
CA ARG D 115 18.95 -11.77 47.78
C ARG D 115 18.69 -10.50 48.54
N GLU D 116 19.50 -9.48 48.29
CA GLU D 116 19.32 -8.17 48.89
C GLU D 116 18.07 -7.56 48.34
N LYS D 117 17.74 -7.51 47.04
CA LYS D 117 16.50 -6.86 46.69
C LYS D 117 15.31 -7.56 47.29
N MET D 118 15.26 -8.87 47.48
CA MET D 118 14.09 -9.42 48.09
C MET D 118 14.08 -9.18 49.58
N THR D 119 15.23 -8.94 50.27
CA THR D 119 15.24 -8.49 51.67
C THR D 119 14.67 -7.05 51.82
N GLN D 120 15.20 -6.20 50.96
CA GLN D 120 14.78 -4.84 50.70
C GLN D 120 13.27 -4.72 50.59
N ILE D 121 12.63 -5.25 49.50
CA ILE D 121 11.18 -5.21 49.25
C ILE D 121 10.34 -5.69 50.44
N MET D 122 10.69 -6.90 50.87
CA MET D 122 9.97 -7.52 51.95
C MET D 122 9.97 -6.60 53.11
N PHE D 123 11.10 -5.98 53.51
CA PHE D 123 11.07 -5.13 54.70
C PHE D 123 10.49 -3.74 54.57
N GLU D 124 10.95 -3.02 53.57
CA GLU D 124 10.51 -1.65 53.33
C GLU D 124 9.15 -1.52 52.68
N THR D 125 8.89 -2.34 51.64
CA THR D 125 7.66 -2.33 50.87
C THR D 125 6.62 -3.14 51.54
N PHE D 126 6.84 -4.31 52.16
CA PHE D 126 5.73 -4.99 52.85
C PHE D 126 5.73 -4.92 54.36
N ASN D 127 6.79 -4.34 54.93
CA ASN D 127 6.92 -4.08 56.36
C ASN D 127 6.68 -5.36 57.12
N THR D 128 7.64 -6.24 56.90
CA THR D 128 7.59 -7.62 57.40
C THR D 128 8.24 -7.67 58.77
N PRO D 129 7.66 -8.27 59.81
CA PRO D 129 8.23 -8.36 61.13
C PRO D 129 9.60 -8.99 61.06
N ALA D 130 9.76 -9.97 60.14
CA ALA D 130 10.94 -10.82 59.97
C ALA D 130 10.86 -11.62 58.70
N MET D 131 12.02 -12.09 58.29
CA MET D 131 12.07 -12.91 57.14
C MET D 131 13.32 -13.75 57.10
N TYR D 132 13.23 -14.85 56.32
CA TYR D 132 14.34 -15.71 56.01
C TYR D 132 14.15 -16.15 54.52
N VAL D 133 15.32 -16.43 53.91
CA VAL D 133 15.42 -16.86 52.56
C VAL D 133 16.21 -18.17 52.62
N ALA D 134 15.52 -19.26 52.36
CA ALA D 134 16.12 -20.57 52.20
C ALA D 134 16.23 -21.03 50.69
N ILE D 135 17.33 -21.71 50.35
CA ILE D 135 17.55 -22.31 49.03
C ILE D 135 16.51 -23.38 48.89
N GLN D 136 15.93 -23.64 47.72
CA GLN D 136 14.83 -24.63 47.61
C GLN D 136 15.18 -26.06 47.85
N ALA D 137 16.33 -26.57 47.35
CA ALA D 137 16.76 -27.94 47.50
C ALA D 137 16.97 -28.32 48.96
N VAL D 138 17.43 -27.42 49.81
CA VAL D 138 17.64 -27.70 51.21
C VAL D 138 16.32 -27.95 51.95
N LEU D 139 15.18 -27.39 51.54
CA LEU D 139 13.86 -27.63 52.19
C LEU D 139 13.28 -28.93 51.63
N SER D 140 13.55 -29.29 50.36
CA SER D 140 13.28 -30.63 49.88
C SER D 140 13.91 -31.70 50.79
N LEU D 141 15.20 -31.54 51.18
CA LEU D 141 15.87 -32.47 52.06
C LEU D 141 15.33 -32.60 53.51
N TYR D 142 15.12 -31.45 54.15
CA TYR D 142 14.57 -31.43 55.48
C TYR D 142 13.20 -32.12 55.47
N ALA D 143 12.34 -31.85 54.47
CA ALA D 143 11.03 -32.48 54.39
C ALA D 143 11.07 -34.01 54.17
N SER D 144 12.20 -34.62 53.73
CA SER D 144 12.31 -36.07 53.62
C SER D 144 12.85 -36.66 54.90
N GLY D 145 12.37 -38.63 54.18
CA GLY D 145 12.44 -39.35 55.43
C GLY D 145 13.87 -39.63 55.72
N ARG D 146 14.71 -38.64 55.55
CA ARG D 146 16.10 -38.94 55.68
C ARG D 146 16.75 -37.72 56.27
N THR D 147 17.90 -38.04 56.84
CA THR D 147 18.71 -37.11 57.61
C THR D 147 20.16 -36.95 57.15
N THR D 148 20.67 -37.91 56.41
CA THR D 148 22.01 -37.80 55.88
C THR D 148 21.84 -38.03 54.36
N GLY D 149 22.58 -37.43 53.45
CA GLY D 149 22.31 -37.65 52.06
C GLY D 149 22.83 -36.45 51.35
N ILE D 150 22.59 -36.31 50.07
CA ILE D 150 22.92 -35.11 49.33
C ILE D 150 21.74 -34.99 48.38
N VAL D 151 21.30 -33.75 48.25
CA VAL D 151 20.13 -33.41 47.45
C VAL D 151 20.69 -32.71 46.25
N MET D 152 20.03 -32.85 45.13
CA MET D 152 20.46 -32.16 43.94
C MET D 152 19.23 -31.35 43.62
N ASP D 153 19.25 -30.04 43.79
CA ASP D 153 18.01 -29.28 43.72
C ASP D 153 17.98 -28.45 42.47
N SER D 154 17.03 -28.63 41.56
CA SER D 154 17.06 -27.86 40.33
C SER D 154 15.72 -27.20 40.11
N GLY D 155 15.80 -25.90 40.36
CA GLY D 155 14.62 -25.06 40.20
C GLY D 155 14.55 -24.30 38.87
N ASP D 156 14.34 -22.98 38.91
CA ASP D 156 14.21 -22.18 37.70
C ASP D 156 15.45 -21.35 37.49
N GLY D 157 16.05 -20.91 38.59
CA GLY D 157 17.19 -20.06 38.47
C GLY D 157 18.46 -20.69 38.95
N VAL D 158 18.50 -21.76 39.75
CA VAL D 158 19.75 -22.38 40.17
C VAL D 158 19.62 -23.88 40.45
N THR D 159 20.80 -24.46 40.54
CA THR D 159 20.96 -25.85 40.91
C THR D 159 22.06 -25.86 41.95
N HIS D 160 21.83 -26.64 42.98
CA HIS D 160 22.90 -26.88 43.94
C HIS D 160 22.90 -28.33 44.33
N THR D 161 24.11 -28.74 44.65
CA THR D 161 24.32 -30.05 45.24
C THR D 161 24.72 -29.69 46.70
N VAL D 162 24.03 -30.27 47.69
CA VAL D 162 24.16 -29.89 49.08
C VAL D 162 24.45 -31.20 49.77
N PRO D 163 25.61 -31.54 50.37
CA PRO D 163 25.73 -32.67 51.28
C PRO D 163 25.18 -32.38 52.69
N ILE D 164 24.33 -33.20 53.27
CA ILE D 164 23.72 -32.99 54.56
C ILE D 164 24.11 -34.15 55.49
N TYR D 165 24.73 -33.86 56.63
CA TYR D 165 25.06 -34.81 57.68
C TYR D 165 24.15 -34.48 58.86
N GLU D 166 23.27 -35.43 59.15
CA GLU D 166 22.36 -35.35 60.23
C GLU D 166 21.46 -34.12 60.26
N GLY D 167 20.85 -33.69 59.15
CA GLY D 167 20.01 -32.50 59.11
C GLY D 167 20.76 -31.16 58.94
N TYR D 168 22.05 -31.21 58.62
CA TYR D 168 22.89 -30.03 58.62
C TYR D 168 23.63 -30.08 57.31
N ALA D 169 23.41 -29.04 56.53
CA ALA D 169 24.00 -28.88 55.22
C ALA D 169 25.46 -28.60 55.42
N LEU D 170 26.36 -29.10 54.57
CA LEU D 170 27.74 -28.85 54.82
C LEU D 170 28.22 -27.73 53.89
N PRO D 171 28.17 -26.45 54.26
CA PRO D 171 28.37 -25.30 53.37
C PRO D 171 29.66 -25.31 52.56
N HIS D 172 30.79 -25.81 53.07
CA HIS D 172 31.97 -25.93 52.21
C HIS D 172 31.82 -26.82 50.94
N ALA D 173 30.99 -27.88 51.02
CA ALA D 173 30.90 -28.81 49.92
C ALA D 173 29.70 -28.50 49.06
N ILE D 174 28.93 -27.42 49.35
CA ILE D 174 27.78 -27.00 48.54
C ILE D 174 28.37 -26.37 47.28
N LEU D 175 27.74 -26.70 46.16
CA LEU D 175 28.18 -26.26 44.85
C LEU D 175 26.90 -25.77 44.17
N ARG D 176 27.05 -24.65 43.47
CA ARG D 176 25.98 -23.90 42.79
C ARG D 176 26.25 -23.87 41.32
N LEU D 177 25.18 -24.11 40.57
CA LEU D 177 25.22 -24.15 39.12
C LEU D 177 24.07 -23.29 38.65
N ASP D 178 24.51 -22.36 37.83
CA ASP D 178 23.57 -21.42 37.33
C ASP D 178 23.11 -21.81 35.93
N LEU D 179 22.28 -22.83 36.01
CA LEU D 179 21.65 -23.40 34.85
C LEU D 179 20.54 -24.26 35.46
N ALA D 180 19.31 -23.90 35.15
CA ALA D 180 18.16 -24.58 35.68
C ALA D 180 17.01 -24.38 34.70
N GLY D 181 15.74 -24.68 35.03
CA GLY D 181 14.59 -24.56 34.14
C GLY D 181 14.50 -23.39 33.13
N ARG D 182 14.91 -22.17 33.44
CA ARG D 182 14.77 -21.06 32.50
C ARG D 182 15.78 -21.20 31.37
N ASP D 183 16.95 -21.72 31.73
CA ASP D 183 18.02 -21.94 30.79
C ASP D 183 17.57 -22.96 29.77
N LEU D 184 16.76 -23.93 30.20
CA LEU D 184 16.26 -24.98 29.35
C LEU D 184 15.04 -24.55 28.57
N THR D 185 14.16 -23.67 29.04
CA THR D 185 13.08 -23.12 28.20
C THR D 185 13.61 -22.27 27.06
N ASP D 186 14.61 -21.48 27.38
CA ASP D 186 15.31 -20.66 26.44
C ASP D 186 16.07 -21.34 25.33
N TYR D 187 16.73 -22.44 25.68
CA TYR D 187 17.49 -23.20 24.72
C TYR D 187 16.59 -24.02 23.84
N LEU D 188 15.42 -24.40 24.33
CA LEU D 188 14.44 -25.12 23.56
C LEU D 188 13.92 -24.21 22.46
N MET D 189 13.53 -22.96 22.78
CA MET D 189 12.97 -21.97 21.85
C MET D 189 13.94 -21.64 20.73
N LYS D 190 15.25 -21.52 21.04
CA LYS D 190 16.29 -21.29 20.05
C LYS D 190 16.43 -22.54 19.22
N ILE D 191 16.49 -23.76 19.72
CA ILE D 191 16.65 -24.83 18.76
C ILE D 191 15.33 -24.93 17.97
N LEU D 192 14.14 -24.67 18.51
CA LEU D 192 12.87 -24.69 17.74
C LEU D 192 12.76 -23.57 16.65
N THR D 193 13.18 -22.34 16.93
CA THR D 193 13.27 -21.18 16.02
C THR D 193 14.39 -21.39 14.98
N GLU D 194 15.40 -22.19 15.32
CA GLU D 194 16.48 -22.53 14.38
C GLU D 194 15.83 -23.38 13.33
N ARG D 195 14.82 -24.20 13.66
CA ARG D 195 14.12 -25.00 12.66
C ARG D 195 13.14 -24.10 11.86
N GLY D 196 13.38 -22.78 11.78
CA GLY D 196 12.47 -21.84 11.15
C GLY D 196 11.06 -21.82 11.79
N TYR D 197 10.97 -21.77 13.13
CA TYR D 197 9.68 -21.65 13.81
C TYR D 197 9.65 -20.23 14.31
N SER D 198 8.45 -19.88 14.75
CA SER D 198 8.17 -18.48 15.01
C SER D 198 7.46 -18.37 16.35
N PHE D 199 8.13 -17.90 17.41
CA PHE D 199 7.47 -17.75 18.71
C PHE D 199 7.33 -16.29 18.99
N THR D 200 6.75 -15.67 17.95
CA THR D 200 6.82 -14.23 17.98
C THR D 200 5.89 -13.51 18.94
N THR D 201 4.78 -14.04 19.47
CA THR D 201 3.96 -13.17 20.32
C THR D 201 3.72 -13.44 21.80
N THR D 202 4.50 -12.74 22.65
CA THR D 202 4.45 -12.70 24.13
C THR D 202 3.96 -13.94 24.91
N ALA D 203 2.65 -14.27 24.82
CA ALA D 203 2.01 -15.43 25.42
C ALA D 203 2.85 -16.54 24.87
N GLU D 204 2.93 -16.69 23.53
CA GLU D 204 3.68 -17.80 22.97
C GLU D 204 5.19 -17.87 23.31
N ARG D 205 5.79 -16.93 24.08
CA ARG D 205 7.16 -17.11 24.63
C ARG D 205 7.08 -18.05 25.85
N GLU D 206 5.92 -18.00 26.46
CA GLU D 206 5.52 -18.91 27.50
C GLU D 206 4.98 -20.18 26.86
N ILE D 207 4.86 -20.35 25.55
CA ILE D 207 4.37 -21.62 25.00
C ILE D 207 5.50 -22.65 24.80
N VAL D 208 6.76 -22.19 24.83
CA VAL D 208 7.87 -23.11 24.84
C VAL D 208 7.94 -23.79 26.22
N ARG D 209 7.58 -23.12 27.33
CA ARG D 209 7.54 -23.67 28.69
C ARG D 209 6.71 -24.91 28.67
N ASP D 210 5.54 -24.96 28.05
CA ASP D 210 4.72 -26.18 28.00
C ASP D 210 5.27 -27.25 27.07
N ILE D 211 5.92 -26.95 25.92
CA ILE D 211 6.49 -28.02 25.10
C ILE D 211 7.60 -28.69 25.96
N LYS D 212 8.44 -27.87 26.59
CA LYS D 212 9.57 -28.25 27.39
C LYS D 212 9.07 -29.15 28.44
N GLU D 213 8.06 -28.71 29.15
CA GLU D 213 7.66 -29.55 30.24
C GLU D 213 6.87 -30.69 29.68
N LYS D 214 6.19 -30.59 28.52
CA LYS D 214 5.36 -31.71 28.12
C LYS D 214 5.99 -32.78 27.30
N LEU D 215 7.02 -32.49 26.53
CA LEU D 215 7.57 -33.46 25.59
C LEU D 215 9.01 -33.77 25.92
N CYS D 216 9.79 -32.93 26.66
CA CYS D 216 11.17 -33.30 26.93
C CYS D 216 11.33 -34.52 27.79
N TYR D 217 12.53 -35.06 27.56
CA TYR D 217 12.99 -36.37 27.95
C TYR D 217 14.50 -36.21 28.11
N VAL D 218 15.06 -37.08 28.96
CA VAL D 218 16.48 -37.22 29.15
C VAL D 218 16.77 -38.59 28.56
N ALA D 219 17.79 -38.58 27.71
CA ALA D 219 18.32 -39.72 26.98
C ALA D 219 19.31 -40.44 27.85
N LEU D 220 19.41 -41.79 27.77
CA LEU D 220 20.38 -42.62 28.51
C LEU D 220 21.70 -42.53 27.82
N ASP D 221 21.62 -42.64 26.52
CA ASP D 221 22.84 -42.46 25.79
C ASP D 221 22.53 -41.42 24.74
N PHE D 222 22.81 -40.12 24.99
CA PHE D 222 22.55 -39.07 23.99
C PHE D 222 22.91 -39.54 22.57
N GLU D 223 24.13 -40.06 22.42
CA GLU D 223 24.71 -40.58 21.16
C GLU D 223 23.84 -41.64 20.50
N GLN D 224 23.58 -42.81 21.09
CA GLN D 224 22.70 -43.72 20.44
C GLN D 224 21.29 -43.15 20.46
N GLU D 225 20.96 -42.07 21.15
CA GLU D 225 19.62 -41.52 21.08
C GLU D 225 19.48 -40.63 19.89
N MET D 226 20.54 -39.97 19.44
CA MET D 226 20.41 -39.10 18.31
C MET D 226 20.15 -39.88 17.02
N ALA D 227 20.75 -41.06 16.85
CA ALA D 227 20.46 -41.92 15.70
C ALA D 227 19.21 -42.76 15.90
N THR D 228 18.67 -42.64 17.10
CA THR D 228 17.34 -43.11 17.43
C THR D 228 16.47 -41.84 17.63
N ALA D 229 16.70 -40.95 16.65
CA ALA D 229 15.92 -39.80 16.30
C ALA D 229 16.04 -40.07 14.79
N ALA D 230 17.21 -40.19 14.11
CA ALA D 230 17.24 -40.48 12.67
C ALA D 230 16.48 -41.76 12.29
N SER D 231 16.28 -42.79 13.16
CA SER D 231 15.42 -43.93 12.87
C SER D 231 14.03 -43.57 13.39
N SER D 232 13.58 -42.41 12.95
CA SER D 232 12.42 -41.74 13.44
C SER D 232 11.19 -42.58 13.72
N SER D 233 10.20 -42.58 12.83
CA SER D 233 8.87 -43.11 13.07
C SER D 233 8.29 -42.45 14.36
N SER D 234 8.60 -42.99 15.55
CA SER D 234 8.00 -42.64 16.81
C SER D 234 8.50 -41.45 17.64
N LEU D 235 9.53 -40.72 17.21
CA LEU D 235 10.07 -39.63 18.04
C LEU D 235 9.44 -38.25 17.83
N GLU D 236 8.90 -37.92 16.64
CA GLU D 236 8.40 -36.58 16.49
C GLU D 236 7.01 -36.61 17.14
N LYS D 237 6.78 -35.57 17.93
CA LYS D 237 5.44 -35.33 18.47
C LYS D 237 5.03 -33.91 18.08
N SER D 238 3.74 -33.65 18.06
CA SER D 238 3.24 -32.31 17.73
C SER D 238 2.52 -31.55 18.87
N TYR D 239 2.82 -30.25 18.73
CA TYR D 239 2.22 -29.25 19.57
C TYR D 239 1.49 -28.19 18.71
N GLU D 240 0.35 -27.81 19.27
CA GLU D 240 -0.63 -26.95 18.65
C GLU D 240 -0.52 -25.56 19.23
N LEU D 241 -0.30 -24.61 18.38
CA LEU D 241 -0.40 -23.22 18.79
C LEU D 241 -1.85 -22.81 19.15
N PRO D 242 -2.08 -21.88 20.09
CA PRO D 242 -3.30 -21.06 20.19
C PRO D 242 -3.76 -20.59 18.79
N ASP D 243 -2.84 -20.02 18.02
CA ASP D 243 -3.00 -19.68 16.61
C ASP D 243 -3.62 -20.78 15.74
N GLY D 244 -3.91 -22.03 16.16
CA GLY D 244 -4.42 -23.11 15.28
C GLY D 244 -3.31 -23.96 14.67
N GLN D 245 -2.15 -23.33 14.37
CA GLN D 245 -0.93 -23.90 13.78
C GLN D 245 -0.29 -25.13 14.44
N VAL D 246 0.62 -25.86 13.73
CA VAL D 246 1.31 -27.00 14.32
C VAL D 246 2.84 -26.94 14.46
N ILE D 247 3.34 -27.62 15.46
CA ILE D 247 4.76 -27.64 15.79
C ILE D 247 5.05 -29.10 15.63
N THR D 248 6.24 -29.42 15.16
CA THR D 248 6.65 -30.79 15.32
C THR D 248 8.06 -30.78 15.90
N ILE D 249 8.22 -31.62 16.94
CA ILE D 249 9.46 -31.72 17.70
C ILE D 249 9.92 -33.16 17.71
N GLY D 250 11.20 -33.26 17.46
CA GLY D 250 11.84 -34.56 17.41
C GLY D 250 13.11 -34.53 18.23
N ASN D 251 14.32 -34.42 17.62
CA ASN D 251 15.55 -34.59 18.40
C ASN D 251 15.75 -33.60 19.55
N GLU D 252 15.04 -32.50 19.37
CA GLU D 252 14.93 -31.45 20.34
C GLU D 252 14.46 -31.84 21.73
N ARG D 253 13.49 -32.75 21.82
CA ARG D 253 12.91 -33.17 23.09
C ARG D 253 13.93 -33.66 24.11
N PHE D 254 14.92 -34.46 23.69
CA PHE D 254 15.95 -34.97 24.60
C PHE D 254 17.20 -34.07 24.59
N ARG D 255 17.49 -33.37 23.47
CA ARG D 255 18.56 -32.39 23.29
C ARG D 255 18.37 -31.19 24.22
N CYS D 256 17.16 -30.90 24.69
CA CYS D 256 16.92 -29.79 25.62
C CYS D 256 17.51 -30.18 27.00
N PRO D 257 16.97 -31.12 27.82
CA PRO D 257 17.53 -31.47 29.12
C PRO D 257 18.98 -31.84 29.04
N GLU D 258 19.55 -32.31 27.94
CA GLU D 258 20.99 -32.60 27.81
C GLU D 258 21.97 -31.49 28.14
N ALA D 259 21.48 -30.26 28.09
CA ALA D 259 22.30 -29.13 28.49
C ALA D 259 22.58 -29.19 30.00
N LEU D 260 21.81 -29.93 30.77
CA LEU D 260 22.09 -30.15 32.18
C LEU D 260 23.34 -30.99 32.39
N PHE D 261 23.55 -31.98 31.52
CA PHE D 261 24.67 -32.90 31.62
C PHE D 261 25.92 -32.43 30.92
N GLN D 262 25.71 -31.65 29.86
CA GLN D 262 26.75 -31.08 29.03
C GLN D 262 26.44 -29.59 28.85
N PRO D 263 26.85 -28.66 29.68
CA PRO D 263 26.51 -27.26 29.52
C PRO D 263 27.31 -26.58 28.43
N SER D 264 28.06 -27.35 27.64
CA SER D 264 28.75 -26.86 26.46
C SER D 264 27.64 -26.61 25.46
N PHE D 265 26.56 -27.41 25.48
CA PHE D 265 25.41 -27.19 24.62
C PHE D 265 24.92 -25.80 24.80
N LEU D 266 24.90 -25.29 26.00
CA LEU D 266 24.56 -23.92 26.27
C LEU D 266 25.72 -22.93 26.08
N GLY D 267 26.97 -23.31 25.78
CA GLY D 267 28.00 -22.30 25.58
C GLY D 267 28.68 -21.96 26.89
N MET D 268 28.39 -22.77 27.90
CA MET D 268 28.96 -22.71 29.25
C MET D 268 30.06 -23.72 29.48
N GLU D 269 31.04 -23.19 30.18
CA GLU D 269 32.18 -23.98 30.55
C GLU D 269 31.82 -24.96 31.68
N SER D 270 30.68 -24.83 32.36
CA SER D 270 30.38 -25.66 33.52
C SER D 270 30.28 -27.16 33.26
N CYS D 271 30.70 -27.86 34.30
CA CYS D 271 30.51 -29.28 34.45
C CYS D 271 29.02 -29.52 34.40
N GLY D 272 28.53 -30.68 34.07
CA GLY D 272 27.12 -30.90 34.20
C GLY D 272 26.80 -31.39 35.60
N ILE D 273 25.51 -31.47 35.79
CA ILE D 273 24.91 -31.94 37.03
C ILE D 273 25.42 -33.24 37.68
N HIS D 274 25.99 -34.11 36.86
CA HIS D 274 26.42 -35.42 37.33
C HIS D 274 27.80 -35.36 37.98
N GLU D 275 28.56 -34.39 37.53
CA GLU D 275 29.89 -34.17 38.02
C GLU D 275 29.86 -33.33 39.25
N THR D 276 28.95 -32.39 39.36
CA THR D 276 28.82 -31.52 40.48
C THR D 276 28.33 -32.36 41.65
N THR D 277 27.28 -33.24 41.65
CA THR D 277 27.00 -34.16 42.76
C THR D 277 28.30 -34.85 43.20
N PHE D 278 29.05 -35.47 42.29
CA PHE D 278 30.34 -36.10 42.60
C PHE D 278 31.39 -35.15 43.15
N ASN D 279 31.41 -33.88 42.85
CA ASN D 279 32.50 -33.08 43.37
C ASN D 279 32.11 -32.53 44.71
N SER D 280 30.83 -32.53 45.16
CA SER D 280 30.46 -32.11 46.50
C SER D 280 30.80 -33.29 47.42
N ILE D 281 30.35 -34.48 47.11
CA ILE D 281 30.72 -35.73 47.76
C ILE D 281 32.21 -35.79 47.97
N MET D 282 33.08 -35.42 47.06
CA MET D 282 34.47 -35.53 47.36
C MET D 282 35.05 -34.55 48.36
N LYS D 283 34.29 -33.51 48.65
CA LYS D 283 34.65 -32.40 49.52
C LYS D 283 34.19 -32.65 50.96
N CYS D 284 33.40 -33.69 51.15
CA CYS D 284 32.90 -34.02 52.48
C CYS D 284 33.84 -34.96 53.30
N ASP D 285 33.52 -35.10 54.56
CA ASP D 285 34.14 -36.02 55.48
C ASP D 285 34.17 -37.40 54.88
N VAL D 286 35.38 -37.93 54.88
CA VAL D 286 35.69 -39.27 54.41
C VAL D 286 34.72 -40.29 54.94
N ASP D 287 34.22 -40.16 56.17
CA ASP D 287 33.35 -41.19 56.78
C ASP D 287 31.84 -40.95 56.50
N ILE D 288 31.39 -39.95 55.69
CA ILE D 288 29.98 -39.91 55.41
C ILE D 288 29.78 -40.12 53.95
N ARG D 289 30.78 -40.09 53.09
CA ARG D 289 30.65 -40.27 51.66
C ARG D 289 29.82 -41.47 51.27
N LYS D 290 30.04 -42.59 51.95
CA LYS D 290 29.31 -43.78 51.60
C LYS D 290 27.84 -43.55 51.87
N ASP D 291 27.52 -42.64 52.78
CA ASP D 291 26.15 -42.35 53.08
C ASP D 291 25.59 -41.44 52.01
N LEU D 292 26.38 -40.48 51.58
CA LEU D 292 25.96 -39.55 50.53
C LEU D 292 25.74 -40.29 49.16
N TYR D 293 26.53 -41.29 48.73
CA TYR D 293 26.16 -42.07 47.55
C TYR D 293 24.91 -42.91 47.66
N ALA D 294 24.56 -43.40 48.82
CA ALA D 294 23.39 -44.24 49.01
C ALA D 294 22.12 -43.42 49.07
N ASN D 295 22.27 -42.09 49.20
CA ASN D 295 21.14 -41.19 49.41
C ASN D 295 21.33 -39.96 48.54
N THR D 296 21.25 -40.14 47.23
CA THR D 296 21.29 -39.02 46.32
C THR D 296 19.82 -38.82 46.04
N VAL D 297 19.26 -37.66 46.43
CA VAL D 297 17.84 -37.32 46.26
C VAL D 297 17.79 -36.15 45.28
N LEU D 298 16.82 -36.19 44.38
CA LEU D 298 16.71 -35.10 43.43
C LEU D 298 15.50 -34.28 43.85
N SER D 299 15.54 -32.95 43.78
CA SER D 299 14.32 -32.26 44.07
C SER D 299 14.14 -31.06 43.18
N GLY D 300 12.99 -30.44 42.97
CA GLY D 300 12.87 -29.24 42.10
C GLY D 300 12.15 -29.53 40.80
N GLY D 301 11.49 -28.58 40.13
CA GLY D 301 10.81 -28.78 38.84
C GLY D 301 11.74 -29.28 37.72
N THR D 302 12.96 -28.83 37.55
CA THR D 302 13.81 -29.28 36.47
C THR D 302 14.27 -30.74 36.73
N THR D 303 13.85 -31.47 37.79
CA THR D 303 14.29 -32.87 37.98
C THR D 303 13.15 -33.79 37.54
N MET D 304 12.14 -33.19 36.96
CA MET D 304 10.98 -33.95 36.62
C MET D 304 11.05 -34.68 35.27
N TYR D 305 12.13 -34.52 34.51
CA TYR D 305 12.25 -35.08 33.19
C TYR D 305 12.26 -36.58 33.19
N PRO D 306 11.47 -37.32 32.40
CA PRO D 306 11.65 -38.74 32.18
C PRO D 306 13.08 -39.01 31.72
N GLY D 307 13.58 -40.12 32.34
CA GLY D 307 14.96 -40.59 32.25
C GLY D 307 15.95 -39.95 33.22
N ILE D 308 15.64 -38.90 34.03
CA ILE D 308 16.72 -38.26 34.78
C ILE D 308 17.26 -39.09 35.93
N ALA D 309 16.43 -39.89 36.61
CA ALA D 309 16.92 -40.79 37.66
C ALA D 309 17.88 -41.80 37.10
N ASP D 310 17.49 -42.56 36.06
CA ASP D 310 18.37 -43.50 35.36
C ASP D 310 19.63 -42.91 34.82
N ARG D 311 19.58 -41.75 34.20
CA ARG D 311 20.75 -41.16 33.64
C ARG D 311 21.62 -40.60 34.72
N MET D 312 21.09 -40.08 35.82
CA MET D 312 21.88 -39.63 36.94
C MET D 312 22.57 -40.87 37.49
N GLN D 313 21.88 -41.97 37.81
CA GLN D 313 22.45 -43.23 38.26
C GLN D 313 23.56 -43.68 37.34
N LYS D 314 23.34 -43.98 36.06
CA LYS D 314 24.34 -44.36 35.06
C LYS D 314 25.60 -43.51 35.15
N GLU D 315 25.44 -42.22 35.37
CA GLU D 315 26.58 -41.33 35.34
C GLU D 315 27.35 -41.22 36.64
N ILE D 316 26.67 -41.35 37.77
CA ILE D 316 27.38 -41.30 39.03
C ILE D 316 28.02 -42.65 39.19
N THR D 317 27.36 -43.72 38.76
CA THR D 317 27.98 -45.03 38.73
C THR D 317 29.27 -45.10 37.92
N ALA D 318 29.46 -44.29 36.87
CA ALA D 318 30.73 -44.30 36.16
C ALA D 318 31.82 -43.55 36.93
N LEU D 319 31.58 -42.37 37.54
CA LEU D 319 32.64 -41.68 38.30
C LEU D 319 32.99 -42.31 39.68
N ALA D 320 32.00 -42.98 40.32
CA ALA D 320 32.11 -43.45 41.69
C ALA D 320 33.04 -44.62 41.81
N PRO D 321 33.83 -44.80 42.92
CA PRO D 321 34.64 -46.02 43.14
C PRO D 321 33.84 -47.29 42.80
N SER D 322 34.53 -48.31 42.28
CA SER D 322 33.87 -49.48 41.66
C SER D 322 32.97 -50.39 42.53
N THR D 323 32.75 -49.94 43.75
CA THR D 323 32.04 -50.67 44.75
C THR D 323 30.87 -49.92 45.33
N MET D 324 30.77 -48.58 45.23
CA MET D 324 29.78 -47.83 45.99
C MET D 324 28.38 -48.30 45.69
N LYS D 325 27.46 -48.50 46.63
CA LYS D 325 26.09 -48.85 46.31
C LYS D 325 25.62 -47.47 45.96
N ILE D 326 25.04 -47.16 44.81
CA ILE D 326 24.61 -45.81 44.51
C ILE D 326 23.11 -45.87 44.37
N LYS D 327 22.39 -45.11 45.17
CA LYS D 327 20.95 -45.21 45.20
C LYS D 327 20.53 -43.77 44.94
N ILE D 328 19.99 -43.52 43.76
CA ILE D 328 19.53 -42.18 43.37
C ILE D 328 18.08 -42.22 43.87
N ILE D 329 17.42 -41.18 44.44
CA ILE D 329 16.09 -41.30 45.02
C ILE D 329 15.33 -40.24 44.28
N ALA D 330 14.14 -40.53 43.79
CA ALA D 330 13.47 -39.52 43.01
C ALA D 330 12.01 -39.78 43.29
N PRO D 331 11.59 -39.25 44.49
CA PRO D 331 10.23 -39.42 44.98
C PRO D 331 9.32 -38.75 43.96
N PRO D 332 8.21 -39.35 43.59
CA PRO D 332 7.35 -38.82 42.58
C PRO D 332 6.73 -37.47 42.97
N GLU D 333 6.88 -36.93 44.20
CA GLU D 333 6.26 -35.66 44.50
C GLU D 333 7.25 -34.56 44.65
N ARG D 334 8.37 -34.76 43.99
CA ARG D 334 9.55 -33.91 44.05
C ARG D 334 9.57 -32.49 43.48
N LYS D 335 6.27 -33.16 44.17
CA LYS D 335 5.91 -31.98 43.38
C LYS D 335 5.90 -30.85 44.43
N TYR D 336 5.53 -31.11 45.70
CA TYR D 336 5.49 -30.11 46.75
C TYR D 336 6.61 -30.06 47.83
N SER D 337 7.71 -30.82 47.70
CA SER D 337 8.83 -30.86 48.63
C SER D 337 9.33 -29.48 49.06
N VAL D 338 9.70 -28.57 48.19
CA VAL D 338 10.19 -27.32 48.66
C VAL D 338 9.18 -26.62 49.58
N TRP D 339 7.88 -26.61 49.31
CA TRP D 339 6.97 -25.93 50.19
C TRP D 339 6.83 -26.70 51.50
N ILE D 340 6.72 -28.02 51.63
CA ILE D 340 6.47 -28.61 52.94
C ILE D 340 7.72 -28.70 53.78
N GLY D 341 8.89 -28.57 53.17
CA GLY D 341 10.12 -28.46 53.95
C GLY D 341 10.24 -27.12 54.67
N GLY D 342 9.76 -26.07 54.05
CA GLY D 342 9.68 -24.74 54.60
C GLY D 342 8.56 -24.64 55.62
N SER D 343 7.32 -25.06 55.34
CA SER D 343 6.31 -25.22 56.35
C SER D 343 6.73 -25.92 57.64
N ILE D 344 7.60 -26.94 57.66
CA ILE D 344 8.12 -27.69 58.82
C ILE D 344 9.04 -26.81 59.62
N LEU D 345 10.01 -26.33 58.83
CA LEU D 345 11.10 -25.49 59.30
C LEU D 345 10.50 -24.26 59.93
N ALA D 346 9.75 -23.38 59.26
CA ALA D 346 9.20 -22.20 59.87
C ALA D 346 8.16 -22.41 60.96
N SER D 347 7.87 -23.67 61.34
CA SER D 347 6.95 -23.93 62.43
C SER D 347 7.72 -24.34 63.66
N LEU D 348 8.97 -24.79 63.56
CA LEU D 348 9.74 -25.20 64.75
C LEU D 348 10.06 -23.96 65.62
N SER D 349 10.06 -24.05 66.96
CA SER D 349 10.36 -22.90 67.78
C SER D 349 11.80 -22.57 67.61
N THR D 350 12.57 -23.57 67.16
CA THR D 350 13.95 -23.48 66.68
C THR D 350 14.19 -22.25 65.74
N PHE D 351 13.29 -22.12 64.78
CA PHE D 351 13.45 -21.22 63.69
C PHE D 351 13.34 -19.77 64.06
N GLN D 352 12.56 -19.40 65.07
CA GLN D 352 12.40 -17.99 65.40
C GLN D 352 13.75 -17.40 65.76
N GLN D 353 14.74 -18.20 66.11
CA GLN D 353 16.06 -17.69 66.32
C GLN D 353 16.65 -18.24 65.03
N MET D 354 16.52 -17.51 63.95
CA MET D 354 17.12 -17.88 62.68
C MET D 354 16.72 -16.83 61.67
N TRP D 355 15.60 -16.12 61.90
CA TRP D 355 15.13 -15.03 61.05
C TRP D 355 16.04 -13.81 61.10
N ILE D 356 15.81 -12.89 60.18
CA ILE D 356 16.41 -11.58 60.11
C ILE D 356 15.19 -10.76 60.52
N SER D 357 15.33 -9.97 61.58
CA SER D 357 14.23 -9.21 62.11
C SER D 357 14.25 -7.82 61.53
N LYS D 358 13.13 -7.09 61.71
CA LYS D 358 12.97 -5.71 61.28
C LYS D 358 14.09 -4.95 61.89
N GLN D 359 14.27 -5.07 63.22
CA GLN D 359 15.41 -4.49 63.94
C GLN D 359 16.77 -4.69 63.25
N GLU D 360 17.07 -5.94 62.88
CA GLU D 360 18.37 -6.25 62.29
C GLU D 360 18.54 -5.63 60.94
N TYR D 361 17.46 -5.59 60.17
CA TYR D 361 17.51 -5.01 58.86
C TYR D 361 17.88 -3.52 58.97
N ASP D 362 17.36 -2.82 59.97
CA ASP D 362 17.66 -1.41 60.20
C ASP D 362 19.11 -1.21 60.55
N GLU D 363 19.47 -2.09 61.52
CA GLU D 363 20.80 -2.16 62.06
C GLU D 363 21.71 -2.29 60.85
N SER D 364 21.54 -3.31 60.00
CA SER D 364 22.55 -3.59 59.00
C SER D 364 22.28 -3.02 57.63
N GLY D 365 21.07 -3.21 57.17
CA GLY D 365 20.71 -2.80 55.84
C GLY D 365 20.29 -4.07 55.12
N PRO D 366 20.26 -4.17 53.78
CA PRO D 366 19.99 -5.41 53.05
C PRO D 366 21.06 -6.50 52.98
N SER D 367 22.32 -6.10 53.15
CA SER D 367 23.48 -6.96 53.15
C SER D 367 23.30 -8.12 54.12
N ILE D 368 22.84 -7.91 55.35
CA ILE D 368 22.67 -8.94 56.35
C ILE D 368 22.13 -10.28 55.84
N VAL D 369 21.38 -10.38 54.70
CA VAL D 369 20.89 -11.65 54.17
C VAL D 369 22.07 -12.55 53.92
N HIS D 370 23.25 -12.05 53.57
CA HIS D 370 24.38 -12.89 53.26
C HIS D 370 24.99 -13.51 54.48
N ARG D 371 24.74 -12.89 55.60
CA ARG D 371 25.38 -13.31 56.80
C ARG D 371 24.46 -14.35 57.36
N LYS D 372 23.17 -14.07 57.43
CA LYS D 372 22.33 -14.93 58.22
C LYS D 372 21.71 -16.08 57.55
N CYS D 373 21.73 -16.05 56.23
CA CYS D 373 21.12 -17.11 55.46
C CYS D 373 22.24 -17.92 54.77
N PHE D 374 23.13 -18.44 55.72
CA PHE D 374 24.29 -19.41 55.70
C PHE D 374 25.65 -19.43 56.47
N ASP E 1 43.31 -24.05 -14.33
CA ASP E 1 43.54 -22.94 -15.30
C ASP E 1 42.41 -22.62 -16.33
N ASP E 2 41.48 -21.80 -15.81
CA ASP E 2 40.25 -21.24 -16.42
C ASP E 2 39.16 -22.25 -16.69
N ASP E 3 39.50 -23.21 -17.51
CA ASP E 3 38.56 -24.22 -17.84
C ASP E 3 39.21 -25.20 -16.90
N ILE E 4 38.36 -25.07 -15.88
CA ILE E 4 38.35 -25.71 -14.59
C ILE E 4 39.12 -24.97 -13.52
N ALA E 5 37.99 -24.60 -12.92
CA ALA E 5 37.85 -23.59 -11.90
C ALA E 5 36.32 -23.63 -11.72
N ALA E 6 35.97 -23.57 -10.43
CA ALA E 6 34.63 -23.43 -9.98
C ALA E 6 34.19 -22.03 -10.40
N LEU E 7 32.90 -21.79 -10.51
CA LEU E 7 32.37 -20.49 -10.82
C LEU E 7 31.87 -19.94 -9.50
N VAL E 8 32.31 -18.81 -8.96
CA VAL E 8 31.70 -18.33 -7.74
C VAL E 8 30.46 -17.49 -8.12
N VAL E 9 29.26 -17.68 -7.60
CA VAL E 9 28.06 -16.90 -7.92
C VAL E 9 27.65 -16.31 -6.58
N ASP E 10 27.68 -14.99 -6.50
CA ASP E 10 27.28 -14.33 -5.29
C ASP E 10 25.96 -13.72 -5.60
N ASN E 11 24.95 -14.08 -4.84
CA ASN E 11 23.55 -13.71 -5.06
C ASN E 11 23.06 -12.68 -4.11
N GLY E 12 23.19 -11.44 -4.58
CA GLY E 12 22.75 -10.31 -3.82
C GLY E 12 21.37 -9.84 -4.26
N SER E 13 20.74 -9.25 -3.24
CA SER E 13 19.48 -8.55 -3.31
C SER E 13 19.46 -7.43 -4.36
N GLY E 14 20.51 -6.64 -4.47
CA GLY E 14 20.56 -5.63 -5.49
C GLY E 14 21.42 -5.99 -6.67
N MET E 15 22.50 -6.74 -6.43
CA MET E 15 23.54 -7.06 -7.37
C MET E 15 23.99 -8.53 -7.34
N CYS E 16 24.38 -9.13 -8.45
CA CYS E 16 24.90 -10.48 -8.50
C CYS E 16 26.30 -10.30 -9.06
N LYS E 17 27.30 -11.05 -8.61
CA LYS E 17 28.68 -10.95 -9.11
C LYS E 17 29.04 -12.42 -9.29
N ALA E 18 29.58 -12.74 -10.46
CA ALA E 18 29.87 -14.11 -10.85
C ALA E 18 31.18 -14.19 -11.60
N GLY E 19 32.00 -15.17 -11.30
CA GLY E 19 33.28 -15.25 -11.95
C GLY E 19 33.89 -16.61 -11.74
N PHE E 20 35.20 -16.59 -11.87
CA PHE E 20 35.92 -17.83 -11.84
C PHE E 20 36.88 -17.81 -10.67
N ALA E 21 36.88 -18.96 -9.97
CA ALA E 21 37.75 -19.14 -8.83
C ALA E 21 39.18 -19.10 -9.34
N GLY E 22 39.95 -18.40 -8.49
CA GLY E 22 41.33 -18.05 -8.74
C GLY E 22 41.44 -16.62 -9.23
N ASP E 23 40.32 -15.90 -9.44
CA ASP E 23 40.37 -14.52 -9.93
C ASP E 23 40.15 -13.47 -8.85
N ASP E 24 40.85 -12.42 -9.17
CA ASP E 24 40.88 -11.21 -8.40
C ASP E 24 39.52 -10.49 -8.38
N ALA E 25 38.77 -10.27 -9.46
CA ALA E 25 37.49 -9.56 -9.32
C ALA E 25 36.37 -10.27 -10.04
N PRO E 26 35.10 -10.08 -9.70
CA PRO E 26 33.98 -10.58 -10.49
C PRO E 26 34.02 -10.28 -11.97
N ARG E 27 33.83 -11.24 -12.89
CA ARG E 27 33.78 -10.94 -14.31
C ARG E 27 32.43 -10.38 -14.72
N ALA E 28 31.33 -10.75 -14.09
CA ALA E 28 30.02 -10.25 -14.47
C ALA E 28 29.41 -9.67 -13.23
N VAL E 29 29.18 -8.36 -13.14
CA VAL E 29 28.45 -7.88 -11.99
C VAL E 29 27.11 -7.47 -12.57
N PHE E 30 25.89 -7.82 -12.14
CA PHE E 30 24.73 -7.30 -12.83
C PHE E 30 23.63 -7.01 -11.91
N PRO E 31 22.67 -6.14 -12.27
CA PRO E 31 21.40 -5.94 -11.58
C PRO E 31 20.55 -7.18 -11.27
N SER E 32 20.09 -7.39 -10.02
CA SER E 32 19.26 -8.58 -9.75
C SER E 32 17.75 -8.36 -9.97
N ILE E 33 15.26 -12.54 -16.10
CA ILE E 33 14.04 -13.17 -16.52
C ILE E 33 13.64 -12.81 -17.96
N VAL E 34 12.96 -13.76 -18.63
CA VAL E 34 12.34 -13.61 -19.95
C VAL E 34 10.86 -13.67 -19.65
N GLY E 35 10.07 -12.73 -20.16
CA GLY E 35 8.65 -12.74 -19.85
C GLY E 35 7.82 -12.74 -21.10
N ARG E 36 7.07 -13.81 -21.32
CA ARG E 36 6.19 -13.87 -22.50
C ARG E 36 4.73 -13.61 -22.04
N PRO E 37 3.98 -12.75 -22.75
CA PRO E 37 2.61 -12.39 -22.45
C PRO E 37 1.63 -13.46 -22.06
N ARG E 38 1.67 -14.74 -22.44
CA ARG E 38 0.63 -15.73 -22.08
C ARG E 38 -0.82 -15.17 -22.26
N HIS E 39 -0.91 -14.32 -23.30
CA HIS E 39 -2.05 -13.60 -23.87
C HIS E 39 -1.40 -12.71 -24.89
N GLN E 40 -1.55 -13.05 -26.18
CA GLN E 40 -1.07 -12.25 -27.31
C GLN E 40 -1.14 -10.77 -26.92
N GLY E 41 0.10 -10.29 -26.79
CA GLY E 41 0.31 -8.92 -26.39
C GLY E 41 1.06 -8.23 -27.52
N VAL E 42 1.39 -6.97 -27.14
CA VAL E 42 2.20 -5.91 -27.80
C VAL E 42 1.58 -4.48 -27.77
N MET E 43 2.40 -3.62 -27.17
CA MET E 43 2.07 -2.21 -27.06
C MET E 43 2.27 -1.67 -28.48
N VAL E 44 1.47 -0.70 -28.97
CA VAL E 44 1.70 -0.11 -30.30
C VAL E 44 2.63 1.12 -30.14
N GLY E 45 3.83 0.63 -29.86
CA GLY E 45 5.06 1.36 -29.65
C GLY E 45 6.06 0.30 -29.25
N MET E 46 5.95 -0.76 -30.08
CA MET E 46 6.79 -1.94 -30.15
C MET E 46 6.23 -2.96 -31.16
N GLY E 47 7.20 -3.74 -31.71
CA GLY E 47 6.96 -4.75 -32.75
C GLY E 47 6.09 -5.85 -32.16
N GLN E 48 5.59 -6.90 -32.85
CA GLN E 48 4.88 -7.96 -32.13
C GLN E 48 6.09 -8.72 -31.55
N LYS E 49 6.36 -8.24 -30.31
CA LYS E 49 7.36 -8.59 -29.29
C LYS E 49 6.64 -9.34 -28.18
N ASP E 50 6.79 -10.65 -28.15
CA ASP E 50 6.15 -11.39 -27.09
C ASP E 50 7.17 -12.05 -26.18
N SER E 51 8.44 -11.58 -26.08
CA SER E 51 9.34 -12.00 -25.00
C SER E 51 9.87 -10.67 -24.54
N TYR E 52 9.62 -10.18 -23.34
CA TYR E 52 10.27 -8.97 -22.90
C TYR E 52 11.41 -9.55 -22.06
N VAL E 53 12.59 -8.95 -22.01
CA VAL E 53 13.75 -9.52 -21.30
C VAL E 53 14.30 -8.54 -20.25
N GLY E 54 14.81 -8.99 -19.10
CA GLY E 54 15.44 -8.09 -18.17
C GLY E 54 14.43 -7.22 -17.44
N ASP E 55 14.67 -5.90 -17.42
CA ASP E 55 13.84 -4.88 -16.68
C ASP E 55 12.56 -4.32 -17.31
N GLU E 56 12.54 -4.30 -18.64
CA GLU E 56 11.33 -4.00 -19.42
C GLU E 56 10.36 -5.15 -19.30
N ALA E 57 10.66 -6.17 -18.50
CA ALA E 57 9.76 -7.26 -18.26
C ALA E 57 9.53 -7.26 -16.77
N GLN E 58 10.25 -6.48 -16.01
CA GLN E 58 10.01 -6.40 -14.59
C GLN E 58 8.73 -5.53 -14.54
N SER E 59 8.72 -4.43 -15.30
CA SER E 59 7.66 -3.44 -15.31
C SER E 59 6.41 -3.75 -16.14
N LYS E 60 6.11 -5.05 -16.19
CA LYS E 60 4.93 -5.63 -16.82
C LYS E 60 4.89 -7.06 -16.25
N ARG E 61 5.65 -7.35 -15.17
CA ARG E 61 5.79 -8.68 -14.55
C ARG E 61 4.45 -9.22 -14.07
N GLY E 62 3.70 -8.24 -13.56
CA GLY E 62 2.32 -8.40 -13.15
C GLY E 62 1.48 -8.80 -14.34
N ILE E 63 1.64 -8.25 -15.54
CA ILE E 63 0.81 -8.68 -16.66
C ILE E 63 1.43 -9.78 -17.50
N LEU E 64 2.61 -10.34 -17.12
CA LEU E 64 3.32 -11.29 -17.97
C LEU E 64 3.69 -12.58 -17.28
N THR E 65 3.96 -13.66 -18.01
CA THR E 65 4.54 -14.87 -17.36
C THR E 65 6.08 -14.95 -17.61
N LEU E 66 6.78 -14.94 -16.48
CA LEU E 66 8.22 -14.91 -16.45
C LEU E 66 8.99 -16.22 -16.26
N LYS E 67 9.86 -16.61 -17.18
CA LYS E 67 10.74 -17.77 -17.04
C LYS E 67 12.16 -17.31 -16.62
N TYR E 68 12.74 -18.02 -15.62
CA TYR E 68 14.07 -17.81 -15.07
C TYR E 68 15.01 -18.84 -15.71
N PRO E 69 13.89 -11.24 -7.52
CA PRO E 69 13.84 -12.56 -6.92
C PRO E 69 14.30 -12.55 -5.47
N ILE E 70 15.43 -11.91 -5.21
CA ILE E 70 16.10 -12.02 -3.94
C ILE E 70 15.60 -10.83 -3.19
N GLU E 71 15.31 -11.00 -1.91
CA GLU E 71 14.66 -9.97 -1.13
C GLU E 71 15.09 -10.05 0.33
N HIS E 72 14.20 -14.11 1.18
CA HIS E 72 15.28 -14.39 2.19
C HIS E 72 16.69 -14.51 1.80
N GLY E 73 17.88 -10.51 1.21
CA GLY E 73 18.82 -11.61 1.09
C GLY E 73 18.25 -12.97 0.75
N ILE E 74 16.93 -13.19 0.96
CA ILE E 74 16.26 -14.48 0.82
C ILE E 74 15.52 -14.58 -0.51
N VAL E 75 15.42 -15.72 -1.20
CA VAL E 75 14.79 -15.79 -2.53
C VAL E 75 13.33 -16.07 -2.28
N THR E 76 12.56 -15.13 -2.84
CA THR E 76 11.11 -15.13 -2.76
C THR E 76 10.51 -15.71 -4.02
N ASN E 77 11.23 -15.68 -5.14
CA ASN E 77 10.68 -16.12 -6.38
C ASN E 77 11.63 -17.11 -7.00
N TRP E 78 11.25 -18.37 -7.00
CA TRP E 78 12.15 -19.36 -7.53
C TRP E 78 12.26 -19.51 -9.04
N ASP E 79 11.29 -19.27 -9.92
CA ASP E 79 11.60 -19.45 -11.34
C ASP E 79 12.31 -18.21 -11.83
N ASP E 80 12.06 -17.03 -11.27
CA ASP E 80 12.85 -15.90 -11.71
C ASP E 80 14.29 -15.94 -11.15
N MET E 81 14.56 -16.49 -9.96
CA MET E 81 15.96 -16.79 -9.64
C MET E 81 16.48 -17.84 -10.67
N GLU E 82 15.73 -18.86 -11.09
CA GLU E 82 16.23 -19.81 -12.06
C GLU E 82 16.63 -19.14 -13.33
N LYS E 83 15.83 -18.19 -13.77
CA LYS E 83 16.24 -17.36 -14.91
C LYS E 83 17.60 -16.70 -14.70
N ILE E 84 17.82 -16.07 -13.55
CA ILE E 84 19.04 -15.31 -13.34
C ILE E 84 20.24 -16.20 -13.50
N TRP E 85 20.15 -17.37 -12.88
CA TRP E 85 21.27 -18.32 -12.92
C TRP E 85 21.48 -18.75 -14.36
N HIS E 86 20.52 -19.31 -15.10
CA HIS E 86 20.65 -19.59 -16.52
C HIS E 86 21.39 -18.49 -17.29
N HIS E 87 21.03 -17.22 -17.13
CA HIS E 87 21.71 -16.03 -17.68
C HIS E 87 23.16 -15.87 -17.16
N THR E 88 23.44 -16.07 -15.88
CA THR E 88 24.80 -16.11 -15.35
C THR E 88 25.70 -17.06 -16.22
N PHE E 89 25.29 -18.34 -16.37
CA PHE E 89 26.12 -19.34 -17.07
C PHE E 89 26.12 -19.18 -18.59
N TYR E 90 24.92 -19.24 -19.15
CA TYR E 90 24.72 -19.21 -20.59
C TYR E 90 24.82 -17.87 -21.25
N ASN E 91 24.82 -16.74 -20.58
CA ASN E 91 24.93 -15.48 -21.30
C ASN E 91 26.03 -14.63 -20.71
N GLU E 92 26.25 -14.63 -19.37
CA GLU E 92 27.30 -13.80 -18.85
C GLU E 92 28.67 -14.48 -18.81
N LEU E 93 28.83 -15.66 -18.25
CA LEU E 93 30.18 -16.20 -18.20
C LEU E 93 30.46 -17.05 -19.43
N ARG E 94 29.36 -17.48 -20.11
CA ARG E 94 29.37 -18.26 -21.38
C ARG E 94 29.99 -19.68 -21.15
N VAL E 95 29.41 -20.28 -20.10
CA VAL E 95 29.88 -21.47 -19.46
C VAL E 95 28.79 -22.57 -19.53
N ALA E 96 29.27 -23.77 -19.23
CA ALA E 96 28.43 -24.92 -19.24
C ALA E 96 28.39 -25.40 -17.82
N PRO E 97 27.22 -25.52 -17.24
CA PRO E 97 27.07 -25.88 -15.85
C PRO E 97 27.58 -27.27 -15.51
N GLU E 98 27.49 -28.24 -16.43
CA GLU E 98 27.86 -29.63 -16.15
C GLU E 98 29.33 -30.10 -16.12
N GLU E 99 30.19 -29.08 -16.16
CA GLU E 99 31.64 -29.20 -16.22
C GLU E 99 32.34 -28.40 -15.10
N HIS E 100 31.62 -27.60 -14.29
CA HIS E 100 32.22 -26.69 -13.29
C HIS E 100 31.46 -26.88 -12.01
N PRO E 101 32.16 -27.02 -10.89
CA PRO E 101 31.48 -26.95 -9.64
C PRO E 101 31.08 -25.50 -9.35
N VAL E 102 29.98 -25.27 -8.64
CA VAL E 102 29.64 -23.91 -8.28
C VAL E 102 29.66 -23.62 -6.78
N LEU E 103 30.19 -22.46 -6.37
CA LEU E 103 30.05 -22.12 -4.98
C LEU E 103 28.95 -21.08 -5.05
N LEU E 104 27.79 -21.25 -4.45
CA LEU E 104 26.74 -20.23 -4.53
C LEU E 104 26.78 -19.50 -3.22
N THR E 105 26.67 -18.21 -3.01
CA THR E 105 26.62 -17.80 -1.61
C THR E 105 25.20 -17.71 -1.10
N GLU E 106 25.01 -17.57 0.19
CA GLU E 106 23.69 -17.49 0.77
C GLU E 106 23.61 -16.54 1.98
N ALA E 107 22.44 -16.03 2.32
CA ALA E 107 22.23 -15.19 3.49
C ALA E 107 22.56 -15.91 4.78
N PRO E 108 23.17 -15.25 5.78
CA PRO E 108 23.16 -15.68 7.18
C PRO E 108 21.73 -15.97 7.57
N LEU E 109 21.53 -17.05 8.30
CA LEU E 109 20.21 -17.50 8.71
C LEU E 109 19.21 -17.81 7.54
N ASN E 110 19.69 -18.21 6.34
CA ASN E 110 18.81 -18.52 5.18
C ASN E 110 17.89 -19.69 5.51
N PRO E 111 16.56 -19.61 5.34
CA PRO E 111 15.65 -20.69 5.64
C PRO E 111 16.05 -22.07 5.11
N LYS E 112 15.83 -23.14 5.88
CA LYS E 112 16.08 -24.55 5.55
C LYS E 112 15.73 -24.96 4.15
N ALA E 113 14.47 -24.76 3.78
CA ALA E 113 13.95 -25.17 2.51
C ALA E 113 14.53 -24.40 1.35
N ASN E 114 15.09 -23.23 1.61
CA ASN E 114 15.75 -22.46 0.60
C ASN E 114 17.03 -23.11 0.27
N ARG E 115 17.82 -23.51 1.26
CA ARG E 115 19.11 -24.16 1.05
C ARG E 115 18.91 -25.41 0.23
N GLU E 116 17.87 -26.17 0.57
CA GLU E 116 17.50 -27.36 -0.18
C GLU E 116 17.02 -26.95 -1.53
N LYS E 117 16.13 -25.96 -1.77
CA LYS E 117 15.76 -25.72 -3.15
C LYS E 117 16.94 -25.27 -3.97
N MET E 118 17.93 -24.54 -3.48
CA MET E 118 19.02 -24.21 -4.35
C MET E 118 19.95 -25.39 -4.55
N THR E 119 20.01 -26.41 -3.66
CA THR E 119 20.73 -27.66 -3.92
C THR E 119 20.05 -28.50 -5.04
N GLN E 120 18.75 -28.63 -4.87
CA GLN E 120 17.79 -29.17 -5.80
C GLN E 120 18.00 -28.66 -7.20
N ILE E 121 17.72 -27.35 -7.50
CA ILE E 121 17.86 -26.71 -8.83
C ILE E 121 19.25 -26.94 -9.46
N MET E 122 20.25 -26.57 -8.66
CA MET E 122 21.61 -26.67 -9.12
C MET E 122 21.86 -28.07 -9.57
N PHE E 123 21.47 -29.11 -8.83
CA PHE E 123 21.79 -30.47 -9.29
C PHE E 123 20.94 -31.07 -10.38
N GLU E 124 19.64 -31.01 -10.21
CA GLU E 124 18.71 -31.57 -11.16
C GLU E 124 18.47 -30.74 -12.42
N THR E 125 18.32 -29.41 -12.24
CA THR E 125 18.04 -28.47 -13.31
C THR E 125 19.32 -28.06 -13.97
N PHE E 126 20.47 -27.81 -13.31
CA PHE E 126 21.68 -27.46 -14.08
C PHE E 126 22.73 -28.54 -14.20
N ASN E 127 22.50 -29.67 -13.52
CA ASN E 127 23.34 -30.86 -13.59
C ASN E 127 24.78 -30.48 -13.33
N THR E 128 24.95 -30.09 -12.07
CA THR E 128 26.21 -29.53 -11.58
C THR E 128 27.06 -30.68 -11.05
N PRO E 129 28.34 -30.81 -11.39
CA PRO E 129 29.22 -31.85 -10.93
C PRO E 129 29.24 -31.86 -9.40
N ALA E 130 29.17 -30.65 -8.80
CA ALA E 130 29.30 -30.40 -7.37
C ALA E 130 28.92 -28.98 -7.02
N MET E 131 28.63 -28.81 -5.75
CA MET E 131 28.32 -27.50 -5.30
C MET E 131 28.53 -27.35 -3.80
N TYR E 132 28.68 -26.09 -3.38
CA TYR E 132 28.75 -25.70 -2.00
C TYR E 132 28.00 -24.34 -1.89
N VAL E 133 27.44 -24.14 -0.69
CA VAL E 133 26.72 -22.97 -0.32
C VAL E 133 27.42 -22.44 0.94
N ALA E 134 28.10 -21.33 0.79
CA ALA E 134 28.67 -20.58 1.88
C ALA E 134 27.86 -19.28 2.27
N ILE E 135 27.77 -19.00 3.58
CA ILE E 135 27.15 -17.78 4.10
C ILE E 135 28.00 -16.64 3.62
N GLN E 136 27.46 -15.48 3.28
CA GLN E 136 28.29 -14.39 2.69
C GLN E 136 29.30 -13.75 3.58
N ALA E 137 28.98 -13.48 4.88
CA ALA E 137 29.87 -12.85 5.83
C ALA E 137 31.12 -13.68 6.09
N VAL E 138 31.04 -14.99 6.08
CA VAL E 138 32.19 -15.86 6.30
C VAL E 138 33.20 -15.75 5.16
N LEU E 139 32.83 -15.44 3.92
CA LEU E 139 33.78 -15.28 2.78
C LEU E 139 34.36 -13.86 2.83
N SER E 140 33.60 -12.85 3.31
CA SER E 140 34.18 -11.56 3.65
C SER E 140 35.38 -11.72 4.62
N LEU E 141 35.23 -12.54 5.69
CA LEU E 141 36.30 -12.78 6.63
C LEU E 141 37.58 -13.49 6.10
N TYR E 142 37.36 -14.60 5.39
CA TYR E 142 38.45 -15.34 4.80
C TYR E 142 39.20 -14.42 3.85
N ALA E 143 38.52 -13.62 3.02
CA ALA E 143 39.19 -12.71 2.10
C ALA E 143 40.00 -11.59 2.79
N SER E 144 39.80 -11.29 4.09
CA SER E 144 40.63 -10.32 4.81
C SER E 144 41.80 -11.01 5.47
N GLY E 145 42.67 -9.08 5.90
CA GLY E 145 44.02 -9.51 6.18
C GLY E 145 44.06 -10.01 7.58
N ARG E 146 43.10 -10.82 7.94
CA ARG E 146 43.03 -11.19 9.31
C ARG E 146 42.52 -12.61 9.37
N THR E 147 42.85 -13.19 10.50
CA THR E 147 42.62 -14.58 10.80
C THR E 147 41.82 -14.86 12.07
N THR E 148 41.77 -13.91 12.98
CA THR E 148 40.99 -14.08 14.19
C THR E 148 40.08 -12.83 14.22
N GLY E 149 38.85 -12.84 14.70
CA GLY E 149 38.05 -11.66 14.63
C GLY E 149 36.64 -12.12 14.64
N ILE E 150 35.69 -11.25 14.45
CA ILE E 150 34.29 -11.62 14.30
C ILE E 150 33.82 -10.64 13.23
N VAL E 151 33.03 -11.19 12.32
CA VAL E 151 32.52 -10.46 11.17
C VAL E 151 31.06 -10.28 11.47
N MET E 152 30.50 -9.18 11.00
CA MET E 152 29.10 -8.97 11.17
C MET E 152 28.64 -8.84 9.73
N ASP E 153 27.92 -9.80 9.20
CA ASP E 153 27.68 -9.82 7.77
C ASP E 153 26.25 -9.49 7.46
N SER E 154 25.94 -8.42 6.74
CA SER E 154 24.54 -8.09 6.51
C SER E 154 24.29 -7.89 5.04
N GLY E 155 23.62 -8.92 4.55
CA GLY E 155 23.25 -8.95 3.14
C GLY E 155 21.82 -8.49 2.84
N ASP E 156 21.05 -9.31 2.11
CA ASP E 156 19.69 -8.93 1.73
C ASP E 156 18.70 -9.75 2.52
N GLY E 157 19.06 -11.00 2.81
CA GLY E 157 18.14 -11.85 3.50
C GLY E 157 18.59 -12.21 4.88
N VAL E 158 19.85 -12.08 5.32
CA VAL E 158 20.24 -12.41 6.68
C VAL E 158 21.44 -11.59 7.16
N THR E 159 21.60 -11.68 8.49
CA THR E 159 22.71 -11.10 9.18
C THR E 159 23.21 -12.18 10.11
N HIS E 160 24.51 -12.31 10.17
CA HIS E 160 25.09 -13.19 11.18
C HIS E 160 26.30 -12.52 11.76
N THR E 161 26.51 -12.89 13.01
CA THR E 161 27.72 -12.54 13.70
C THR E 161 28.45 -13.90 13.83
N VAL E 162 29.71 -13.97 13.38
CA VAL E 162 30.45 -15.22 13.25
C VAL E 162 31.71 -14.94 14.03
N PRO E 163 32.08 -15.54 15.18
CA PRO E 163 33.43 -15.47 15.70
C PRO E 163 34.40 -16.45 14.99
N ILE E 164 35.56 -16.03 14.53
CA ILE E 164 36.52 -16.84 13.81
C ILE E 164 37.84 -16.87 14.59
N TYR E 165 38.33 -18.06 14.95
CA TYR E 165 39.61 -18.28 15.60
C TYR E 165 40.48 -18.98 14.56
N GLU E 166 41.51 -18.27 14.14
CA GLU E 166 42.48 -18.76 13.21
C GLU E 166 41.94 -19.26 11.87
N GLY E 167 41.00 -18.57 11.21
CA GLY E 167 40.40 -19.01 9.97
C GLY E 167 39.24 -20.01 10.09
N TYR E 168 38.72 -20.20 11.29
CA TYR E 168 37.75 -21.24 11.56
C TYR E 168 36.66 -20.56 12.34
N ALA E 169 35.47 -20.62 11.76
CA ALA E 169 34.27 -20.03 12.30
C ALA E 169 33.88 -20.85 13.51
N LEU E 170 33.37 -20.25 14.57
CA LEU E 170 33.05 -21.05 15.71
C LEU E 170 31.54 -21.29 15.73
N PRO E 171 30.99 -22.36 15.13
CA PRO E 171 29.56 -22.55 14.90
C PRO E 171 28.65 -22.42 16.12
N HIS E 172 29.07 -22.84 17.32
CA HIS E 172 28.23 -22.57 18.49
C HIS E 172 27.93 -21.08 18.80
N ALA E 173 28.87 -20.18 18.48
CA ALA E 173 28.69 -18.80 18.86
C ALA E 173 28.16 -18.00 17.70
N ILE E 174 27.87 -18.62 16.53
CA ILE E 174 27.31 -17.93 15.36
C ILE E 174 25.84 -17.68 15.72
N LEU E 175 25.39 -16.49 15.36
CA LEU E 175 24.04 -16.01 15.65
C LEU E 175 23.55 -15.42 14.33
N ARG E 176 22.29 -15.71 14.04
CA ARG E 176 21.58 -15.37 12.80
C ARG E 176 20.43 -14.47 13.12
N LEU E 177 20.30 -13.43 12.29
CA LEU E 177 19.27 -12.41 12.45
C LEU E 177 18.66 -12.25 11.08
N ASP E 178 17.35 -12.45 11.14
CA ASP E 178 16.61 -12.37 9.92
C ASP E 178 15.98 -11.00 9.75
N LEU E 179 16.89 -10.12 9.42
CA LEU E 179 16.58 -8.74 9.16
C LEU E 179 17.84 -8.25 8.47
N ALA E 180 17.69 -7.83 7.23
CA ALA E 180 18.80 -7.35 6.44
C ALA E 180 18.24 -6.43 5.37
N GLY E 181 18.99 -6.03 4.32
CA GLY E 181 18.55 -5.09 3.29
C GLY E 181 17.09 -5.12 2.78
N ARG E 182 16.43 -6.26 2.62
CA ARG E 182 15.07 -6.27 2.10
C ARG E 182 14.09 -5.75 3.14
N ASP E 183 14.39 -6.06 4.40
CA ASP E 183 13.60 -5.64 5.52
C ASP E 183 13.62 -4.14 5.60
N LEU E 184 14.76 -3.53 5.24
CA LEU E 184 14.94 -2.11 5.27
C LEU E 184 14.40 -1.43 4.04
N THR E 185 14.39 -2.01 2.84
CA THR E 185 13.70 -1.42 1.68
C THR E 185 12.19 -1.36 1.89
N ASP E 186 11.66 -2.43 2.45
CA ASP E 186 10.29 -2.56 2.79
C ASP E 186 9.73 -1.61 3.84
N TYR E 187 10.54 -1.37 4.86
CA TYR E 187 10.13 -0.49 5.94
C TYR E 187 10.25 0.95 5.52
N LEU E 188 11.13 1.25 4.59
CA LEU E 188 11.29 2.58 4.05
C LEU E 188 10.03 2.94 3.27
N MET E 189 9.56 2.04 2.37
CA MET E 189 8.38 2.25 1.50
C MET E 189 7.12 2.46 2.32
N LYS E 190 6.94 1.73 3.43
CA LYS E 190 5.82 1.90 4.34
C LYS E 190 5.99 3.23 5.04
N ILE E 191 7.13 3.65 5.58
CA ILE E 191 7.09 4.93 6.23
C ILE E 191 6.90 6.00 5.13
N LEU E 192 7.41 5.87 3.90
CA LEU E 192 7.18 6.83 2.80
C LEU E 192 5.70 6.92 2.31
N THR E 193 5.01 5.79 2.15
CA THR E 193 3.58 5.64 1.81
C THR E 193 2.69 6.10 2.98
N GLU E 194 3.20 6.04 4.22
CA GLU E 194 2.47 6.52 5.37
C GLU E 194 2.41 8.03 5.21
N ARG E 195 3.43 8.67 4.63
CA ARG E 195 3.39 10.10 4.39
C ARG E 195 2.48 10.41 3.17
N GLY E 196 1.52 9.55 2.84
CA GLY E 196 0.68 9.68 1.67
C GLY E 196 1.48 9.70 0.34
N TYR E 197 2.44 8.79 0.15
CA TYR E 197 3.16 8.69 -1.11
C TYR E 197 2.63 7.44 -1.76
N SER E 198 3.01 7.31 -3.02
CA SER E 198 2.37 6.35 -3.87
C SER E 198 3.44 5.59 -4.65
N PHE E 199 3.74 4.33 -4.29
CA PHE E 199 4.75 3.57 -5.05
C PHE E 199 4.05 2.50 -5.80
N THR E 200 3.04 3.01 -6.52
CA THR E 200 2.12 2.05 -7.06
C THR E 200 2.57 1.24 -8.26
N THR E 201 3.57 1.59 -9.08
CA THR E 201 3.82 0.73 -10.24
C THR E 201 5.13 -0.02 -10.43
N THR E 202 5.10 -1.32 -10.08
CA THR E 202 6.16 -2.35 -10.23
C THR E 202 7.65 -1.93 -10.21
N ALA E 203 8.11 -1.20 -11.24
CA ALA E 203 9.46 -0.66 -11.38
C ALA E 203 9.57 0.15 -10.12
N GLU E 204 8.67 1.14 -9.90
CA GLU E 204 8.80 1.98 -8.73
C GLU E 204 8.71 1.26 -7.35
N ARG E 205 8.52 -0.06 -7.24
CA ARG E 205 8.70 -0.79 -5.96
C ARG E 205 10.21 -1.00 -5.72
N GLU E 206 10.89 -1.06 -6.83
CA GLU E 206 12.33 -1.05 -6.88
C GLU E 206 12.82 0.39 -6.80
N ILE E 207 12.01 1.44 -6.75
CA ILE E 207 12.56 2.79 -6.64
C ILE E 207 12.79 3.20 -5.17
N VAL E 208 12.22 2.45 -4.23
CA VAL E 208 12.54 2.66 -2.83
C VAL E 208 13.96 2.13 -2.56
N ARG E 209 14.42 1.06 -3.24
CA ARG E 209 15.77 0.49 -3.13
C ARG E 209 16.77 1.58 -3.38
N ASP E 210 16.62 2.44 -4.36
CA ASP E 210 17.58 3.54 -4.60
C ASP E 210 17.45 4.67 -3.59
N ILE E 211 16.28 5.05 -3.06
CA ILE E 211 16.22 6.10 -2.04
C ILE E 211 17.01 5.57 -0.81
N LYS E 212 16.73 4.31 -0.44
CA LYS E 212 17.28 3.63 0.70
C LYS E 212 18.73 3.65 0.56
N GLU E 213 19.23 3.23 -0.59
CA GLU E 213 20.64 3.15 -0.67
C GLU E 213 21.18 4.55 -0.87
N LYS E 214 20.44 5.51 -1.46
CA LYS E 214 21.07 6.78 -1.73
C LYS E 214 21.02 7.81 -0.65
N LEU E 215 20.02 7.81 0.21
CA LEU E 215 19.82 8.88 1.17
C LEU E 215 19.91 8.37 2.58
N CYS E 216 19.71 7.05 2.89
CA CYS E 216 19.80 6.63 4.28
C CYS E 216 21.17 6.76 4.89
N TYR E 217 21.06 6.87 6.20
CA TYR E 217 22.08 7.27 7.15
C TYR E 217 21.72 6.55 8.45
N VAL E 218 22.75 6.33 9.26
CA VAL E 218 22.62 5.80 10.60
C VAL E 218 23.01 6.99 11.47
N ALA E 219 22.13 7.21 12.44
CA ALA E 219 22.21 8.26 13.43
C ALA E 219 23.07 7.79 14.58
N LEU E 220 23.84 8.68 15.25
CA LEU E 220 24.68 8.37 16.42
C LEU E 220 23.80 8.33 17.62
N ASP E 221 22.95 9.32 17.69
CA ASP E 221 22.01 9.29 18.76
C ASP E 221 20.65 9.46 18.10
N PHE E 222 19.93 8.35 17.80
CA PHE E 222 18.59 8.46 17.20
C PHE E 222 17.77 9.61 17.81
N GLU E 223 17.69 9.63 19.14
CA GLU E 223 16.97 10.62 19.96
C GLU E 223 17.39 12.06 19.66
N GLN E 224 18.64 12.49 19.86
CA GLN E 224 18.98 13.82 19.48
C GLN E 224 18.96 13.92 17.97
N GLU E 225 18.85 12.87 17.18
CA GLU E 225 18.78 13.03 15.74
C GLU E 225 17.37 13.32 15.32
N MET E 226 16.37 12.84 16.03
CA MET E 226 15.01 13.10 15.62
C MET E 226 14.65 14.59 15.80
N ALA E 227 15.14 15.25 16.83
CA ALA E 227 14.93 16.69 17.01
C ALA E 227 15.93 17.52 16.21
N THR E 228 16.86 16.80 15.59
CA THR E 228 17.73 17.34 14.57
C THR E 228 17.27 16.69 13.22
N ALA E 229 15.92 16.70 13.13
CA ALA E 229 15.12 16.48 11.96
C ALA E 229 14.18 17.65 12.28
N ALA E 230 13.47 17.79 13.43
CA ALA E 230 12.61 18.96 13.67
C ALA E 230 13.35 20.30 13.54
N SER E 231 14.68 20.43 13.74
CA SER E 231 15.42 21.65 13.45
C SER E 231 15.92 21.53 12.00
N SER E 232 14.96 21.25 11.14
CA SER E 232 15.16 20.88 9.79
C SER E 232 16.20 21.64 9.00
N SER E 233 15.81 22.60 8.16
CA SER E 233 16.66 23.24 7.16
C SER E 233 17.31 22.12 6.27
N SER E 234 18.44 21.54 6.71
CA SER E 234 19.28 20.66 5.94
C SER E 234 18.98 19.14 5.85
N LEU E 235 17.95 18.62 6.50
CA LEU E 235 17.72 17.18 6.49
C LEU E 235 16.83 16.65 5.34
N GLU E 236 15.89 17.44 4.80
CA GLU E 236 15.04 16.85 3.79
C GLU E 236 15.87 16.90 2.50
N LYS E 237 15.83 15.77 1.82
CA LYS E 237 16.40 15.71 0.46
C LYS E 237 15.30 15.20 -0.48
N SER E 238 15.43 15.49 -1.76
CA SER E 238 14.46 15.03 -2.75
C SER E 238 14.97 14.01 -3.79
N TYR E 239 13.96 13.17 -4.05
CA TYR E 239 14.07 12.16 -5.06
C TYR E 239 12.95 12.31 -6.11
N GLU E 240 13.39 12.07 -7.34
CA GLU E 240 12.62 12.28 -8.55
C GLU E 240 12.13 10.96 -9.06
N LEU E 241 10.84 10.86 -9.21
CA LEU E 241 10.27 9.72 -9.90
C LEU E 241 10.63 9.71 -11.42
N PRO E 242 10.75 8.54 -12.06
CA PRO E 242 10.60 8.37 -13.52
C PRO E 242 9.40 9.18 -14.05
N ASP E 243 8.25 9.03 -13.41
CA ASP E 243 7.05 9.83 -13.60
C ASP E 243 7.28 11.35 -13.65
N GLY E 244 8.46 11.97 -13.42
CA GLY E 244 8.65 13.44 -13.38
C GLY E 244 8.48 14.03 -11.96
N GLN E 245 7.57 13.42 -11.17
CA GLN E 245 7.20 13.78 -9.80
C GLN E 245 8.32 13.89 -8.73
N VAL E 246 8.05 14.53 -7.56
CA VAL E 246 9.04 14.64 -6.51
C VAL E 246 8.73 13.97 -5.15
N ILE E 247 9.77 13.55 -4.46
CA ILE E 247 9.67 12.85 -3.20
C ILE E 247 10.42 13.79 -2.31
N THR E 248 10.00 13.92 -1.08
CA THR E 248 10.90 14.54 -0.14
C THR E 248 10.95 13.66 1.10
N ILE E 249 12.21 13.42 1.53
CA ILE E 249 12.52 12.55 2.65
C ILE E 249 13.34 13.30 3.67
N GLY E 250 12.92 13.10 4.88
CA GLY E 250 13.55 13.75 6.01
C GLY E 250 13.82 12.73 7.10
N ASN E 251 13.01 12.66 8.19
CA ASN E 251 13.37 11.83 9.32
C ASN E 251 13.52 10.33 9.02
N GLU E 252 12.86 9.98 7.93
CA GLU E 252 12.91 8.68 7.33
C GLU E 252 14.29 8.14 6.98
N ARG E 253 15.18 8.99 6.47
CA ARG E 253 16.51 8.58 6.05
C ARG E 253 17.31 7.85 7.11
N PHE E 254 17.28 8.32 8.37
CA PHE E 254 18.01 7.67 9.46
C PHE E 254 17.11 6.67 10.22
N ARG E 255 15.79 6.89 10.26
CA ARG E 255 14.77 6.02 10.83
C ARG E 255 14.71 4.67 10.10
N CYS E 256 15.15 4.58 8.86
CA CYS E 256 15.17 3.31 8.11
C CYS E 256 16.28 2.41 8.73
N PRO E 257 17.61 2.64 8.57
CA PRO E 257 18.65 1.78 9.14
C PRO E 257 18.46 1.58 10.62
N GLU E 258 17.83 2.43 11.41
CA GLU E 258 17.57 2.21 12.84
C GLU E 258 16.84 0.94 13.25
N ALA E 259 16.15 0.36 12.30
CA ALA E 259 15.50 -0.92 12.54
C ALA E 259 16.56 -2.01 12.73
N LEU E 260 17.79 -1.82 12.28
CA LEU E 260 18.88 -2.73 12.55
C LEU E 260 19.27 -2.76 14.02
N PHE E 261 19.22 -1.60 14.67
CA PHE E 261 19.62 -1.47 16.07
C PHE E 261 18.50 -1.72 17.04
N GLN E 262 17.28 -1.43 16.60
CA GLN E 262 16.06 -1.57 17.35
C GLN E 262 15.04 -2.30 16.46
N PRO E 263 14.94 -3.60 16.40
CA PRO E 263 14.01 -4.27 15.51
C PRO E 263 12.59 -4.23 16.03
N SER E 264 12.32 -3.45 17.07
CA SER E 264 10.98 -3.19 17.56
C SER E 264 10.37 -2.28 16.52
N PHE E 265 11.16 -1.41 15.87
CA PHE E 265 10.68 -0.57 14.79
C PHE E 265 10.03 -1.41 13.76
N LEU E 266 10.59 -2.56 13.45
CA LEU E 266 9.98 -3.51 12.56
C LEU E 266 8.91 -4.41 13.21
N GLY E 267 8.64 -4.39 14.51
CA GLY E 267 7.59 -5.25 15.03
C GLY E 267 8.14 -6.60 15.44
N MET E 268 9.49 -6.68 15.45
CA MET E 268 10.27 -7.84 15.85
C MET E 268 10.82 -7.72 17.26
N GLU E 269 10.74 -8.88 17.89
CA GLU E 269 11.24 -9.03 19.22
C GLU E 269 12.77 -9.04 19.23
N SER E 270 13.47 -9.20 18.10
CA SER E 270 14.92 -9.37 18.11
C SER E 270 15.72 -8.19 18.66
N CYS E 271 16.82 -8.59 19.27
CA CYS E 271 17.89 -7.72 19.68
C CYS E 271 18.37 -7.04 18.42
N GLY E 272 19.00 -5.89 18.48
CA GLY E 272 19.60 -5.35 17.29
C GLY E 272 20.99 -5.90 17.11
N ILE E 273 21.51 -5.54 15.97
CA ILE E 273 22.85 -5.89 15.55
C ILE E 273 24.04 -5.68 16.50
N HIS E 274 23.86 -4.75 17.44
CA HIS E 274 24.95 -4.38 18.34
C HIS E 274 25.03 -5.33 19.53
N GLU E 275 23.89 -5.91 19.85
CA GLU E 275 23.78 -6.84 20.92
C GLU E 275 24.14 -8.22 20.47
N THR E 276 23.83 -8.58 19.25
CA THR E 276 24.11 -9.86 18.70
C THR E 276 25.63 -9.95 18.54
N THR E 277 26.45 -9.03 17.95
CA THR E 277 27.91 -9.11 18.01
C THR E 277 28.36 -9.41 19.45
N PHE E 278 27.91 -8.66 20.44
CA PHE E 278 28.23 -8.90 21.86
C PHE E 278 27.75 -10.25 22.37
N ASN E 279 26.71 -10.87 21.89
CA ASN E 279 26.30 -12.10 22.50
C ASN E 279 27.02 -13.24 21.84
N SER E 280 27.66 -13.11 20.66
CA SER E 280 28.46 -14.18 20.06
C SER E 280 29.79 -14.17 20.79
N ILE E 281 30.44 -13.04 20.90
CA ILE E 281 31.63 -12.81 21.73
C ILE E 281 31.45 -13.43 23.09
N MET E 282 30.35 -13.34 23.78
CA MET E 282 30.28 -13.95 25.07
C MET E 282 30.23 -15.46 25.13
N LYS E 283 29.96 -16.07 23.98
CA LYS E 283 29.79 -17.50 23.78
C LYS E 283 31.10 -18.17 23.39
N CYS E 284 32.11 -17.36 23.09
CA CYS E 284 33.41 -17.90 22.69
C CYS E 284 34.37 -18.18 23.88
N ASP E 285 35.46 -18.84 23.58
CA ASP E 285 36.57 -19.09 24.46
C ASP E 285 37.01 -17.81 25.10
N VAL E 286 37.05 -17.88 26.43
CA VAL E 286 37.50 -16.82 27.29
C VAL E 286 38.78 -16.19 26.80
N ASP E 287 39.72 -16.95 26.21
CA ASP E 287 41.03 -16.40 25.81
C ASP E 287 41.05 -15.84 24.37
N ILE E 288 39.93 -15.78 23.60
CA ILE E 288 40.05 -15.14 22.32
C ILE E 288 39.18 -13.93 22.31
N ARG E 289 38.28 -13.70 23.26
CA ARG E 289 37.38 -12.56 23.31
C ARG E 289 38.08 -11.23 23.09
N LYS E 290 39.25 -11.05 23.70
CA LYS E 290 39.95 -9.80 23.56
C LYS E 290 40.36 -9.63 22.12
N ASP E 291 40.51 -10.73 21.39
CA ASP E 291 40.87 -10.66 20.01
C ASP E 291 39.66 -10.31 19.18
N LEU E 292 38.52 -10.90 19.53
CA LEU E 292 37.27 -10.64 18.83
C LEU E 292 36.81 -9.15 19.02
N TYR E 293 36.95 -8.48 20.18
CA TYR E 293 36.68 -7.04 20.25
C TYR E 293 37.61 -6.15 19.46
N ALA E 294 38.85 -6.51 19.28
CA ALA E 294 39.82 -5.71 18.54
C ALA E 294 39.66 -5.84 17.05
N ASN E 295 38.86 -6.84 16.62
CA ASN E 295 38.70 -7.16 15.22
C ASN E 295 37.24 -7.42 14.92
N THR E 296 36.43 -6.38 15.01
CA THR E 296 35.03 -6.48 14.64
C THR E 296 35.06 -5.92 13.24
N VAL E 297 34.74 -6.73 12.23
CA VAL E 297 34.75 -6.35 10.80
C VAL E 297 33.29 -6.42 10.33
N LEU E 298 32.90 -5.44 9.52
CA LEU E 298 31.54 -5.44 9.03
C LEU E 298 31.61 -5.84 7.57
N SER E 299 30.69 -6.67 7.05
CA SER E 299 30.76 -6.90 5.63
C SER E 299 29.39 -6.99 5.04
N GLY E 300 29.13 -6.85 3.74
CA GLY E 300 27.75 -6.97 3.19
C GLY E 300 27.17 -5.65 2.74
N GLY E 301 26.24 -5.57 1.78
CA GLY E 301 25.60 -4.33 1.33
C GLY E 301 24.90 -3.54 2.44
N THR E 302 24.17 -4.15 3.38
CA THR E 302 23.47 -3.40 4.41
C THR E 302 24.48 -2.79 5.42
N THR E 303 25.82 -2.92 5.27
CA THR E 303 26.75 -2.29 6.25
C THR E 303 27.31 -1.02 5.62
N MET E 304 26.75 -0.66 4.48
CA MET E 304 27.29 0.46 3.77
C MET E 304 26.75 1.83 4.24
N TYR E 305 25.84 1.88 5.19
CA TYR E 305 25.22 3.10 5.62
C TYR E 305 26.18 4.06 6.25
N PRO E 306 26.30 5.35 5.90
CA PRO E 306 26.99 6.35 6.66
C PRO E 306 26.48 6.35 8.10
N GLY E 307 27.51 6.46 8.98
CA GLY E 307 27.42 6.35 10.42
C GLY E 307 27.46 4.93 11.00
N ILE E 308 27.45 3.81 10.23
CA ILE E 308 27.30 2.51 10.90
C ILE E 308 28.55 2.08 11.66
N ALA E 309 29.76 2.40 11.20
CA ALA E 309 30.98 2.09 11.95
C ALA E 309 30.99 2.80 13.28
N ASP E 310 30.82 4.13 13.30
CA ASP E 310 30.71 4.92 14.54
C ASP E 310 29.61 4.47 15.47
N ARG E 311 28.43 4.19 14.98
CA ARG E 311 27.36 3.78 15.83
C ARG E 311 27.57 2.37 16.32
N MET E 312 28.17 1.47 15.54
CA MET E 312 28.49 0.15 16.01
C MET E 312 29.52 0.33 17.12
N GLN E 313 30.62 1.05 16.93
CA GLN E 313 31.62 1.36 17.95
C GLN E 313 30.97 1.90 19.20
N LYS E 314 30.30 3.05 19.20
CA LYS E 314 29.58 3.62 20.33
C LYS E 314 28.78 2.60 21.11
N GLU E 315 28.14 1.67 20.41
CA GLU E 315 27.27 0.72 21.07
C GLU E 315 27.95 -0.49 21.66
N ILE E 316 29.01 -0.96 21.02
CA ILE E 316 29.72 -2.09 21.56
C ILE E 316 30.55 -1.56 22.70
N THR E 317 31.10 -0.35 22.58
CA THR E 317 31.76 0.29 23.69
C THR E 317 30.89 0.45 24.94
N ALA E 318 29.57 0.58 24.83
CA ALA E 318 28.75 0.64 26.03
C ALA E 318 28.55 -0.74 26.66
N LEU E 319 28.29 -1.83 25.91
CA LEU E 319 28.15 -3.15 26.53
C LEU E 319 29.47 -3.82 27.03
N ALA E 320 30.60 -3.49 26.38
CA ALA E 320 31.87 -4.17 26.58
C ALA E 320 32.47 -3.82 27.90
N PRO E 321 33.20 -4.73 28.63
CA PRO E 321 33.95 -4.39 29.86
C PRO E 321 34.72 -3.06 29.68
N SER E 322 34.83 -2.28 30.77
CA SER E 322 35.30 -0.89 30.70
C SER E 322 36.74 -0.59 30.21
N THR E 323 37.39 -1.63 29.75
CA THR E 323 38.75 -1.62 29.34
C THR E 323 38.98 -2.09 27.93
N MET E 324 38.06 -2.85 27.29
CA MET E 324 38.38 -3.52 26.03
C MET E 324 38.81 -2.53 24.98
N LYS E 325 39.84 -2.72 24.17
CA LYS E 325 40.18 -1.82 23.09
C LYS E 325 39.14 -2.30 22.11
N ILE E 326 38.25 -1.51 21.53
CA ILE E 326 37.28 -2.02 20.59
C ILE E 326 37.59 -1.37 19.26
N LYS E 327 37.85 -2.16 18.24
CA LYS E 327 38.29 -1.63 16.98
C LYS E 327 37.29 -2.23 16.01
N ILE E 328 36.40 -1.40 15.50
CA ILE E 328 35.37 -1.82 14.55
C ILE E 328 36.11 -1.65 13.21
N ILE E 329 36.01 -2.48 12.14
CA ILE E 329 36.85 -2.35 10.94
C ILE E 329 35.82 -2.26 9.87
N ALA E 330 35.94 -1.33 8.94
CA ALA E 330 34.89 -1.21 7.96
C ALA E 330 35.62 -0.75 6.72
N PRO E 331 36.25 -1.75 6.05
CA PRO E 331 37.04 -1.52 4.86
C PRO E 331 36.10 -0.94 3.82
N PRO E 332 36.49 0.08 3.09
CA PRO E 332 35.63 0.73 2.14
C PRO E 332 35.20 -0.20 1.00
N GLU E 333 35.71 -1.43 0.83
CA GLU E 333 35.26 -2.25 -0.28
C GLU E 333 34.41 -3.39 0.14
N ARG E 334 33.78 -3.19 1.29
CA ARG E 334 32.99 -4.18 2.00
C ARG E 334 31.65 -4.71 1.47
N LYS E 335 33.41 -3.62 -1.30
CA LYS E 335 32.16 -3.72 -2.05
C LYS E 335 32.19 -5.15 -2.62
N TYR E 336 33.37 -5.74 -2.91
CA TYR E 336 33.50 -7.10 -3.43
C TYR E 336 33.97 -8.25 -2.51
N SER E 337 34.10 -8.04 -1.19
CA SER E 337 34.52 -9.04 -0.21
C SER E 337 33.83 -10.38 -0.36
N VAL E 338 32.52 -10.50 -0.35
CA VAL E 338 31.92 -11.80 -0.46
C VAL E 338 32.39 -12.53 -1.72
N TRP E 339 32.50 -11.91 -2.88
CA TRP E 339 32.92 -12.64 -4.05
C TRP E 339 34.41 -12.99 -3.95
N ILE E 340 35.38 -12.20 -3.49
CA ILE E 340 36.78 -12.63 -3.56
C ILE E 340 37.13 -13.58 -2.44
N GLY E 341 36.32 -13.64 -1.39
CA GLY E 341 36.51 -14.67 -0.38
C GLY E 341 36.15 -16.06 -0.87
N GLY E 342 35.12 -16.16 -1.70
CA GLY E 342 34.69 -17.36 -2.37
C GLY E 342 35.64 -17.73 -3.48
N SER E 343 36.01 -16.85 -4.42
CA SER E 343 37.11 -17.10 -5.33
C SER E 343 38.39 -17.67 -4.74
N ILE E 344 38.83 -17.33 -3.52
CA ILE E 344 40.03 -17.82 -2.82
C ILE E 344 39.82 -19.25 -2.38
N LEU E 345 38.70 -19.35 -1.66
CA LEU E 345 38.22 -20.59 -1.06
C LEU E 345 38.03 -21.61 -2.16
N ALA E 346 37.18 -21.44 -3.16
CA ALA E 346 36.99 -22.44 -4.18
C ALA E 346 38.17 -22.70 -5.11
N SER E 347 39.33 -22.05 -4.88
CA SER E 347 40.52 -22.32 -5.67
C SER E 347 41.47 -23.17 -4.88
N LEU E 348 41.39 -23.23 -3.55
CA LEU E 348 42.32 -24.05 -2.75
C LEU E 348 42.07 -25.56 -3.03
N SER E 349 43.10 -26.42 -3.08
CA SER E 349 42.88 -27.82 -3.34
C SER E 349 42.19 -28.40 -2.15
N THR E 350 42.32 -27.71 -1.02
CA THR E 350 41.57 -27.93 0.23
C THR E 350 40.05 -28.15 -0.01
N PHE E 351 39.49 -27.25 -0.82
CA PHE E 351 38.08 -27.14 -0.98
C PHE E 351 37.43 -28.30 -1.71
N GLN E 352 38.12 -28.96 -2.64
CA GLN E 352 37.49 -30.03 -3.38
C GLN E 352 37.04 -31.11 -2.43
N GLN E 353 37.57 -31.19 -1.23
CA GLN E 353 37.06 -32.12 -0.26
C GLN E 353 36.34 -31.08 0.58
N MET E 354 35.11 -30.76 0.24
CA MET E 354 34.29 -29.85 1.01
C MET E 354 32.98 -29.69 0.28
N TRP E 355 32.96 -29.91 -1.05
CA TRP E 355 31.75 -29.88 -1.88
C TRP E 355 30.79 -31.01 -1.56
N ILE E 356 29.59 -30.88 -2.10
CA ILE E 356 28.55 -31.88 -2.10
C ILE E 356 28.61 -32.27 -3.57
N SER E 357 28.83 -33.55 -3.84
CA SER E 357 29.01 -34.02 -5.19
C SER E 357 27.68 -34.53 -5.71
N LYS E 358 27.62 -34.73 -7.04
CA LYS E 358 26.45 -35.27 -7.74
C LYS E 358 26.13 -36.56 -7.07
N GLN E 359 27.13 -37.46 -6.95
CA GLN E 359 27.00 -38.72 -6.21
C GLN E 359 26.29 -38.58 -4.85
N GLU E 360 26.76 -37.62 -4.02
CA GLU E 360 26.21 -37.46 -2.68
C GLU E 360 24.79 -37.00 -2.71
N TYR E 361 24.47 -36.12 -3.65
CA TYR E 361 23.13 -35.61 -3.76
C TYR E 361 22.16 -36.76 -4.05
N ASP E 362 22.56 -37.72 -4.89
CA ASP E 362 21.75 -38.89 -5.21
C ASP E 362 21.52 -39.76 -4.00
N GLU E 363 22.69 -39.98 -3.37
CA GLU E 363 22.80 -40.76 -2.18
C GLU E 363 21.79 -40.16 -1.21
N SER E 364 21.87 -38.85 -0.89
CA SER E 364 21.07 -38.34 0.21
C SER E 364 19.80 -37.67 -0.20
N GLY E 365 19.88 -36.82 -1.19
CA GLY E 365 18.73 -36.05 -1.59
C GLY E 365 19.14 -34.60 -1.40
N PRO E 366 18.23 -33.60 -1.30
CA PRO E 366 18.58 -32.21 -0.99
C PRO E 366 18.97 -31.82 0.45
N SER E 367 18.52 -32.64 1.41
CA SER E 367 18.78 -32.48 2.82
C SER E 367 20.28 -32.35 3.08
N ILE E 368 21.15 -33.16 2.50
CA ILE E 368 22.58 -33.13 2.71
C ILE E 368 23.20 -31.74 2.82
N VAL E 369 22.63 -30.64 2.24
CA VAL E 369 23.19 -29.29 2.36
C VAL E 369 23.30 -28.94 3.82
N HIS E 370 22.42 -29.42 4.70
CA HIS E 370 22.46 -29.06 6.10
C HIS E 370 23.60 -29.71 6.83
N ARG E 371 24.07 -30.79 6.28
CA ARG E 371 25.06 -31.56 6.96
C ARG E 371 26.34 -30.97 6.54
N LYS E 372 26.54 -30.76 5.24
CA LYS E 372 27.86 -30.45 4.79
C LYS E 372 28.28 -29.05 4.74
N CYS E 373 27.30 -28.17 4.83
CA CYS E 373 27.58 -26.76 4.78
C CYS E 373 27.33 -26.14 6.16
N PHE E 374 28.12 -26.77 7.14
CA PHE E 374 28.46 -26.52 8.59
C PHE E 374 28.69 -27.51 9.78
N ASP F 1 -23.96 18.04 32.14
CA ASP F 1 -25.42 17.92 31.95
C ASP F 1 -26.10 18.81 30.85
N ASP F 2 -26.02 18.24 29.63
CA ASP F 2 -26.52 18.72 28.33
C ASP F 2 -25.80 19.93 27.78
N ASP F 3 -25.87 21.00 28.54
CA ASP F 3 -25.22 22.19 28.12
C ASP F 3 -24.06 21.95 29.06
N ILE F 4 -23.20 21.45 28.17
CA ILE F 4 -21.85 20.98 28.35
C ILE F 4 -21.74 19.51 28.68
N ALA F 5 -21.27 19.24 27.46
CA ALA F 5 -21.14 17.95 26.85
C ALA F 5 -20.61 18.36 25.47
N ALA F 6 -19.64 17.57 25.05
CA ALA F 6 -19.07 17.62 23.74
C ALA F 6 -20.17 17.16 22.78
N LEU F 7 -20.07 17.54 21.52
CA LEU F 7 -21.01 17.09 20.52
C LEU F 7 -20.28 16.00 19.75
N VAL F 8 -20.74 14.76 19.66
CA VAL F 8 -20.00 13.82 18.81
C VAL F 8 -20.51 13.97 17.36
N VAL F 9 -19.71 14.15 16.33
CA VAL F 9 -20.16 14.28 14.94
C VAL F 9 -19.47 13.12 14.24
N ASP F 10 -20.27 12.20 13.71
CA ASP F 10 -19.71 11.09 12.99
C ASP F 10 -20.01 11.37 11.56
N ASN F 11 -18.97 11.41 10.74
CA ASN F 11 -19.03 11.82 9.33
C ASN F 11 -18.89 10.66 8.40
N GLY F 12 -20.06 10.15 8.03
CA GLY F 12 -20.13 9.05 7.11
C GLY F 12 -20.41 9.52 5.69
N SER F 13 -19.90 8.65 4.81
CA SER F 13 -20.09 8.69 3.38
C SER F 13 -21.57 8.70 2.97
N GLY F 14 -22.42 7.91 3.59
CA GLY F 14 -23.81 7.95 3.27
C GLY F 14 -24.65 8.70 4.29
N MET F 15 -24.26 8.64 5.56
CA MET F 15 -25.00 9.13 6.70
C MET F 15 -24.13 9.90 7.71
N CYS F 16 -24.64 10.91 8.39
CA CYS F 16 -23.94 11.64 9.43
C CYS F 16 -24.80 11.43 10.65
N LYS F 17 -24.25 11.25 11.84
CA LYS F 17 -25.00 11.06 13.08
C LYS F 17 -24.28 12.00 14.03
N ALA F 18 -25.05 12.83 14.74
CA ALA F 18 -24.52 13.89 15.60
C ALA F 18 -25.34 13.99 16.86
N GLY F 19 -24.69 14.14 17.99
CA GLY F 19 -25.43 14.19 19.22
C GLY F 19 -24.56 14.71 20.33
N PHE F 20 -24.98 14.35 21.52
CA PHE F 20 -24.34 14.86 22.68
C PHE F 20 -23.74 13.73 23.48
N ALA F 21 -22.49 13.98 23.91
CA ALA F 21 -21.76 13.01 24.71
C ALA F 21 -22.51 12.86 26.02
N GLY F 22 -22.54 11.56 26.37
CA GLY F 22 -23.28 11.03 27.50
C GLY F 22 -24.58 10.41 27.02
N ASP F 23 -24.93 10.48 25.73
CA ASP F 23 -26.18 9.92 25.23
C ASP F 23 -26.01 8.58 24.52
N ASP F 24 -27.11 7.89 24.74
CA ASP F 24 -27.33 6.57 24.21
C ASP F 24 -27.44 6.57 22.67
N ALA F 25 -28.18 7.41 21.97
CA ALA F 25 -28.23 7.30 20.51
C ALA F 25 -28.00 8.64 19.83
N PRO F 26 -27.58 8.72 18.58
CA PRO F 26 -27.55 9.96 17.82
C PRO F 26 -28.83 10.77 17.82
N ARG F 27 -28.82 12.08 18.11
CA ARG F 27 -30.04 12.88 18.03
C ARG F 27 -30.36 13.27 16.60
N ALA F 28 -29.39 13.45 15.71
CA ALA F 28 -29.67 13.84 14.34
C ALA F 28 -28.99 12.83 13.48
N VAL F 29 -29.72 12.00 12.71
CA VAL F 29 -29.01 11.15 11.77
C VAL F 29 -29.37 11.75 10.43
N PHE F 30 -28.53 12.09 9.44
CA PHE F 30 -29.08 12.64 8.21
C PHE F 30 -28.32 12.19 7.03
N PRO F 31 -28.91 12.21 5.83
CA PRO F 31 -28.22 12.04 4.54
C PRO F 31 -26.99 12.91 4.28
N SER F 32 -25.84 12.36 3.87
CA SER F 32 -24.67 13.21 3.59
C SER F 32 -24.61 13.74 2.15
N ILE F 33 -25.74 21.48 2.02
CA ILE F 33 -25.33 22.60 1.20
C ILE F 33 -26.50 23.49 0.77
N VAL F 34 -26.21 24.79 0.60
CA VAL F 34 -27.11 25.81 0.05
C VAL F 34 -26.49 26.15 -1.28
N GLY F 35 -27.27 26.17 -2.35
CA GLY F 35 -26.70 26.44 -3.65
C GLY F 35 -27.39 27.59 -4.33
N ARG F 36 -26.67 28.68 -4.56
CA ARG F 36 -27.27 29.84 -5.25
C ARG F 36 -26.75 29.85 -6.71
N PRO F 37 -27.64 30.04 -7.70
CA PRO F 37 -27.31 30.08 -9.12
C PRO F 37 -26.10 30.82 -9.59
N ARG F 38 -25.56 31.90 -8.99
CA ARG F 38 -24.41 32.64 -9.54
C ARG F 38 -24.54 32.89 -11.08
N HIS F 39 -25.82 33.10 -11.45
CA HIS F 39 -26.41 33.42 -12.75
C HIS F 39 -27.88 33.33 -12.46
N GLN F 40 -28.56 34.48 -12.38
CA GLN F 40 -30.01 34.59 -12.21
C GLN F 40 -30.67 33.39 -12.91
N GLY F 41 -31.19 32.56 -12.01
CA GLY F 41 -31.84 31.35 -12.40
C GLY F 41 -33.28 31.42 -11.95
N VAL F 42 -33.89 30.24 -12.20
CA VAL F 42 -35.27 29.73 -11.86
C VAL F 42 -36.00 29.01 -13.02
N MET F 43 -36.33 27.77 -12.67
CA MET F 43 -37.07 26.90 -13.56
C MET F 43 -38.49 27.46 -13.53
N VAL F 44 -39.28 27.45 -14.62
CA VAL F 44 -40.69 27.90 -14.58
C VAL F 44 -41.59 26.68 -14.26
N GLY F 45 -41.37 26.39 -12.98
CA GLY F 45 -41.99 25.37 -12.18
C GLY F 45 -41.26 25.43 -10.85
N MET F 46 -41.15 26.71 -10.47
CA MET F 46 -40.64 27.23 -9.21
C MET F 46 -40.58 28.77 -9.23
N GLY F 47 -40.71 29.33 -7.98
CA GLY F 47 -40.76 30.75 -7.72
C GLY F 47 -39.41 31.35 -8.08
N GLN F 48 -39.12 32.68 -8.06
CA GLN F 48 -37.73 33.10 -8.31
C GLN F 48 -37.12 32.78 -6.92
N LYS F 49 -36.60 31.52 -6.96
CA LYS F 49 -35.88 30.71 -5.97
C LYS F 49 -34.41 30.67 -6.38
N ASP F 50 -33.59 31.45 -5.70
CA ASP F 50 -32.19 31.40 -6.03
C ASP F 50 -31.35 30.86 -4.89
N SER F 51 -31.90 30.05 -3.95
CA SER F 51 -31.07 29.27 -3.03
C SER F 51 -31.72 27.93 -3.12
N TYR F 52 -31.11 26.87 -3.63
CA TYR F 52 -31.73 25.57 -3.57
C TYR F 52 -31.03 24.97 -2.35
N VAL F 53 -31.67 24.15 -1.53
CA VAL F 53 -31.07 23.63 -0.29
C VAL F 53 -31.08 22.09 -0.26
N GLY F 54 -30.08 21.42 0.31
CA GLY F 54 -30.14 19.99 0.46
C GLY F 54 -29.93 19.27 -0.87
N ASP F 55 -30.82 18.33 -1.20
CA ASP F 55 -30.74 17.46 -2.42
C ASP F 55 -31.24 17.96 -3.79
N GLU F 56 -32.22 18.87 -3.73
CA GLU F 56 -32.67 19.63 -4.89
C GLU F 56 -31.60 20.62 -5.31
N ALA F 57 -30.44 20.62 -4.66
CA ALA F 57 -29.34 21.46 -5.04
C ALA F 57 -28.21 20.51 -5.33
N GLN F 58 -28.34 19.24 -5.06
CA GLN F 58 -27.30 18.30 -5.40
C GLN F 58 -27.51 18.15 -6.92
N SER F 59 -28.77 17.97 -7.34
CA SER F 59 -29.15 17.70 -8.73
C SER F 59 -29.24 18.91 -9.66
N LYS F 60 -28.37 19.87 -9.40
CA LYS F 60 -28.16 21.08 -10.18
C LYS F 60 -26.82 21.61 -9.66
N ARG F 61 -26.03 20.79 -8.92
CA ARG F 61 -24.76 21.17 -8.28
C ARG F 61 -23.74 21.66 -9.30
N GLY F 62 -23.81 20.93 -10.42
CA GLY F 62 -23.07 21.22 -11.63
C GLY F 62 -23.48 22.58 -12.15
N ILE F 63 -24.74 23.01 -12.16
CA ILE F 63 -25.06 24.34 -12.66
C ILE F 63 -25.11 25.40 -11.59
N LEU F 64 -24.77 25.10 -10.31
CA LEU F 64 -24.95 26.04 -9.21
C LEU F 64 -23.72 26.27 -8.38
N THR F 65 -23.61 27.38 -7.64
CA THR F 65 -22.51 27.51 -6.65
C THR F 65 -23.01 27.21 -5.20
N LEU F 66 -22.38 26.18 -4.64
CA LEU F 66 -22.73 25.65 -3.36
C LEU F 66 -21.93 26.09 -2.13
N LYS F 67 -22.57 26.68 -1.11
CA LYS F 67 -21.93 27.03 0.16
C LYS F 67 -22.27 25.95 1.23
N TYR F 68 -21.24 25.51 1.99
CA TYR F 68 -21.30 24.56 3.08
C TYR F 68 -21.33 25.33 4.40
N PRO F 69 -20.02 15.22 -0.31
CA PRO F 69 -18.73 15.67 0.17
C PRO F 69 -17.79 14.52 0.49
N ILE F 70 -18.30 13.54 1.23
CA ILE F 70 -17.47 12.51 1.81
C ILE F 70 -17.57 11.41 0.81
N GLU F 71 -16.47 10.72 0.53
CA GLU F 71 -16.40 9.75 -0.53
C GLU F 71 -15.40 8.65 -0.21
N HIS F 72 -11.95 10.97 0.63
CA HIS F 72 -11.30 10.09 1.67
C HIS F 72 -11.86 9.96 3.03
N GLY F 73 -15.15 7.39 2.47
CA GLY F 73 -14.76 7.85 3.78
C GLY F 73 -13.99 9.15 3.85
N ILE F 74 -13.37 9.61 2.73
CA ILE F 74 -12.48 10.75 2.67
C ILE F 74 -13.19 11.99 2.13
N VAL F 75 -12.94 13.23 2.56
CA VAL F 75 -13.70 14.40 2.10
C VAL F 75 -12.98 14.91 0.88
N THR F 76 -13.81 14.96 -0.18
CA THR F 76 -13.39 15.39 -1.51
C THR F 76 -13.77 16.84 -1.72
N ASN F 77 -14.78 17.34 -1.01
CA ASN F 77 -15.26 18.67 -1.24
C ASN F 77 -15.31 19.41 0.07
N TRP F 78 -14.41 20.34 0.25
CA TRP F 78 -14.37 21.03 1.52
C TRP F 78 -15.39 22.12 1.76
N ASP F 79 -15.95 22.90 0.85
CA ASP F 79 -16.93 23.89 1.28
C ASP F 79 -18.26 23.19 1.45
N ASP F 80 -18.55 22.13 0.68
CA ASP F 80 -19.80 21.44 0.97
C ASP F 80 -19.72 20.59 2.24
N MET F 81 -18.58 20.04 2.64
CA MET F 81 -18.49 19.53 4.03
C MET F 81 -18.69 20.73 4.99
N GLU F 82 -18.16 21.92 4.77
CA GLU F 82 -18.37 23.03 5.68
C GLU F 82 -19.82 23.33 5.84
N LYS F 83 -20.55 23.30 4.75
CA LYS F 83 -22.00 23.42 4.84
C LYS F 83 -22.62 22.39 5.79
N ILE F 84 -22.25 21.11 5.65
CA ILE F 84 -22.88 20.06 6.43
C ILE F 84 -22.72 20.33 7.89
N TRP F 85 -21.49 20.70 8.27
CA TRP F 85 -21.19 20.94 9.67
C TRP F 85 -22.01 22.14 10.14
N HIS F 86 -21.95 23.33 9.55
CA HIS F 86 -22.83 24.44 9.88
C HIS F 86 -24.27 24.03 10.13
N HIS F 87 -24.89 23.21 9.26
CA HIS F 87 -26.22 22.60 9.42
C HIS F 87 -26.30 21.64 10.63
N THR F 88 -25.31 20.79 10.89
CA THR F 88 -25.24 19.99 12.12
C THR F 88 -25.48 20.89 13.37
N PHE F 89 -24.67 21.95 13.55
CA PHE F 89 -24.74 22.79 14.76
C PHE F 89 -25.94 23.72 14.79
N TYR F 90 -26.01 24.56 13.76
CA TYR F 90 -27.02 25.60 13.65
C TYR F 90 -28.39 25.17 13.24
N ASN F 91 -28.64 23.99 12.71
CA ASN F 91 -29.99 23.63 12.34
C ASN F 91 -30.38 22.29 12.94
N GLU F 92 -29.47 21.30 13.06
CA GLU F 92 -29.89 20.06 13.63
C GLU F 92 -29.76 20.00 15.15
N LEU F 93 -28.63 20.31 15.76
CA LEU F 93 -28.57 20.16 17.20
C LEU F 93 -28.98 21.45 17.89
N ARG F 94 -28.94 22.58 17.12
CA ARG F 94 -29.35 23.95 17.53
C ARG F 94 -28.43 24.48 18.67
N VAL F 95 -27.13 24.35 18.33
CA VAL F 95 -26.02 24.51 19.21
C VAL F 95 -25.10 25.64 18.69
N ALA F 96 -24.22 26.03 19.60
CA ALA F 96 -23.28 27.06 19.32
C ALA F 96 -21.93 26.40 19.39
N PRO F 97 -21.14 26.49 18.35
CA PRO F 97 -19.87 25.82 18.28
C PRO F 97 -18.86 26.29 19.29
N GLU F 98 -18.87 27.59 19.67
CA GLU F 98 -17.86 28.16 20.59
C GLU F 98 -17.91 27.93 22.10
N GLU F 99 -18.81 27.01 22.46
CA GLU F 99 -19.12 26.64 23.82
C GLU F 99 -19.01 25.12 24.05
N HIS F 100 -18.76 24.29 23.02
CA HIS F 100 -18.76 22.82 23.12
C HIS F 100 -17.52 22.32 22.43
N PRO F 101 -16.80 21.41 23.05
CA PRO F 101 -15.77 20.72 22.34
C PRO F 101 -16.39 19.74 21.35
N VAL F 102 -15.76 19.49 20.22
CA VAL F 102 -16.29 18.47 19.31
C VAL F 102 -15.40 17.24 19.11
N LEU F 103 -15.99 16.04 19.08
CA LEU F 103 -15.16 14.92 18.73
C LEU F 103 -15.61 14.68 17.31
N LEU F 104 -14.78 14.77 16.29
CA LEU F 104 -15.23 14.53 14.91
C LEU F 104 -14.76 13.16 14.55
N THR F 105 -15.42 12.21 13.91
CA THR F 105 -14.66 11.02 13.61
C THR F 105 -13.99 11.09 12.25
N GLU F 106 -13.10 10.18 11.95
CA GLU F 106 -12.41 10.18 10.67
C GLU F 106 -12.13 8.76 10.13
N ALA F 107 -11.92 8.60 8.83
CA ALA F 107 -11.56 7.34 8.22
C ALA F 107 -10.25 6.79 8.73
N PRO F 108 -10.10 5.49 8.96
CA PRO F 108 -8.81 4.80 9.04
C PRO F 108 -7.98 5.20 7.83
N LEU F 109 -6.71 5.47 8.06
CA LEU F 109 -5.79 5.92 7.02
C LEU F 109 -6.20 7.26 6.33
N ASN F 110 -6.93 8.18 7.00
CA ASN F 110 -7.34 9.48 6.41
C ASN F 110 -6.13 10.32 6.03
N PRO F 111 -5.99 10.84 4.81
CA PRO F 111 -4.84 11.64 4.42
C PRO F 111 -4.43 12.75 5.39
N LYS F 112 -3.13 12.98 5.59
CA LYS F 112 -2.53 14.02 6.41
C LYS F 112 -3.19 15.37 6.36
N ALA F 113 -3.28 15.93 5.16
CA ALA F 113 -3.80 17.25 4.94
C ALA F 113 -5.28 17.35 5.22
N ASN F 114 -5.98 16.23 5.21
CA ASN F 114 -7.38 16.20 5.56
C ASN F 114 -7.51 16.40 7.01
N ARG F 115 -6.73 15.70 7.83
CA ARG F 115 -6.78 15.82 9.29
C ARG F 115 -6.52 17.26 9.67
N GLU F 116 -5.54 17.87 9.03
CA GLU F 116 -5.22 19.28 9.25
C GLU F 116 -6.35 20.11 8.71
N LYS F 117 -6.93 19.94 7.51
CA LYS F 117 -7.99 20.86 7.16
C LYS F 117 -9.16 20.74 8.09
N MET F 118 -9.53 19.59 8.66
CA MET F 118 -10.64 19.61 9.56
C MET F 118 -10.25 20.18 10.91
N THR F 119 -8.97 20.19 11.33
CA THR F 119 -8.52 20.94 12.53
C THR F 119 -8.64 22.47 12.33
N GLN F 120 -8.10 22.88 11.19
CA GLN F 120 -8.19 24.20 10.61
C GLN F 120 -9.58 24.77 10.67
N ILE F 121 -10.57 24.23 9.89
CA ILE F 121 -11.98 24.67 9.84
C ILE F 121 -12.63 24.78 11.22
N MET F 122 -12.54 23.66 11.93
CA MET F 122 -13.15 23.58 13.23
C MET F 122 -12.64 24.68 14.07
N PHE F 123 -11.33 24.99 14.11
CA PHE F 123 -10.86 26.06 14.99
C PHE F 123 -11.06 27.48 14.55
N GLU F 124 -10.66 27.78 13.33
CA GLU F 124 -10.75 29.11 12.76
C GLU F 124 -12.13 29.52 12.29
N THR F 125 -12.83 28.59 11.59
CA THR F 125 -14.14 28.82 11.01
C THR F 125 -15.20 28.57 12.04
N PHE F 126 -15.17 27.57 12.94
CA PHE F 126 -16.24 27.46 13.94
C PHE F 126 -15.89 27.88 15.35
N ASN F 127 -14.61 28.21 15.57
CA ASN F 127 -14.11 28.73 16.83
C ASN F 127 -14.52 27.82 17.95
N THR F 128 -13.90 26.66 17.88
CA THR F 128 -14.21 25.53 18.75
C THR F 128 -13.30 25.60 19.96
N PRO F 129 -13.79 25.47 21.21
CA PRO F 129 -12.99 25.52 22.41
C PRO F 129 -11.89 24.49 22.34
N ALA F 130 -12.21 23.32 21.73
CA ALA F 130 -11.37 22.13 21.65
C ALA F 130 -11.93 21.11 20.69
N MET F 131 -11.06 20.23 20.29
CA MET F 131 -11.49 19.18 19.43
C MET F 131 -10.56 17.99 19.46
N TYR F 132 -11.11 16.83 19.05
CA TYR F 132 -10.37 15.61 18.85
C TYR F 132 -10.99 14.92 17.60
N VAL F 133 -10.10 14.16 16.94
CA VAL F 133 -10.41 13.40 15.77
C VAL F 133 -10.02 11.96 16.11
N ALA F 134 -11.02 11.12 16.27
CA ALA F 134 -10.84 9.69 16.41
C ALA F 134 -11.20 8.88 15.11
N ILE F 135 -10.41 7.83 14.83
CA ILE F 135 -10.66 6.90 13.72
C ILE F 135 -11.96 6.20 14.05
N GLN F 136 -12.82 5.87 13.09
CA GLN F 136 -14.15 5.30 13.43
C GLN F 136 -14.16 3.93 14.02
N ALA F 137 -13.33 2.97 13.54
CA ALA F 137 -13.26 1.62 14.03
C ALA F 137 -12.84 1.54 15.49
N VAL F 138 -11.98 2.42 15.96
CA VAL F 138 -11.55 2.43 17.34
C VAL F 138 -12.69 2.79 18.29
N LEU F 139 -13.71 3.58 17.91
CA LEU F 139 -14.87 3.92 18.77
C LEU F 139 -15.88 2.79 18.70
N SER F 140 -16.00 2.07 17.56
CA SER F 140 -16.73 0.81 17.54
C SER F 140 -16.21 -0.16 18.62
N LEU F 141 -14.89 -0.32 18.76
CA LEU F 141 -14.31 -1.18 19.77
C LEU F 141 -14.55 -0.80 21.26
N TYR F 142 -14.29 0.48 21.57
CA TYR F 142 -14.52 0.98 22.90
C TYR F 142 -15.98 0.79 23.27
N ALA F 143 -16.93 1.08 22.36
CA ALA F 143 -18.35 0.90 22.66
C ALA F 143 -18.77 -0.58 22.87
N SER F 144 -17.97 -1.60 22.49
CA SER F 144 -18.28 -3.00 22.78
C SER F 144 -17.65 -3.40 24.10
N GLY F 145 -18.79 -5.23 24.05
CA GLY F 145 -18.64 -5.61 25.44
C GLY F 145 -17.32 -6.26 25.60
N ARG F 146 -16.30 -5.66 25.04
CA ARG F 146 -15.05 -6.35 25.05
C ARG F 146 -13.98 -5.30 25.17
N THR F 147 -12.86 -5.82 25.63
CA THR F 147 -11.69 -5.04 26.00
C THR F 147 -10.38 -5.47 25.31
N THR F 148 -10.33 -6.69 24.81
CA THR F 148 -9.16 -7.14 24.10
C THR F 148 -9.71 -7.66 22.75
N GLY F 149 -9.06 -7.56 21.61
CA GLY F 149 -9.68 -8.00 20.40
C GLY F 149 -9.02 -7.22 19.31
N ILE F 150 -9.48 -7.32 18.09
CA ILE F 150 -9.01 -6.50 16.98
C ILE F 150 -10.30 -6.24 16.22
N VAL F 151 -10.41 -4.99 15.80
CA VAL F 151 -11.59 -4.50 15.10
C VAL F 151 -11.12 -4.32 13.68
N MET F 152 -12.04 -4.51 12.75
CA MET F 152 -11.70 -4.28 11.36
C MET F 152 -12.72 -3.22 11.00
N ASP F 153 -12.30 -1.99 10.77
CA ASP F 153 -13.28 -0.91 10.66
C ASP F 153 -13.36 -0.43 9.24
N SER F 154 -14.48 -0.51 8.56
CA SER F 154 -14.52 -0.09 7.17
C SER F 154 -15.64 0.89 6.95
N GLY F 155 -15.17 2.11 6.80
CA GLY F 155 -16.09 3.22 6.56
C GLY F 155 -16.23 3.63 5.09
N ASP F 156 -16.05 4.92 4.78
CA ASP F 156 -16.24 5.40 3.42
C ASP F 156 -14.90 5.72 2.81
N GLY F 157 -13.97 6.20 3.64
CA GLY F 157 -12.70 6.59 3.11
C GLY F 157 -11.58 5.71 3.59
N VAL F 158 -11.66 4.90 4.65
CA VAL F 158 -10.55 4.04 5.06
C VAL F 158 -11.02 2.77 5.77
N THR F 159 -10.05 1.88 5.86
CA THR F 159 -10.19 0.64 6.59
C THR F 159 -8.94 0.52 7.43
N HIS F 160 -9.14 0.12 8.66
CA HIS F 160 -7.99 -0.21 9.50
C HIS F 160 -8.29 -1.45 10.28
N THR F 161 -7.20 -2.14 10.55
CA THR F 161 -7.23 -3.26 11.46
C THR F 161 -6.43 -2.72 12.68
N VAL F 162 -7.03 -2.79 13.88
CA VAL F 162 -6.50 -2.17 15.07
C VAL F 162 -6.42 -3.30 16.05
N PRO F 163 -5.31 -3.84 16.57
CA PRO F 163 -5.31 -4.70 17.74
C PRO F 163 -5.42 -3.92 19.06
N ILE F 164 -6.31 -4.28 19.98
CA ILE F 164 -6.55 -3.58 21.22
C ILE F 164 -6.29 -4.56 22.38
N TYR F 165 -5.38 -4.22 23.29
CA TYR F 165 -5.09 -4.96 24.51
C TYR F 165 -5.60 -4.08 25.67
N GLU F 166 -6.62 -4.60 26.33
CA GLU F 166 -7.22 -3.98 27.46
C GLU F 166 -7.73 -2.56 27.26
N GLY F 167 -8.41 -2.22 26.16
CA GLY F 167 -8.90 -0.88 25.89
C GLY F 167 -7.87 0.07 25.24
N TYR F 168 -6.75 -0.45 24.78
CA TYR F 168 -5.64 0.35 24.31
C TYR F 168 -5.26 -0.24 22.99
N ALA F 169 -5.34 0.61 21.98
CA ALA F 169 -5.03 0.27 20.60
C ALA F 169 -3.54 0.10 20.52
N LEU F 170 -3.02 -0.84 19.74
CA LEU F 170 -1.60 -1.00 19.71
C LEU F 170 -1.06 -0.35 18.44
N PRO F 171 -0.68 0.93 18.42
CA PRO F 171 -0.37 1.71 17.22
C PRO F 171 0.66 1.10 16.27
N HIS F 172 1.69 0.40 16.75
CA HIS F 172 2.58 -0.29 15.81
C HIS F 172 1.91 -1.36 14.89
N ALA F 173 0.87 -2.05 15.38
CA ALA F 173 0.30 -3.13 14.62
C ALA F 173 -0.93 -2.66 13.88
N ILE F 174 -1.30 -1.35 13.95
CA ILE F 174 -2.45 -0.80 13.22
C ILE F 174 -2.00 -0.71 11.77
N LEU F 175 -2.92 -1.07 10.89
CA LEU F 175 -2.67 -1.11 9.45
C LEU F 175 -3.89 -0.41 8.84
N ARG F 176 -3.60 0.40 7.84
CA ARG F 176 -4.54 1.28 7.12
C ARG F 176 -4.61 0.87 5.69
N LEU F 177 -5.85 0.82 5.19
CA LEU F 177 -6.14 0.42 3.82
C LEU F 177 -7.08 1.46 3.28
N ASP F 178 -6.59 1.99 2.17
CA ASP F 178 -7.33 3.03 1.56
C ASP F 178 -8.18 2.49 0.41
N LEU F 179 -9.21 1.83 0.89
CA LEU F 179 -10.21 1.25 0.05
C LEU F 179 -11.34 0.95 1.03
N ALA F 180 -12.48 1.60 0.80
CA ALA F 180 -13.63 1.46 1.65
C ALA F 180 -14.86 1.79 0.83
N GLY F 181 -16.06 2.00 1.41
CA GLY F 181 -17.31 2.26 0.69
C GLY F 181 -17.29 3.13 -0.60
N ARG F 182 -16.51 4.19 -0.71
CA ARG F 182 -16.55 5.02 -1.91
C ARG F 182 -15.88 4.31 -3.08
N ASP F 183 -14.85 3.54 -2.75
CA ASP F 183 -14.11 2.77 -3.72
C ASP F 183 -15.03 1.75 -4.33
N LEU F 184 -15.96 1.22 -3.53
CA LEU F 184 -16.89 0.22 -3.96
C LEU F 184 -18.10 0.81 -4.66
N THR F 185 -18.58 2.01 -4.35
CA THR F 185 -19.64 2.67 -5.15
C THR F 185 -19.15 3.00 -6.55
N ASP F 186 -17.93 3.49 -6.62
CA ASP F 186 -17.26 3.80 -7.84
C ASP F 186 -16.98 2.68 -8.80
N TYR F 187 -16.58 1.54 -8.24
CA TYR F 187 -16.27 0.37 -9.03
C TYR F 187 -17.54 -0.31 -9.51
N LEU F 188 -18.62 -0.16 -8.77
CA LEU F 188 -19.90 -0.69 -9.15
C LEU F 188 -20.39 0.05 -10.38
N MET F 189 -20.35 1.39 -10.39
CA MET F 189 -20.82 2.26 -11.48
C MET F 189 -20.06 2.00 -12.77
N LYS F 190 -18.73 1.76 -12.70
CA LYS F 190 -17.91 1.41 -13.84
C LYS F 190 -18.29 0.03 -14.29
N ILE F 191 -18.46 -1.01 -13.47
CA ILE F 191 -18.81 -2.27 -14.08
C ILE F 191 -20.25 -2.12 -14.62
N LEU F 192 -21.17 -1.38 -14.03
CA LEU F 192 -22.53 -1.16 -14.57
C LEU F 192 -22.59 -0.37 -15.91
N THR F 193 -21.79 0.70 -16.06
CA THR F 193 -21.59 1.52 -17.28
C THR F 193 -20.84 0.72 -18.35
N GLU F 194 -20.02 -0.26 -17.94
CA GLU F 194 -19.32 -1.12 -18.87
C GLU F 194 -20.39 -1.95 -19.54
N ARG F 195 -21.47 -2.31 -18.85
CA ARG F 195 -22.56 -3.05 -19.47
C ARG F 195 -23.41 -2.10 -20.36
N GLY F 196 -22.86 -0.98 -20.83
CA GLY F 196 -23.59 0.02 -21.58
C GLY F 196 -24.76 0.65 -20.79
N TYR F 197 -24.55 1.04 -19.53
CA TYR F 197 -25.57 1.72 -18.74
C TYR F 197 -25.11 3.14 -18.67
N SER F 198 -26.03 3.96 -18.19
CA SER F 198 -25.87 5.38 -18.31
C SER F 198 -26.21 6.04 -16.98
N PHE F 199 -25.22 6.49 -16.20
CA PHE F 199 -25.52 7.14 -14.93
C PHE F 199 -25.20 8.60 -15.07
N THR F 200 -25.80 9.11 -16.14
CA THR F 200 -25.34 10.41 -16.55
C THR F 200 -25.80 11.61 -15.73
N THR F 201 -26.87 11.60 -14.92
CA THR F 201 -27.23 12.85 -14.26
C THR F 201 -27.19 13.02 -12.74
N THR F 202 -26.10 13.63 -12.25
CA THR F 202 -25.80 14.03 -10.85
C THR F 202 -26.43 13.24 -9.68
N ALA F 203 -27.76 13.32 -9.50
CA ALA F 203 -28.54 12.61 -8.50
C ALA F 203 -28.17 11.19 -8.81
N GLU F 204 -28.43 10.71 -10.05
CA GLU F 204 -28.16 9.33 -10.35
C GLU F 204 -26.68 8.86 -10.22
N ARG F 205 -25.70 9.70 -9.85
CA ARG F 205 -24.35 9.23 -9.46
C ARG F 205 -24.40 8.67 -8.02
N GLU F 206 -25.34 9.25 -7.31
CA GLU F 206 -25.73 8.78 -6.01
C GLU F 206 -26.73 7.64 -6.16
N ILE F 207 -27.17 7.20 -7.34
CA ILE F 207 -28.10 6.07 -7.42
C ILE F 207 -27.36 4.72 -7.47
N VAL F 208 -26.04 4.75 -7.74
CA VAL F 208 -25.24 3.55 -7.62
C VAL F 208 -25.06 3.23 -6.13
N ARG F 209 -24.98 4.22 -5.22
CA ARG F 209 -24.86 4.05 -3.76
C ARG F 209 -25.99 3.17 -3.30
N ASP F 210 -27.23 3.35 -3.72
CA ASP F 210 -28.34 2.48 -3.30
C ASP F 210 -28.31 1.10 -3.96
N ILE F 211 -27.88 0.91 -5.20
CA ILE F 211 -27.80 -0.46 -5.76
C ILE F 211 -26.76 -1.23 -4.91
N LYS F 212 -25.62 -0.59 -4.66
CA LYS F 212 -24.48 -1.12 -3.95
C LYS F 212 -24.96 -1.53 -2.62
N GLU F 213 -25.63 -0.63 -1.94
CA GLU F 213 -26.00 -1.03 -0.61
C GLU F 213 -27.17 -1.95 -0.70
N LYS F 214 -28.04 -1.92 -1.73
CA LYS F 214 -29.20 -2.78 -1.67
C LYS F 214 -29.08 -4.15 -2.22
N LEU F 215 -28.20 -4.39 -3.18
CA LEU F 215 -28.16 -5.68 -3.86
C LEU F 215 -26.82 -6.35 -3.65
N CYS F 216 -25.70 -5.65 -3.30
CA CYS F 216 -24.45 -6.36 -3.13
C CYS F 216 -24.43 -7.34 -1.99
N TYR F 217 -23.52 -8.27 -2.21
CA TYR F 217 -23.34 -9.53 -1.52
C TYR F 217 -21.84 -9.83 -1.63
N VAL F 218 -21.37 -10.61 -0.65
CA VAL F 218 -20.03 -11.14 -0.63
C VAL F 218 -20.27 -12.63 -0.82
N ALA F 219 -19.48 -13.14 -1.77
CA ALA F 219 -19.46 -14.52 -2.20
C ALA F 219 -18.54 -15.30 -1.30
N LEU F 220 -18.82 -16.59 -1.01
CA LEU F 220 -17.98 -17.49 -0.20
C LEU F 220 -16.86 -17.98 -1.05
N ASP F 221 -17.24 -18.38 -2.24
CA ASP F 221 -16.22 -18.77 -3.15
C ASP F 221 -16.47 -17.97 -4.41
N PHE F 222 -15.79 -16.79 -4.58
CA PHE F 222 -15.97 -15.99 -5.81
C PHE F 222 -16.07 -16.87 -7.06
N GLU F 223 -15.09 -17.77 -7.23
CA GLU F 223 -14.97 -18.73 -8.34
C GLU F 223 -16.22 -19.59 -8.54
N GLN F 224 -16.65 -20.43 -7.61
CA GLN F 224 -17.86 -21.13 -7.83
C GLN F 224 -19.03 -20.17 -7.79
N GLU F 225 -18.89 -18.90 -7.40
CA GLU F 225 -20.02 -17.99 -7.44
C GLU F 225 -20.16 -17.40 -8.82
N MET F 226 -19.09 -17.24 -9.57
CA MET F 226 -19.23 -16.66 -10.88
C MET F 226 -19.97 -17.61 -11.84
N ALA F 227 -19.77 -18.92 -11.73
CA ALA F 227 -20.51 -19.89 -12.54
C ALA F 227 -21.87 -20.21 -11.93
N THR F 228 -22.09 -19.65 -10.75
CA THR F 228 -23.38 -19.58 -10.13
C THR F 228 -23.83 -18.09 -10.18
N ALA F 229 -23.57 -17.57 -11.40
CA ALA F 229 -24.07 -16.35 -11.97
C ALA F 229 -24.36 -17.00 -13.33
N ALA F 230 -23.44 -17.64 -14.10
CA ALA F 230 -23.81 -18.25 -15.39
C ALA F 230 -24.95 -19.28 -15.27
N SER F 231 -25.22 -19.96 -14.12
CA SER F 231 -26.41 -20.80 -13.94
C SER F 231 -27.50 -19.89 -13.36
N SER F 232 -27.70 -18.80 -14.06
CA SER F 232 -28.49 -17.69 -13.62
C SER F 232 -29.81 -18.00 -12.95
N SER F 233 -30.94 -17.90 -13.66
CA SER F 233 -32.29 -17.90 -13.09
C SER F 233 -32.37 -16.81 -11.98
N SER F 234 -31.96 -17.13 -10.75
CA SER F 234 -32.16 -16.32 -9.57
C SER F 234 -31.18 -15.19 -9.20
N LEU F 235 -30.11 -14.94 -9.95
CA LEU F 235 -29.13 -13.93 -9.56
C LEU F 235 -29.40 -12.50 -10.07
N GLU F 236 -30.08 -12.32 -11.22
CA GLU F 236 -30.21 -10.95 -11.69
C GLU F 236 -31.38 -10.38 -10.88
N LYS F 237 -31.14 -9.18 -10.39
CA LYS F 237 -32.21 -8.40 -9.77
C LYS F 237 -32.30 -7.05 -10.49
N SER F 238 -33.45 -6.40 -10.41
CA SER F 238 -33.63 -5.10 -11.04
C SER F 238 -33.85 -3.90 -10.09
N TYR F 239 -33.25 -2.83 -10.64
CA TYR F 239 -33.35 -1.53 -10.06
C TYR F 239 -33.94 -0.52 -11.07
N GLU F 240 -34.78 0.32 -10.49
CA GLU F 240 -35.61 1.28 -11.20
C GLU F 240 -35.01 2.65 -11.06
N LEU F 241 -34.73 3.26 -12.18
CA LEU F 241 -34.36 4.66 -12.18
C LEU F 241 -35.54 5.59 -11.76
N PRO F 242 -35.28 6.73 -11.12
CA PRO F 242 -36.18 7.89 -11.10
C PRO F 242 -36.80 8.15 -12.48
N ASP F 243 -35.95 8.20 -13.50
CA ASP F 243 -36.31 8.22 -14.92
C ASP F 243 -37.39 7.21 -15.34
N GLY F 244 -37.91 6.24 -14.54
CA GLY F 244 -38.86 5.23 -14.99
C GLY F 244 -38.18 3.93 -15.47
N GLN F 245 -36.99 4.08 -16.09
CA GLN F 245 -36.14 3.03 -16.66
C GLN F 245 -35.72 1.85 -15.75
N VAL F 246 -35.21 0.72 -16.34
CA VAL F 246 -34.76 -0.41 -15.55
C VAL F 246 -33.27 -0.80 -15.64
N ILE F 247 -32.76 -1.36 -14.57
CA ILE F 247 -31.36 -1.75 -14.45
C ILE F 247 -31.52 -3.23 -14.22
N THR F 248 -30.60 -4.00 -14.73
CA THR F 248 -30.54 -5.35 -14.24
C THR F 248 -29.09 -5.66 -13.89
N ILE F 249 -28.94 -6.24 -12.69
CA ILE F 249 -27.65 -6.55 -12.10
C ILE F 249 -27.59 -8.01 -11.73
N GLY F 250 -26.49 -8.58 -12.11
CA GLY F 250 -26.24 -9.97 -11.87
C GLY F 250 -24.86 -10.16 -11.28
N ASN F 251 -23.83 -10.59 -12.05
CA ASN F 251 -22.56 -10.96 -11.44
C ASN F 251 -21.85 -9.84 -10.66
N GLU F 252 -22.25 -8.65 -11.06
CA GLU F 252 -21.86 -7.42 -10.42
C GLU F 252 -22.11 -7.30 -8.93
N ARG F 253 -23.24 -7.80 -8.45
CA ARG F 253 -23.62 -7.71 -7.05
C ARG F 253 -22.57 -8.23 -6.08
N PHE F 254 -21.95 -9.40 -6.38
CA PHE F 254 -20.92 -9.97 -5.51
C PHE F 254 -19.52 -9.55 -5.95
N ARG F 255 -19.30 -9.26 -7.25
CA ARG F 255 -18.07 -8.75 -7.86
C ARG F 255 -17.71 -7.37 -7.29
N CYS F 256 -18.67 -6.60 -6.78
CA CYS F 256 -18.39 -5.29 -6.19
C CYS F 256 -17.64 -5.51 -4.85
N PRO F 257 -18.22 -6.00 -3.72
CA PRO F 257 -17.52 -6.20 -2.46
C PRO F 257 -16.27 -7.02 -2.63
N GLU F 258 -16.09 -7.90 -3.61
CA GLU F 258 -14.85 -8.64 -3.85
C GLU F 258 -13.56 -7.87 -4.00
N ALA F 259 -13.70 -6.59 -4.33
CA ALA F 259 -12.54 -5.73 -4.40
C ALA F 259 -11.97 -5.51 -2.99
N LEU F 260 -12.72 -5.75 -1.93
CA LEU F 260 -12.20 -5.73 -0.58
C LEU F 260 -11.22 -6.85 -0.31
N PHE F 261 -11.47 -8.03 -0.88
CA PHE F 261 -10.65 -9.21 -0.66
C PHE F 261 -9.51 -9.34 -1.63
N GLN F 262 -9.72 -8.80 -2.83
CA GLN F 262 -8.78 -8.80 -3.92
C GLN F 262 -8.70 -7.38 -4.49
N PRO F 263 -7.88 -6.47 -4.04
CA PRO F 263 -7.87 -5.11 -4.54
C PRO F 263 -7.17 -5.00 -5.88
N SER F 264 -6.84 -6.12 -6.51
CA SER F 264 -6.33 -6.18 -7.87
C SER F 264 -7.52 -5.83 -8.73
N PHE F 265 -8.74 -6.21 -8.32
CA PHE F 265 -9.95 -5.84 -9.05
C PHE F 265 -10.00 -4.38 -9.23
N LEU F 266 -9.62 -3.62 -8.22
CA LEU F 266 -9.50 -2.18 -8.32
C LEU F 266 -8.19 -1.69 -8.95
N GLY F 267 -7.18 -2.50 -9.29
CA GLY F 267 -6.00 -1.95 -9.92
C GLY F 267 -4.97 -1.55 -8.88
N MET F 268 -5.25 -1.97 -7.64
CA MET F 268 -4.40 -1.77 -6.46
C MET F 268 -3.59 -3.01 -6.10
N GLU F 269 -2.37 -2.66 -5.72
CA GLU F 269 -1.44 -3.66 -5.29
C GLU F 269 -1.79 -4.18 -3.90
N SER F 270 -2.68 -3.54 -3.13
CA SER F 270 -2.93 -3.95 -1.75
C SER F 270 -3.49 -5.33 -1.56
N CYS F 271 -3.05 -5.88 -0.42
CA CYS F 271 -3.58 -7.08 0.16
C CYS F 271 -5.05 -6.82 0.40
N GLY F 272 -5.90 -7.82 0.48
CA GLY F 272 -7.25 -7.55 0.86
C GLY F 272 -7.38 -7.56 2.37
N ILE F 273 -8.56 -7.18 2.76
CA ILE F 273 -8.98 -7.12 4.15
C ILE F 273 -8.72 -8.32 5.08
N HIS F 274 -8.59 -9.50 4.47
CA HIS F 274 -8.44 -10.73 5.24
C HIS F 274 -6.99 -10.96 5.64
N GLU F 275 -6.11 -10.42 4.83
CA GLU F 275 -4.70 -10.53 5.05
C GLU F 275 -4.22 -9.45 5.98
N THR F 276 -4.80 -8.28 5.93
CA THR F 276 -4.45 -7.17 6.76
C THR F 276 -4.88 -7.52 8.18
N THR F 277 -6.10 -7.99 8.57
CA THR F 277 -6.37 -8.48 9.93
C THR F 277 -5.24 -9.43 10.38
N PHE F 278 -4.89 -10.45 9.58
CA PHE F 278 -3.79 -11.37 9.88
C PHE F 278 -2.43 -10.69 9.98
N ASN F 279 -2.13 -9.61 9.33
CA ASN F 279 -0.79 -9.10 9.43
C ASN F 279 -0.71 -8.15 10.61
N SER F 280 -1.81 -7.64 11.20
CA SER F 280 -1.75 -6.82 12.41
C SER F 280 -1.55 -7.80 13.57
N ILE F 281 -2.36 -8.82 13.68
CA ILE F 281 -2.22 -9.93 14.61
C ILE F 281 -0.78 -10.41 14.63
N MET F 282 -0.07 -10.57 13.54
CA MET F 282 1.27 -11.05 13.66
C MET F 282 2.31 -10.09 14.23
N LYS F 283 1.93 -8.82 14.32
CA LYS F 283 2.76 -7.71 14.78
C LYS F 283 2.57 -7.45 16.27
N CYS F 284 1.59 -8.11 16.86
CA CYS F 284 1.33 -7.94 18.29
C CYS F 284 2.14 -8.91 19.20
N ASP F 285 2.07 -8.65 20.49
CA ASP F 285 2.60 -9.48 21.54
C ASP F 285 2.13 -10.90 21.36
N VAL F 286 3.12 -11.77 21.35
CA VAL F 286 2.95 -13.19 21.26
C VAL F 286 1.89 -13.70 22.20
N ASP F 287 1.72 -13.13 23.38
CA ASP F 287 0.75 -13.65 24.37
C ASP F 287 -0.66 -13.02 24.25
N ILE F 288 -0.98 -12.15 23.25
CA ILE F 288 -2.35 -11.73 23.17
C ILE F 288 -2.92 -12.20 21.89
N ARG F 289 -2.16 -12.69 20.92
CA ARG F 289 -2.64 -13.16 19.63
C ARG F 289 -3.84 -14.09 19.72
N LYS F 290 -3.78 -15.02 20.67
CA LYS F 290 -4.87 -15.98 20.78
C LYS F 290 -6.12 -15.22 21.18
N ASP F 291 -5.97 -14.08 21.81
CA ASP F 291 -7.11 -13.30 22.20
C ASP F 291 -7.64 -12.54 21.00
N LEU F 292 -6.72 -12.00 20.20
CA LEU F 292 -7.10 -11.27 19.00
C LEU F 292 -7.80 -12.19 17.95
N TYR F 293 -7.42 -13.47 17.72
CA TYR F 293 -8.24 -14.35 16.87
C TYR F 293 -9.61 -14.70 17.39
N ALA F 294 -9.82 -14.76 18.69
CA ALA F 294 -11.10 -15.10 19.27
C ALA F 294 -12.07 -13.94 19.28
N ASN F 295 -11.54 -12.73 18.99
CA ASN F 295 -12.31 -11.50 19.07
C ASN F 295 -11.99 -10.63 17.87
N THR F 296 -12.40 -11.09 16.69
CA THR F 296 -12.25 -10.29 15.50
C THR F 296 -13.64 -9.70 15.37
N VAL F 297 -13.76 -8.37 15.48
CA VAL F 297 -15.04 -7.63 15.42
C VAL F 297 -14.99 -6.77 14.16
N LEU F 298 -16.11 -6.71 13.45
CA LEU F 298 -16.13 -5.90 12.25
C LEU F 298 -16.95 -4.67 12.58
N SER F 299 -16.56 -3.47 12.12
CA SER F 299 -17.46 -2.37 12.36
C SER F 299 -17.49 -1.44 11.19
N GLY F 300 -18.45 -0.55 10.98
CA GLY F 300 -18.44 0.39 9.82
C GLY F 300 -19.47 0.05 8.77
N GLY F 301 -19.98 0.97 7.95
CA GLY F 301 -20.96 0.70 6.88
C GLY F 301 -20.48 -0.33 5.84
N THR F 302 -19.24 -0.33 5.38
CA THR F 302 -18.80 -1.28 4.37
C THR F 302 -18.71 -2.70 4.97
N THR F 303 -19.07 -2.98 6.25
CA THR F 303 -18.99 -4.37 6.77
C THR F 303 -20.39 -4.95 6.78
N MET F 304 -21.31 -4.21 6.20
CA MET F 304 -22.68 -4.62 6.26
C MET F 304 -23.10 -5.64 5.17
N TYR F 305 -22.22 -6.01 4.27
CA TYR F 305 -22.54 -6.88 3.15
C TYR F 305 -22.93 -8.26 3.59
N PRO F 306 -24.06 -8.87 3.18
CA PRO F 306 -24.32 -10.28 3.35
C PRO F 306 -23.15 -11.09 2.81
N GLY F 307 -22.84 -12.13 3.64
CA GLY F 307 -21.70 -13.01 3.51
C GLY F 307 -20.38 -12.51 4.10
N ILE F 308 -20.21 -11.27 4.60
CA ILE F 308 -18.86 -10.84 4.98
C ILE F 308 -18.33 -11.51 6.23
N ALA F 309 -19.17 -11.81 7.23
CA ALA F 309 -18.72 -12.56 8.41
C ALA F 309 -18.22 -13.92 8.04
N ASP F 310 -19.02 -14.73 7.33
CA ASP F 310 -18.61 -16.04 6.83
C ASP F 310 -17.37 -16.02 5.97
N ARG F 311 -17.26 -15.10 5.05
CA ARG F 311 -16.11 -15.06 4.19
C ARG F 311 -14.90 -14.57 4.94
N MET F 312 -15.03 -13.66 5.89
CA MET F 312 -13.91 -13.24 6.71
C MET F 312 -13.49 -14.47 7.50
N GLN F 313 -14.36 -15.18 8.22
CA GLN F 313 -14.06 -16.42 8.93
C GLN F 313 -13.35 -17.41 8.04
N LYS F 314 -13.92 -17.91 6.93
CA LYS F 314 -13.30 -18.81 5.98
C LYS F 314 -11.88 -18.41 5.64
N GLU F 315 -11.63 -17.12 5.49
CA GLU F 315 -10.32 -16.67 5.05
C GLU F 315 -9.28 -16.52 6.14
N ILE F 316 -9.70 -16.15 7.34
CA ILE F 316 -8.76 -16.04 8.42
C ILE F 316 -8.49 -17.45 8.88
N THR F 317 -9.49 -18.32 8.88
CA THR F 317 -9.27 -19.73 9.14
C THR F 317 -8.25 -20.39 8.21
N ALA F 318 -8.09 -19.95 6.97
CA ALA F 318 -7.05 -20.52 6.12
C ALA F 318 -5.65 -20.01 6.47
N LEU F 319 -5.43 -18.71 6.75
CA LEU F 319 -4.09 -18.24 7.12
C LEU F 319 -3.63 -18.60 8.57
N ALA F 320 -4.59 -18.76 9.49
CA ALA F 320 -4.31 -18.89 10.92
C ALA F 320 -3.73 -20.23 11.23
N PRO F 321 -2.81 -20.40 12.23
CA PRO F 321 -2.32 -21.72 12.69
C PRO F 321 -3.50 -22.71 12.85
N SER F 322 -3.23 -23.98 12.56
CA SER F 322 -4.30 -25.00 12.40
C SER F 322 -5.20 -25.35 13.61
N THR F 323 -5.02 -24.57 14.67
CA THR F 323 -5.66 -24.78 15.93
C THR F 323 -6.43 -23.58 16.42
N MET F 324 -6.18 -22.34 15.94
CA MET F 324 -6.75 -21.15 16.59
C MET F 324 -8.24 -21.22 16.63
N LYS F 325 -8.96 -20.89 17.69
CA LYS F 325 -10.41 -20.85 17.69
C LYS F 325 -10.55 -19.50 17.02
N ILE F 326 -11.26 -19.31 15.92
CA ILE F 326 -11.38 -18.01 15.30
C ILE F 326 -12.83 -17.61 15.40
N LYS F 327 -13.13 -16.50 16.03
CA LYS F 327 -14.49 -16.12 16.29
C LYS F 327 -14.56 -14.73 15.68
N ILE F 328 -15.25 -14.61 14.57
CA ILE F 328 -15.40 -13.33 13.86
C ILE F 328 -16.67 -12.77 14.55
N ILE F 329 -16.88 -11.47 14.88
CA ILE F 329 -18.04 -11.03 15.65
C ILE F 329 -18.62 -9.99 14.74
N ALA F 330 -19.93 -9.98 14.53
CA ALA F 330 -20.46 -9.03 13.59
C ALA F 330 -21.83 -8.73 14.13
N PRO F 331 -21.82 -7.83 15.17
CA PRO F 331 -23.03 -7.44 15.86
C PRO F 331 -23.92 -6.77 14.83
N PRO F 332 -25.21 -7.05 14.81
CA PRO F 332 -26.09 -6.53 13.81
C PRO F 332 -26.22 -5.01 13.88
N GLU F 333 -25.67 -4.27 14.86
CA GLU F 333 -25.84 -2.83 14.87
C GLU F 333 -24.59 -2.09 14.55
N ARG F 334 -23.73 -2.80 13.82
CA ARG F 334 -22.38 -2.38 13.47
C ARG F 334 -22.10 -1.22 12.52
N LYS F 335 -25.23 -0.62 13.83
CA LYS F 335 -25.42 0.40 12.78
C LYS F 335 -24.91 1.69 13.45
N TYR F 336 -25.03 1.86 14.78
CA TYR F 336 -24.57 3.05 15.50
C TYR F 336 -23.28 2.99 16.35
N SER F 337 -22.48 1.90 16.29
CA SER F 337 -21.23 1.72 17.02
C SER F 337 -20.30 2.94 16.97
N VAL F 338 -19.90 3.45 15.83
CA VAL F 338 -18.99 4.55 15.83
C VAL F 338 -19.55 5.73 16.65
N TRP F 339 -20.82 6.09 16.56
CA TRP F 339 -21.30 7.21 17.32
C TRP F 339 -21.36 6.87 18.80
N ILE F 340 -21.78 5.71 19.33
CA ILE F 340 -21.90 5.56 20.78
C ILE F 340 -20.56 5.27 21.42
N GLY F 341 -19.57 4.88 20.65
CA GLY F 341 -18.22 4.77 21.19
C GLY F 341 -17.58 6.13 21.47
N GLY F 342 -17.88 7.11 20.64
CA GLY F 342 -17.47 8.49 20.79
C GLY F 342 -18.28 9.17 21.87
N SER F 343 -19.62 9.12 21.90
CA SER F 343 -20.38 9.53 23.06
C SER F 343 -19.91 9.05 24.42
N ILE F 344 -19.35 7.85 24.61
CA ILE F 344 -18.82 7.26 25.85
C ILE F 344 -17.53 7.97 26.23
N LEU F 345 -16.67 7.90 25.21
CA LEU F 345 -15.32 8.45 25.26
C LEU F 345 -15.42 9.91 25.58
N ALA F 346 -16.03 10.80 24.80
CA ALA F 346 -16.08 12.20 25.10
C ALA F 346 -16.89 12.60 26.34
N SER F 347 -17.42 11.63 27.11
CA SER F 347 -18.10 11.94 28.35
C SER F 347 -17.23 11.61 29.52
N LEU F 348 -16.20 10.77 29.38
CA LEU F 348 -15.33 10.43 30.52
C LEU F 348 -14.50 11.67 30.94
N SER F 349 -14.24 11.90 32.24
CA SER F 349 -13.46 13.06 32.63
C SER F 349 -12.06 12.85 32.18
N THR F 350 -11.71 11.58 31.94
CA THR F 350 -10.49 11.12 31.27
C THR F 350 -10.15 11.95 30.00
N PHE F 351 -11.17 12.13 29.17
CA PHE F 351 -11.01 12.64 27.85
C PHE F 351 -10.64 14.10 27.80
N GLN F 352 -11.05 14.93 28.76
CA GLN F 352 -10.74 16.35 28.68
C GLN F 352 -9.25 16.54 28.66
N GLN F 353 -8.45 15.58 29.09
CA GLN F 353 -7.03 15.68 28.96
C GLN F 353 -6.91 14.69 27.82
N MET F 354 -7.07 15.13 26.60
CA MET F 354 -6.89 14.30 25.43
C MET F 354 -7.19 15.17 24.22
N TRP F 355 -8.01 16.22 24.38
CA TRP F 355 -8.33 17.18 23.32
C TRP F 355 -7.14 18.02 22.90
N ILE F 356 -7.32 18.72 21.78
CA ILE F 356 -6.42 19.72 21.26
C ILE F 356 -7.25 20.95 21.58
N SER F 357 -6.67 21.89 22.33
CA SER F 357 -7.38 23.05 22.76
C SER F 357 -7.11 24.19 21.81
N LYS F 358 -7.93 25.25 21.91
CA LYS F 358 -7.79 26.48 21.13
C LYS F 358 -6.40 26.96 21.34
N GLN F 359 -5.98 27.10 22.60
CA GLN F 359 -4.61 27.44 22.96
C GLN F 359 -3.53 26.67 22.18
N GLU F 360 -3.67 25.33 22.15
CA GLU F 360 -2.66 24.50 21.50
C GLU F 360 -2.63 24.69 20.02
N TYR F 361 -3.80 24.89 19.43
CA TYR F 361 -3.89 25.11 18.01
C TYR F 361 -3.11 26.37 17.63
N ASP F 362 -3.20 27.42 18.44
CA ASP F 362 -2.47 28.68 18.22
C ASP F 362 -0.99 28.47 18.29
N GLU F 363 -0.68 27.78 19.41
CA GLU F 363 0.66 27.42 19.75
C GLU F 363 1.22 26.72 18.52
N SER F 364 0.60 25.63 18.04
CA SER F 364 1.26 24.82 17.03
C SER F 364 0.85 25.12 15.62
N GLY F 365 -0.44 25.22 15.41
CA GLY F 365 -0.94 25.40 14.07
C GLY F 365 -1.83 24.21 13.82
N PRO F 366 -2.19 23.80 12.58
CA PRO F 366 -2.94 22.57 12.29
C PRO F 366 -2.24 21.20 12.38
N SER F 367 -0.91 21.22 12.26
CA SER F 367 -0.06 20.06 12.34
C SER F 367 -0.32 19.29 13.63
N ILE F 368 -0.44 19.91 14.80
CA ILE F 368 -0.66 19.25 16.07
C ILE F 368 -1.63 18.08 16.05
N VAL F 369 -2.61 17.96 15.10
CA VAL F 369 -3.53 16.82 15.04
C VAL F 369 -2.72 15.56 14.90
N HIS F 370 -1.56 15.56 14.26
CA HIS F 370 -0.80 14.35 14.05
C HIS F 370 -0.12 13.88 15.31
N ARG F 371 0.05 14.79 16.22
CA ARG F 371 0.80 14.48 17.39
C ARG F 371 -0.21 13.95 18.34
N LYS F 372 -1.33 14.64 18.51
CA LYS F 372 -2.18 14.30 19.61
C LYS F 372 -3.22 13.29 19.41
N CYS F 373 -3.48 13.00 18.15
CA CYS F 373 -4.50 12.04 17.82
C CYS F 373 -3.83 10.77 17.24
N PHE F 374 -2.92 10.23 18.16
CA PHE F 374 -2.10 8.97 18.28
C PHE F 374 -0.66 8.71 18.81
N ASP G 1 -0.83 -17.84 -49.31
CA ASP G 1 -0.53 -17.12 -50.57
C ASP G 1 -1.73 -16.72 -51.50
N ASP G 2 -2.27 -15.54 -51.11
CA ASP G 2 -3.41 -14.78 -51.68
C ASP G 2 -4.76 -15.43 -51.50
N ASP G 3 -4.87 -16.61 -52.05
CA ASP G 3 -6.11 -17.31 -51.93
C ASP G 3 -5.56 -18.19 -50.84
N ILE G 4 -6.10 -17.56 -49.80
CA ILE G 4 -5.99 -17.84 -48.38
C ILE G 4 -4.83 -17.16 -47.70
N ALA G 5 -5.66 -16.31 -47.08
CA ALA G 5 -5.30 -15.11 -46.39
C ALA G 5 -6.70 -14.62 -46.00
N ALA G 6 -6.74 -14.14 -44.75
CA ALA G 6 -7.86 -13.48 -44.18
C ALA G 6 -7.98 -12.14 -44.93
N LEU G 7 -9.15 -11.55 -44.90
CA LEU G 7 -9.37 -10.25 -45.51
C LEU G 7 -9.40 -9.28 -44.35
N VAL G 8 -8.56 -8.26 -44.24
CA VAL G 8 -8.74 -7.33 -43.13
C VAL G 8 -9.76 -6.25 -43.56
N VAL G 9 -10.82 -5.93 -42.85
CA VAL G 9 -11.81 -4.91 -43.22
C VAL G 9 -11.74 -3.92 -42.06
N ASP G 10 -11.33 -2.70 -42.38
CA ASP G 10 -11.27 -1.68 -41.36
C ASP G 10 -12.41 -0.78 -41.67
N ASN G 11 -13.29 -0.60 -40.69
CA ASN G 11 -14.56 0.13 -40.82
C ASN G 11 -14.52 1.46 -40.15
N GLY G 12 -14.17 2.44 -40.97
CA GLY G 12 -14.12 3.81 -40.52
C GLY G 12 -15.38 4.57 -40.89
N SER G 13 -15.58 5.56 -40.00
CA SER G 13 -16.59 6.58 -40.10
C SER G 13 -16.53 7.38 -41.43
N GLY G 14 -15.37 7.74 -41.91
CA GLY G 14 -15.27 8.40 -43.17
C GLY G 14 -14.82 7.51 -44.30
N MET G 15 -13.95 6.56 -43.99
CA MET G 15 -13.26 5.70 -44.94
C MET G 15 -13.24 4.22 -44.54
N CYS G 16 -13.27 3.28 -45.48
CA CYS G 16 -13.16 1.86 -45.20
C CYS G 16 -11.94 1.44 -45.97
N LYS G 17 -11.09 0.56 -45.47
CA LYS G 17 -9.89 0.09 -46.16
C LYS G 17 -9.98 -1.42 -45.95
N ALA G 18 -9.81 -2.17 -47.04
CA ALA G 18 -10.00 -3.62 -47.06
C ALA G 18 -8.95 -4.28 -47.92
N GLY G 19 -8.39 -5.37 -47.47
CA GLY G 19 -7.35 -6.00 -48.23
C GLY G 19 -7.10 -7.39 -47.73
N PHE G 20 -5.89 -7.82 -48.03
CA PHE G 20 -5.54 -9.18 -47.74
C PHE G 20 -4.39 -9.21 -46.77
N ALA G 21 -4.54 -10.09 -45.77
CA ALA G 21 -3.52 -10.26 -44.76
C ALA G 21 -2.29 -10.81 -45.45
N GLY G 22 -1.19 -10.22 -44.96
CA GLY G 22 0.14 -10.39 -45.49
C GLY G 22 0.53 -9.22 -46.37
N ASP G 23 -0.37 -8.26 -46.64
CA ASP G 23 -0.07 -7.13 -47.51
C ASP G 23 0.25 -5.83 -46.75
N ASP G 24 1.12 -5.17 -47.46
CA ASP G 24 1.64 -3.88 -47.08
C ASP G 24 0.56 -2.79 -47.09
N ALA G 25 -0.31 -2.59 -48.08
CA ALA G 25 -1.28 -1.51 -47.98
C ALA G 25 -2.70 -1.97 -48.29
N PRO G 26 -3.76 -1.32 -47.86
CA PRO G 26 -5.11 -1.59 -48.30
C PRO G 26 -5.31 -1.68 -49.81
N ARG G 27 -5.96 -2.71 -50.36
CA ARG G 27 -6.23 -2.76 -51.79
C ARG G 27 -7.44 -1.92 -52.16
N ALA G 28 -8.44 -1.75 -51.29
CA ALA G 28 -9.61 -0.97 -51.62
C ALA G 28 -9.75 0.05 -50.53
N VAL G 29 -9.60 1.35 -50.80
CA VAL G 29 -9.90 2.30 -49.74
C VAL G 29 -11.18 2.96 -50.23
N PHE G 30 -12.32 3.12 -49.56
CA PHE G 30 -13.42 3.81 -50.20
C PHE G 30 -14.17 4.65 -49.26
N PRO G 31 -14.90 5.67 -49.72
CA PRO G 31 -15.90 6.43 -48.95
C PRO G 31 -16.96 5.62 -48.18
N SER G 32 -17.19 5.87 -46.87
CA SER G 32 -18.22 5.10 -46.16
C SER G 32 -19.62 5.74 -46.23
N ILE G 33 -24.43 1.25 -50.48
CA ILE G 33 -25.84 0.96 -50.53
C ILE G 33 -26.43 1.09 -51.93
N VAL G 34 -27.47 0.27 -52.20
CA VAL G 34 -28.29 0.30 -53.41
C VAL G 34 -29.64 0.79 -52.91
N GLY G 35 -30.23 1.77 -53.55
CA GLY G 35 -31.49 2.30 -53.07
C GLY G 35 -32.54 2.27 -54.13
N ARG G 36 -33.59 1.47 -53.93
CA ARG G 36 -34.69 1.42 -54.90
C ARG G 36 -35.88 2.23 -54.35
N PRO G 37 -36.51 3.09 -55.16
CA PRO G 37 -37.63 3.93 -54.80
C PRO G 37 -38.76 3.36 -53.98
N ARG G 38 -39.15 2.08 -53.98
CA ARG G 38 -40.31 1.59 -53.20
C ARG G 38 -41.56 2.52 -53.33
N HIS G 39 -41.64 3.09 -54.56
CA HIS G 39 -42.65 3.97 -55.15
C HIS G 39 -42.01 4.34 -56.47
N GLN G 40 -42.53 3.77 -57.57
CA GLN G 40 -42.12 4.09 -58.93
C GLN G 40 -41.69 5.56 -58.98
N GLY G 41 -40.38 5.65 -59.17
CA GLY G 41 -39.72 6.92 -59.22
C GLY G 41 -39.08 7.05 -60.59
N VAL G 42 -38.35 8.20 -60.64
CA VAL G 42 -37.44 8.76 -61.69
C VAL G 42 -37.64 10.27 -61.98
N MET G 43 -36.50 10.94 -61.78
CA MET G 43 -36.40 12.36 -62.04
C MET G 43 -36.38 12.47 -63.57
N VAL G 44 -36.98 13.49 -64.21
CA VAL G 44 -36.89 13.66 -65.68
C VAL G 44 -35.65 14.52 -66.01
N GLY G 45 -34.60 13.76 -65.76
CA GLY G 45 -33.20 14.08 -65.95
C GLY G 45 -32.46 12.88 -65.40
N MET G 46 -33.04 11.75 -65.86
CA MET G 46 -32.58 10.38 -65.69
C MET G 46 -33.61 9.38 -66.28
N GLY G 47 -33.02 8.22 -66.70
CA GLY G 47 -33.75 7.14 -67.36
C GLY G 47 -34.73 6.54 -66.36
N GLN G 48 -35.64 5.58 -66.65
CA GLN G 48 -36.43 5.00 -65.55
C GLN G 48 -35.37 4.05 -64.95
N LYS G 49 -34.72 4.70 -63.95
CA LYS G 49 -33.66 4.30 -63.03
C LYS G 49 -34.29 4.11 -61.66
N ASP G 50 -34.50 2.85 -61.27
CA ASP G 50 -35.05 2.63 -59.97
C ASP G 50 -34.07 1.91 -59.05
N SER G 51 -32.75 1.96 -59.27
CA SER G 51 -31.78 1.55 -58.25
C SER G 51 -30.82 2.70 -58.28
N TYR G 52 -30.66 3.52 -57.25
CA TYR G 52 -29.62 4.53 -57.27
C TYR G 52 -28.53 3.83 -56.46
N VAL G 53 -27.25 4.01 -56.75
CA VAL G 53 -26.16 3.28 -56.07
C VAL G 53 -25.15 4.26 -55.43
N GLY G 54 -24.55 3.95 -54.29
CA GLY G 54 -23.50 4.79 -53.75
C GLY G 54 -24.06 6.08 -53.18
N ASP G 55 -23.47 7.23 -53.57
CA ASP G 55 -23.82 8.59 -53.05
C ASP G 55 -25.00 9.39 -53.63
N GLU G 56 -25.31 9.10 -54.90
CA GLU G 56 -26.53 9.56 -55.56
C GLU G 56 -27.73 8.85 -54.98
N ALA G 57 -27.54 8.01 -53.97
CA ALA G 57 -28.63 7.36 -53.30
C ALA G 57 -28.51 7.77 -51.85
N GLN G 58 -27.47 8.45 -51.46
CA GLN G 58 -27.35 8.92 -50.11
C GLN G 58 -28.31 10.14 -50.13
N SER G 59 -28.19 10.97 -51.18
CA SER G 59 -28.93 12.23 -51.32
C SER G 59 -30.36 12.13 -51.85
N LYS G 60 -31.00 11.04 -51.48
CA LYS G 60 -32.41 10.72 -51.74
C LYS G 60 -32.70 9.57 -50.78
N ARG G 61 -31.83 9.30 -49.78
CA ARG G 61 -31.92 8.20 -48.82
C ARG G 61 -33.22 8.23 -48.04
N GLY G 62 -33.55 9.50 -47.73
CA GLY G 62 -34.80 9.88 -47.10
C GLY G 62 -35.95 9.50 -48.00
N ILE G 63 -35.92 9.67 -49.32
CA ILE G 63 -37.05 9.27 -50.14
C ILE G 63 -36.96 7.87 -50.69
N LEU G 64 -35.92 7.08 -50.34
CA LEU G 64 -35.69 5.78 -50.96
C LEU G 64 -35.54 4.63 -49.99
N THR G 65 -35.74 3.38 -50.41
CA THR G 65 -35.38 2.24 -49.52
C THR G 65 -34.01 1.62 -49.95
N LEU G 66 -33.10 1.67 -48.98
CA LEU G 66 -31.75 1.24 -49.15
C LEU G 66 -31.33 -0.16 -48.69
N LYS G 67 -30.83 -1.02 -49.57
CA LYS G 67 -30.27 -2.33 -49.23
C LYS G 67 -28.73 -2.26 -49.15
N TYR G 68 -28.16 -2.85 -48.08
CA TYR G 68 -26.73 -2.97 -47.81
C TYR G 68 -26.27 -4.36 -48.24
N PRO G 69 -23.48 4.91 -42.53
CA PRO G 69 -23.75 3.85 -41.58
C PRO G 69 -23.00 4.05 -40.27
N ILE G 70 -21.71 4.35 -40.36
CA ILE G 70 -20.83 4.32 -39.23
C ILE G 70 -20.82 5.75 -38.79
N GLU G 71 -20.86 6.00 -37.49
CA GLU G 71 -21.02 7.33 -36.96
C GLU G 71 -20.32 7.46 -35.62
N HIS G 72 -22.06 4.22 -33.51
CA HIS G 72 -20.90 3.86 -32.62
C HIS G 72 -19.69 3.20 -33.15
N GLY G 73 -17.64 6.35 -35.02
CA GLY G 73 -17.07 5.02 -34.95
C GLY G 73 -18.05 3.87 -34.80
N ILE G 74 -19.30 4.14 -34.36
CA ILE G 74 -20.31 3.14 -34.02
C ILE G 74 -21.32 2.97 -35.15
N VAL G 75 -21.87 1.79 -35.47
CA VAL G 75 -22.77 1.62 -36.62
C VAL G 75 -24.16 1.89 -36.09
N THR G 76 -24.74 2.87 -36.80
CA THR G 76 -26.09 3.35 -36.52
C THR G 76 -27.09 2.70 -37.46
N ASN G 77 -26.65 2.24 -38.63
CA ASN G 77 -27.56 1.71 -39.60
C ASN G 77 -27.07 0.35 -40.04
N TRP G 78 -27.76 -0.67 -39.61
CA TRP G 78 -27.30 -2.00 -39.95
C TRP G 78 -27.56 -2.51 -41.35
N ASP G 79 -28.60 -2.20 -42.13
CA ASP G 79 -28.68 -2.80 -43.45
C ASP G 79 -27.78 -2.01 -44.38
N ASP G 80 -27.57 -0.70 -44.15
CA ASP G 80 -26.62 -0.03 -45.01
C ASP G 80 -25.18 -0.39 -44.67
N MET G 81 -24.80 -0.70 -43.42
CA MET G 81 -23.50 -1.35 -43.21
C MET G 81 -23.52 -2.71 -43.96
N GLU G 82 -24.59 -3.52 -43.96
CA GLU G 82 -24.59 -4.78 -44.67
C GLU G 82 -24.31 -4.58 -46.12
N LYS G 83 -24.90 -3.57 -46.70
CA LYS G 83 -24.55 -3.21 -48.07
C LYS G 83 -23.05 -2.98 -48.27
N ILE G 84 -22.41 -2.20 -47.39
CA ILE G 84 -21.02 -1.84 -47.56
C ILE G 84 -20.17 -3.08 -47.63
N TRP G 85 -20.44 -3.98 -46.69
CA TRP G 85 -19.65 -5.22 -46.61
C TRP G 85 -19.89 -6.02 -47.87
N HIS G 86 -21.10 -6.39 -48.28
CA HIS G 86 -21.36 -7.04 -49.57
C HIS G 86 -20.54 -6.44 -50.72
N HIS G 87 -20.50 -5.13 -50.88
CA HIS G 87 -19.66 -4.38 -51.85
C HIS G 87 -18.15 -4.57 -51.59
N THR G 88 -17.66 -4.54 -50.35
CA THR G 88 -16.27 -4.89 -50.03
C THR G 88 -15.88 -6.26 -50.71
N PHE G 89 -16.64 -7.34 -50.43
CA PHE G 89 -16.28 -8.67 -50.92
C PHE G 89 -16.57 -8.88 -52.39
N TYR G 90 -17.84 -8.70 -52.75
CA TYR G 90 -18.33 -8.94 -54.08
C TYR G 90 -18.02 -7.90 -55.12
N ASN G 91 -17.58 -6.70 -54.82
CA ASN G 91 -17.29 -5.76 -55.87
C ASN G 91 -15.90 -5.18 -55.70
N GLU G 92 -15.40 -4.94 -54.48
CA GLU G 92 -14.08 -4.39 -54.36
C GLU G 92 -12.96 -5.44 -54.32
N LEU G 93 -13.00 -6.45 -53.47
CA LEU G 93 -11.88 -7.36 -53.45
C LEU G 93 -12.11 -8.52 -54.40
N ARG G 94 -13.41 -8.73 -54.78
CA ARG G 94 -13.89 -9.75 -55.75
C ARG G 94 -13.64 -11.18 -55.21
N VAL G 95 -14.12 -11.30 -53.96
CA VAL G 95 -13.86 -12.40 -53.07
C VAL G 95 -15.19 -13.08 -52.67
N ALA G 96 -15.00 -14.26 -52.10
CA ALA G 96 -16.10 -15.05 -51.65
C ALA G 96 -15.95 -15.14 -50.16
N PRO G 97 -16.96 -14.75 -49.42
CA PRO G 97 -16.90 -14.70 -47.98
C PRO G 97 -16.71 -16.05 -47.33
N GLU G 98 -17.26 -17.13 -47.90
CA GLU G 98 -17.23 -18.48 -47.28
C GLU G 98 -15.97 -19.36 -47.33
N GLU G 99 -14.89 -18.71 -47.78
CA GLU G 99 -13.59 -19.29 -47.99
C GLU G 99 -12.47 -18.51 -47.27
N HIS G 100 -12.75 -17.36 -46.63
CA HIS G 100 -11.73 -16.49 -46.03
C HIS G 100 -12.21 -16.12 -44.66
N PRO G 101 -11.35 -16.21 -43.65
CA PRO G 101 -11.68 -15.62 -42.40
C PRO G 101 -11.60 -14.11 -42.49
N VAL G 102 -12.42 -13.38 -41.73
CA VAL G 102 -12.29 -11.93 -41.74
C VAL G 102 -11.87 -11.31 -40.40
N LEU G 103 -10.97 -10.32 -40.43
CA LEU G 103 -10.71 -9.64 -39.19
C LEU G 103 -11.48 -8.35 -39.41
N LEU G 104 -12.48 -7.99 -38.63
CA LEU G 104 -13.21 -6.75 -38.86
C LEU G 104 -12.69 -5.77 -37.83
N THR G 105 -12.39 -4.51 -38.00
CA THR G 105 -12.03 -3.79 -36.79
C THR G 105 -13.21 -3.13 -36.14
N GLU G 106 -13.07 -2.64 -34.93
CA GLU G 106 -14.16 -2.00 -34.22
C GLU G 106 -13.72 -0.82 -33.34
N ALA G 107 -14.60 0.10 -33.00
CA ALA G 107 -14.32 1.21 -32.11
C ALA G 107 -13.92 0.76 -30.72
N PRO G 108 -12.96 1.39 -30.06
CA PRO G 108 -12.77 1.34 -28.61
C PRO G 108 -14.11 1.62 -27.95
N LEU G 109 -14.42 0.85 -26.93
CA LEU G 109 -15.70 0.96 -26.22
C LEU G 109 -16.97 0.72 -27.10
N ASN G 110 -16.89 -0.09 -28.19
CA ASN G 110 -18.04 -0.36 -29.07
C ASN G 110 -19.16 -1.06 -28.29
N PRO G 111 -20.42 -0.60 -28.30
CA PRO G 111 -21.50 -1.24 -27.58
C PRO G 111 -21.61 -2.75 -27.73
N LYS G 112 -21.93 -3.48 -26.66
CA LYS G 112 -22.16 -4.92 -26.60
C LYS G 112 -22.91 -5.54 -27.76
N ALA G 113 -24.11 -5.03 -27.99
CA ALA G 113 -24.99 -5.54 -29.00
C ALA G 113 -24.49 -5.30 -30.41
N ASN G 114 -23.60 -4.34 -30.57
CA ASN G 114 -22.98 -4.07 -31.85
C ASN G 114 -22.04 -5.16 -32.14
N ARG G 115 -21.18 -5.54 -31.20
CA ARG G 115 -20.19 -6.59 -31.38
C ARG G 115 -20.90 -7.87 -31.77
N GLU G 116 -22.00 -8.16 -31.09
CA GLU G 116 -22.83 -9.32 -31.41
C GLU G 116 -23.46 -9.10 -32.73
N LYS G 117 -24.09 -7.97 -33.13
CA LYS G 117 -24.67 -7.95 -34.45
C LYS G 117 -23.64 -8.12 -35.52
N MET G 118 -22.39 -7.64 -35.40
CA MET G 118 -21.47 -7.89 -36.48
C MET G 118 -20.97 -9.32 -36.45
N THR G 119 -20.99 -10.06 -35.31
CA THR G 119 -20.71 -11.50 -35.30
C THR G 119 -21.81 -12.32 -36.03
N GLN G 120 -23.03 -11.98 -35.64
CA GLN G 120 -24.28 -12.39 -36.24
C GLN G 120 -24.25 -12.32 -37.75
N ILE G 121 -24.23 -11.10 -38.37
CA ILE G 121 -24.22 -10.87 -39.83
C ILE G 121 -23.12 -11.67 -40.54
N MET G 122 -21.90 -11.47 -40.04
CA MET G 122 -20.76 -12.10 -40.64
C MET G 122 -21.00 -13.56 -40.69
N PHE G 123 -21.47 -14.23 -39.63
CA PHE G 123 -21.65 -15.68 -39.71
C PHE G 123 -22.84 -16.22 -40.46
N GLU G 124 -24.01 -15.71 -40.13
CA GLU G 124 -25.25 -16.15 -40.75
C GLU G 124 -25.51 -15.61 -42.14
N THR G 125 -25.26 -14.30 -42.34
CA THR G 125 -25.49 -13.60 -43.59
C THR G 125 -24.33 -13.79 -44.50
N PHE G 126 -23.05 -13.77 -44.11
CA PHE G 126 -21.99 -14.01 -45.10
C PHE G 126 -21.32 -15.37 -45.05
N ASN G 127 -21.69 -16.17 -44.04
CA ASN G 127 -21.24 -17.55 -43.88
C ASN G 127 -19.74 -17.60 -43.94
N THR G 128 -19.20 -17.01 -42.89
CA THR G 128 -17.75 -16.77 -42.76
C THR G 128 -17.15 -17.97 -42.04
N PRO G 129 -16.04 -18.58 -42.51
CA PRO G 129 -15.41 -19.70 -41.88
C PRO G 129 -15.06 -19.37 -40.44
N ALA G 130 -14.67 -18.09 -40.20
CA ALA G 130 -14.16 -17.56 -38.94
C ALA G 130 -14.07 -16.06 -38.97
N MET G 131 -14.00 -15.51 -37.79
CA MET G 131 -13.85 -14.11 -37.69
C MET G 131 -13.29 -13.68 -36.35
N TYR G 132 -12.71 -12.47 -36.34
CA TYR G 132 -12.24 -11.81 -35.15
C TYR G 132 -12.55 -10.29 -35.34
N VAL G 133 -12.75 -9.66 -34.17
CA VAL G 133 -13.03 -8.26 -34.08
C VAL G 133 -11.97 -7.70 -33.13
N ALA G 134 -11.06 -6.93 -33.70
CA ALA G 134 -10.08 -6.17 -32.95
C ALA G 134 -10.41 -4.63 -32.85
N ILE G 135 -10.13 -4.03 -31.68
CA ILE G 135 -10.27 -2.60 -31.46
C ILE G 135 -9.27 -1.92 -32.36
N GLN G 136 -9.54 -0.77 -32.95
CA GLN G 136 -8.59 -0.17 -33.93
C GLN G 136 -7.28 0.30 -33.41
N ALA G 137 -7.22 0.96 -32.22
CA ALA G 137 -6.01 1.47 -31.62
C ALA G 137 -5.00 0.37 -31.31
N VAL G 138 -5.44 -0.81 -30.92
CA VAL G 138 -4.55 -1.92 -30.62
C VAL G 138 -3.82 -2.41 -31.87
N LEU G 139 -4.35 -2.30 -33.09
CA LEU G 139 -3.67 -2.71 -34.33
C LEU G 139 -2.73 -1.59 -34.79
N SER G 140 -3.07 -0.31 -34.53
CA SER G 140 -2.09 0.77 -34.65
C SER G 140 -0.80 0.47 -33.85
N LEU G 141 -0.93 0.02 -32.58
CA LEU G 141 0.22 -0.32 -31.77
C LEU G 141 1.10 -1.51 -32.24
N TYR G 142 0.44 -2.63 -32.56
CA TYR G 142 1.13 -3.79 -33.06
C TYR G 142 1.88 -3.42 -34.32
N ALA G 143 1.28 -2.65 -35.25
CA ALA G 143 1.95 -2.26 -36.48
C ALA G 143 3.17 -1.31 -36.26
N SER G 144 3.35 -0.67 -35.09
CA SER G 144 4.54 0.13 -34.80
C SER G 144 5.59 -0.73 -34.14
N GLY G 145 7.02 0.87 -34.41
CA GLY G 145 8.24 0.11 -34.21
C GLY G 145 8.45 -0.03 -32.74
N ARG G 146 7.40 -0.39 -32.04
CA ARG G 146 7.54 -0.38 -30.61
C ARG G 146 6.70 -1.50 -30.09
N THR G 147 7.10 -1.87 -28.88
CA THR G 147 6.56 -3.02 -28.17
C THR G 147 6.02 -2.72 -26.77
N THR G 148 6.42 -1.61 -26.18
CA THR G 148 5.92 -1.24 -24.88
C THR G 148 5.41 0.21 -25.08
N GLY G 149 4.36 0.71 -24.46
CA GLY G 149 3.91 2.03 -24.76
C GLY G 149 2.47 2.07 -24.42
N ILE G 150 1.76 3.12 -24.73
CA ILE G 150 0.31 3.19 -24.57
C ILE G 150 -0.09 3.98 -25.80
N VAL G 151 -1.18 3.51 -26.41
CA VAL G 151 -1.70 4.09 -27.63
C VAL G 151 -2.96 4.78 -27.20
N MET G 152 -3.29 5.86 -27.88
CA MET G 152 -4.52 6.54 -27.60
C MET G 152 -5.22 6.47 -28.93
N ASP G 153 -6.27 5.69 -29.06
CA ASP G 153 -6.82 5.41 -30.37
C ASP G 153 -8.13 6.10 -30.56
N SER G 154 -8.30 7.01 -31.51
CA SER G 154 -9.57 7.71 -31.63
C SER G 154 -10.08 7.62 -33.04
N GLY G 155 -11.09 6.78 -33.12
CA GLY G 155 -11.75 6.53 -34.39
C GLY G 155 -13.04 7.34 -34.61
N ASP G 156 -14.14 6.67 -34.97
CA ASP G 156 -15.40 7.36 -35.24
C ASP G 156 -16.37 7.11 -34.12
N GLY G 157 -16.31 5.92 -33.54
CA GLY G 157 -17.24 5.59 -32.51
C GLY G 157 -16.62 5.44 -31.16
N VAL G 158 -15.31 5.26 -30.96
CA VAL G 158 -14.73 5.16 -29.62
C VAL G 158 -13.28 5.63 -29.57
N THR G 159 -12.87 5.81 -28.32
CA THR G 159 -11.52 6.16 -27.97
C THR G 159 -11.15 5.22 -26.84
N HIS G 160 -9.95 4.70 -26.94
CA HIS G 160 -9.41 3.95 -25.81
C HIS G 160 -7.97 4.31 -25.61
N THR G 161 -7.60 4.20 -24.34
CA THR G 161 -6.22 4.30 -23.96
C THR G 161 -5.88 2.84 -23.54
N VAL G 162 -4.81 2.27 -24.12
CA VAL G 162 -4.48 0.87 -23.98
C VAL G 162 -3.06 0.90 -23.50
N PRO G 163 -2.61 0.50 -22.30
CA PRO G 163 -1.21 0.25 -22.01
C PRO G 163 -0.73 -1.12 -22.52
N ILE G 164 0.38 -1.21 -23.24
CA ILE G 164 0.89 -2.43 -23.82
C ILE G 164 2.30 -2.70 -23.25
N TYR G 165 2.52 -3.86 -22.64
CA TYR G 165 3.81 -4.32 -22.14
C TYR G 165 4.20 -5.49 -23.03
N GLU G 166 5.27 -5.27 -23.78
CA GLU G 166 5.84 -6.24 -24.66
C GLU G 166 4.89 -6.84 -25.70
N GLY G 167 4.06 -6.06 -26.39
CA GLY G 167 3.11 -6.57 -27.36
C GLY G 167 1.78 -7.08 -26.79
N TYR G 168 1.50 -6.81 -25.53
CA TYR G 168 0.38 -7.39 -24.83
C TYR G 168 -0.29 -6.24 -24.15
N ALA G 169 -1.55 -6.05 -24.52
CA ALA G 169 -2.41 -5.00 -24.02
C ALA G 169 -2.73 -5.34 -22.58
N LEU G 170 -2.81 -4.37 -21.67
CA LEU G 170 -3.08 -4.74 -20.32
C LEU G 170 -4.55 -4.48 -20.02
N PRO G 171 -5.48 -5.41 -20.21
CA PRO G 171 -6.94 -5.19 -20.17
C PRO G 171 -7.48 -4.50 -18.93
N HIS G 172 -6.94 -4.74 -17.73
CA HIS G 172 -7.40 -3.95 -16.58
C HIS G 172 -7.21 -2.41 -16.69
N ALA G 173 -6.15 -1.96 -17.38
CA ALA G 173 -5.86 -0.54 -17.39
C ALA G 173 -6.40 0.09 -18.65
N ILE G 174 -7.10 -0.66 -19.54
CA ILE G 174 -7.70 -0.13 -20.77
C ILE G 174 -8.93 0.66 -20.30
N LEU G 175 -9.11 1.81 -20.93
CA LEU G 175 -10.17 2.74 -20.61
C LEU G 175 -10.77 3.12 -21.96
N ARG G 176 -12.09 3.19 -21.98
CA ARG G 176 -12.94 3.44 -23.16
C ARG G 176 -13.69 4.72 -22.96
N LEU G 177 -13.73 5.52 -24.02
CA LEU G 177 -14.38 6.82 -24.03
C LEU G 177 -15.22 6.83 -25.29
N ASP G 178 -16.48 7.08 -25.00
CA ASP G 178 -17.42 7.10 -26.06
C ASP G 178 -17.69 8.52 -26.53
N LEU G 179 -16.66 8.96 -27.23
CA LEU G 179 -16.64 10.27 -27.84
C LEU G 179 -15.46 10.17 -28.81
N ALA G 180 -15.77 10.30 -30.08
CA ALA G 180 -14.77 10.19 -31.13
C ALA G 180 -15.28 10.96 -32.33
N GLY G 181 -14.71 10.86 -33.54
CA GLY G 181 -15.09 11.60 -34.73
C GLY G 181 -16.58 11.93 -35.00
N ARG G 182 -17.54 11.06 -34.74
CA ARG G 182 -18.93 11.35 -35.04
C ARG G 182 -19.48 12.39 -34.06
N ASP G 183 -19.00 12.30 -32.82
CA ASP G 183 -19.40 13.21 -31.78
C ASP G 183 -18.95 14.60 -32.15
N LEU G 184 -17.81 14.71 -32.81
CA LEU G 184 -17.23 15.96 -33.22
C LEU G 184 -17.83 16.47 -34.51
N THR G 185 -18.26 15.66 -35.47
CA THR G 185 -19.00 16.15 -36.65
C THR G 185 -20.35 16.73 -36.27
N ASP G 186 -21.01 16.05 -35.36
CA ASP G 186 -22.26 16.46 -34.80
C ASP G 186 -22.30 17.74 -34.02
N TYR G 187 -21.26 17.95 -33.22
CA TYR G 187 -21.16 19.13 -32.40
C TYR G 187 -20.76 20.33 -33.23
N LEU G 188 -20.05 20.10 -34.32
CA LEU G 188 -19.66 21.15 -35.24
C LEU G 188 -20.92 21.69 -35.91
N MET G 189 -21.80 20.81 -36.44
CA MET G 189 -23.04 21.16 -37.16
C MET G 189 -23.98 21.96 -36.28
N LYS G 190 -24.10 21.61 -34.98
CA LYS G 190 -24.90 22.34 -34.02
C LYS G 190 -24.24 23.66 -33.76
N ILE G 191 -22.95 23.81 -33.53
CA ILE G 191 -22.49 25.16 -33.29
C ILE G 191 -22.63 25.93 -34.61
N LEU G 192 -22.45 25.37 -35.80
CA LEU G 192 -22.64 26.07 -37.09
C LEU G 192 -24.11 26.49 -37.39
N THR G 193 -25.09 25.65 -37.11
CA THR G 193 -26.56 25.89 -37.19
C THR G 193 -27.01 26.87 -36.10
N GLU G 194 -26.27 26.93 -34.97
CA GLU G 194 -26.57 27.89 -33.92
C GLU G 194 -26.26 29.26 -34.50
N ARG G 195 -25.26 29.38 -35.38
CA ARG G 195 -24.96 30.65 -36.02
C ARG G 195 -26.01 30.95 -37.13
N GLY G 196 -27.21 30.37 -37.07
CA GLY G 196 -28.22 30.49 -38.10
C GLY G 196 -27.76 29.94 -39.47
N TYR G 197 -27.14 28.76 -39.53
CA TYR G 197 -26.76 28.13 -40.78
C TYR G 197 -27.75 27.00 -40.97
N SER G 198 -27.69 26.47 -42.18
CA SER G 198 -28.74 25.59 -42.61
C SER G 198 -28.11 24.36 -43.28
N PHE G 199 -28.10 23.20 -42.62
CA PHE G 199 -27.51 22.00 -43.25
C PHE G 199 -28.63 21.06 -43.55
N THR G 200 -29.60 21.68 -44.24
CA THR G 200 -30.84 20.97 -44.34
C THR G 200 -30.90 19.80 -45.31
N THR G 201 -30.05 19.61 -46.32
CA THR G 201 -30.29 18.47 -47.21
C THR G 201 -29.30 17.31 -47.35
N THR G 202 -29.61 16.21 -46.64
CA THR G 202 -28.92 14.89 -46.63
C THR G 202 -27.41 14.81 -46.93
N ALA G 203 -27.00 15.09 -48.19
CA ALA G 203 -25.63 15.13 -48.66
C ALA G 203 -25.03 16.13 -47.72
N GLU G 204 -25.56 17.37 -47.68
CA GLU G 204 -24.95 18.37 -46.83
C GLU G 204 -24.92 18.08 -45.30
N ARG G 205 -25.44 16.94 -44.79
CA ARG G 205 -25.18 16.52 -43.39
C ARG G 205 -23.78 15.90 -43.30
N GLU G 206 -23.40 15.37 -44.43
CA GLU G 206 -22.05 14.91 -44.68
C GLU G 206 -21.19 16.09 -45.09
N ILE G 207 -21.65 17.32 -45.24
CA ILE G 207 -20.75 18.43 -45.60
C ILE G 207 -20.09 19.08 -44.36
N VAL G 208 -20.64 18.79 -43.17
CA VAL G 208 -19.97 19.20 -41.95
C VAL G 208 -18.73 18.32 -41.75
N ARG G 209 -18.73 17.03 -42.14
CA ARG G 209 -17.60 16.11 -42.04
C ARG G 209 -16.42 16.74 -42.73
N ASP G 210 -16.54 17.33 -43.90
CA ASP G 210 -15.39 17.98 -44.58
C ASP G 210 -14.98 19.30 -43.94
N ILE G 211 -15.88 20.14 -43.38
CA ILE G 211 -15.41 21.37 -42.71
C ILE G 211 -14.55 20.93 -41.50
N LYS G 212 -15.07 19.95 -40.74
CA LYS G 212 -14.50 19.41 -39.54
C LYS G 212 -13.15 18.93 -39.88
N GLU G 213 -13.06 18.12 -40.91
CA GLU G 213 -11.76 17.58 -41.16
C GLU G 213 -10.94 18.64 -41.83
N LYS G 214 -11.49 19.62 -42.57
CA LYS G 214 -10.62 20.52 -43.27
C LYS G 214 -10.15 21.75 -42.55
N LEU G 215 -10.91 22.25 -41.60
CA LEU G 215 -10.59 23.53 -40.97
C LEU G 215 -10.34 23.36 -39.50
N CYS G 216 -10.82 22.29 -38.80
CA CYS G 216 -10.54 22.20 -37.37
C CYS G 216 -9.08 22.03 -37.03
N TYR G 217 -8.87 22.47 -35.79
CA TYR G 217 -7.60 22.75 -35.15
C TYR G 217 -7.85 22.50 -33.66
N VAL G 218 -6.76 22.16 -32.97
CA VAL G 218 -6.73 22.03 -31.54
C VAL G 218 -5.85 23.20 -31.11
N ALA G 219 -6.41 23.91 -30.13
CA ALA G 219 -5.83 25.08 -29.50
C ALA G 219 -4.91 24.65 -28.40
N LEU G 220 -3.80 25.37 -28.13
CA LEU G 220 -2.84 25.10 -27.05
C LEU G 220 -3.41 25.63 -25.78
N ASP G 221 -3.93 26.82 -25.88
CA ASP G 221 -4.58 27.35 -24.74
C ASP G 221 -5.96 27.78 -25.22
N PHE G 222 -7.00 26.93 -25.09
CA PHE G 222 -8.36 27.31 -25.50
C PHE G 222 -8.68 28.76 -25.15
N GLU G 223 -8.45 29.13 -23.87
CA GLU G 223 -8.68 30.46 -23.29
C GLU G 223 -7.96 31.57 -24.06
N GLN G 224 -6.63 31.63 -24.15
CA GLN G 224 -6.05 32.65 -24.94
C GLN G 224 -6.36 32.40 -26.41
N GLU G 225 -6.91 31.27 -26.84
CA GLU G 225 -7.26 31.10 -28.24
C GLU G 225 -8.59 31.72 -28.53
N MET G 226 -9.51 31.76 -27.58
CA MET G 226 -10.80 32.34 -27.85
C MET G 226 -10.70 33.86 -28.07
N ALA G 227 -9.82 34.56 -27.35
CA ALA G 227 -9.60 35.99 -27.57
C ALA G 227 -8.62 36.24 -28.71
N THR G 228 -8.08 35.15 -29.21
CA THR G 228 -7.34 35.12 -30.45
C THR G 228 -8.24 34.35 -31.47
N ALA G 229 -9.52 34.78 -31.38
CA ALA G 229 -10.59 34.54 -32.32
C ALA G 229 -11.09 36.00 -32.22
N ALA G 230 -11.47 36.62 -31.07
CA ALA G 230 -11.90 38.03 -31.07
C ALA G 230 -10.88 38.99 -31.68
N SER G 231 -9.55 38.73 -31.72
CA SER G 231 -8.59 39.55 -32.44
C SER G 231 -8.47 38.95 -33.86
N SER G 232 -9.63 38.79 -34.46
CA SER G 232 -9.84 38.06 -35.66
C SER G 232 -8.82 38.24 -36.77
N SER G 233 -9.13 39.04 -37.79
CA SER G 233 -8.38 39.13 -39.04
C SER G 233 -8.26 37.69 -39.65
N SER G 234 -7.26 36.91 -39.21
CA SER G 234 -6.88 35.64 -39.80
C SER G 234 -7.59 34.32 -39.41
N LEU G 235 -8.55 34.32 -38.50
CA LEU G 235 -9.16 33.06 -38.06
C LEU G 235 -10.38 32.60 -38.87
N GLU G 236 -11.17 33.50 -39.49
CA GLU G 236 -12.35 33.00 -40.15
C GLU G 236 -11.85 32.47 -41.50
N LYS G 237 -12.33 31.28 -41.81
CA LYS G 237 -12.12 30.72 -43.15
C LYS G 237 -13.49 30.38 -43.75
N SER G 238 -13.56 30.31 -45.07
CA SER G 238 -14.81 29.97 -45.73
C SER G 238 -14.84 28.62 -46.49
N TYR G 239 -16.07 28.11 -46.36
CA TYR G 239 -16.47 26.90 -47.03
C TYR G 239 -17.70 27.16 -47.92
N GLU G 240 -17.62 26.50 -49.08
CA GLU G 240 -18.55 26.66 -50.18
C GLU G 240 -19.48 25.48 -50.21
N LEU G 241 -20.75 25.77 -50.14
CA LEU G 241 -21.75 24.74 -50.39
C LEU G 241 -21.74 24.26 -51.87
N PRO G 242 -22.09 23.00 -52.15
CA PRO G 242 -22.59 22.54 -53.46
C PRO G 242 -23.61 23.55 -54.04
N ASP G 243 -24.59 23.92 -53.23
CA ASP G 243 -25.54 25.01 -53.48
C ASP G 243 -24.92 26.32 -54.00
N GLY G 244 -23.60 26.56 -54.12
CA GLY G 244 -23.03 27.86 -54.54
C GLY G 244 -22.72 28.77 -53.35
N GLN G 245 -23.55 28.70 -52.30
CA GLN G 245 -23.49 29.46 -51.05
C GLN G 245 -22.18 29.46 -50.23
N VAL G 246 -22.01 30.42 -49.26
CA VAL G 246 -20.82 30.45 -48.43
C VAL G 246 -21.01 30.25 -46.91
N ILE G 247 -19.99 29.70 -46.28
CA ILE G 247 -20.00 29.38 -44.86
C ILE G 247 -18.84 30.22 -44.40
N THR G 248 -18.94 30.76 -43.21
CA THR G 248 -17.72 31.26 -42.63
C THR G 248 -17.63 30.73 -41.21
N ILE G 249 -16.42 30.22 -40.90
CA ILE G 249 -16.12 29.57 -39.64
C ILE G 249 -14.92 30.24 -38.99
N GLY G 250 -15.12 30.48 -37.73
CA GLY G 250 -14.10 31.13 -36.94
C GLY G 250 -13.88 30.38 -35.64
N ASN G 251 -14.43 30.83 -34.49
CA ASN G 251 -14.06 30.21 -33.22
C ASN G 251 -14.38 28.72 -33.10
N GLU G 252 -15.34 28.36 -33.93
CA GLU G 252 -15.77 27.01 -34.13
C GLU G 252 -14.70 25.98 -34.50
N ARG G 253 -13.76 26.36 -35.35
CA ARG G 253 -12.70 25.47 -35.81
C ARG G 253 -11.92 24.78 -34.70
N PHE G 254 -11.55 25.52 -33.65
CA PHE G 254 -10.80 24.95 -32.52
C PHE G 254 -11.75 24.50 -31.39
N ARG G 255 -12.92 25.13 -31.24
CA ARG G 255 -13.99 24.80 -30.29
C ARG G 255 -14.56 23.40 -30.58
N CYS G 256 -14.45 22.88 -31.80
CA CYS G 256 -14.94 21.54 -32.13
C CYS G 256 -14.01 20.50 -31.44
N PRO G 257 -12.72 20.25 -31.85
CA PRO G 257 -11.87 19.27 -31.19
C PRO G 257 -11.77 19.48 -29.71
N GLU G 258 -11.96 20.66 -29.12
CA GLU G 258 -11.95 20.87 -27.68
C GLU G 258 -12.88 20.04 -26.82
N ALA G 259 -13.90 19.49 -27.45
CA ALA G 259 -14.80 18.59 -26.76
C ALA G 259 -14.06 17.29 -26.42
N LEU G 260 -12.95 16.97 -27.07
CA LEU G 260 -12.12 15.85 -26.70
C LEU G 260 -11.44 16.04 -25.35
N PHE G 261 -11.02 17.28 -25.06
CA PHE G 261 -10.32 17.61 -23.83
C PHE G 261 -11.22 17.96 -22.67
N GLN G 262 -12.38 18.52 -23.02
CA GLN G 262 -13.40 18.95 -22.10
C GLN G 262 -14.75 18.39 -22.58
N PRO G 263 -15.21 17.22 -22.25
CA PRO G 263 -16.45 16.68 -22.78
C PRO G 263 -17.67 17.30 -22.10
N SER G 264 -17.48 18.35 -21.29
CA SER G 264 -18.55 19.13 -20.73
C SER G 264 -19.11 19.90 -21.90
N PHE G 265 -18.27 20.30 -22.87
CA PHE G 265 -18.73 20.98 -24.07
C PHE G 265 -19.79 20.16 -24.72
N LEU G 266 -19.64 18.86 -24.76
CA LEU G 266 -20.68 17.97 -25.24
C LEU G 266 -21.77 17.64 -24.21
N GLY G 267 -21.74 18.05 -22.95
CA GLY G 267 -22.84 17.72 -22.06
C GLY G 267 -22.59 16.40 -21.36
N MET G 268 -21.37 15.90 -21.52
CA MET G 268 -20.84 14.69 -20.90
C MET G 268 -19.99 14.94 -19.68
N GLU G 269 -20.24 14.05 -18.74
CA GLU G 269 -19.51 14.08 -17.49
C GLU G 269 -18.09 13.57 -17.69
N SER G 270 -17.71 12.94 -18.82
CA SER G 270 -16.40 12.33 -18.96
C SER G 270 -15.21 13.29 -18.89
N CYS G 271 -14.16 12.70 -18.34
CA CYS G 271 -12.83 13.26 -18.36
C CYS G 271 -12.46 13.44 -19.81
N GLY G 272 -11.55 14.31 -20.17
CA GLY G 272 -11.11 14.33 -21.54
C GLY G 272 -9.99 13.34 -21.74
N ILE G 273 -9.65 13.24 -23.00
CA ILE G 273 -8.59 12.40 -23.49
C ILE G 273 -7.21 12.44 -22.80
N HIS G 274 -6.92 13.56 -22.16
CA HIS G 274 -5.60 13.77 -21.56
C HIS G 274 -5.52 13.14 -20.17
N GLU G 275 -6.68 13.06 -19.55
CA GLU G 275 -6.80 12.49 -18.24
C GLU G 275 -6.93 11.01 -18.32
N THR G 276 -7.58 10.48 -19.32
CA THR G 276 -7.79 9.08 -19.52
C THR G 276 -6.43 8.48 -19.85
N THR G 277 -5.53 8.92 -20.79
CA THR G 277 -4.17 8.39 -20.92
C THR G 277 -3.52 8.32 -19.52
N PHE G 278 -3.51 9.39 -18.74
CA PHE G 278 -2.98 9.40 -17.37
C PHE G 278 -3.68 8.43 -16.42
N ASN G 279 -4.92 8.09 -16.56
CA ASN G 279 -5.50 7.22 -15.56
C ASN G 279 -5.28 5.79 -15.97
N SER G 280 -4.91 5.43 -17.21
CA SER G 280 -4.58 4.05 -17.57
C SER G 280 -3.17 3.81 -17.05
N ILE G 281 -2.23 4.66 -17.37
CA ILE G 281 -0.87 4.69 -16.83
C ILE G 281 -0.90 4.50 -15.34
N MET G 282 -1.77 5.10 -14.55
CA MET G 282 -1.71 4.87 -13.14
C MET G 282 -2.15 3.51 -12.64
N LYS G 283 -2.82 2.76 -13.51
CA LYS G 283 -3.40 1.46 -13.26
C LYS G 283 -2.45 0.33 -13.63
N CYS G 284 -1.35 0.68 -14.27
CA CYS G 284 -0.37 -0.32 -14.67
C CYS G 284 0.72 -0.61 -13.60
N ASP G 285 1.50 -1.63 -13.85
CA ASP G 285 2.66 -2.00 -13.08
C ASP G 285 3.56 -0.82 -12.91
N VAL G 286 3.87 -0.58 -11.64
CA VAL G 286 4.77 0.45 -11.20
C VAL G 286 6.03 0.50 -12.02
N ASP G 287 6.58 -0.63 -12.49
CA ASP G 287 7.87 -0.64 -13.20
C ASP G 287 7.72 -0.49 -14.74
N ILE G 288 6.52 -0.24 -15.33
CA ILE G 288 6.53 0.01 -16.74
C ILE G 288 6.03 1.40 -16.98
N ARG G 289 5.47 2.11 -16.03
CA ARG G 289 4.94 3.46 -16.19
C ARG G 289 5.90 4.40 -16.88
N LYS G 290 7.18 4.33 -16.51
CA LYS G 290 8.15 5.24 -17.11
C LYS G 290 8.26 4.92 -18.58
N ASP G 291 7.95 3.69 -18.96
CA ASP G 291 8.00 3.32 -20.34
C ASP G 291 6.78 3.83 -21.06
N LEU G 292 5.63 3.73 -20.40
CA LEU G 292 4.37 4.20 -20.98
C LEU G 292 4.38 5.76 -21.16
N TYR G 293 4.95 6.60 -20.28
CA TYR G 293 5.10 8.03 -20.59
C TYR G 293 6.04 8.37 -21.73
N ALA G 294 7.07 7.59 -21.97
CA ALA G 294 8.03 7.85 -23.03
C ALA G 294 7.52 7.42 -24.39
N ASN G 295 6.41 6.67 -24.39
CA ASN G 295 5.85 6.09 -25.60
C ASN G 295 4.35 6.25 -25.60
N THR G 296 3.89 7.49 -25.71
CA THR G 296 2.48 7.75 -25.84
C THR G 296 2.35 7.93 -27.33
N VAL G 297 1.60 7.04 -28.01
CA VAL G 297 1.40 7.06 -29.47
C VAL G 297 -0.08 7.35 -29.71
N LEU G 298 -0.36 8.18 -30.70
CA LEU G 298 -1.75 8.50 -30.98
C LEU G 298 -2.11 7.76 -32.25
N SER G 299 -3.30 7.18 -32.38
CA SER G 299 -3.61 6.61 -33.67
C SER G 299 -5.05 6.82 -34.01
N GLY G 300 -5.54 6.73 -35.25
CA GLY G 300 -6.99 6.92 -35.55
C GLY G 300 -7.27 8.21 -36.27
N GLY G 301 -8.34 8.36 -37.07
CA GLY G 301 -8.69 9.59 -37.77
C GLY G 301 -8.91 10.80 -36.85
N THR G 302 -9.55 10.70 -35.69
CA THR G 302 -9.77 11.86 -34.84
C THR G 302 -8.44 12.32 -34.20
N THR G 303 -7.24 11.75 -34.49
CA THR G 303 -5.99 12.25 -33.87
C THR G 303 -5.27 13.10 -34.91
N MET G 304 -5.94 13.34 -36.01
CA MET G 304 -5.29 14.04 -37.08
C MET G 304 -5.32 15.56 -36.97
N TYR G 305 -5.96 16.13 -35.96
CA TYR G 305 -6.12 17.56 -35.81
C TYR G 305 -4.82 18.27 -35.63
N PRO G 306 -4.44 19.34 -36.36
CA PRO G 306 -3.35 20.22 -36.02
C PRO G 306 -3.51 20.71 -34.59
N GLY G 307 -2.33 20.70 -33.94
CA GLY G 307 -2.12 20.97 -32.51
C GLY G 307 -2.34 19.78 -31.57
N ILE G 308 -2.82 18.58 -31.97
CA ILE G 308 -3.16 17.59 -30.94
C ILE G 308 -1.94 16.98 -30.26
N ALA G 309 -0.83 16.77 -30.96
CA ALA G 309 0.40 16.28 -30.32
C ALA G 309 0.89 17.24 -29.27
N ASP G 310 1.10 18.52 -29.62
CA ASP G 310 1.47 19.57 -28.66
C ASP G 310 0.54 19.72 -27.49
N ARG G 311 -0.75 19.72 -27.71
CA ARG G 311 -1.68 19.90 -26.64
C ARG G 311 -1.76 18.66 -25.81
N MET G 312 -1.62 17.45 -26.35
CA MET G 312 -1.58 16.24 -25.56
C MET G 312 -0.31 16.35 -24.71
N GLN G 313 0.88 16.60 -25.25
CA GLN G 313 2.12 16.82 -24.51
C GLN G 313 1.93 17.81 -23.40
N LYS G 314 1.60 19.08 -23.64
CA LYS G 314 1.33 20.11 -22.64
C LYS G 314 0.47 19.60 -21.49
N GLU G 315 -0.52 18.79 -21.80
CA GLU G 315 -1.46 18.35 -20.77
C GLU G 315 -1.01 17.15 -19.97
N ILE G 316 -0.28 16.24 -20.57
CA ILE G 316 0.19 15.10 -19.83
C ILE G 316 1.36 15.59 -19.03
N THR G 317 2.18 16.50 -19.57
CA THR G 317 3.21 17.14 -18.79
C THR G 317 2.72 17.85 -17.54
N ALA G 318 1.49 18.38 -17.50
CA ALA G 318 1.00 18.98 -16.26
C ALA G 318 0.58 17.92 -15.23
N LEU G 319 -0.12 16.83 -15.59
CA LEU G 319 -0.48 15.80 -14.60
C LEU G 319 0.69 14.89 -14.12
N ALA G 320 1.69 14.67 -14.99
CA ALA G 320 2.75 13.69 -14.77
C ALA G 320 3.70 14.14 -13.71
N PRO G 321 4.30 13.23 -12.86
CA PRO G 321 5.35 13.60 -11.89
C PRO G 321 6.40 14.53 -12.56
N SER G 322 6.95 15.47 -11.76
CA SER G 322 7.75 16.58 -12.30
C SER G 322 9.07 16.28 -13.04
N THR G 323 9.30 15.00 -13.27
CA THR G 323 10.50 14.49 -13.84
C THR G 323 10.27 13.65 -15.07
N MET G 324 9.06 13.09 -15.33
CA MET G 324 8.91 12.08 -16.38
C MET G 324 9.35 12.61 -17.72
N LYS G 325 10.09 11.91 -18.57
CA LYS G 325 10.41 12.37 -19.90
C LYS G 325 9.09 12.03 -20.55
N ILE G 326 8.34 12.90 -21.20
CA ILE G 326 7.09 12.53 -21.81
C ILE G 326 7.27 12.71 -23.30
N LYS G 327 7.08 11.66 -24.08
CA LYS G 327 7.36 11.71 -25.49
C LYS G 327 6.04 11.26 -26.08
N ILE G 328 5.32 12.18 -26.70
CA ILE G 328 4.03 11.90 -27.33
C ILE G 328 4.48 11.51 -28.74
N ILE G 329 3.93 10.52 -29.50
CA ILE G 329 4.49 10.09 -30.79
C ILE G 329 3.31 10.26 -31.69
N ALA G 330 3.47 10.84 -32.86
CA ALA G 330 2.30 11.05 -33.68
C ALA G 330 2.85 10.97 -35.09
N PRO G 331 3.01 9.68 -35.52
CA PRO G 331 3.56 9.36 -36.82
C PRO G 331 2.61 9.95 -37.84
N PRO G 332 3.09 10.59 -38.89
CA PRO G 332 2.25 11.24 -39.85
C PRO G 332 1.35 10.26 -40.61
N GLU G 333 1.45 8.92 -40.48
CA GLU G 333 0.57 8.05 -41.23
C GLU G 333 -0.45 7.36 -40.38
N ARG G 334 -0.72 8.03 -39.27
CA ARG G 334 -1.59 7.53 -38.19
C ARG G 334 -3.09 7.35 -38.37
N LYS G 335 -1.76 7.14 -41.54
CA LYS G 335 -3.12 7.27 -42.06
C LYS G 335 -3.60 5.81 -42.19
N TYR G 336 -2.72 4.83 -42.45
CA TYR G 336 -3.08 3.42 -42.57
C TYR G 336 -2.74 2.43 -41.42
N SER G 337 -2.28 2.89 -40.25
CA SER G 337 -1.95 2.07 -39.09
C SER G 337 -2.99 1.02 -38.75
N VAL G 338 -4.25 1.33 -38.53
CA VAL G 338 -5.18 0.31 -38.16
C VAL G 338 -5.21 -0.81 -39.21
N TRP G 339 -5.19 -0.55 -40.51
CA TRP G 339 -5.25 -1.62 -41.46
C TRP G 339 -3.93 -2.41 -41.46
N ILE G 340 -2.71 -1.88 -41.40
CA ILE G 340 -1.53 -2.74 -41.53
C ILE G 340 -1.21 -3.46 -40.23
N GLY G 341 -1.76 -3.01 -39.12
CA GLY G 341 -1.63 -3.77 -37.89
C GLY G 341 -2.46 -5.06 -37.89
N GLY G 342 -3.62 -5.01 -38.52
CA GLY G 342 -4.50 -6.14 -38.74
C GLY G 342 -3.96 -7.05 -39.82
N SER G 343 -3.57 -6.57 -41.01
CA SER G 343 -2.81 -7.37 -41.94
C SER G 343 -1.63 -8.16 -41.40
N ILE G 344 -0.86 -7.70 -40.41
CA ILE G 344 0.29 -8.37 -39.76
C ILE G 344 -0.21 -9.52 -38.92
N LEU G 345 -1.13 -9.07 -38.04
CA LEU G 345 -1.77 -9.92 -37.05
C LEU G 345 -2.46 -11.05 -37.76
N ALA G 346 -3.45 -10.86 -38.64
CA ALA G 346 -4.11 -11.96 -39.30
C ALA G 346 -3.28 -12.79 -40.26
N SER G 347 -1.96 -12.51 -40.39
CA SER G 347 -1.10 -13.32 -41.22
C SER G 347 -0.25 -14.22 -40.36
N LEU G 348 -0.06 -13.94 -39.07
CA LEU G 348 0.77 -14.80 -38.21
C LEU G 348 0.07 -16.17 -38.00
N SER G 349 0.80 -17.30 -37.94
CA SER G 349 0.14 -18.58 -37.74
C SER G 349 -0.40 -18.62 -36.36
N THR G 350 0.16 -17.76 -35.50
CA THR G 350 -0.32 -17.41 -34.15
C THR G 350 -1.86 -17.19 -34.11
N PHE G 351 -2.33 -16.39 -35.06
CA PHE G 351 -3.65 -15.86 -35.05
C PHE G 351 -4.72 -16.89 -35.32
N GLN G 352 -4.47 -17.94 -36.10
CA GLN G 352 -5.51 -18.90 -36.41
C GLN G 352 -6.02 -19.52 -35.13
N GLN G 353 -5.28 -19.48 -34.03
CA GLN G 353 -5.80 -19.93 -32.79
C GLN G 353 -6.01 -18.55 -32.18
N MET G 354 -7.14 -17.95 -32.43
CA MET G 354 -7.50 -16.67 -31.85
C MET G 354 -8.85 -16.29 -32.42
N TRP G 355 -9.22 -16.79 -33.60
CA TRP G 355 -10.51 -16.58 -34.23
C TRP G 355 -11.66 -17.23 -33.47
N ILE G 356 -12.88 -16.85 -33.85
CA ILE G 356 -14.12 -17.44 -33.42
C ILE G 356 -14.48 -18.17 -34.72
N SER G 357 -14.68 -19.47 -34.62
CA SER G 357 -14.94 -20.28 -35.79
C SER G 357 -16.43 -20.45 -35.96
N LYS G 358 -16.83 -20.92 -37.15
CA LYS G 358 -18.23 -21.22 -37.49
C LYS G 358 -18.74 -22.15 -36.44
N GLN G 359 -18.01 -23.25 -36.19
CA GLN G 359 -18.31 -24.19 -35.11
C GLN G 359 -18.64 -23.52 -33.77
N GLU G 360 -17.76 -22.60 -33.33
CA GLU G 360 -17.95 -21.96 -32.03
C GLU G 360 -19.16 -21.08 -31.99
N TYR G 361 -19.42 -20.41 -33.10
CA TYR G 361 -20.56 -19.54 -33.17
C TYR G 361 -21.85 -20.34 -32.97
N ASP G 362 -21.91 -21.55 -33.55
CA ASP G 362 -23.06 -22.44 -33.40
C ASP G 362 -23.24 -22.88 -31.97
N GLU G 363 -22.07 -23.31 -31.47
CA GLU G 363 -21.91 -23.78 -30.12
C GLU G 363 -22.50 -22.67 -29.25
N SER G 364 -21.99 -21.43 -29.33
CA SER G 364 -22.36 -20.44 -28.33
C SER G 364 -23.48 -19.52 -28.73
N GLY G 365 -23.38 -19.00 -29.93
CA GLY G 365 -24.34 -18.02 -30.38
C GLY G 365 -23.52 -16.78 -30.68
N PRO G 366 -24.08 -15.54 -30.75
CA PRO G 366 -23.31 -14.30 -30.90
C PRO G 366 -22.53 -13.73 -29.71
N SER G 367 -22.96 -14.11 -28.50
CA SER G 367 -22.36 -13.71 -27.24
C SER G 367 -20.86 -14.01 -27.25
N ILE G 368 -20.40 -15.18 -27.68
CA ILE G 368 -19.00 -15.55 -27.69
C ILE G 368 -18.02 -14.45 -28.07
N VAL G 369 -18.39 -13.40 -28.85
CA VAL G 369 -17.47 -12.30 -29.21
C VAL G 369 -16.96 -11.67 -27.94
N HIS G 370 -17.70 -11.63 -26.86
CA HIS G 370 -17.27 -10.97 -25.64
C HIS G 370 -16.21 -11.77 -24.92
N ARG G 371 -16.19 -13.04 -25.19
CA ARG G 371 -15.32 -13.91 -24.46
C ARG G 371 -14.05 -13.87 -25.20
N LYS G 372 -14.09 -14.05 -26.52
CA LYS G 372 -12.86 -14.30 -27.21
C LYS G 372 -12.10 -13.14 -27.73
N CYS G 373 -12.78 -12.01 -27.76
CA CYS G 373 -12.14 -10.81 -28.26
C CYS G 373 -11.90 -9.84 -27.10
N PHE G 374 -11.11 -10.44 -26.11
CA PHE G 374 -10.42 -9.98 -24.85
C PHE G 374 -10.21 -10.67 -23.46
N ASP H 1 -42.40 53.20 -8.29
CA ASP H 1 -43.85 53.50 -8.23
C ASP H 1 -44.48 54.28 -9.44
N ASP H 2 -44.83 53.44 -10.44
CA ASP H 2 -45.46 53.74 -11.75
C ASP H 2 -44.57 54.49 -12.72
N ASP H 3 -44.18 55.66 -12.30
CA ASP H 3 -43.34 56.46 -13.13
C ASP H 3 -42.12 56.09 -12.33
N ILE H 4 -41.63 55.16 -13.15
CA ILE H 4 -40.46 54.33 -13.02
C ILE H 4 -40.68 53.03 -12.30
N ALA H 5 -40.58 52.34 -13.44
CA ALA H 5 -40.95 50.97 -13.66
C ALA H 5 -40.63 50.85 -15.16
N ALA H 6 -40.02 49.72 -15.47
CA ALA H 6 -39.76 49.28 -16.80
C ALA H 6 -41.13 48.98 -17.43
N LEU H 7 -41.21 48.99 -18.74
CA LEU H 7 -42.43 48.65 -19.43
C LEU H 7 -42.21 47.24 -19.94
N VAL H 8 -42.99 46.22 -19.61
CA VAL H 8 -42.74 44.93 -20.23
C VAL H 8 -43.50 44.89 -21.58
N VAL H 9 -42.92 44.54 -22.72
CA VAL H 9 -43.62 44.48 -24.01
C VAL H 9 -43.43 43.03 -24.44
N ASP H 10 -44.55 42.32 -24.56
CA ASP H 10 -44.48 40.95 -24.99
C ASP H 10 -45.00 40.97 -26.38
N ASN H 11 -44.19 40.48 -27.31
CA ASN H 11 -44.45 40.54 -28.76
C ASN H 11 -44.82 39.22 -29.31
N GLY H 12 -46.14 39.03 -29.36
CA GLY H 12 -46.71 37.83 -29.91
C GLY H 12 -47.15 38.02 -31.35
N SER H 13 -47.10 36.86 -32.00
CA SER H 13 -47.58 36.61 -33.34
C SER H 13 -49.06 36.99 -33.53
N GLY H 14 -49.94 36.68 -32.60
CA GLY H 14 -51.30 37.08 -32.72
C GLY H 14 -51.65 38.29 -31.86
N MET H 15 -51.03 38.40 -30.69
CA MET H 15 -51.34 39.36 -29.65
C MET H 15 -50.10 40.02 -29.03
N CYS H 16 -50.16 41.28 -28.62
CA CYS H 16 -49.07 41.96 -27.94
C CYS H 16 -49.67 42.34 -26.61
N LYS H 17 -48.94 42.28 -25.50
CA LYS H 17 -49.44 42.64 -24.18
C LYS H 17 -48.29 43.50 -23.64
N ALA H 18 -48.63 44.67 -23.11
CA ALA H 18 -47.67 45.66 -22.67
C ALA H 18 -48.13 46.32 -21.40
N GLY H 19 -47.24 46.52 -20.45
CA GLY H 19 -47.64 47.10 -19.20
C GLY H 19 -46.44 47.55 -18.43
N PHE H 20 -46.68 47.63 -17.13
CA PHE H 20 -45.68 48.18 -16.27
C PHE H 20 -45.25 47.13 -15.27
N ALA H 21 -43.92 47.06 -15.11
CA ALA H 21 -43.32 46.13 -14.17
C ALA H 21 -43.77 46.54 -12.79
N GLY H 22 -44.08 45.44 -12.06
CA GLY H 22 -44.67 45.46 -10.76
C GLY H 22 -46.17 45.18 -10.83
N ASP H 23 -46.75 45.06 -12.04
CA ASP H 23 -48.18 44.82 -12.18
C ASP H 23 -48.55 43.37 -12.48
N ASP H 24 -49.71 43.14 -11.92
CA ASP H 24 -50.39 41.87 -12.01
C ASP H 24 -50.83 41.54 -13.45
N ALA H 25 -51.46 42.40 -14.25
CA ALA H 25 -51.84 41.96 -15.60
C ALA H 25 -51.42 42.96 -16.67
N PRO H 26 -51.27 42.61 -17.92
CA PRO H 26 -51.08 43.55 -19.01
C PRO H 26 -52.06 44.71 -19.07
N ARG H 27 -51.63 45.98 -19.18
CA ARG H 27 -52.58 47.08 -19.32
C ARG H 27 -53.09 47.20 -20.74
N ALA H 28 -52.33 46.85 -21.77
CA ALA H 28 -52.78 46.97 -23.14
C ALA H 28 -52.61 45.62 -23.76
N VAL H 29 -53.68 44.92 -24.15
CA VAL H 29 -53.45 43.69 -24.89
C VAL H 29 -53.92 44.04 -26.29
N PHE H 30 -53.25 43.86 -27.43
CA PHE H 30 -53.89 44.24 -28.67
C PHE H 30 -53.57 43.31 -29.76
N PRO H 31 -54.37 43.22 -30.84
CA PRO H 31 -54.05 42.55 -32.10
C PRO H 31 -52.72 42.90 -32.77
N SER H 32 -51.88 41.91 -33.16
CA SER H 32 -50.61 42.27 -33.82
C SER H 32 -50.73 42.40 -35.35
N ILE H 33 -49.73 49.83 -37.58
CA ILE H 33 -49.23 50.54 -38.73
C ILE H 33 -50.19 51.62 -39.23
N VAL H 34 -49.59 52.69 -39.81
CA VAL H 34 -50.28 53.79 -40.50
C VAL H 34 -49.89 53.58 -41.95
N GLY H 35 -50.86 53.59 -42.86
CA GLY H 35 -50.54 53.36 -44.25
C GLY H 35 -51.02 54.48 -45.13
N ARG H 36 -50.10 55.20 -45.76
CA ARG H 36 -50.50 56.28 -46.68
C ARG H 36 -50.33 55.79 -48.13
N PRO H 37 -51.33 56.01 -49.00
CA PRO H 37 -51.33 55.60 -50.40
C PRO H 37 -50.09 55.80 -51.22
N ARG H 38 -49.16 56.75 -51.05
CA ARG H 38 -48.00 56.92 -51.95
C ARG H 38 -48.39 56.85 -53.46
N HIS H 39 -49.62 57.35 -53.69
CA HIS H 39 -50.37 57.53 -54.93
C HIS H 39 -51.72 57.99 -54.43
N GLN H 40 -52.02 59.28 -54.60
CA GLN H 40 -53.31 59.88 -54.27
C GLN H 40 -54.40 58.82 -54.50
N GLY H 41 -54.92 58.45 -53.32
CA GLY H 41 -55.94 57.44 -53.25
C GLY H 41 -57.17 58.08 -52.65
N VAL H 42 -58.12 57.13 -52.46
CA VAL H 42 -59.47 57.18 -51.81
C VAL H 42 -60.61 56.48 -52.59
N MET H 43 -61.18 55.52 -51.85
CA MET H 43 -62.30 54.75 -52.35
C MET H 43 -63.48 55.72 -52.28
N VAL H 44 -64.46 55.71 -53.20
CA VAL H 44 -65.65 56.59 -53.10
C VAL H 44 -66.75 55.83 -52.32
N GLY H 45 -66.34 55.79 -51.06
CA GLY H 45 -67.02 55.24 -49.92
C GLY H 45 -66.04 55.38 -48.78
N MET H 46 -65.50 56.61 -48.80
CA MET H 46 -64.62 57.22 -47.83
C MET H 46 -64.14 58.61 -48.30
N GLY H 47 -63.85 59.45 -47.27
CA GLY H 47 -63.44 60.85 -47.43
C GLY H 47 -62.09 60.88 -48.13
N GLN H 48 -61.45 62.01 -48.54
CA GLN H 48 -60.10 61.89 -49.08
C GLN H 48 -59.31 61.73 -47.76
N LYS H 49 -59.17 60.41 -47.50
CA LYS H 49 -58.50 59.66 -46.43
C LYS H 49 -57.23 59.06 -47.00
N ASP H 50 -56.09 59.66 -46.70
CA ASP H 50 -54.87 59.10 -47.19
C ASP H 50 -53.98 58.61 -46.06
N SER H 51 -54.50 58.26 -44.87
CA SER H 51 -53.72 57.50 -43.88
C SER H 51 -54.73 56.45 -43.49
N TYR H 52 -54.55 55.17 -43.75
CA TYR H 52 -55.47 54.17 -43.23
C TYR H 52 -54.71 53.69 -42.00
N VAL H 53 -55.34 53.34 -40.90
CA VAL H 53 -54.66 52.97 -39.64
C VAL H 53 -55.07 51.56 -39.17
N GLY H 54 -54.19 50.76 -38.57
CA GLY H 54 -54.60 49.49 -38.02
C GLY H 54 -54.88 48.47 -39.09
N ASP H 55 -56.05 47.80 -39.01
CA ASP H 55 -56.48 46.68 -39.92
C ASP H 55 -57.11 46.99 -41.29
N GLU H 56 -57.76 48.15 -41.37
CA GLU H 56 -58.24 48.71 -42.63
C GLU H 56 -57.06 49.19 -43.46
N ALA H 57 -55.83 48.97 -43.00
CA ALA H 57 -54.66 49.30 -43.76
C ALA H 57 -53.92 48.01 -43.91
N GLN H 58 -54.32 46.94 -43.27
CA GLN H 58 -53.67 45.66 -43.46
C GLN H 58 -54.25 45.23 -44.82
N SER H 59 -55.56 45.37 -45.00
CA SER H 59 -56.30 44.92 -46.18
C SER H 59 -56.27 45.83 -47.40
N LYS H 60 -55.14 46.50 -47.55
CA LYS H 60 -54.77 47.36 -48.68
C LYS H 60 -53.26 47.55 -48.52
N ARG H 61 -52.58 46.72 -47.69
CA ARG H 61 -51.15 46.82 -47.37
C ARG H 61 -50.28 46.70 -48.61
N GLY H 62 -50.79 45.78 -49.46
CA GLY H 62 -50.29 45.53 -50.78
C GLY H 62 -50.41 46.79 -51.61
N ILE H 63 -51.48 47.58 -51.58
CA ILE H 63 -51.54 48.79 -52.39
C ILE H 63 -51.05 50.03 -51.68
N LEU H 64 -50.55 49.93 -50.43
CA LEU H 64 -50.21 51.12 -49.64
C LEU H 64 -48.82 51.13 -49.09
N THR H 65 -48.26 52.30 -48.72
CA THR H 65 -46.97 52.29 -47.98
C THR H 65 -47.21 52.52 -46.45
N LEU H 66 -46.77 51.50 -45.71
CA LEU H 66 -46.95 51.43 -44.29
C LEU H 66 -45.82 51.88 -43.36
N LYS H 67 -46.03 52.86 -42.48
CA LYS H 67 -45.07 53.27 -41.46
C LYS H 67 -45.44 52.64 -40.09
N TYR H 68 -44.44 52.10 -39.40
CA TYR H 68 -44.50 51.49 -38.07
C TYR H 68 -44.04 52.51 -37.05
N PRO H 69 -46.56 41.71 -38.74
CA PRO H 69 -45.12 41.82 -38.60
C PRO H 69 -44.49 40.54 -38.09
N ILE H 70 -45.07 39.97 -37.03
CA ILE H 70 -44.44 38.91 -36.30
C ILE H 70 -45.06 37.69 -36.91
N GLU H 71 -44.26 36.65 -37.13
CA GLU H 71 -44.70 35.49 -37.86
C GLU H 71 -43.98 34.24 -37.37
N HIS H 72 -39.94 35.46 -37.73
CA HIS H 72 -39.35 34.69 -36.57
C HIS H 72 -39.61 35.07 -35.17
N GLY H 73 -43.50 33.62 -34.51
CA GLY H 73 -42.73 34.24 -33.45
C GLY H 73 -41.62 35.19 -33.87
N ILE H 74 -41.18 35.16 -35.14
CA ILE H 74 -40.04 35.91 -35.65
C ILE H 74 -40.51 37.14 -36.42
N VAL H 75 -39.84 38.30 -36.42
CA VAL H 75 -40.34 39.51 -37.09
C VAL H 75 -39.78 39.45 -38.50
N THR H 76 -40.79 39.51 -39.40
CA THR H 76 -40.55 39.48 -40.84
C THR H 76 -40.58 40.88 -41.41
N ASN H 77 -41.23 41.82 -40.74
CA ASN H 77 -41.38 43.14 -41.28
C ASN H 77 -40.93 44.14 -40.26
N TRP H 78 -39.80 44.75 -40.47
CA TRP H 78 -39.30 45.67 -39.48
C TRP H 78 -39.91 47.06 -39.41
N ASP H 79 -40.43 47.74 -40.44
CA ASP H 79 -40.98 49.06 -40.18
C ASP H 79 -42.38 48.88 -39.64
N ASP H 80 -43.11 47.82 -40.01
CA ASP H 80 -44.40 47.66 -39.37
C ASP H 80 -44.27 47.16 -37.93
N MET H 81 -43.27 46.37 -37.54
CA MET H 81 -43.02 46.20 -36.10
C MET H 81 -42.68 47.59 -35.50
N GLU H 82 -41.90 48.47 -36.14
CA GLU H 82 -41.59 49.76 -35.57
C GLU H 82 -42.84 50.55 -35.30
N LYS H 83 -43.78 50.49 -36.23
CA LYS H 83 -45.08 51.08 -35.98
C LYS H 83 -45.74 50.56 -34.70
N ILE H 84 -45.76 49.24 -34.50
CA ILE H 84 -46.46 48.66 -33.37
C ILE H 84 -45.93 49.20 -32.08
N TRP H 85 -44.60 49.23 -32.00
CA TRP H 85 -43.94 49.69 -30.78
C TRP H 85 -44.27 51.15 -30.59
N HIS H 86 -44.03 52.09 -31.50
CA HIS H 86 -44.48 53.47 -31.39
C HIS H 86 -45.90 53.60 -30.83
N HIS H 87 -46.88 52.86 -31.33
CA HIS H 87 -48.26 52.76 -30.82
C HIS H 87 -48.33 52.19 -29.38
N THR H 88 -47.58 51.16 -29.03
CA THR H 88 -47.45 50.68 -27.65
C THR H 88 -47.16 51.87 -26.69
N PHE H 89 -46.08 52.64 -26.94
CA PHE H 89 -45.65 53.71 -26.01
C PHE H 89 -46.52 54.96 -26.10
N TYR H 90 -46.59 55.52 -27.31
CA TYR H 90 -47.28 56.76 -27.57
C TYR H 90 -48.77 56.70 -27.65
N ASN H 91 -49.43 55.57 -27.77
CA ASN H 91 -50.88 55.59 -27.84
C ASN H 91 -51.48 54.63 -26.83
N GLU H 92 -50.86 53.46 -26.55
CA GLU H 92 -51.46 52.58 -25.60
C GLU H 92 -51.03 52.84 -24.15
N LEU H 93 -49.75 52.92 -23.82
CA LEU H 93 -49.42 53.10 -22.42
C LEU H 93 -49.30 54.58 -22.09
N ARG H 94 -49.13 55.42 -23.15
CA ARG H 94 -49.06 56.90 -23.10
C ARG H 94 -47.79 57.36 -22.31
N VAL H 95 -46.70 56.74 -22.77
CA VAL H 95 -45.41 56.75 -22.14
C VAL H 95 -44.36 57.37 -23.08
N ALA H 96 -43.23 57.66 -22.46
CA ALA H 96 -42.13 58.24 -23.15
C ALA H 96 -41.03 57.23 -23.07
N PRO H 97 -40.50 56.81 -24.19
CA PRO H 97 -39.50 55.77 -24.25
C PRO H 97 -38.20 56.12 -23.56
N GLU H 98 -37.79 57.40 -23.57
CA GLU H 98 -36.49 57.82 -23.01
C GLU H 98 -36.26 57.98 -21.50
N GLU H 99 -37.26 57.52 -20.77
CA GLU H 99 -37.37 57.59 -19.33
C GLU H 99 -37.62 56.21 -18.69
N HIS H 100 -37.84 55.13 -19.45
CA HIS H 100 -38.22 53.81 -18.93
C HIS H 100 -37.34 52.79 -19.61
N PRO H 101 -36.76 51.86 -18.86
CA PRO H 101 -36.14 50.74 -19.48
C PRO H 101 -37.21 49.81 -20.04
N VAL H 102 -36.93 49.10 -21.13
CA VAL H 102 -37.90 48.13 -21.62
C VAL H 102 -37.44 46.66 -21.58
N LEU H 103 -38.31 45.75 -21.17
CA LEU H 103 -37.92 44.37 -21.29
C LEU H 103 -38.72 43.95 -22.51
N LEU H 104 -38.14 43.54 -23.62
CA LEU H 104 -38.93 43.14 -24.79
C LEU H 104 -38.94 41.64 -24.79
N THR H 105 -39.95 40.84 -25.03
CA THR H 105 -39.62 39.42 -25.08
C THR H 105 -39.28 38.96 -26.48
N GLU H 106 -38.76 37.76 -26.62
CA GLU H 106 -38.39 37.24 -27.93
C GLU H 106 -38.62 35.72 -28.07
N ALA H 107 -38.75 35.21 -29.28
CA ALA H 107 -38.89 33.79 -29.54
C ALA H 107 -37.70 32.99 -29.07
N PRO H 108 -37.86 31.79 -28.50
CA PRO H 108 -36.82 30.77 -28.40
C PRO H 108 -36.19 30.59 -29.78
N LEU H 109 -34.88 30.49 -29.81
CA LEU H 109 -34.13 30.37 -31.05
C LEU H 109 -34.30 31.56 -32.05
N ASN H 110 -34.58 32.80 -31.58
CA ASN H 110 -34.76 33.98 -32.45
C ASN H 110 -33.47 34.28 -33.22
N PRO H 111 -33.46 34.42 -34.55
CA PRO H 111 -32.26 34.70 -35.31
C PRO H 111 -31.37 35.81 -34.77
N LYS H 112 -30.04 35.66 -34.83
CA LYS H 112 -29.01 36.62 -34.43
C LYS H 112 -29.28 38.06 -34.78
N ALA H 113 -29.48 38.30 -36.07
CA ALA H 113 -29.66 39.63 -36.59
C ALA H 113 -30.96 40.26 -36.15
N ASN H 114 -31.92 39.46 -35.73
CA ASN H 114 -33.16 39.96 -35.20
C ASN H 114 -32.91 40.53 -33.87
N ARG H 115 -32.20 39.83 -33.00
CA ARG H 115 -31.89 40.31 -31.65
C ARG H 115 -31.17 41.63 -31.74
N GLU H 116 -30.23 41.73 -32.65
CA GLU H 116 -29.50 42.96 -32.91
C GLU H 116 -30.45 43.95 -33.50
N LYS H 117 -31.30 43.72 -34.51
CA LYS H 117 -32.13 44.80 -34.96
C LYS H 117 -33.06 45.30 -33.88
N MET H 118 -33.58 44.49 -32.96
CA MET H 118 -34.43 45.07 -31.95
C MET H 118 -33.61 45.79 -30.91
N THR H 119 -32.31 45.49 -30.68
CA THR H 119 -31.43 46.32 -29.83
C THR H 119 -31.17 47.72 -30.44
N GLN H 120 -30.81 47.65 -31.72
CA GLN H 120 -30.66 48.75 -32.64
C GLN H 120 -31.81 49.73 -32.55
N ILE H 121 -33.05 49.37 -33.00
CA ILE H 121 -34.26 50.22 -32.99
C ILE H 121 -34.53 50.85 -31.61
N MET H 122 -34.59 49.95 -30.63
CA MET H 122 -34.90 50.38 -29.29
C MET H 122 -33.94 51.43 -28.90
N PHE H 123 -32.62 51.30 -29.12
CA PHE H 123 -31.71 52.35 -28.66
C PHE H 123 -31.61 53.61 -29.47
N GLU H 124 -31.41 53.46 -30.76
CA GLU H 124 -31.27 54.59 -31.67
C GLU H 124 -32.56 55.29 -32.04
N THR H 125 -33.61 54.50 -32.35
CA THR H 125 -34.91 54.99 -32.78
C THR H 125 -35.73 55.34 -31.59
N PHE H 126 -35.78 54.62 -30.45
CA PHE H 126 -36.60 55.09 -29.33
C PHE H 126 -35.85 55.70 -28.16
N ASN H 127 -34.52 55.65 -28.23
CA ASN H 127 -33.62 56.27 -27.25
C ASN H 127 -34.01 55.83 -25.86
N THR H 128 -33.76 54.54 -25.69
CA THR H 128 -34.17 53.81 -24.48
C THR H 128 -33.03 53.87 -23.48
N PRO H 129 -33.25 54.20 -22.20
CA PRO H 129 -32.23 54.27 -21.19
C PRO H 129 -31.49 52.95 -21.10
N ALA H 130 -32.23 51.84 -21.30
CA ALA H 130 -31.78 50.46 -21.14
C ALA H 130 -32.80 49.48 -21.68
N MET H 131 -32.31 48.30 -21.92
CA MET H 131 -33.19 47.28 -22.37
C MET H 131 -32.62 45.89 -22.13
N TYR H 132 -33.54 44.91 -22.10
CA TYR H 132 -33.22 43.51 -22.04
C TYR H 132 -34.26 42.77 -22.94
N VAL H 133 -33.78 41.64 -23.46
CA VAL H 133 -34.53 40.77 -24.30
C VAL H 133 -34.47 39.39 -23.62
N ALA H 134 -35.60 38.97 -23.09
CA ALA H 134 -35.80 37.64 -22.56
C ALA H 134 -36.63 36.70 -23.51
N ILE H 135 -36.24 35.42 -23.58
CA ILE H 135 -36.97 34.38 -24.32
C ILE H 135 -38.30 34.23 -23.64
N GLN H 136 -39.40 34.00 -24.32
CA GLN H 136 -40.73 33.97 -23.65
C GLN H 136 -40.98 32.86 -22.69
N ALA H 137 -40.56 31.59 -22.99
CA ALA H 137 -40.75 30.44 -22.15
C ALA H 137 -40.07 30.58 -20.79
N VAL H 138 -38.92 31.23 -20.72
CA VAL H 138 -38.21 31.42 -19.47
C VAL H 138 -38.98 32.34 -18.52
N LEU H 139 -39.80 33.30 -18.98
CA LEU H 139 -40.60 34.18 -18.10
C LEU H 139 -41.88 33.46 -17.70
N SER H 140 -42.44 32.57 -18.55
CA SER H 140 -43.46 31.64 -18.11
C SER H 140 -43.01 30.83 -16.88
N LEU H 141 -41.77 30.29 -16.88
CA LEU H 141 -41.25 29.56 -15.74
C LEU H 141 -41.03 30.34 -14.41
N TYR H 142 -40.38 31.50 -14.53
CA TYR H 142 -40.16 32.35 -13.38
C TYR H 142 -41.51 32.72 -12.78
N ALA H 143 -42.52 33.07 -13.59
CA ALA H 143 -43.84 33.43 -13.06
C ALA H 143 -44.58 32.27 -12.37
N SER H 144 -44.19 30.99 -12.55
CA SER H 144 -44.80 29.87 -11.82
C SER H 144 -44.03 29.61 -10.55
N GLY H 145 -45.60 28.28 -9.90
CA GLY H 145 -45.26 28.21 -8.49
C GLY H 145 -44.16 27.23 -8.34
N ARG H 146 -43.17 27.32 -9.18
CA ARG H 146 -42.17 26.30 -9.15
C ARG H 146 -40.85 26.95 -9.48
N THR H 147 -39.85 26.22 -9.04
CA THR H 147 -38.47 26.64 -9.09
C THR H 147 -37.50 25.67 -9.80
N THR H 148 -37.89 24.42 -9.92
CA THR H 148 -37.07 23.47 -10.62
C THR H 148 -38.02 22.84 -11.68
N GLY H 149 -37.63 22.47 -12.88
CA GLY H 149 -38.60 21.97 -13.81
C GLY H 149 -38.01 22.22 -15.15
N ILE H 150 -38.74 21.98 -16.22
CA ILE H 150 -38.32 22.32 -17.57
C ILE H 150 -39.62 22.80 -18.19
N VAL H 151 -39.48 23.89 -18.95
CA VAL H 151 -40.60 24.54 -19.58
C VAL H 151 -40.43 24.23 -21.04
N MET H 152 -41.54 24.13 -21.74
CA MET H 152 -41.48 23.91 -23.16
C MET H 152 -42.22 25.11 -23.68
N ASP H 153 -41.55 26.06 -24.30
CA ASP H 153 -42.19 27.33 -24.60
C ASP H 153 -42.44 27.47 -26.07
N SER H 154 -43.67 27.60 -26.54
CA SER H 154 -43.90 27.67 -27.97
C SER H 154 -44.74 28.87 -28.31
N GLY H 155 -44.00 29.81 -28.87
CA GLY H 155 -44.61 31.06 -29.29
C GLY H 155 -44.97 31.13 -30.78
N ASP H 156 -44.52 32.19 -31.47
CA ASP H 156 -44.85 32.36 -32.89
C ASP H 156 -43.64 32.10 -33.73
N GLY H 157 -42.46 32.43 -33.22
CA GLY H 157 -41.28 32.26 -33.99
C GLY H 157 -40.36 31.21 -33.45
N VAL H 158 -40.42 30.74 -32.19
CA VAL H 158 -39.53 29.69 -31.71
C VAL H 158 -40.15 28.85 -30.61
N THR H 159 -39.47 27.73 -30.38
CA THR H 159 -39.78 26.81 -29.32
C THR H 159 -38.44 26.51 -28.66
N HIS H 160 -38.47 26.49 -27.35
CA HIS H 160 -37.30 26.03 -26.62
C HIS H 160 -37.75 25.16 -25.48
N THR H 161 -36.85 24.24 -25.18
CA THR H 161 -36.98 23.43 -23.99
C THR H 161 -35.82 23.96 -23.10
N VAL H 162 -36.14 24.37 -21.85
CA VAL H 162 -35.21 25.06 -20.98
C VAL H 162 -35.24 24.22 -19.73
N PRO H 163 -34.22 23.50 -19.24
CA PRO H 163 -34.19 22.98 -17.88
C PRO H 163 -33.81 24.05 -16.84
N ILE H 164 -34.54 24.22 -15.75
CA ILE H 164 -34.29 25.22 -14.75
C ILE H 164 -34.05 24.52 -13.40
N TYR H 165 -32.92 24.76 -12.75
CA TYR H 165 -32.58 24.28 -11.42
C TYR H 165 -32.57 25.51 -10.52
N GLU H 166 -33.52 25.51 -9.60
CA GLU H 166 -33.67 26.54 -8.62
C GLU H 166 -33.81 27.96 -9.15
N GLY H 167 -34.59 28.23 -10.20
CA GLY H 167 -34.74 29.54 -10.79
C GLY H 167 -33.67 29.95 -11.81
N TYR H 168 -32.86 28.99 -12.26
CA TYR H 168 -31.71 29.27 -13.08
C TYR H 168 -31.79 28.30 -14.22
N ALA H 169 -31.87 28.86 -15.41
CA ALA H 169 -31.96 28.13 -16.65
C ALA H 169 -30.63 27.47 -16.89
N LEU H 170 -30.57 26.26 -17.43
CA LEU H 170 -29.29 25.66 -17.60
C LEU H 170 -28.88 25.79 -19.07
N PRO H 171 -28.18 26.83 -19.51
CA PRO H 171 -27.95 27.17 -20.92
C PRO H 171 -27.36 26.05 -21.78
N HIS H 172 -26.47 25.20 -21.26
CA HIS H 172 -26.04 24.05 -22.08
C HIS H 172 -27.14 23.08 -22.55
N ALA H 173 -28.20 22.90 -21.73
CA ALA H 173 -29.19 21.90 -22.06
C ALA H 173 -30.37 22.55 -22.73
N ILE H 174 -30.36 23.88 -23.00
CA ILE H 174 -31.45 24.58 -23.69
C ILE H 174 -31.31 24.19 -25.15
N LEU H 175 -32.47 23.94 -25.76
CA LEU H 175 -32.56 23.49 -27.14
C LEU H 175 -33.65 24.37 -27.75
N ARG H 176 -33.38 24.79 -28.98
CA ARG H 176 -34.19 25.73 -29.77
C ARG H 176 -34.67 25.03 -31.01
N LEU H 177 -35.96 25.26 -31.30
CA LEU H 177 -36.64 24.66 -32.44
C LEU H 177 -37.36 25.80 -33.12
N ASP H 178 -36.99 25.87 -34.39
CA ASP H 178 -37.55 26.92 -35.18
C ASP H 178 -38.74 26.42 -35.98
N LEU H 179 -39.78 26.26 -35.20
CA LEU H 179 -41.06 25.84 -35.69
C LEU H 179 -41.99 26.16 -34.52
N ALA H 180 -42.92 27.06 -34.78
CA ALA H 180 -43.84 27.50 -33.76
C ALA H 180 -45.09 28.01 -34.47
N GLY H 181 -46.05 28.71 -33.82
CA GLY H 181 -47.30 29.18 -34.41
C GLY H 181 -47.33 29.67 -35.88
N ARG H 182 -46.34 30.37 -36.41
CA ARG H 182 -46.41 30.87 -37.77
C ARG H 182 -46.24 29.72 -38.76
N ASP H 183 -45.40 28.77 -38.37
CA ASP H 183 -45.13 27.60 -39.17
C ASP H 183 -46.40 26.82 -39.32
N LEU H 184 -47.23 26.80 -38.29
CA LEU H 184 -48.48 26.09 -38.26
C LEU H 184 -49.60 26.86 -38.94
N THR H 185 -49.67 28.17 -38.93
CA THR H 185 -50.65 28.93 -39.73
C THR H 185 -50.41 28.75 -41.23
N ASP H 186 -49.15 28.79 -41.59
CA ASP H 186 -48.70 28.58 -42.93
C ASP H 186 -48.95 27.23 -43.55
N TYR H 187 -48.77 26.19 -42.75
CA TYR H 187 -48.97 24.83 -43.20
C TYR H 187 -50.44 24.50 -43.29
N LEU H 188 -51.26 25.15 -42.47
CA LEU H 188 -52.68 24.99 -42.50
C LEU H 188 -53.21 25.52 -43.83
N MET H 189 -52.81 26.75 -44.22
CA MET H 189 -53.25 27.44 -45.45
C MET H 189 -52.89 26.65 -46.69
N LYS H 190 -51.70 26.03 -46.74
CA LYS H 190 -51.27 25.17 -47.83
C LYS H 190 -52.10 23.93 -47.80
N ILE H 191 -52.36 23.22 -46.70
CA ILE H 191 -53.16 22.03 -46.86
C ILE H 191 -54.58 22.49 -47.23
N LEU H 192 -55.12 23.62 -46.76
CA LEU H 192 -56.46 24.12 -47.14
C LEU H 192 -56.59 24.55 -48.64
N THR H 193 -55.60 25.24 -49.19
CA THR H 193 -55.45 25.64 -50.61
C THR H 193 -55.19 24.41 -51.50
N GLU H 194 -54.59 23.35 -50.93
CA GLU H 194 -54.37 22.12 -51.67
C GLU H 194 -55.74 21.54 -51.91
N ARG H 195 -56.71 21.72 -51.00
CA ARG H 195 -58.06 21.24 -51.23
C ARG H 195 -58.81 22.17 -52.22
N GLY H 196 -58.09 22.90 -53.08
CA GLY H 196 -58.66 23.89 -53.98
C GLY H 196 -59.42 25.02 -53.25
N TYR H 197 -58.84 25.61 -52.19
CA TYR H 197 -59.44 26.74 -51.52
C TYR H 197 -58.61 27.93 -51.92
N SER H 198 -59.16 29.08 -51.57
CA SER H 198 -58.64 30.31 -52.13
C SER H 198 -58.50 31.33 -51.01
N PHE H 199 -57.27 31.62 -50.55
CA PHE H 199 -57.09 32.62 -49.48
C PHE H 199 -56.43 33.81 -50.09
N THR H 200 -57.10 34.22 -51.17
CA THR H 200 -56.40 35.18 -51.99
C THR H 200 -56.33 36.61 -51.50
N THR H 201 -57.16 37.13 -50.59
CA THR H 201 -57.02 38.55 -50.27
C THR H 201 -56.60 39.06 -48.89
N THR H 202 -55.30 39.38 -48.75
CA THR H 202 -54.62 39.98 -47.58
C THR H 202 -55.16 39.73 -46.16
N ALA H 203 -56.35 40.28 -45.83
CA ALA H 203 -57.05 40.11 -44.57
C ALA H 203 -57.16 38.61 -44.50
N GLU H 204 -57.80 37.96 -45.50
CA GLU H 204 -57.98 36.53 -45.43
C GLU H 204 -56.70 35.66 -45.37
N ARG H 205 -55.47 36.21 -45.40
CA ARG H 205 -54.24 35.43 -45.07
C ARG H 205 -54.13 35.29 -43.54
N GLU H 206 -54.70 36.28 -42.90
CA GLU H 206 -54.90 36.28 -41.48
C GLU H 206 -56.18 35.51 -41.16
N ILE H 207 -56.98 34.98 -42.08
CA ILE H 207 -58.16 34.21 -41.71
C ILE H 207 -57.84 32.72 -41.46
N VAL H 208 -56.66 32.27 -41.91
CA VAL H 208 -56.21 30.94 -41.56
C VAL H 208 -55.80 30.93 -40.08
N ARG H 209 -55.26 32.03 -39.52
CA ARG H 209 -54.87 32.18 -38.11
C ARG H 209 -56.07 31.85 -37.26
N ASP H 210 -57.27 32.31 -37.54
CA ASP H 210 -58.45 31.97 -36.73
C ASP H 210 -58.94 30.54 -36.95
N ILE H 211 -58.86 29.92 -38.14
CA ILE H 211 -59.28 28.52 -38.28
C ILE H 211 -58.33 27.68 -37.39
N LYS H 212 -57.03 27.96 -37.50
CA LYS H 212 -55.95 27.28 -36.83
C LYS H 212 -56.22 27.37 -35.39
N GLU H 213 -56.46 28.56 -34.90
CA GLU H 213 -56.62 28.64 -33.49
C GLU H 213 -57.99 28.14 -33.14
N LYS H 214 -59.02 28.20 -34.01
CA LYS H 214 -60.33 27.80 -33.54
C LYS H 214 -60.70 26.37 -33.68
N LEU H 215 -60.16 25.64 -34.63
CA LEU H 215 -60.61 24.29 -34.91
C LEU H 215 -59.49 23.30 -34.71
N CYS H 216 -58.18 23.67 -34.74
CA CYS H 216 -57.15 22.64 -34.54
C CYS H 216 -57.15 22.02 -33.17
N TYR H 217 -56.60 20.81 -33.23
CA TYR H 217 -56.62 19.77 -32.24
C TYR H 217 -55.33 18.99 -32.46
N VAL H 218 -54.87 18.36 -31.37
CA VAL H 218 -53.75 17.45 -31.38
C VAL H 218 -54.43 16.10 -31.10
N ALA H 219 -54.03 15.16 -31.96
CA ALA H 219 -54.48 13.78 -31.96
C ALA H 219 -53.63 12.99 -31.01
N LEU H 220 -54.17 11.96 -30.32
CA LEU H 220 -53.45 11.06 -29.41
C LEU H 220 -52.73 10.04 -30.23
N ASP H 221 -53.45 9.53 -31.19
CA ASP H 221 -52.79 8.62 -32.08
C ASP H 221 -53.08 9.15 -33.47
N PHE H 222 -52.17 9.97 -34.06
CA PHE H 222 -52.39 10.48 -35.43
C PHE H 222 -52.99 9.40 -36.35
N GLU H 223 -52.36 8.22 -36.38
CA GLU H 223 -52.74 7.04 -37.18
C GLU H 223 -54.19 6.61 -36.95
N GLN H 224 -54.61 6.19 -35.76
CA GLN H 224 -56.00 5.88 -35.60
C GLN H 224 -56.81 7.15 -35.69
N GLU H 225 -56.26 8.35 -35.70
CA GLU H 225 -57.09 9.54 -35.85
C GLU H 225 -57.36 9.80 -37.30
N MET H 226 -56.48 9.43 -38.20
CA MET H 226 -56.73 9.70 -39.60
C MET H 226 -57.89 8.84 -40.13
N ALA H 227 -58.03 7.59 -39.68
CA ALA H 227 -59.17 6.75 -40.06
C ALA H 227 -60.40 7.04 -39.20
N THR H 228 -60.19 7.90 -38.22
CA THR H 228 -61.26 8.52 -37.46
C THR H 228 -61.27 10.02 -37.89
N ALA H 229 -61.16 10.13 -39.24
CA ALA H 229 -61.43 11.28 -40.05
C ALA H 229 -62.18 10.46 -41.12
N ALA H 230 -61.65 9.39 -41.79
CA ALA H 230 -62.44 8.64 -42.77
C ALA H 230 -63.76 8.09 -42.21
N SER H 231 -63.95 7.83 -40.89
CA SER H 231 -65.25 7.48 -40.31
C SER H 231 -65.91 8.79 -39.87
N SER H 232 -65.95 9.70 -40.82
CA SER H 232 -66.30 11.07 -40.62
C SER H 232 -67.47 11.36 -39.72
N SER H 233 -68.66 11.65 -40.26
CA SER H 233 -69.80 12.21 -39.53
C SER H 233 -69.34 13.49 -38.79
N SER H 234 -68.77 13.37 -37.58
CA SER H 234 -68.47 14.46 -36.68
C SER H 234 -67.17 15.27 -36.80
N LEU H 235 -66.28 14.97 -37.73
CA LEU H 235 -64.99 15.68 -37.78
C LEU H 235 -64.98 16.96 -38.64
N GLU H 236 -65.80 17.08 -39.70
CA GLU H 236 -65.67 18.26 -40.51
C GLU H 236 -66.44 19.35 -39.75
N LYS H 237 -65.78 20.49 -39.67
CA LYS H 237 -66.44 21.69 -39.16
C LYS H 237 -66.31 22.79 -40.23
N SER H 238 -67.20 23.77 -40.18
CA SER H 238 -67.16 24.87 -41.13
C SER H 238 -66.83 26.27 -40.54
N TYR H 239 -66.10 26.93 -41.46
CA TYR H 239 -65.72 28.29 -41.27
C TYR H 239 -66.22 29.17 -42.45
N GLU H 240 -66.65 30.35 -42.03
CA GLU H 240 -67.32 31.32 -42.86
C GLU H 240 -66.37 32.42 -43.21
N LEU H 241 -66.18 32.63 -44.49
CA LEU H 241 -65.45 33.79 -44.95
C LEU H 241 -66.22 35.12 -44.66
N PRO H 242 -65.53 36.24 -44.41
CA PRO H 242 -66.06 37.61 -44.60
C PRO H 242 -66.87 37.70 -45.91
N ASP H 243 -66.28 37.24 -47.01
CA ASP H 243 -66.93 37.04 -48.30
C ASP H 243 -68.30 36.36 -48.27
N GLY H 244 -68.87 35.83 -47.15
CA GLY H 244 -70.14 35.09 -47.15
C GLY H 244 -69.96 33.58 -47.32
N GLN H 245 -68.94 33.18 -48.12
CA GLN H 245 -68.55 31.82 -48.47
C GLN H 245 -68.27 30.81 -47.33
N VAL H 246 -68.23 29.47 -47.63
CA VAL H 246 -67.94 28.48 -46.62
C VAL H 246 -66.67 27.62 -46.79
N ILE H 247 -66.10 27.20 -45.68
CA ILE H 247 -64.88 26.43 -45.64
C ILE H 247 -65.36 25.18 -44.98
N THR H 248 -64.83 24.04 -45.36
CA THR H 248 -65.03 22.90 -44.50
C THR H 248 -63.68 22.24 -44.29
N ILE H 249 -63.43 21.94 -43.00
CA ILE H 249 -62.17 21.39 -42.53
C ILE H 249 -62.43 20.11 -41.77
N GLY H 250 -61.62 19.15 -42.12
CA GLY H 250 -61.72 17.84 -41.52
C GLY H 250 -60.35 17.37 -41.09
N ASN H 251 -59.67 16.46 -41.84
CA ASN H 251 -58.44 15.87 -41.33
C ASN H 251 -57.31 16.85 -41.02
N GLU H 252 -57.44 17.98 -41.68
CA GLU H 252 -56.61 19.13 -41.49
C GLU H 252 -56.48 19.67 -40.07
N ARG H 253 -57.58 19.70 -39.32
CA ARG H 253 -57.60 20.22 -37.97
C ARG H 253 -56.55 19.63 -37.04
N PHE H 254 -56.34 18.30 -37.07
CA PHE H 254 -55.34 17.64 -36.23
C PHE H 254 -54.00 17.49 -36.96
N ARG H 255 -54.01 17.37 -38.31
CA ARG H 255 -52.85 17.30 -39.19
C ARG H 255 -52.03 18.60 -39.11
N CYS H 256 -52.60 19.73 -38.71
CA CYS H 256 -51.85 20.98 -38.58
C CYS H 256 -50.91 20.85 -37.35
N PRO H 257 -51.35 20.85 -36.06
CA PRO H 257 -50.47 20.74 -34.90
C PRO H 257 -49.55 19.55 -35.00
N GLU H 258 -49.84 18.45 -35.69
CA GLU H 258 -48.93 17.32 -35.87
C GLU H 258 -47.54 17.59 -36.42
N ALA H 259 -47.40 18.72 -37.08
CA ALA H 259 -46.10 19.13 -37.55
C ALA H 259 -45.19 19.47 -36.36
N LEU H 260 -45.74 19.74 -35.19
CA LEU H 260 -44.94 19.93 -33.99
C LEU H 260 -44.26 18.64 -33.54
N PHE H 261 -44.94 17.51 -33.70
CA PHE H 261 -44.45 16.22 -33.26
C PHE H 261 -43.61 15.50 -34.31
N GLN H 262 -43.94 15.78 -35.56
CA GLN H 262 -43.30 15.22 -36.73
C GLN H 262 -42.96 16.37 -37.69
N PRO H 263 -41.85 17.05 -37.64
CA PRO H 263 -41.58 18.18 -38.51
C PRO H 263 -41.18 17.74 -39.90
N SER H 264 -41.32 16.45 -40.23
CA SER H 264 -41.16 15.92 -41.56
C SER H 264 -42.36 16.42 -42.32
N PHE H 265 -43.52 16.55 -41.66
CA PHE H 265 -44.72 17.10 -42.28
C PHE H 265 -44.40 18.43 -42.87
N LEU H 266 -43.63 19.23 -42.19
CA LEU H 266 -43.15 20.49 -42.72
C LEU H 266 -41.92 20.38 -43.64
N GLY H 267 -41.28 19.23 -43.86
CA GLY H 267 -40.15 19.21 -44.78
C GLY H 267 -38.85 19.49 -44.05
N MET H 268 -38.95 19.50 -42.72
CA MET H 268 -37.85 19.68 -41.77
C MET H 268 -37.34 18.38 -41.18
N GLU H 269 -36.02 18.39 -41.09
CA GLU H 269 -35.32 17.28 -40.53
C GLU H 269 -35.49 17.24 -39.01
N SER H 270 -35.99 18.30 -38.34
CA SER H 270 -36.02 18.33 -36.89
C SER H 270 -36.87 17.27 -36.22
N CYS H 271 -36.36 16.90 -35.05
CA CYS H 271 -37.07 16.10 -34.07
C CYS H 271 -38.32 16.87 -33.73
N GLY H 272 -39.37 16.24 -33.24
CA GLY H 272 -40.47 17.02 -32.77
C GLY H 272 -40.27 17.40 -31.32
N ILE H 273 -41.20 18.22 -30.91
CA ILE H 273 -41.27 18.73 -29.55
C ILE H 273 -41.13 17.76 -28.36
N HIS H 274 -41.47 16.50 -28.60
CA HIS H 274 -41.49 15.50 -27.53
C HIS H 274 -40.11 14.92 -27.29
N GLU H 275 -39.32 14.95 -28.33
CA GLU H 275 -37.97 14.45 -28.29
C GLU H 275 -37.03 15.50 -27.79
N THR H 276 -37.27 16.75 -28.10
CA THR H 276 -36.46 17.85 -27.69
C THR H 276 -36.64 18.00 -26.18
N THR H 277 -37.83 18.06 -25.50
CA THR H 277 -37.92 18.01 -24.04
C THR H 277 -37.02 16.88 -23.49
N PHE H 278 -37.14 15.66 -23.99
CA PHE H 278 -36.29 14.52 -23.60
C PHE H 278 -34.81 14.73 -23.88
N ASN H 279 -34.38 15.48 -24.86
CA ASN H 279 -32.96 15.55 -25.09
C ASN H 279 -32.38 16.67 -24.27
N SER H 280 -33.14 17.62 -23.70
CA SER H 280 -32.60 18.64 -22.80
C SER H 280 -32.42 17.96 -21.45
N ILE H 281 -33.44 17.31 -20.93
CA ILE H 281 -33.38 16.46 -19.74
C ILE H 281 -32.17 15.56 -19.80
N MET H 282 -31.78 14.93 -20.87
CA MET H 282 -30.63 14.10 -20.81
C MET H 282 -29.27 14.78 -20.68
N LYS H 283 -29.26 16.08 -20.92
CA LYS H 283 -28.09 16.95 -20.92
C LYS H 283 -27.86 17.59 -19.56
N CYS H 284 -28.83 17.44 -18.67
CA CYS H 284 -28.72 18.01 -17.33
C CYS H 284 -28.03 17.08 -16.30
N ASP H 285 -27.74 17.65 -15.14
CA ASP H 285 -27.24 16.97 -13.98
C ASP H 285 -28.09 15.77 -13.68
N VAL H 286 -27.40 14.65 -13.57
CA VAL H 286 -27.97 13.38 -13.22
C VAL H 286 -28.90 13.47 -12.04
N ASP H 287 -28.64 14.33 -11.05
CA ASP H 287 -29.48 14.39 -9.83
C ASP H 287 -30.65 15.40 -9.94
N ILE H 288 -30.95 16.05 -11.09
CA ILE H 288 -32.13 16.86 -11.10
C ILE H 288 -33.08 16.31 -12.10
N ARG H 289 -32.70 15.39 -12.98
CA ARG H 289 -33.57 14.82 -14.01
C ARG H 289 -34.91 14.36 -13.48
N LYS H 290 -34.91 13.71 -12.32
CA LYS H 290 -36.16 13.21 -11.79
C LYS H 290 -37.05 14.38 -11.46
N ASP H 291 -36.45 15.55 -11.21
CA ASP H 291 -37.23 16.71 -10.91
C ASP H 291 -37.78 17.29 -12.19
N LEU H 292 -36.96 17.30 -13.23
CA LEU H 292 -37.37 17.82 -14.53
C LEU H 292 -38.51 16.95 -15.16
N TYR H 293 -38.55 15.60 -15.06
CA TYR H 293 -39.73 14.86 -15.49
C TYR H 293 -41.00 15.09 -14.72
N ALA H 294 -40.93 15.40 -13.45
CA ALA H 294 -42.10 15.64 -12.61
C ALA H 294 -42.68 17.02 -12.81
N ASN H 295 -41.93 17.89 -13.51
CA ASN H 295 -42.30 19.28 -13.69
C ASN H 295 -42.03 19.69 -15.12
N THR H 296 -42.79 19.14 -16.05
CA THR H 296 -42.70 19.54 -17.42
C THR H 296 -43.87 20.49 -17.53
N VAL H 297 -43.61 21.78 -17.79
CA VAL H 297 -44.62 22.85 -17.88
C VAL H 297 -44.62 23.32 -19.34
N LEU H 298 -45.81 23.57 -19.88
CA LEU H 298 -45.86 24.04 -21.25
C LEU H 298 -46.22 25.51 -21.19
N SER H 299 -45.65 26.37 -22.02
CA SER H 299 -46.14 27.72 -21.98
C SER H 299 -46.17 28.32 -23.35
N GLY H 300 -46.88 29.39 -23.69
CA GLY H 300 -46.87 29.97 -25.06
C GLY H 300 -48.15 29.74 -25.81
N GLY H 301 -48.57 30.56 -26.79
CA GLY H 301 -49.78 30.37 -27.58
C GLY H 301 -49.84 29.04 -28.34
N THR H 302 -48.78 28.53 -28.95
CA THR H 302 -48.84 27.28 -29.69
C THR H 302 -49.02 26.09 -28.71
N THR H 303 -49.15 26.24 -27.37
CA THR H 303 -49.34 25.06 -26.48
C THR H 303 -50.81 24.98 -26.11
N MET H 304 -51.60 25.82 -26.75
CA MET H 304 -52.99 25.88 -26.39
C MET H 304 -53.88 24.84 -27.06
N TYR H 305 -53.35 24.00 -27.94
CA TYR H 305 -54.13 23.04 -28.69
C TYR H 305 -54.78 22.02 -27.82
N PRO H 306 -56.09 21.70 -27.89
CA PRO H 306 -56.67 20.53 -27.28
C PRO H 306 -55.91 19.29 -27.72
N GLY H 307 -55.72 18.43 -26.68
CA GLY H 307 -54.91 17.23 -26.70
C GLY H 307 -53.41 17.41 -26.46
N ILE H 308 -52.81 18.62 -26.37
CA ILE H 308 -51.34 18.66 -26.33
C ILE H 308 -50.76 18.17 -25.01
N ALA H 309 -51.41 18.39 -23.87
CA ALA H 309 -50.93 17.85 -22.60
C ALA H 309 -50.91 16.35 -22.61
N ASP H 310 -52.03 15.70 -22.94
CA ASP H 310 -52.11 14.24 -23.09
C ASP H 310 -51.13 13.66 -24.08
N ARG H 311 -50.97 14.25 -25.24
CA ARG H 311 -50.09 13.72 -26.22
C ARG H 311 -48.66 13.97 -25.82
N MET H 312 -48.32 15.07 -25.16
CA MET H 312 -46.98 15.29 -24.66
C MET H 312 -46.74 14.21 -23.62
N GLN H 313 -47.58 14.01 -22.62
CA GLN H 313 -47.50 12.94 -21.62
C GLN H 313 -47.29 11.60 -22.28
N LYS H 314 -48.19 11.06 -23.09
CA LYS H 314 -48.06 9.81 -23.82
C LYS H 314 -46.70 9.64 -24.46
N GLU H 315 -46.15 10.71 -25.01
CA GLU H 315 -44.90 10.61 -25.73
C GLU H 315 -43.65 10.67 -24.89
N ILE H 316 -43.68 11.42 -23.80
CA ILE H 316 -42.53 11.48 -22.94
C ILE H 316 -42.55 10.21 -22.13
N THR H 317 -43.72 9.72 -21.74
CA THR H 317 -43.83 8.42 -21.12
C THR H 317 -43.26 7.28 -21.94
N ALA H 318 -43.27 7.33 -23.27
CA ALA H 318 -42.64 6.27 -24.05
C ALA H 318 -41.11 6.38 -24.06
N LEU H 319 -40.49 7.57 -24.21
CA LEU H 319 -39.03 7.66 -24.17
C LEU H 319 -38.37 7.53 -22.76
N ALA H 320 -39.11 7.91 -21.71
CA ALA H 320 -38.59 8.03 -20.35
C ALA H 320 -38.34 6.69 -19.74
N PRO H 321 -37.29 6.48 -18.88
CA PRO H 321 -37.08 5.22 -18.13
C PRO H 321 -38.42 4.72 -17.53
N SER H 322 -38.58 3.39 -17.47
CA SER H 322 -39.89 2.77 -17.18
C SER H 322 -40.56 3.02 -15.81
N THR H 323 -39.95 3.92 -15.05
CA THR H 323 -40.34 4.23 -13.72
C THR H 323 -40.63 5.70 -13.50
N MET H 324 -40.16 6.64 -14.35
CA MET H 324 -40.23 8.06 -14.00
C MET H 324 -41.65 8.49 -13.73
N LYS H 325 -42.00 9.27 -12.72
CA LYS H 325 -43.34 9.78 -12.54
C LYS H 325 -43.26 10.89 -13.55
N ILE H 326 -44.12 11.04 -14.55
CA ILE H 326 -44.01 12.13 -15.49
C ILE H 326 -45.24 12.98 -15.32
N LYS H 327 -45.08 14.24 -15.00
CA LYS H 327 -46.21 15.08 -14.68
C LYS H 327 -46.02 16.24 -15.65
N ILE H 328 -46.88 16.31 -16.64
CA ILE H 328 -46.84 17.37 -17.66
C ILE H 328 -47.72 18.44 -17.00
N ILE H 329 -47.50 19.79 -17.04
CA ILE H 329 -48.29 20.74 -16.27
C ILE H 329 -48.76 21.67 -17.36
N ALA H 330 -50.03 22.03 -17.38
CA ALA H 330 -50.48 22.86 -18.47
C ALA H 330 -51.56 23.70 -17.86
N PRO H 331 -51.09 24.76 -17.14
CA PRO H 331 -51.96 25.67 -16.43
C PRO H 331 -52.84 26.33 -17.48
N PRO H 332 -54.13 26.47 -17.24
CA PRO H 332 -55.03 27.01 -18.22
C PRO H 332 -54.74 28.46 -18.58
N GLU H 333 -53.80 29.20 -17.93
CA GLU H 333 -53.57 30.57 -18.33
C GLU H 333 -52.27 30.77 -19.02
N ARG H 334 -51.81 29.68 -19.61
CA ARG H 334 -50.51 29.55 -20.26
C ARG H 334 -50.14 30.30 -21.54
N LYS H 335 -52.64 32.16 -20.03
CA LYS H 335 -52.76 32.91 -21.30
C LYS H 335 -51.78 34.09 -21.12
N TYR H 336 -51.57 34.60 -19.88
CA TYR H 336 -50.66 35.70 -19.62
C TYR H 336 -49.28 35.44 -18.97
N SER H 337 -48.84 34.18 -18.82
CA SER H 337 -47.55 33.80 -18.24
C SER H 337 -46.37 34.59 -18.77
N VAL H 338 -46.09 34.67 -20.06
CA VAL H 338 -44.95 35.39 -20.50
C VAL H 338 -44.97 36.84 -19.99
N TRP H 339 -46.09 37.56 -20.00
CA TRP H 339 -46.07 38.93 -19.54
C TRP H 339 -45.90 38.97 -18.03
N ILE H 340 -46.49 38.17 -17.14
CA ILE H 340 -46.32 38.41 -15.71
C ILE H 340 -45.00 37.87 -15.20
N GLY H 341 -44.34 37.01 -15.96
CA GLY H 341 -42.99 36.61 -15.60
C GLY H 341 -41.97 37.72 -15.81
N GLY H 342 -42.16 38.51 -16.85
CA GLY H 342 -41.38 39.68 -17.16
C GLY H 342 -41.71 40.82 -16.22
N SER H 343 -42.98 41.21 -15.99
CA SER H 343 -43.33 42.10 -14.92
C SER H 343 -42.71 41.83 -13.55
N ILE H 344 -42.48 40.59 -13.10
CA ILE H 344 -41.86 40.19 -11.82
C ILE H 344 -40.38 40.51 -11.84
N LEU H 345 -39.82 39.94 -12.91
CA LEU H 345 -38.40 40.02 -13.21
C LEU H 345 -38.01 41.47 -13.32
N ALA H 346 -38.53 42.29 -14.23
CA ALA H 346 -38.13 43.67 -14.34
C ALA H 346 -38.50 44.59 -13.17
N SER H 347 -39.09 44.04 -12.09
CA SER H 347 -39.39 44.83 -10.91
C SER H 347 -38.40 44.53 -9.83
N LEU H 348 -37.69 43.40 -9.85
CA LEU H 348 -36.72 43.08 -8.80
C LEU H 348 -35.51 44.04 -8.88
N SER H 349 -34.92 44.49 -7.74
CA SER H 349 -33.79 45.39 -7.82
C SER H 349 -32.63 44.66 -8.38
N THR H 350 -32.70 43.31 -8.29
CA THR H 350 -31.82 42.34 -8.95
C THR H 350 -31.56 42.69 -10.45
N PHE H 351 -32.65 42.99 -11.15
CA PHE H 351 -32.65 43.11 -12.56
C PHE H 351 -31.92 44.31 -13.09
N GLN H 352 -31.88 45.43 -12.36
CA GLN H 352 -31.22 46.61 -12.90
C GLN H 352 -29.76 46.30 -13.18
N GLN H 353 -29.19 45.28 -12.59
CA GLN H 353 -27.86 44.89 -12.95
C GLN H 353 -28.26 43.66 -13.75
N MET H 354 -28.55 43.84 -15.01
CA MET H 354 -28.87 42.75 -15.91
C MET H 354 -29.19 43.34 -17.26
N TRP H 355 -29.64 44.61 -17.31
CA TRP H 355 -29.91 45.34 -18.54
C TRP H 355 -28.65 45.64 -19.35
N ILE H 356 -28.88 46.07 -20.59
CA ILE H 356 -27.88 46.58 -21.49
C ILE H 356 -28.26 48.06 -21.43
N SER H 357 -27.30 48.89 -21.08
CA SER H 357 -27.55 50.31 -20.91
C SER H 357 -27.21 51.03 -22.18
N LYS H 358 -27.66 52.30 -22.27
CA LYS H 358 -27.38 53.20 -23.39
C LYS H 358 -25.89 53.24 -23.53
N GLN H 359 -25.18 53.54 -22.42
CA GLN H 359 -23.71 53.50 -22.38
C GLN H 359 -23.10 52.25 -23.03
N GLU H 360 -23.59 51.06 -22.65
CA GLU H 360 -23.02 49.82 -23.17
C GLU H 360 -23.26 49.64 -24.63
N TYR H 361 -24.43 50.07 -25.08
CA TYR H 361 -24.76 49.95 -26.49
C TYR H 361 -23.78 50.78 -27.32
N ASP H 362 -23.40 51.96 -26.84
CA ASP H 362 -22.43 52.83 -27.52
C ASP H 362 -21.07 52.19 -27.59
N GLU H 363 -20.73 51.72 -26.37
CA GLU H 363 -19.49 51.04 -26.13
C GLU H 363 -19.42 49.93 -27.16
N SER H 364 -20.41 49.01 -27.22
CA SER H 364 -20.23 47.82 -28.03
C SER H 364 -20.84 47.88 -29.40
N GLY H 365 -22.07 48.35 -29.45
CA GLY H 365 -22.79 48.35 -30.70
C GLY H 365 -24.00 47.48 -30.47
N PRO H 366 -24.71 46.94 -31.48
CA PRO H 366 -25.81 45.98 -31.29
C PRO H 366 -25.50 44.52 -30.90
N SER H 367 -24.27 44.09 -31.21
CA SER H 367 -23.78 42.77 -30.90
C SER H 367 -23.95 42.44 -29.43
N ILE H 368 -23.63 43.33 -28.49
CA ILE H 368 -23.74 43.10 -27.06
C ILE H 368 -24.97 42.32 -26.61
N VAL H 369 -26.13 42.30 -27.34
CA VAL H 369 -27.31 41.54 -26.94
C VAL H 369 -26.92 40.09 -26.80
N HIS H 370 -25.99 39.57 -27.59
CA HIS H 370 -25.63 38.16 -27.53
C HIS H 370 -24.86 37.81 -26.29
N ARG H 371 -24.24 38.80 -25.72
CA ARG H 371 -23.37 38.56 -24.62
C ARG H 371 -24.24 38.62 -23.43
N LYS H 372 -25.08 39.65 -23.32
CA LYS H 372 -25.72 39.86 -22.05
C LYS H 372 -27.02 39.22 -21.81
N CYS H 373 -27.61 38.75 -22.89
CA CYS H 373 -28.91 38.10 -22.79
C CYS H 373 -28.74 36.60 -23.05
N PHE H 374 -27.83 36.03 -22.15
CA PHE H 374 -27.38 34.63 -21.79
C PHE H 374 -25.99 34.06 -21.40
N ASP I 1 -48.22 -6.29 -78.17
CA ASP I 1 -48.01 -6.03 -79.62
C ASP I 1 -49.23 -5.49 -80.44
N ASP I 2 -49.33 -4.14 -80.34
CA ASP I 2 -50.31 -3.23 -80.96
C ASP I 2 -51.71 -3.34 -80.41
N ASP I 3 -52.27 -4.52 -80.56
CA ASP I 3 -53.59 -4.74 -80.08
C ASP I 3 -53.07 -5.48 -78.87
N ILE I 4 -53.18 -4.47 -77.99
CA ILE I 4 -52.85 -4.44 -76.59
C ILE I 4 -51.43 -4.02 -76.29
N ALA I 5 -51.84 -2.83 -75.84
CA ALA I 5 -51.02 -1.67 -75.59
C ALA I 5 -52.12 -0.68 -75.17
N ALA I 6 -51.75 0.05 -74.12
CA ALA I 6 -52.50 1.16 -73.61
C ALA I 6 -52.42 2.24 -74.68
N LEU I 7 -53.35 3.17 -74.69
CA LEU I 7 -53.33 4.28 -75.61
C LEU I 7 -52.85 5.47 -74.79
N VAL I 8 -51.76 6.16 -75.10
CA VAL I 8 -51.44 7.32 -74.29
C VAL I 8 -52.20 8.54 -74.88
N VAL I 9 -52.96 9.35 -74.14
CA VAL I 9 -53.68 10.50 -74.66
C VAL I 9 -53.10 11.67 -73.86
N ASP I 10 -52.45 12.58 -74.57
CA ASP I 10 -51.90 13.74 -73.91
C ASP I 10 -52.80 14.86 -74.30
N ASN I 11 -53.35 15.53 -73.31
CA ASN I 11 -54.37 16.58 -73.47
C ASN I 11 -53.83 17.95 -73.23
N GLY I 12 -53.42 18.54 -74.34
CA GLY I 12 -52.90 19.88 -74.32
C GLY I 12 -53.96 20.90 -74.71
N SER I 13 -53.69 22.08 -74.13
CA SER I 13 -54.39 23.32 -74.38
C SER I 13 -54.41 23.71 -75.88
N GLY I 14 -53.31 23.57 -76.59
CA GLY I 14 -53.32 23.85 -78.00
C GLY I 14 -53.39 22.62 -78.88
N MET I 15 -52.78 21.53 -78.43
CA MET I 15 -52.56 20.31 -79.17
C MET I 15 -52.85 19.03 -78.37
N CYS I 16 -53.34 17.97 -78.97
CA CYS I 16 -53.56 16.69 -78.31
C CYS I 16 -52.69 15.74 -79.09
N LYS I 17 -52.03 14.76 -78.48
CA LYS I 17 -51.18 13.79 -79.14
C LYS I 17 -51.62 12.49 -78.51
N ALA I 18 -51.91 11.48 -79.34
CA ALA I 18 -52.47 10.22 -78.91
C ALA I 18 -51.86 9.07 -79.68
N GLY I 19 -51.53 8.00 -79.01
CA GLY I 19 -50.89 6.91 -79.69
C GLY I 19 -50.93 5.67 -78.84
N PHE I 20 -49.97 4.81 -79.18
CA PHE I 20 -49.95 3.53 -78.55
C PHE I 20 -48.65 3.36 -77.79
N ALA I 21 -48.82 2.84 -76.57
CA ALA I 21 -47.69 2.59 -75.69
C ALA I 21 -46.83 1.53 -76.36
N GLY I 22 -45.53 1.85 -76.22
CA GLY I 22 -44.44 1.13 -76.85
C GLY I 22 -43.96 1.88 -78.09
N ASP I 23 -44.61 2.98 -78.49
CA ASP I 23 -44.20 3.73 -79.68
C ASP I 23 -43.40 4.98 -79.39
N ASP I 24 -42.56 5.15 -80.38
CA ASP I 24 -41.64 6.25 -80.46
C ASP I 24 -42.36 7.60 -80.64
N ALA I 25 -43.34 7.83 -81.50
CA ALA I 25 -43.94 9.16 -81.59
C ALA I 25 -45.45 9.11 -81.56
N PRO I 26 -46.18 10.14 -81.20
CA PRO I 26 -47.61 10.23 -81.35
C PRO I 26 -48.17 9.85 -82.72
N ARG I 27 -49.17 8.98 -82.85
CA ARG I 27 -49.75 8.68 -84.16
C ARG I 27 -50.72 9.77 -84.59
N ALA I 28 -51.44 10.43 -83.68
CA ALA I 28 -52.39 11.45 -84.07
C ALA I 28 -52.02 12.69 -83.30
N VAL I 29 -51.57 13.77 -83.96
CA VAL I 29 -51.38 14.98 -83.19
C VAL I 29 -52.50 15.88 -83.67
N PHE I 30 -53.38 16.55 -82.92
CA PHE I 30 -54.37 17.38 -83.58
C PHE I 30 -54.63 18.62 -82.83
N PRO I 31 -55.16 19.68 -83.46
CA PRO I 31 -55.71 20.87 -82.81
C PRO I 31 -56.76 20.66 -81.70
N SER I 32 -56.61 21.26 -80.51
CA SER I 32 -57.63 21.06 -79.47
C SER I 32 -58.80 22.07 -79.52
N ILE I 33 -65.44 18.49 -81.59
CA ILE I 33 -66.85 18.65 -81.35
C ILE I 33 -67.68 18.62 -82.65
N VAL I 34 -68.93 18.14 -82.51
CA VAL I 34 -69.97 18.15 -83.55
C VAL I 34 -70.99 19.15 -83.03
N GLY I 35 -71.41 20.10 -83.85
CA GLY I 35 -72.35 21.08 -83.37
C GLY I 35 -73.58 21.14 -84.22
N ARG I 36 -74.73 20.80 -83.66
CA ARG I 36 -75.99 20.86 -84.42
C ARG I 36 -76.77 22.12 -83.96
N PRO I 37 -77.30 22.93 -84.90
CA PRO I 37 -78.05 24.14 -84.64
C PRO I 37 -79.08 24.16 -83.54
N ARG I 38 -79.79 23.11 -83.12
CA ARG I 38 -80.84 23.22 -82.08
C ARG I 38 -81.79 24.44 -82.31
N HIS I 39 -81.98 24.70 -83.61
CA HIS I 39 -82.81 25.70 -84.30
C HIS I 39 -82.41 25.52 -85.74
N GLN I 40 -83.29 24.91 -86.54
CA GLN I 40 -83.12 24.74 -87.99
C GLN I 40 -82.33 25.95 -88.52
N GLY I 41 -81.11 25.56 -88.90
CA GLY I 41 -80.16 26.51 -89.42
C GLY I 41 -79.83 26.11 -90.83
N VAL I 42 -78.84 26.90 -91.32
CA VAL I 42 -78.07 26.89 -92.60
C VAL I 42 -77.91 28.26 -93.29
N MET I 43 -76.62 28.57 -93.45
CA MET I 43 -76.20 29.78 -94.12
C MET I 43 -76.49 29.51 -95.60
N VAL I 44 -76.91 30.49 -96.42
CA VAL I 44 -77.11 30.26 -97.87
C VAL I 44 -75.78 30.59 -98.61
N GLY I 45 -74.95 29.61 -98.30
CA GLY I 45 -73.59 29.42 -98.76
C GLY I 45 -73.10 28.21 -97.98
N MET I 46 -74.05 27.25 -98.02
CA MET I 46 -73.96 25.88 -97.52
C MET I 46 -75.31 25.16 -97.65
N GLY I 47 -75.16 23.80 -97.79
CA GLY I 47 -76.29 22.89 -98.00
C GLY I 47 -77.14 22.89 -96.75
N GLN I 48 -78.32 22.22 -96.62
CA GLN I 48 -78.98 22.21 -95.30
C GLN I 48 -78.12 21.13 -94.61
N LYS I 49 -77.11 21.76 -93.94
CA LYS I 49 -76.02 21.27 -93.09
C LYS I 49 -76.37 21.61 -91.64
N ASP I 50 -76.81 20.63 -90.89
CA ASP I 50 -77.10 20.91 -89.51
C ASP I 50 -76.19 20.15 -88.57
N SER I 51 -74.98 19.72 -88.97
CA SER I 51 -73.96 19.28 -88.02
C SER I 51 -72.75 20.02 -88.52
N TYR I 52 -72.15 20.96 -87.80
CA TYR I 52 -70.92 21.55 -88.25
C TYR I 52 -69.90 20.75 -87.43
N VAL I 53 -68.72 20.45 -87.93
CA VAL I 53 -67.75 19.58 -87.23
C VAL I 53 -66.39 20.30 -87.05
N GLY I 54 -65.66 20.10 -85.95
CA GLY I 54 -64.34 20.67 -85.84
C GLY I 54 -64.38 22.17 -85.60
N ASP I 55 -63.61 22.94 -86.38
CA ASP I 55 -63.45 24.43 -86.24
C ASP I 55 -64.48 25.39 -86.86
N GLU I 56 -65.12 24.93 -87.93
CA GLU I 56 -66.28 25.59 -88.53
C GLU I 56 -67.47 25.45 -87.60
N ALA I 57 -67.30 24.86 -86.42
CA ALA I 57 -68.36 24.77 -85.45
C ALA I 57 -67.82 25.45 -84.22
N GLN I 58 -66.57 25.82 -84.19
CA GLN I 58 -66.04 26.55 -83.06
C GLN I 58 -66.61 27.96 -83.31
N SER I 59 -66.50 28.44 -84.56
CA SER I 59 -66.88 29.79 -84.96
C SER I 59 -68.37 30.04 -85.23
N LYS I 60 -69.19 29.33 -84.47
CA LYS I 60 -70.65 29.42 -84.44
C LYS I 60 -71.02 28.69 -83.15
N ARG I 61 -70.06 28.40 -82.24
CA ARG I 61 -70.24 27.64 -81.00
C ARG I 61 -71.26 28.27 -80.10
N GLY I 62 -71.17 29.61 -80.12
CA GLY I 62 -72.10 30.50 -79.47
C GLY I 62 -73.47 30.32 -80.06
N ILE I 63 -73.69 30.15 -81.36
CA ILE I 63 -75.05 29.95 -81.86
C ILE I 63 -75.46 28.51 -81.99
N LEU I 64 -74.61 27.53 -81.57
CA LEU I 64 -74.89 26.11 -81.81
C LEU I 64 -74.84 25.25 -80.58
N THR I 65 -75.46 24.06 -80.59
CA THR I 65 -75.23 23.12 -79.46
C THR I 65 -74.22 21.99 -79.87
N LEU I 66 -73.14 21.98 -79.09
CA LEU I 66 -72.01 21.12 -79.32
C LEU I 66 -71.91 19.81 -78.54
N LYS I 67 -71.86 18.66 -79.19
CA LYS I 67 -71.62 17.35 -78.56
C LYS I 67 -70.13 16.94 -78.73
N TYR I 68 -69.52 16.47 -77.61
CA TYR I 68 -68.15 15.98 -77.51
C TYR I 68 -68.19 14.45 -77.58
N PRO I 69 -61.83 23.41 -75.26
CA PRO I 69 -62.16 22.75 -74.01
C PRO I 69 -61.12 23.00 -72.93
N ILE I 70 -59.85 22.84 -73.28
CA ILE I 70 -58.78 22.80 -72.32
C ILE I 70 -58.29 24.22 -72.32
N GLU I 71 -57.97 24.76 -71.16
CA GLU I 71 -57.64 26.15 -71.02
C GLU I 71 -56.66 26.38 -69.88
N HIS I 72 -58.71 24.45 -66.70
CA HIS I 72 -57.52 23.96 -65.92
C HIS I 72 -56.69 22.84 -66.39
N GLY I 73 -54.31 24.64 -69.37
CA GLY I 73 -54.13 23.25 -68.99
C GLY I 73 -55.33 22.55 -68.37
N ILE I 74 -56.33 23.29 -67.87
CA ILE I 74 -57.46 22.77 -67.11
C ILE I 74 -58.70 22.68 -68.00
N VAL I 75 -59.62 21.69 -67.88
CA VAL I 75 -60.76 21.55 -68.79
C VAL I 75 -61.88 22.36 -68.18
N THR I 76 -62.31 23.29 -69.06
CA THR I 76 -63.39 24.23 -68.75
C THR I 76 -64.71 23.73 -69.31
N ASN I 77 -64.67 22.89 -70.34
CA ASN I 77 -65.87 22.46 -70.99
C ASN I 77 -65.88 20.97 -71.07
N TRP I 78 -66.71 20.33 -70.28
CA TRP I 78 -66.71 18.89 -70.27
C TRP I 78 -67.40 18.18 -71.41
N ASP I 79 -68.46 18.61 -72.10
CA ASP I 79 -68.98 17.78 -73.17
C ASP I 79 -68.13 18.00 -74.40
N ASP I 80 -67.54 19.18 -74.59
CA ASP I 80 -66.65 19.29 -75.74
C ASP I 80 -65.31 18.58 -75.51
N MET I 81 -64.78 18.48 -74.28
CA MET I 81 -63.68 17.51 -74.08
C MET I 81 -64.23 16.09 -74.39
N GLU I 82 -65.46 15.69 -74.00
CA GLU I 82 -65.95 14.37 -74.31
C GLU I 82 -65.95 14.12 -75.78
N LYS I 83 -66.36 15.10 -76.55
CA LYS I 83 -66.23 15.00 -78.00
C LYS I 83 -64.81 14.68 -78.45
N ILE I 84 -63.80 15.41 -77.94
CA ILE I 84 -62.45 15.24 -78.39
C ILE I 84 -62.00 13.82 -78.21
N TRP I 85 -62.28 13.29 -77.03
CA TRP I 85 -61.86 11.93 -76.70
C TRP I 85 -62.57 10.97 -77.63
N HIS I 86 -63.90 10.91 -77.74
CA HIS I 86 -64.60 10.11 -78.73
C HIS I 86 -63.93 10.12 -80.11
N HIS I 87 -63.57 11.28 -80.65
CA HIS I 87 -62.79 11.46 -81.90
C HIS I 87 -61.37 10.87 -81.81
N THR I 88 -60.63 11.04 -80.71
CA THR I 88 -59.35 10.35 -80.50
C THR I 88 -59.50 8.82 -80.79
N PHE I 89 -60.45 8.13 -80.11
CA PHE I 89 -60.58 6.67 -80.23
C PHE I 89 -61.22 6.22 -81.53
N TYR I 90 -62.44 6.71 -81.75
CA TYR I 90 -63.26 6.33 -82.88
C TYR I 90 -62.92 6.94 -84.20
N ASN I 91 -62.11 7.97 -84.33
CA ASN I 91 -61.82 8.50 -85.64
C ASN I 91 -60.32 8.63 -85.84
N GLU I 92 -59.52 8.98 -84.81
CA GLU I 92 -58.11 9.09 -85.05
C GLU I 92 -57.34 7.77 -84.85
N LEU I 93 -57.46 7.07 -83.75
CA LEU I 93 -56.65 5.87 -83.62
C LEU I 93 -57.39 4.66 -84.14
N ARG I 94 -58.74 4.80 -84.27
CA ARG I 94 -59.68 3.78 -84.82
C ARG I 94 -59.71 2.51 -83.93
N VAL I 95 -59.92 2.85 -82.65
CA VAL I 95 -59.78 1.98 -81.52
C VAL I 95 -61.12 1.87 -80.77
N ALA I 96 -61.14 0.86 -79.91
CA ALA I 96 -62.28 0.58 -79.11
C ALA I 96 -61.84 0.80 -77.70
N PRO I 97 -62.52 1.66 -76.97
CA PRO I 97 -62.13 2.02 -75.62
C PRO I 97 -62.19 0.88 -74.63
N GLU I 98 -63.12 -0.07 -74.79
CA GLU I 98 -63.31 -1.18 -73.82
C GLU I 98 -62.37 -2.39 -73.78
N GLU I 99 -61.30 -2.24 -74.53
CA GLU I 99 -60.28 -3.25 -74.75
C GLU I 99 -58.86 -2.73 -74.44
N HIS I 100 -58.66 -1.43 -74.14
CA HIS I 100 -57.33 -0.80 -73.97
C HIS I 100 -57.39 0.00 -72.71
N PRO I 101 -56.39 -0.11 -71.85
CA PRO I 101 -56.28 0.83 -70.78
C PRO I 101 -55.81 2.18 -71.32
N VAL I 102 -56.21 3.28 -70.70
CA VAL I 102 -55.71 4.58 -71.15
C VAL I 102 -54.85 5.32 -70.12
N LEU I 103 -53.75 5.93 -70.55
CA LEU I 103 -53.05 6.77 -69.62
C LEU I 103 -53.46 8.14 -70.10
N LEU I 104 -54.14 8.97 -69.32
CA LEU I 104 -54.53 10.30 -69.80
C LEU I 104 -53.56 11.26 -69.19
N THR I 105 -52.97 12.30 -69.75
CA THR I 105 -52.18 13.12 -68.86
C THR I 105 -52.97 14.26 -68.27
N GLU I 106 -52.44 14.95 -67.29
CA GLU I 106 -53.14 16.05 -66.66
C GLU I 106 -52.20 17.20 -66.22
N ALA I 107 -52.72 18.40 -66.05
CA ALA I 107 -51.96 19.54 -65.57
C ALA I 107 -51.40 19.33 -64.18
N PRO I 108 -50.17 19.77 -63.87
CA PRO I 108 -49.71 19.99 -62.50
C PRO I 108 -50.73 20.84 -61.78
N LEU I 109 -51.02 20.47 -60.54
CA LEU I 109 -52.02 21.15 -59.73
C LEU I 109 -53.47 21.12 -60.32
N ASN I 110 -53.86 20.10 -61.12
CA ASN I 110 -55.20 20.01 -61.72
C ASN I 110 -56.27 19.90 -60.63
N PRO I 111 -57.33 20.72 -60.60
CA PRO I 111 -58.36 20.65 -59.58
C PRO I 111 -58.90 19.27 -59.26
N LYS I 112 -59.17 18.95 -58.00
CA LYS I 112 -59.75 17.71 -57.49
C LYS I 112 -60.87 17.12 -58.31
N ALA I 113 -61.92 17.91 -58.52
CA ALA I 113 -63.11 17.48 -59.19
C ALA I 113 -62.87 17.21 -60.67
N ASN I 114 -61.82 17.77 -61.23
CA ASN I 114 -61.45 17.51 -62.60
C ASN I 114 -60.91 16.15 -62.69
N ARG I 115 -60.01 15.76 -61.80
CA ARG I 115 -59.41 14.42 -61.80
C ARG I 115 -60.51 13.39 -61.70
N GLU I 116 -61.46 13.64 -60.83
CA GLU I 116 -62.63 12.76 -60.67
C GLU I 116 -63.46 12.86 -61.91
N LYS I 117 -63.82 13.99 -62.52
CA LYS I 117 -64.64 13.89 -63.70
C LYS I 117 -63.95 13.15 -64.81
N MET I 118 -62.64 13.21 -65.00
CA MET I 118 -62.07 12.44 -66.08
C MET I 118 -61.98 10.98 -65.71
N THR I 119 -61.94 10.58 -64.41
CA THR I 119 -62.08 9.16 -64.01
C THR I 119 -63.49 8.59 -64.32
N GLN I 120 -64.46 9.38 -63.88
CA GLN I 120 -65.87 9.26 -64.15
C GLN I 120 -66.15 8.96 -65.61
N ILE I 121 -65.95 9.93 -66.55
CA ILE I 121 -66.18 9.79 -68.00
C ILE I 121 -65.52 8.54 -68.61
N MET I 122 -64.22 8.46 -68.35
CA MET I 122 -63.45 7.37 -68.88
C MET I 122 -64.08 6.10 -68.48
N PHE I 123 -64.48 5.89 -67.22
CA PHE I 123 -65.05 4.58 -66.85
C PHE I 123 -66.47 4.29 -67.24
N GLU I 124 -67.37 5.21 -66.91
CA GLU I 124 -68.77 5.06 -67.19
C GLU I 124 -69.19 5.31 -68.64
N THR I 125 -68.64 6.39 -69.24
CA THR I 125 -68.94 6.81 -70.60
C THR I 125 -68.11 6.06 -71.56
N PHE I 126 -66.81 5.75 -71.38
CA PHE I 126 -66.10 4.95 -72.40
C PHE I 126 -65.83 3.51 -72.04
N ASN I 127 -66.17 3.13 -70.80
CA ASN I 127 -66.08 1.76 -70.31
C ASN I 127 -64.69 1.22 -70.57
N THR I 128 -63.80 1.84 -69.82
CA THR I 128 -62.35 1.63 -69.96
C THR I 128 -61.95 0.51 -69.01
N PRO I 129 -61.19 -0.52 -69.43
CA PRO I 129 -60.75 -1.61 -68.59
C PRO I 129 -60.02 -1.08 -67.38
N ALA I 130 -59.26 0.04 -67.58
CA ALA I 130 -58.37 0.65 -66.60
C ALA I 130 -57.88 2.00 -67.08
N MET I 131 -57.41 2.76 -66.13
CA MET I 131 -56.86 4.02 -66.47
C MET I 131 -55.93 4.55 -65.40
N TYR I 132 -55.06 5.47 -65.82
CA TYR I 132 -54.18 6.22 -64.95
C TYR I 132 -54.11 7.66 -65.53
N VAL I 133 -53.87 8.58 -64.58
CA VAL I 133 -53.74 9.97 -64.85
C VAL I 133 -52.37 10.37 -64.27
N ALA I 134 -51.44 10.66 -65.15
CA ALA I 134 -50.15 11.21 -64.81
C ALA I 134 -50.03 12.76 -65.11
N ILE I 135 -49.35 13.50 -64.22
CA ILE I 135 -49.04 14.91 -64.40
C ILE I 135 -48.12 14.99 -65.59
N GLN I 136 -48.19 16.00 -66.45
CA GLN I 136 -47.36 16.01 -67.68
C GLN I 136 -45.89 16.15 -67.50
N ALA I 137 -45.39 17.02 -66.58
CA ALA I 137 -43.98 17.25 -66.33
C ALA I 137 -43.26 15.99 -65.85
N VAL I 138 -43.92 15.14 -65.08
CA VAL I 138 -43.31 13.91 -64.59
C VAL I 138 -43.03 12.93 -65.73
N LEU I 139 -43.77 12.92 -66.85
CA LEU I 139 -43.51 12.02 -68.00
C LEU I 139 -42.43 12.65 -68.88
N SER I 140 -42.34 13.99 -68.96
CA SER I 140 -41.16 14.64 -69.53
C SER I 140 -39.87 14.14 -68.85
N LEU I 141 -39.82 14.07 -67.51
CA LEU I 141 -38.66 13.58 -66.80
C LEU I 141 -38.26 12.09 -67.02
N TYR I 142 -39.24 11.21 -66.90
CA TYR I 142 -39.02 9.80 -67.13
C TYR I 142 -38.49 9.61 -68.55
N ALA I 143 -39.05 10.29 -69.56
CA ALA I 143 -38.58 10.14 -70.93
C ALA I 143 -37.14 10.67 -71.17
N SER I 144 -36.54 11.48 -70.27
CA SER I 144 -35.15 11.90 -70.39
C SER I 144 -34.25 10.93 -69.67
N GLY I 145 -32.53 11.88 -70.58
CA GLY I 145 -31.56 10.84 -70.33
C GLY I 145 -31.08 10.99 -68.94
N ARG I 146 -32.00 11.17 -68.02
CA ARG I 146 -31.55 11.46 -66.70
C ARG I 146 -32.54 10.82 -65.75
N THR I 147 -32.00 10.64 -64.55
CA THR I 147 -32.66 9.93 -63.47
C THR I 147 -32.78 10.70 -62.16
N THR I 148 -31.97 11.72 -61.97
CA THR I 148 -32.06 12.54 -60.79
C THR I 148 -32.19 13.99 -61.33
N GLY I 149 -32.90 14.93 -60.74
CA GLY I 149 -33.03 16.21 -61.35
C GLY I 149 -34.31 16.78 -60.84
N ILE I 150 -34.75 17.91 -61.34
CA ILE I 150 -36.06 18.47 -61.02
C ILE I 150 -36.48 19.04 -62.36
N VAL I 151 -37.76 18.81 -62.63
CA VAL I 151 -38.37 19.22 -63.89
C VAL I 151 -39.27 20.36 -63.51
N MET I 152 -39.44 21.28 -64.43
CA MET I 152 -40.34 22.38 -64.19
C MET I 152 -41.31 22.22 -65.33
N ASP I 153 -42.54 21.81 -65.08
CA ASP I 153 -43.41 21.41 -66.18
C ASP I 153 -44.50 22.42 -66.37
N SER I 154 -44.61 23.09 -67.51
CA SER I 154 -45.64 24.11 -67.66
C SER I 154 -46.45 23.86 -68.89
N GLY I 155 -47.64 23.39 -68.58
CA GLY I 155 -48.61 23.07 -69.63
C GLY I 155 -49.65 24.18 -69.89
N ASP I 156 -50.94 23.83 -69.89
CA ASP I 156 -51.99 24.79 -70.17
C ASP I 156 -52.73 25.14 -68.91
N GLY I 157 -52.86 24.16 -68.02
CA GLY I 157 -53.61 24.41 -66.81
C GLY I 157 -52.76 24.39 -65.58
N VAL I 158 -51.54 23.84 -65.52
CA VAL I 158 -50.73 23.88 -64.30
C VAL I 158 -49.23 23.87 -64.59
N THR I 159 -48.53 24.20 -63.51
CA THR I 159 -47.09 24.17 -63.48
C THR I 159 -46.75 23.45 -62.18
N HIS I 160 -45.78 22.57 -62.28
CA HIS I 160 -45.23 21.98 -61.07
C HIS I 160 -43.74 21.90 -61.19
N THR I 161 -43.15 21.98 -60.01
CA THR I 161 -41.74 21.72 -59.87
C THR I 161 -41.72 20.36 -59.09
N VAL I 162 -41.01 19.36 -59.62
CA VAL I 162 -41.04 18.00 -59.13
C VAL I 162 -39.59 17.69 -58.88
N PRO I 163 -39.03 17.47 -57.68
CA PRO I 163 -37.72 16.86 -57.53
C PRO I 163 -37.74 15.33 -57.68
N ILE I 164 -36.89 14.72 -58.49
CA ILE I 164 -36.86 13.30 -58.75
C ILE I 164 -35.49 12.74 -58.33
N TYR I 165 -35.46 11.76 -57.43
CA TYR I 165 -34.27 11.04 -57.01
C TYR I 165 -34.41 9.62 -57.57
N GLU I 166 -33.51 9.31 -58.49
CA GLU I 166 -33.43 8.03 -59.12
C GLU I 166 -34.70 7.54 -59.80
N GLY I 167 -35.44 8.35 -60.56
CA GLY I 167 -36.67 7.96 -61.21
C GLY I 167 -37.94 8.05 -60.34
N TYR I 168 -37.85 8.68 -59.18
CA TYR I 168 -38.90 8.67 -58.20
C TYR I 168 -39.08 10.11 -57.80
N ALA I 169 -40.29 10.59 -58.02
CA ALA I 169 -40.68 11.95 -57.73
C ALA I 169 -40.76 12.08 -56.24
N LEU I 170 -40.39 13.20 -55.64
CA LEU I 170 -40.44 13.27 -54.21
C LEU I 170 -41.69 14.05 -53.81
N PRO I 171 -42.85 13.45 -53.59
CA PRO I 171 -44.15 14.11 -53.42
C PRO I 171 -44.20 15.23 -52.37
N HIS I 172 -43.49 15.11 -51.24
CA HIS I 172 -43.45 16.26 -50.32
C HIS I 172 -42.89 17.59 -50.89
N ALA I 173 -41.93 17.50 -51.81
CA ALA I 173 -41.28 18.70 -52.29
C ALA I 173 -41.89 19.15 -53.58
N ILE I 174 -42.94 18.48 -54.11
CA ILE I 174 -43.63 18.87 -55.35
C ILE I 174 -44.47 20.10 -54.96
N LEU I 175 -44.46 21.06 -55.88
CA LEU I 175 -45.14 22.33 -55.68
C LEU I 175 -45.89 22.56 -57.00
N ARG I 176 -47.11 23.04 -56.85
CA ARG I 176 -48.10 23.26 -57.93
C ARG I 176 -48.43 24.72 -58.00
N LEU I 177 -48.46 25.21 -59.24
CA LEU I 177 -48.74 26.61 -59.54
C LEU I 177 -49.79 26.60 -60.62
N ASP I 178 -50.83 27.30 -60.25
CA ASP I 178 -51.94 27.36 -61.14
C ASP I 178 -51.91 28.65 -61.95
N LEU I 179 -50.99 28.56 -62.88
CA LEU I 179 -50.76 29.61 -63.83
C LEU I 179 -49.89 28.91 -64.88
N ALA I 180 -50.42 28.82 -66.09
CA ALA I 180 -49.75 28.16 -67.18
C ALA I 180 -50.28 28.76 -68.47
N GLY I 181 -50.02 28.19 -69.67
CA GLY I 181 -50.44 28.71 -70.97
C GLY I 181 -51.81 29.43 -71.10
N ARG I 182 -52.89 29.00 -70.47
CA ARG I 182 -54.18 29.64 -70.66
C ARG I 182 -54.20 31.00 -69.96
N ASP I 183 -53.51 31.06 -68.82
CA ASP I 183 -53.41 32.26 -68.04
C ASP I 183 -52.69 33.30 -68.86
N LEU I 184 -51.73 32.89 -69.67
CA LEU I 184 -50.95 33.76 -70.50
C LEU I 184 -51.66 34.11 -71.79
N THR I 185 -52.48 33.27 -72.41
CA THR I 185 -53.31 33.68 -73.56
C THR I 185 -54.33 34.74 -73.19
N ASP I 186 -54.94 34.54 -72.04
CA ASP I 186 -55.88 35.44 -71.46
C ASP I 186 -55.40 36.82 -71.08
N TYR I 187 -54.19 36.87 -70.53
CA TYR I 187 -53.60 38.12 -70.11
C TYR I 187 -53.07 38.89 -71.30
N LEU I 188 -52.72 38.19 -72.37
CA LEU I 188 -52.27 38.82 -73.59
C LEU I 188 -53.45 39.55 -74.21
N MET I 189 -54.63 38.91 -74.33
CA MET I 189 -55.85 39.46 -74.95
C MET I 189 -56.33 40.70 -74.21
N LYS I 190 -56.26 40.71 -72.87
CA LYS I 190 -56.60 41.87 -72.06
C LYS I 190 -55.57 42.93 -72.29
N ILE I 191 -54.26 42.72 -72.30
CA ILE I 191 -53.41 43.86 -72.52
C ILE I 191 -53.62 44.30 -73.99
N LEU I 192 -53.86 43.45 -74.97
CA LEU I 192 -54.14 43.84 -76.37
C LEU I 192 -55.47 44.64 -76.57
N THR I 193 -56.57 44.24 -75.92
CA THR I 193 -57.88 44.91 -75.87
C THR I 193 -57.80 46.21 -75.06
N GLU I 194 -56.85 46.30 -74.11
CA GLU I 194 -56.65 47.53 -73.34
C GLU I 194 -56.11 48.54 -74.34
N ARG I 195 -55.33 48.13 -75.35
CA ARG I 195 -54.86 49.05 -76.36
C ARG I 195 -56.00 49.38 -77.36
N GLY I 196 -57.27 49.26 -76.96
CA GLY I 196 -58.40 49.44 -77.84
C GLY I 196 -58.42 48.47 -79.05
N TYR I 197 -58.18 47.18 -78.83
CA TYR I 197 -58.26 46.18 -79.89
C TYR I 197 -59.52 45.43 -79.60
N SER I 198 -59.88 44.63 -80.60
CA SER I 198 -61.20 44.05 -80.61
C SER I 198 -61.08 42.58 -80.98
N PHE I 199 -61.24 41.65 -80.01
CA PHE I 199 -61.15 40.22 -80.34
C PHE I 199 -62.52 39.65 -80.20
N THR I 200 -63.41 40.36 -80.91
CA THR I 200 -64.79 40.07 -80.63
C THR I 200 -65.37 38.78 -81.19
N THR I 201 -64.85 38.11 -82.22
CA THR I 201 -65.58 36.93 -82.69
C THR I 201 -65.00 35.52 -82.62
N THR I 202 -65.42 34.78 -81.58
CA THR I 202 -65.13 33.34 -81.29
C THR I 202 -63.80 32.73 -81.76
N ALA I 203 -63.63 32.55 -83.08
CA ALA I 203 -62.43 32.03 -83.73
C ALA I 203 -61.39 32.98 -83.21
N GLU I 204 -61.54 34.30 -83.46
CA GLU I 204 -60.52 35.23 -83.03
C GLU I 204 -60.23 35.31 -81.50
N ARG I 205 -60.91 34.56 -80.62
CA ARG I 205 -60.48 34.41 -79.20
C ARG I 205 -59.31 33.42 -79.13
N GLU I 206 -59.35 32.54 -80.10
CA GLU I 206 -58.26 31.63 -80.38
C GLU I 206 -57.22 32.34 -81.24
N ILE I 207 -57.35 33.58 -81.68
CA ILE I 207 -56.29 34.22 -82.46
C ILE I 207 -55.23 34.90 -81.57
N VAL I 208 -55.56 35.10 -80.27
CA VAL I 208 -54.55 35.55 -79.34
C VAL I 208 -53.58 34.39 -79.05
N ARG I 209 -54.02 33.12 -79.05
CA ARG I 209 -53.18 31.93 -78.86
C ARG I 209 -52.06 31.96 -79.85
N ASP I 210 -52.26 32.28 -81.11
CA ASP I 210 -51.17 32.35 -82.10
C ASP I 210 -50.28 33.59 -81.93
N ILE I 211 -50.77 34.77 -81.53
CA ILE I 211 -49.86 35.91 -81.31
C ILE I 211 -48.91 35.51 -80.16
N LYS I 212 -49.49 34.96 -79.09
CA LYS I 212 -48.84 34.56 -77.86
C LYS I 212 -47.78 33.61 -78.24
N GLU I 213 -48.14 32.59 -78.99
CA GLU I 213 -47.13 31.63 -79.24
C GLU I 213 -46.21 32.18 -80.30
N LYS I 214 -46.63 33.08 -81.21
CA LYS I 214 -45.71 33.47 -82.26
C LYS I 214 -44.80 34.61 -81.99
N LEU I 215 -45.16 35.54 -81.13
CA LEU I 215 -44.38 36.76 -80.96
C LEU I 215 -43.87 36.87 -79.54
N CYS I 216 -44.44 36.21 -78.50
CA CYS I 216 -43.90 36.37 -77.17
C CYS I 216 -42.50 35.83 -76.99
N TYR I 217 -41.91 36.46 -75.98
CA TYR I 217 -40.51 36.46 -75.62
C TYR I 217 -40.49 36.66 -74.11
N VAL I 218 -39.41 36.17 -73.51
CA VAL I 218 -39.09 36.38 -72.12
C VAL I 218 -37.87 37.27 -72.17
N ALA I 219 -37.98 38.33 -71.38
CA ALA I 219 -36.98 39.37 -71.20
C ALA I 219 -35.99 38.94 -70.16
N LEU I 220 -34.70 39.31 -70.27
CA LEU I 220 -33.63 39.01 -69.30
C LEU I 220 -33.75 39.97 -68.17
N ASP I 221 -33.93 41.21 -68.55
CA ASP I 221 -34.16 42.18 -67.51
C ASP I 221 -35.44 42.89 -67.91
N PHE I 222 -36.62 42.47 -67.39
CA PHE I 222 -37.87 43.15 -67.71
C PHE I 222 -37.71 44.68 -67.76
N GLU I 223 -37.12 45.24 -66.69
CA GLU I 223 -36.85 46.68 -66.49
C GLU I 223 -36.05 47.29 -67.63
N GLN I 224 -34.81 46.89 -67.92
CA GLN I 224 -34.15 47.46 -69.05
C GLN I 224 -34.83 46.97 -70.32
N GLU I 225 -35.75 46.02 -70.33
CA GLU I 225 -36.42 45.65 -71.56
C GLU I 225 -37.57 46.57 -71.83
N MET I 226 -38.21 47.13 -70.82
CA MET I 226 -39.32 48.01 -71.07
C MET I 226 -38.87 49.31 -71.73
N ALA I 227 -37.70 49.85 -71.37
CA ALA I 227 -37.16 51.04 -72.02
C ALA I 227 -36.42 50.69 -73.30
N THR I 228 -36.32 49.39 -73.54
CA THR I 228 -35.91 48.84 -74.81
C THR I 228 -37.18 48.18 -75.43
N ALA I 229 -38.24 49.00 -75.29
CA ALA I 229 -39.51 48.91 -75.96
C ALA I 229 -39.57 50.43 -76.23
N ALA I 230 -39.50 51.39 -75.27
CA ALA I 230 -39.53 52.82 -75.61
C ALA I 230 -38.44 53.23 -76.60
N SER I 231 -37.27 52.56 -76.75
CA SER I 231 -36.31 52.83 -77.82
C SER I 231 -36.68 51.91 -78.99
N SER I 232 -37.94 51.99 -79.35
CA SER I 232 -38.59 51.11 -80.25
C SER I 232 -37.83 50.69 -81.50
N SER I 233 -38.12 51.29 -82.65
CA SER I 233 -37.68 50.82 -83.96
C SER I 233 -38.08 49.34 -84.13
N SER I 234 -37.26 48.39 -83.64
CA SER I 234 -37.38 46.97 -83.88
C SER I 234 -38.31 46.08 -83.03
N LEU I 235 -39.02 46.60 -82.03
CA LEU I 235 -39.83 45.75 -81.17
C LEU I 235 -41.27 45.52 -81.63
N GLU I 236 -41.91 46.45 -82.37
CA GLU I 236 -43.30 46.20 -82.69
C GLU I 236 -43.26 45.24 -83.88
N LYS I 237 -44.10 44.23 -83.77
CA LYS I 237 -44.34 43.33 -84.90
C LYS I 237 -45.85 43.33 -85.18
N SER I 238 -46.23 42.97 -86.39
CA SER I 238 -47.64 42.89 -86.75
C SER I 238 -48.20 41.49 -87.08
N TYR I 239 -49.46 41.44 -86.64
CA TYR I 239 -50.30 40.31 -86.87
C TYR I 239 -51.59 40.72 -87.61
N GLU I 240 -51.94 39.83 -88.53
CA GLU I 240 -53.00 40.01 -89.49
C GLU I 240 -54.20 39.22 -89.06
N LEU I 241 -55.31 39.90 -88.90
CA LEU I 241 -56.57 39.22 -88.69
C LEU I 241 -57.02 38.43 -89.96
N PRO I 242 -57.74 37.30 -89.82
CA PRO I 242 -58.63 36.74 -90.85
C PRO I 242 -59.44 37.85 -91.54
N ASP I 243 -60.07 38.71 -90.76
CA ASP I 243 -60.74 39.93 -91.17
C ASP I 243 -59.92 40.82 -92.14
N GLY I 244 -58.64 40.60 -92.50
CA GLY I 244 -57.84 41.51 -93.35
C GLY I 244 -57.04 42.53 -92.54
N GLN I 245 -57.62 42.97 -91.40
CA GLN I 245 -57.08 43.96 -90.45
C GLN I 245 -55.68 43.73 -89.85
N VAL I 246 -55.04 44.78 -89.24
CA VAL I 246 -53.73 44.62 -88.62
C VAL I 246 -53.62 44.86 -87.10
N ILE I 247 -52.69 44.17 -86.48
CA ILE I 247 -52.47 44.21 -85.05
C ILE I 247 -51.06 44.73 -85.01
N THR I 248 -50.75 45.53 -84.03
CA THR I 248 -49.33 45.75 -83.79
C THR I 248 -49.09 45.55 -82.31
N ILE I 249 -48.02 44.79 -82.03
CA ILE I 249 -47.64 44.39 -80.69
C ILE I 249 -46.19 44.77 -80.44
N GLY I 250 -46.03 45.35 -79.29
CA GLY I 250 -44.73 45.80 -78.87
C GLY I 250 -44.45 45.35 -77.45
N ASN I 251 -44.59 46.21 -76.41
CA ASN I 251 -44.13 45.83 -75.08
C ASN I 251 -44.81 44.59 -74.48
N GLU I 252 -46.00 44.36 -75.03
CA GLU I 252 -46.80 43.22 -74.77
C GLU I 252 -46.15 41.85 -74.97
N ARG I 253 -45.36 41.69 -76.02
CA ARG I 253 -44.71 40.43 -76.35
C ARG I 253 -43.92 39.81 -75.20
N PHE I 254 -43.14 40.62 -74.46
CA PHE I 254 -42.34 40.12 -73.34
C PHE I 254 -43.10 40.26 -72.01
N ARG I 255 -44.00 41.27 -71.88
CA ARG I 255 -44.89 41.52 -70.74
C ARG I 255 -45.86 40.35 -70.54
N CYS I 256 -46.16 39.55 -71.56
CA CYS I 256 -47.06 38.40 -71.41
C CYS I 256 -46.31 37.31 -70.59
N PRO I 257 -45.27 36.58 -71.06
CA PRO I 257 -44.58 35.55 -70.29
C PRO I 257 -44.11 36.07 -68.95
N GLU I 258 -43.84 37.35 -68.71
CA GLU I 258 -43.46 37.88 -67.41
C GLU I 258 -44.37 37.61 -66.23
N ALA I 259 -45.61 37.30 -66.53
CA ALA I 259 -46.54 36.91 -65.49
C ALA I 259 -46.12 35.57 -64.89
N LEU I 260 -45.31 34.77 -65.56
CA LEU I 260 -44.76 33.56 -65.00
C LEU I 260 -43.77 33.83 -63.87
N PHE I 261 -42.99 34.90 -64.01
CA PHE I 261 -41.97 35.26 -63.04
C PHE I 261 -42.47 36.15 -61.93
N GLN I 262 -43.47 36.96 -62.25
CA GLN I 262 -44.12 37.89 -61.37
C GLN I 262 -45.63 37.70 -61.49
N PRO I 263 -46.31 36.85 -60.76
CA PRO I 263 -47.73 36.62 -60.94
C PRO I 263 -48.56 37.74 -60.30
N SER I 264 -47.93 38.83 -59.87
CA SER I 264 -48.60 40.02 -59.42
C SER I 264 -49.17 40.65 -60.67
N PHE I 265 -48.49 40.50 -61.83
CA PHE I 265 -49.00 40.99 -63.09
C PHE I 265 -50.36 40.43 -63.33
N LEU I 266 -50.58 39.18 -63.00
CA LEU I 266 -51.88 38.58 -63.06
C LEU I 266 -52.78 38.87 -61.84
N GLY I 267 -52.37 39.53 -60.76
CA GLY I 267 -53.29 39.79 -59.68
C GLY I 267 -53.27 38.66 -58.66
N MET I 268 -52.28 37.77 -58.83
CA MET I 268 -51.98 36.64 -57.97
C MET I 268 -50.85 36.89 -57.01
N GLU I 269 -51.11 36.37 -55.82
CA GLU I 269 -50.16 36.45 -54.75
C GLU I 269 -48.99 35.49 -54.99
N SER I 270 -49.07 34.53 -55.92
CA SER I 270 -48.03 33.51 -56.05
C SER I 270 -46.65 34.03 -56.44
N CYS I 271 -45.70 33.29 -55.89
CA CYS I 271 -44.30 33.37 -56.25
C CYS I 271 -44.23 33.07 -57.73
N GLY I 272 -43.22 33.50 -58.45
CA GLY I 272 -43.10 33.05 -59.81
C GLY I 272 -42.36 31.75 -59.87
N ILE I 273 -42.34 31.24 -61.08
CA ILE I 273 -41.67 30.02 -61.44
C ILE I 273 -40.22 29.78 -60.99
N HIS I 274 -39.51 30.87 -60.75
CA HIS I 274 -38.09 30.78 -60.42
C HIS I 274 -37.88 30.51 -58.94
N GLU I 275 -38.84 30.94 -58.16
CA GLU I 275 -38.83 30.77 -56.74
C GLU I 275 -39.37 29.42 -56.37
N THR I 276 -40.34 28.92 -57.08
CA THR I 276 -40.95 27.66 -56.83
C THR I 276 -39.91 26.58 -57.16
N THR I 277 -39.17 26.48 -58.30
CA THR I 277 -38.05 25.54 -58.45
C THR I 277 -37.16 25.58 -57.19
N PHE I 278 -36.70 26.75 -56.76
CA PHE I 278 -35.89 26.92 -55.55
C PHE I 278 -36.60 26.47 -54.27
N ASN I 279 -37.89 26.51 -54.14
CA ASN I 279 -38.44 26.15 -52.86
C ASN I 279 -38.72 24.67 -52.85
N SER I 280 -38.73 23.93 -53.98
CA SER I 280 -38.87 22.47 -53.97
C SER I 280 -37.50 21.91 -53.60
N ILE I 281 -36.46 22.33 -54.28
CA ILE I 281 -35.06 22.05 -53.95
C ILE I 281 -34.82 22.25 -52.48
N MET I 282 -35.30 23.24 -51.80
CA MET I 282 -34.99 23.34 -50.40
C MET I 282 -35.67 22.36 -49.47
N LYS I 283 -36.69 21.67 -49.99
CA LYS I 283 -37.53 20.72 -49.29
C LYS I 283 -37.01 19.30 -49.44
N CYS I 284 -36.03 19.12 -50.31
CA CYS I 284 -35.47 17.79 -50.53
C CYS I 284 -34.29 17.44 -49.57
N ASP I 285 -33.89 16.19 -49.63
CA ASP I 285 -32.73 15.65 -48.95
C ASP I 285 -31.53 16.49 -49.26
N VAL I 286 -30.90 16.91 -48.17
CA VAL I 286 -29.68 17.68 -48.17
C VAL I 286 -28.66 17.14 -49.13
N ASP I 287 -28.56 15.81 -49.32
CA ASP I 287 -27.51 15.22 -50.17
C ASP I 287 -27.94 15.06 -51.65
N ILE I 288 -29.13 15.51 -52.12
CA ILE I 288 -29.37 15.41 -53.53
C ILE I 288 -29.51 16.78 -54.09
N ARG I 289 -29.64 17.85 -53.32
CA ARG I 289 -29.80 19.21 -53.80
C ARG I 289 -28.79 19.61 -54.86
N LYS I 290 -27.54 19.22 -54.66
CA LYS I 290 -26.52 19.61 -55.62
C LYS I 290 -26.82 18.93 -56.93
N ASP I 291 -27.53 17.82 -56.89
CA ASP I 291 -27.88 17.13 -58.10
C ASP I 291 -29.05 17.82 -58.76
N LEU I 292 -30.01 18.25 -57.96
CA LEU I 292 -31.18 18.95 -58.47
C LEU I 292 -30.80 20.33 -59.09
N TYR I 293 -29.84 21.14 -58.58
CA TYR I 293 -29.39 22.32 -59.31
C TYR I 293 -28.66 22.07 -60.61
N ALA I 294 -27.96 20.97 -60.76
CA ALA I 294 -27.22 20.64 -61.97
C ALA I 294 -28.11 20.10 -63.06
N ASN I 295 -29.36 19.76 -62.69
CA ASN I 295 -30.29 19.12 -63.60
C ASN I 295 -31.67 19.74 -63.44
N THR I 296 -31.79 21.00 -63.83
CA THR I 296 -33.07 21.66 -63.84
C THR I 296 -33.47 21.52 -65.28
N VAL I 297 -34.55 20.79 -65.57
CA VAL I 297 -35.06 20.51 -66.93
C VAL I 297 -36.42 21.20 -67.03
N LEU I 298 -36.68 21.83 -68.18
CA LEU I 298 -37.95 22.49 -68.34
C LEU I 298 -38.77 21.62 -69.29
N SER I 299 -40.07 21.45 -69.06
CA SER I 299 -40.79 20.72 -70.08
C SER I 299 -42.17 21.29 -70.27
N GLY I 300 -42.93 21.08 -71.34
CA GLY I 300 -44.29 21.64 -71.49
C GLY I 300 -44.36 22.75 -72.51
N GLY I 301 -45.50 23.03 -73.17
CA GLY I 301 -45.66 24.12 -74.15
C GLY I 301 -45.33 25.51 -73.59
N THR I 302 -45.70 25.90 -72.37
CA THR I 302 -45.42 27.22 -71.87
C THR I 302 -43.90 27.38 -71.58
N THR I 303 -43.00 26.41 -71.85
CA THR I 303 -41.55 26.61 -71.59
C THR I 303 -40.87 26.91 -72.91
N MET I 304 -41.68 27.09 -73.94
CA MET I 304 -41.11 27.27 -75.24
C MET I 304 -40.71 28.71 -75.58
N TYR I 305 -40.93 29.67 -74.70
CA TYR I 305 -40.66 31.06 -74.96
C TYR I 305 -39.21 31.35 -75.17
N PRO I 306 -38.73 32.04 -76.21
CA PRO I 306 -37.39 32.58 -76.31
C PRO I 306 -37.10 33.41 -75.07
N GLY I 307 -35.85 33.19 -74.60
CA GLY I 307 -35.28 33.69 -73.37
C GLY I 307 -35.60 32.90 -72.09
N ILE I 308 -36.46 31.85 -72.06
CA ILE I 308 -36.82 31.30 -70.75
C ILE I 308 -35.70 30.51 -70.10
N ALA I 309 -34.85 29.80 -70.85
CA ALA I 309 -33.70 29.11 -70.27
C ALA I 309 -32.75 30.07 -69.63
N ASP I 310 -32.29 31.10 -70.35
CA ASP I 310 -31.44 32.17 -69.81
C ASP I 310 -32.02 32.89 -68.61
N ARG I 311 -33.29 33.25 -68.65
CA ARG I 311 -33.87 33.96 -67.56
C ARG I 311 -34.09 33.03 -66.38
N MET I 312 -34.41 31.76 -66.58
CA MET I 312 -34.51 30.81 -65.49
C MET I 312 -33.12 30.71 -64.89
N GLN I 313 -32.05 30.44 -65.64
CA GLN I 313 -30.67 30.42 -65.16
C GLN I 313 -30.33 31.66 -64.37
N LYS I 314 -30.35 32.87 -64.92
CA LYS I 314 -30.11 34.13 -64.24
C LYS I 314 -30.80 34.21 -62.89
N GLU I 315 -32.02 33.71 -62.81
CA GLU I 315 -32.79 33.85 -61.58
C GLU I 315 -32.52 32.80 -60.53
N ILE I 316 -32.21 31.57 -60.94
CA ILE I 316 -31.91 30.56 -59.97
C ILE I 316 -30.50 30.82 -59.51
N THR I 317 -29.62 31.27 -60.40
CA THR I 317 -28.30 31.72 -59.99
C THR I 317 -28.30 32.81 -58.95
N ALA I 318 -29.30 33.70 -58.89
CA ALA I 318 -29.34 34.70 -57.83
C ALA I 318 -29.79 34.11 -56.48
N LEU I 319 -30.82 33.24 -56.42
CA LEU I 319 -31.21 32.65 -55.13
C LEU I 319 -30.26 31.54 -54.57
N ALA I 320 -29.56 30.83 -55.46
CA ALA I 320 -28.79 29.64 -55.12
C ALA I 320 -27.55 29.99 -54.37
N PRO I 321 -27.04 29.18 -53.39
CA PRO I 321 -25.74 29.41 -52.72
C PRO I 321 -24.66 29.77 -53.76
N SER I 322 -23.71 30.64 -53.36
CA SER I 322 -22.78 31.28 -54.30
C SER I 322 -21.79 30.40 -55.11
N THR I 323 -21.97 29.11 -54.98
CA THR I 323 -21.11 28.12 -55.53
C THR I 323 -21.82 27.13 -56.42
N MET I 324 -23.16 26.94 -56.34
CA MET I 324 -23.80 25.82 -57.02
C MET I 324 -23.54 25.85 -58.51
N LYS I 325 -23.22 24.77 -59.20
CA LYS I 325 -23.08 24.78 -60.65
C LYS I 325 -24.55 24.73 -60.97
N ILE I 326 -25.16 25.62 -61.75
CA ILE I 326 -26.57 25.53 -62.05
C ILE I 326 -26.69 25.29 -63.53
N LYS I 327 -27.31 24.20 -63.94
CA LYS I 327 -27.35 23.83 -65.32
C LYS I 327 -28.83 23.70 -65.58
N ILE I 328 -29.39 24.63 -66.32
CA ILE I 328 -30.82 24.63 -66.67
C ILE I 328 -30.82 23.79 -67.95
N ILE I 329 -31.76 22.88 -68.31
CA ILE I 329 -31.63 22.01 -69.48
C ILE I 329 -32.90 22.33 -70.22
N ALA I 330 -32.84 22.54 -71.52
CA ALA I 330 -34.05 22.91 -72.20
C ALA I 330 -33.88 22.32 -73.58
N PRO I 331 -34.16 20.99 -73.63
CA PRO I 331 -34.02 20.22 -74.85
C PRO I 331 -34.98 20.82 -75.86
N PRO I 332 -34.58 21.00 -77.11
CA PRO I 332 -35.41 21.64 -78.08
C PRO I 332 -36.68 20.85 -78.39
N GLU I 333 -36.91 19.62 -77.90
CA GLU I 333 -38.14 18.93 -78.24
C GLU I 333 -39.09 18.83 -77.10
N ARG I 334 -38.94 19.78 -76.19
CA ARG I 334 -39.64 19.86 -74.91
C ARG I 334 -41.15 20.13 -74.82
N LYS I 335 -40.64 18.76 -77.94
CA LYS I 335 -41.99 19.20 -78.28
C LYS I 335 -42.87 17.97 -77.91
N TYR I 336 -42.37 16.73 -78.00
CA TYR I 336 -43.10 15.52 -77.66
C TYR I 336 -42.81 14.78 -76.33
N SER I 337 -42.00 15.33 -75.42
CA SER I 337 -41.64 14.75 -74.13
C SER I 337 -42.84 14.20 -73.35
N VAL I 338 -43.88 14.93 -73.06
CA VAL I 338 -44.95 14.37 -72.29
C VAL I 338 -45.51 13.11 -72.95
N TRP I 339 -45.70 13.04 -74.27
CA TRP I 339 -46.26 11.85 -74.85
C TRP I 339 -45.24 10.71 -74.80
N ILE I 340 -43.93 10.82 -75.06
CA ILE I 340 -43.08 9.62 -75.10
C ILE I 340 -42.70 9.16 -73.71
N GLY I 341 -42.85 10.01 -72.70
CA GLY I 341 -42.67 9.56 -71.33
C GLY I 341 -43.78 8.64 -70.85
N GLY I 342 -45.00 8.92 -71.30
CA GLY I 342 -46.18 8.11 -71.05
C GLY I 342 -46.15 6.84 -71.89
N SER I 343 -45.92 6.88 -73.21
CA SER I 343 -45.63 5.69 -73.97
C SER I 343 -44.61 4.71 -73.39
N ILE I 344 -43.55 5.11 -72.69
CA ILE I 344 -42.51 4.29 -72.04
C ILE I 344 -43.11 3.60 -70.83
N LEU I 345 -43.65 4.50 -70.01
CA LEU I 345 -44.27 4.16 -68.74
C LEU I 345 -45.38 3.18 -68.99
N ALA I 346 -46.44 3.46 -69.74
CA ALA I 346 -47.51 2.50 -69.95
C ALA I 346 -47.16 1.25 -70.74
N SER I 347 -45.87 1.06 -71.12
CA SER I 347 -45.47 -0.16 -71.80
C SER I 347 -44.73 -1.05 -70.83
N LEU I 348 -44.19 -0.55 -69.71
CA LEU I 348 -43.46 -1.40 -68.76
C LEU I 348 -44.44 -2.38 -68.07
N SER I 349 -44.05 -3.65 -67.78
CA SER I 349 -44.96 -4.56 -67.14
C SER I 349 -45.18 -4.10 -65.74
N THR I 350 -44.23 -3.28 -65.25
CA THR I 350 -44.31 -2.50 -64.01
C THR I 350 -45.68 -1.79 -63.83
N PHE I 351 -46.11 -1.13 -64.89
CA PHE I 351 -47.21 -0.23 -64.86
C PHE I 351 -48.55 -0.89 -64.66
N GLN I 352 -48.76 -2.12 -65.13
CA GLN I 352 -50.06 -2.74 -65.00
C GLN I 352 -50.43 -2.85 -63.54
N GLN I 353 -49.48 -2.78 -62.62
CA GLN I 353 -49.81 -2.75 -61.23
C GLN I 353 -49.51 -1.27 -61.03
N MET I 354 -50.46 -0.41 -61.30
CA MET I 354 -50.33 1.01 -61.07
C MET I 354 -51.61 1.67 -61.52
N TRP I 355 -52.36 1.04 -62.46
CA TRP I 355 -53.65 1.50 -62.93
C TRP I 355 -54.74 1.45 -61.87
N ILE I 356 -55.85 2.09 -62.17
CA ILE I 356 -57.08 2.05 -61.42
C ILE I 356 -57.90 1.19 -62.39
N SER I 357 -58.42 0.07 -61.89
CA SER I 357 -59.15 -0.86 -62.72
C SER I 357 -60.62 -0.57 -62.63
N LYS I 358 -61.39 -1.16 -63.57
CA LYS I 358 -62.85 -1.06 -63.61
C LYS I 358 -63.34 -1.51 -62.27
N GLN I 359 -62.91 -2.70 -61.82
CA GLN I 359 -63.21 -3.21 -60.48
C GLN I 359 -63.04 -2.18 -59.36
N GLU I 360 -61.87 -1.50 -59.33
CA GLU I 360 -61.59 -0.55 -58.26
C GLU I 360 -62.47 0.65 -58.32
N TYR I 361 -62.79 1.10 -59.52
CA TYR I 361 -63.64 2.24 -59.68
C TYR I 361 -65.02 1.96 -59.09
N ASP I 362 -65.53 0.73 -59.26
CA ASP I 362 -66.82 0.31 -58.72
C ASP I 362 -66.79 0.31 -57.21
N GLU I 363 -65.70 -0.34 -56.77
CA GLU I 363 -65.37 -0.51 -55.38
C GLU I 363 -65.44 0.90 -54.80
N SER I 364 -64.64 1.86 -55.31
CA SER I 364 -64.51 3.12 -54.59
C SER I 364 -65.39 4.23 -55.09
N GLY I 365 -65.42 4.40 -56.39
CA GLY I 365 -66.15 5.49 -56.97
C GLY I 365 -65.12 6.31 -57.72
N PRO I 366 -65.33 7.59 -58.07
CA PRO I 366 -64.30 8.46 -58.69
C PRO I 366 -63.16 9.02 -57.82
N SER I 367 -63.39 9.09 -56.51
CA SER I 367 -62.45 9.56 -55.52
C SER I 367 -61.13 8.80 -55.65
N ILE I 368 -61.10 7.48 -55.78
CA ILE I 368 -59.90 6.69 -55.86
C ILE I 368 -58.77 7.29 -56.68
N VAL I 369 -58.99 8.20 -57.69
CA VAL I 369 -57.93 8.82 -58.46
C VAL I 369 -56.99 9.53 -57.52
N HIS I 370 -57.44 10.07 -56.39
CA HIS I 370 -56.59 10.82 -55.50
C HIS I 370 -55.66 9.93 -54.72
N ARG I 371 -56.04 8.69 -54.61
CA ARG I 371 -55.30 7.79 -53.79
C ARG I 371 -54.26 7.23 -54.69
N LYS I 372 -54.63 6.78 -55.88
CA LYS I 372 -53.70 6.00 -56.63
C LYS I 372 -52.79 6.69 -57.55
N CYS I 373 -53.12 7.93 -57.83
CA CYS I 373 -52.31 8.72 -58.74
C CYS I 373 -51.57 9.81 -57.94
N PHE I 374 -50.78 9.25 -56.93
CA PHE I 374 -49.73 9.74 -55.97
C PHE I 374 -49.42 9.35 -54.49
N ASP J 1 -59.06 81.83 -54.26
CA ASP J 1 -60.32 82.59 -54.09
C ASP J 1 -60.97 83.23 -55.38
N ASP J 2 -61.74 82.33 -56.04
CA ASP J 2 -62.53 82.50 -57.27
C ASP J 2 -61.71 82.68 -58.53
N ASP J 3 -60.93 83.73 -58.53
CA ASP J 3 -60.11 83.99 -59.67
C ASP J 3 -58.89 83.45 -58.97
N ILE J 4 -58.87 82.25 -59.53
CA ILE J 4 -57.96 81.14 -59.34
C ILE J 4 -58.37 80.18 -58.24
N ALA J 5 -58.70 79.25 -59.14
CA ALA J 5 -59.47 78.06 -58.90
C ALA J 5 -59.53 77.50 -60.33
N ALA J 6 -59.34 76.19 -60.37
CA ALA J 6 -59.50 75.40 -61.54
C ALA J 6 -61.00 75.41 -61.86
N LEU J 7 -61.36 75.13 -63.10
CA LEU J 7 -62.75 75.05 -63.48
C LEU J 7 -63.03 73.56 -63.59
N VAL J 8 -63.97 72.95 -62.87
CA VAL J 8 -64.22 71.54 -63.12
C VAL J 8 -65.23 71.43 -64.28
N VAL J 9 -65.05 70.66 -65.34
CA VAL J 9 -65.98 70.53 -66.45
C VAL J 9 -66.29 69.03 -66.46
N ASP J 10 -67.56 68.71 -66.22
CA ASP J 10 -67.97 67.32 -66.23
C ASP J 10 -68.75 67.18 -67.48
N ASN J 11 -68.32 66.26 -68.34
CA ASN J 11 -68.86 66.05 -69.69
C ASN J 11 -69.70 64.82 -69.77
N GLY J 12 -71.00 65.06 -69.59
CA GLY J 12 -71.96 64.02 -69.68
C GLY J 12 -72.65 63.99 -71.03
N SER J 13 -73.06 62.75 -71.32
CA SER J 13 -73.87 62.36 -72.45
C SER J 13 -75.20 63.14 -72.54
N GLY J 14 -75.89 63.35 -71.44
CA GLY J 14 -77.08 64.14 -71.49
C GLY J 14 -76.91 65.55 -70.98
N MET J 15 -76.04 65.73 -70.00
CA MET J 15 -75.84 66.96 -69.25
C MET J 15 -74.37 67.32 -69.02
N CYS J 16 -73.99 68.59 -68.99
CA CYS J 16 -72.64 69.03 -68.69
C CYS J 16 -72.81 69.87 -67.46
N LYS J 17 -71.89 69.85 -66.49
CA LYS J 17 -71.97 70.65 -65.28
C LYS J 17 -70.55 71.19 -65.17
N ALA J 18 -70.44 72.51 -64.96
CA ALA J 18 -69.18 73.22 -64.97
C ALA J 18 -69.15 74.27 -63.89
N GLY J 19 -68.05 74.38 -63.18
CA GLY J 19 -68.00 75.34 -62.10
C GLY J 19 -66.58 75.56 -61.67
N PHE J 20 -66.51 76.01 -60.43
CA PHE J 20 -65.23 76.40 -59.91
C PHE J 20 -64.89 75.54 -58.72
N ALA J 21 -63.62 75.08 -58.72
CA ALA J 21 -63.11 74.26 -57.65
C ALA J 21 -63.12 75.10 -56.40
N GLY J 22 -63.55 74.36 -55.35
CA GLY J 22 -63.81 74.88 -54.03
C GLY J 22 -65.30 75.08 -53.82
N ASP J 23 -66.15 74.88 -54.84
CA ASP J 23 -67.59 75.08 -54.72
C ASP J 23 -68.39 73.79 -54.53
N ASP J 24 -69.42 74.08 -53.77
CA ASP J 24 -70.41 73.11 -53.39
C ASP J 24 -71.23 72.61 -54.60
N ALA J 25 -71.76 73.40 -55.53
CA ALA J 25 -72.54 72.82 -56.62
C ALA J 25 -72.11 73.35 -57.98
N PRO J 26 -72.34 72.68 -59.09
CA PRO J 26 -72.14 73.23 -60.42
C PRO J 26 -72.76 74.59 -60.67
N ARG J 27 -72.04 75.59 -61.21
CA ARG J 27 -72.66 76.87 -61.53
C ARG J 27 -73.42 76.81 -62.85
N ALA J 28 -73.03 76.00 -63.82
CA ALA J 28 -73.72 75.94 -65.09
C ALA J 28 -74.06 74.49 -65.31
N VAL J 29 -75.34 74.10 -65.32
CA VAL J 29 -75.61 72.73 -65.70
C VAL J 29 -76.26 72.87 -67.06
N PHE J 30 -75.94 72.21 -68.19
CA PHE J 30 -76.70 72.48 -69.38
C PHE J 30 -76.89 71.26 -70.19
N PRO J 31 -77.90 71.19 -71.07
CA PRO J 31 -78.06 70.17 -72.11
C PRO J 31 -76.86 69.91 -73.03
N SER J 32 -76.43 68.65 -73.23
CA SER J 32 -75.29 68.41 -74.14
C SER J 32 -75.70 68.20 -75.61
N ILE J 33 -73.24 74.19 -80.01
CA ILE J 33 -72.84 74.40 -81.37
C ILE J 33 -73.55 75.59 -82.03
N VAL J 34 -72.83 76.24 -82.97
CA VAL J 34 -73.33 77.30 -83.85
C VAL J 34 -73.35 76.66 -85.23
N GLY J 35 -74.45 76.76 -85.95
CA GLY J 35 -74.50 76.12 -87.25
C GLY J 35 -74.85 77.09 -88.34
N ARG J 36 -73.93 77.31 -89.27
CA ARG J 36 -74.22 78.22 -90.39
C ARG J 36 -74.51 77.37 -91.65
N PRO J 37 -75.58 77.68 -92.40
CA PRO J 37 -75.99 76.98 -93.61
C PRO J 37 -74.96 76.57 -94.61
N ARG J 38 -73.79 77.19 -94.85
CA ARG J 38 -72.85 76.77 -95.92
C ARG J 38 -73.57 76.46 -97.27
N HIS J 39 -74.64 77.27 -97.46
CA HIS J 39 -75.57 77.38 -98.59
C HIS J 39 -76.59 78.34 -98.07
N GLN J 40 -76.56 79.59 -98.56
CA GLN J 40 -77.55 80.63 -98.24
C GLN J 40 -78.90 79.95 -98.00
N GLY J 41 -79.23 80.04 -96.71
CA GLY J 41 -80.45 79.46 -96.21
C GLY J 41 -81.30 80.58 -95.65
N VAL J 42 -82.41 80.06 -95.07
CA VAL J 42 -83.51 80.69 -94.28
C VAL J 42 -84.94 80.23 -94.66
N MET J 43 -85.56 79.71 -93.61
CA MET J 43 -86.94 79.23 -93.69
C MET J 43 -87.77 80.53 -93.75
N VAL J 44 -88.89 80.61 -94.49
CA VAL J 44 -89.74 81.82 -94.49
C VAL J 44 -90.81 81.66 -93.38
N GLY J 45 -90.16 81.79 -92.23
CA GLY J 45 -90.70 81.77 -90.89
C GLY J 45 -89.49 81.84 -89.99
N MET J 46 -88.66 82.81 -90.44
CA MET J 46 -87.45 83.31 -89.82
C MET J 46 -86.73 84.33 -90.74
N GLY J 47 -86.00 85.24 -90.04
CA GLY J 47 -85.29 86.36 -90.65
C GLY J 47 -84.17 85.79 -91.51
N GLN J 48 -83.35 86.53 -92.31
CA GLN J 48 -82.23 85.87 -92.98
C GLN J 48 -81.25 85.78 -91.79
N LYS J 49 -81.42 84.57 -91.18
CA LYS J 49 -80.75 83.93 -90.04
C LYS J 49 -79.85 82.83 -90.59
N ASP J 50 -78.55 83.10 -90.63
CA ASP J 50 -77.67 82.08 -91.10
C ASP J 50 -76.71 81.60 -90.01
N SER J 51 -77.04 81.73 -88.71
CA SER J 51 -76.31 81.02 -87.66
C SER J 51 -77.45 80.47 -86.84
N TYR J 52 -77.68 79.17 -86.74
CA TYR J 52 -78.69 78.68 -85.83
C TYR J 52 -77.83 78.28 -84.64
N VAL J 53 -78.29 78.41 -83.40
CA VAL J 53 -77.47 78.16 -82.20
C VAL J 53 -78.13 77.11 -81.29
N GLY J 54 -77.39 76.24 -80.61
CA GLY J 54 -78.00 75.33 -79.66
C GLY J 54 -78.78 74.23 -80.33
N ASP J 55 -80.03 74.00 -79.91
CA ASP J 55 -80.93 72.90 -80.39
C ASP J 55 -81.75 73.05 -81.69
N GLU J 56 -82.06 74.31 -82.01
CA GLU J 56 -82.64 74.69 -83.30
C GLU J 56 -81.58 74.55 -84.38
N ALA J 57 -80.39 74.06 -84.06
CA ALA J 57 -79.36 73.82 -85.03
C ALA J 57 -79.05 72.35 -84.90
N GLN J 58 -79.57 71.66 -83.93
CA GLN J 58 -79.35 70.24 -83.82
C GLN J 58 -80.31 69.70 -84.91
N SER J 59 -81.54 70.21 -84.94
CA SER J 59 -82.60 69.76 -85.83
C SER J 59 -82.60 70.28 -87.26
N LYS J 60 -81.39 70.51 -87.75
CA LYS J 60 -81.07 70.92 -89.11
C LYS J 60 -79.57 70.64 -89.22
N ARG J 61 -78.96 69.87 -88.29
CA ARG J 61 -77.53 69.57 -88.21
C ARG J 61 -77.03 68.89 -89.47
N GLY J 62 -77.93 68.01 -89.94
CA GLY J 62 -77.81 67.31 -91.19
C GLY J 62 -77.78 68.31 -92.32
N ILE J 63 -78.56 69.39 -92.37
CA ILE J 63 -78.46 70.32 -93.48
C ILE J 63 -77.52 71.47 -93.25
N LEU J 64 -76.79 71.52 -92.10
CA LEU J 64 -75.99 72.69 -91.74
C LEU J 64 -74.55 72.38 -91.42
N THR J 65 -73.64 73.36 -91.48
CA THR J 65 -72.27 73.12 -90.95
C THR J 65 -72.10 73.76 -89.54
N LEU J 66 -71.79 72.87 -88.60
CA LEU J 66 -71.67 73.20 -87.21
C LEU J 66 -70.29 73.46 -86.62
N LYS J 67 -70.04 74.63 -86.04
CA LYS J 67 -68.80 74.95 -85.33
C LYS J 67 -69.02 74.81 -83.79
N TYR J 68 -68.06 74.15 -83.12
CA TYR J 68 -68.00 73.94 -81.68
C TYR J 68 -67.06 74.97 -81.07
N PRO J 69 -72.72 65.45 -79.19
CA PRO J 69 -71.31 65.13 -79.28
C PRO J 69 -70.95 63.87 -78.51
N ILE J 70 -71.41 63.78 -77.27
CA ILE J 70 -70.95 62.77 -76.35
C ILE J 70 -71.99 61.70 -76.50
N GLU J 71 -71.58 60.45 -76.50
CA GLU J 71 -72.46 59.35 -76.80
C GLU J 71 -72.01 58.09 -76.07
N HIS J 72 -67.97 57.84 -77.32
CA HIS J 72 -67.37 57.21 -76.09
C HIS J 72 -67.21 57.97 -74.83
N GLY J 73 -71.10 58.05 -73.25
CA GLY J 73 -69.98 58.61 -72.53
C GLY J 73 -68.78 59.04 -73.35
N ILE J 74 -68.65 58.57 -74.61
CA ILE J 74 -67.48 58.77 -75.47
C ILE J 74 -67.77 59.87 -76.50
N VAL J 75 -66.82 60.73 -76.92
CA VAL J 75 -67.11 61.84 -77.83
C VAL J 75 -66.92 61.28 -79.23
N THR J 76 -68.04 61.44 -79.96
CA THR J 76 -68.15 60.99 -81.34
C THR J 76 -67.91 62.15 -82.30
N ASN J 77 -68.12 63.38 -81.85
CA ASN J 77 -68.03 64.51 -82.72
C ASN J 77 -67.11 65.53 -82.10
N TRP J 78 -65.93 65.68 -82.64
CA TRP J 78 -65.00 66.60 -82.03
C TRP J 78 -65.19 68.07 -82.29
N ASP J 79 -65.71 68.63 -83.39
CA ASP J 79 -65.81 70.08 -83.45
C ASP J 79 -67.06 70.49 -82.69
N ASP J 80 -68.11 69.66 -82.64
CA ASP J 80 -69.22 70.07 -81.81
C ASP J 80 -68.93 69.91 -80.31
N MET J 81 -68.11 68.96 -79.85
CA MET J 81 -67.60 69.07 -78.48
C MET J 81 -66.78 70.37 -78.36
N GLU J 82 -65.95 70.78 -79.33
CA GLU J 82 -65.19 72.01 -79.21
C GLU J 82 -66.10 73.18 -79.01
N LYS J 83 -67.19 73.22 -79.74
CA LYS J 83 -68.20 74.24 -79.50
C LYS J 83 -68.68 74.26 -78.04
N ILE J 84 -69.01 73.11 -77.47
CA ILE J 84 -69.58 73.06 -76.14
C ILE J 84 -68.64 73.69 -75.15
N TRP J 85 -67.37 73.31 -75.27
CA TRP J 85 -66.36 73.81 -74.33
C TRP J 85 -66.24 75.31 -74.52
N HIS J 86 -65.96 75.88 -75.69
CA HIS J 86 -65.99 77.32 -75.93
C HIS J 86 -67.16 78.02 -75.24
N HIS J 87 -68.39 77.53 -75.36
CA HIS J 87 -69.60 78.00 -74.66
C HIS J 87 -69.50 77.84 -73.13
N THR J 88 -68.99 76.72 -72.59
CA THR J 88 -68.71 76.58 -71.16
C THR J 88 -67.90 77.81 -70.64
N PHE J 89 -66.74 78.11 -71.25
CA PHE J 89 -65.84 79.16 -70.75
C PHE J 89 -66.34 80.58 -71.07
N TYR J 90 -66.51 80.83 -72.37
CA TYR J 90 -66.88 82.13 -72.89
C TYR J 90 -68.32 82.52 -72.75
N ASN J 91 -69.27 81.67 -72.43
CA ASN J 91 -70.64 82.13 -72.30
C ASN J 91 -71.23 81.69 -70.99
N GLU J 92 -70.91 80.48 -70.47
CA GLU J 92 -71.50 80.09 -69.23
C GLU J 92 -70.71 80.53 -67.99
N LEU J 93 -69.42 80.27 -67.87
CA LEU J 93 -68.76 80.66 -66.65
C LEU J 93 -68.18 82.06 -66.78
N ARG J 94 -68.02 82.52 -68.05
CA ARG J 94 -67.53 83.87 -68.45
C ARG J 94 -66.06 84.08 -68.01
N VAL J 95 -65.30 83.05 -68.41
CA VAL J 95 -63.95 82.79 -67.99
C VAL J 95 -63.00 82.81 -69.21
N ALA J 96 -61.73 82.87 -68.86
CA ALA J 96 -60.69 82.89 -69.84
C ALA J 96 -59.92 81.63 -69.61
N PRO J 97 -59.78 80.80 -70.63
CA PRO J 97 -59.13 79.52 -70.52
C PRO J 97 -57.67 79.59 -70.15
N GLU J 98 -56.93 80.63 -70.58
CA GLU J 98 -55.48 80.73 -70.36
C GLU J 98 -54.89 81.17 -69.01
N GLU J 99 -55.81 81.22 -68.04
CA GLU J 99 -55.56 81.67 -66.69
C GLU J 99 -56.03 80.64 -65.64
N HIS J 100 -56.70 79.52 -66.03
CA HIS J 100 -57.30 78.55 -65.09
C HIS J 100 -56.89 77.19 -65.56
N PRO J 101 -56.44 76.33 -64.66
CA PRO J 101 -56.30 74.95 -65.00
C PRO J 101 -57.67 74.30 -65.12
N VAL J 102 -57.84 73.31 -65.98
CA VAL J 102 -59.12 72.61 -66.03
C VAL J 102 -59.06 71.13 -65.63
N LEU J 103 -60.05 70.66 -64.86
CA LEU J 103 -60.08 69.25 -64.62
C LEU J 103 -61.21 68.83 -65.55
N LEU J 104 -61.02 68.00 -66.56
CA LEU J 104 -62.12 67.62 -67.44
C LEU J 104 -62.54 66.24 -67.00
N THR J 105 -63.75 65.77 -66.86
CA THR J 105 -63.84 64.35 -66.54
C THR J 105 -63.95 63.49 -67.77
N GLU J 106 -63.81 62.19 -67.64
CA GLU J 106 -63.90 61.29 -68.77
C GLU J 106 -64.55 59.93 -68.43
N ALA J 107 -65.07 59.22 -69.41
CA ALA J 107 -65.64 57.90 -69.23
C ALA J 107 -64.64 56.90 -68.72
N PRO J 108 -64.99 55.98 -67.81
CA PRO J 108 -64.27 54.73 -67.56
C PRO J 108 -64.03 54.04 -68.89
N LEU J 109 -62.83 53.53 -69.07
CA LEU J 109 -62.43 52.88 -70.32
C LEU J 109 -62.49 53.80 -71.58
N ASN J 110 -62.32 55.13 -71.46
CA ASN J 110 -62.36 56.07 -72.60
C ASN J 110 -61.24 55.75 -73.60
N PRO J 111 -61.49 55.56 -74.90
CA PRO J 111 -60.45 55.26 -75.86
C PRO J 111 -59.19 56.12 -75.81
N LYS J 112 -58.00 55.54 -75.99
CA LYS J 112 -56.70 56.19 -76.03
C LYS J 112 -56.63 57.52 -76.75
N ALA J 113 -57.03 57.51 -78.01
CA ALA J 113 -56.96 58.66 -78.87
C ALA J 113 -57.91 59.76 -78.45
N ASN J 114 -58.94 59.43 -77.69
CA ASN J 114 -59.85 60.40 -77.17
C ASN J 114 -59.18 61.16 -76.11
N ARG J 115 -58.49 60.49 -75.18
CA ARG J 115 -57.78 61.15 -74.08
C ARG J 115 -56.77 62.11 -74.65
N GLU J 116 -56.06 61.68 -75.67
CA GLU J 116 -55.10 62.53 -76.37
C GLU J 116 -55.85 63.60 -77.09
N LYS J 117 -56.94 63.42 -77.85
CA LYS J 117 -57.52 64.58 -78.49
C LYS J 117 -58.02 65.58 -77.48
N MET J 118 -58.53 65.22 -76.30
CA MET J 118 -58.95 66.26 -75.40
C MET J 118 -57.76 66.91 -74.73
N THR J 119 -56.57 66.27 -74.61
CA THR J 119 -55.34 66.95 -74.17
C THR J 119 -54.84 68.00 -75.19
N GLN J 120 -54.80 67.54 -76.42
CA GLN J 120 -54.57 68.27 -77.64
C GLN J 120 -55.36 69.57 -77.68
N ILE J 121 -56.72 69.53 -77.84
CA ILE J 121 -57.62 70.68 -77.90
C ILE J 121 -57.42 71.68 -76.74
N MET J 122 -57.50 71.11 -75.54
CA MET J 122 -57.38 71.91 -74.36
C MET J 122 -56.11 72.67 -74.42
N PHE J 123 -54.96 72.08 -74.77
CA PHE J 123 -53.71 72.85 -74.77
C PHE J 123 -53.45 73.79 -75.92
N GLU J 124 -53.60 73.28 -77.13
CA GLU J 124 -53.36 74.05 -78.33
C GLU J 124 -54.45 75.03 -78.72
N THR J 125 -55.72 74.56 -78.63
CA THR J 125 -56.90 75.33 -79.00
C THR J 125 -57.33 76.19 -77.86
N PHE J 126 -57.31 75.81 -76.58
CA PHE J 126 -57.71 76.77 -75.53
C PHE J 126 -56.59 77.37 -74.70
N ASN J 127 -55.36 76.88 -74.93
CA ASN J 127 -54.14 77.40 -74.31
C ASN J 127 -54.32 77.44 -72.82
N THR J 128 -54.40 76.21 -72.31
CA THR J 128 -54.72 75.96 -70.90
C THR J 128 -53.41 75.89 -70.13
N PRO J 129 -53.25 76.57 -68.98
CA PRO J 129 -52.04 76.55 -68.19
C PRO J 129 -51.69 75.11 -67.82
N ALA J 130 -52.73 74.28 -67.59
CA ALA J 130 -52.65 72.91 -67.10
C ALA J 130 -53.98 72.21 -67.18
N MET J 131 -53.90 70.91 -67.13
CA MET J 131 -55.09 70.15 -67.14
C MET J 131 -54.88 68.75 -66.58
N TYR J 132 -56.01 68.15 -66.15
CA TYR J 132 -56.07 66.78 -65.72
C TYR J 132 -57.43 66.22 -66.22
N VAL J 133 -57.40 64.90 -66.45
CA VAL J 133 -58.53 64.15 -66.89
C VAL J 133 -58.70 63.03 -65.86
N ALA J 134 -59.75 63.13 -65.07
CA ALA J 134 -60.17 62.09 -64.17
C ALA J 134 -61.42 61.28 -64.68
N ILE J 135 -61.42 59.95 -64.42
CA ILE J 135 -62.54 59.06 -64.72
C ILE J 135 -63.67 59.51 -63.85
N GLN J 136 -64.93 59.48 -64.27
CA GLN J 136 -66.04 60.03 -63.45
C GLN J 136 -66.36 59.32 -62.18
N ALA J 137 -66.37 57.96 -62.16
CA ALA J 137 -66.68 57.16 -60.99
C ALA J 137 -65.71 57.39 -59.84
N VAL J 138 -64.44 57.63 -60.13
CA VAL J 138 -63.44 57.88 -59.10
C VAL J 138 -63.70 59.20 -58.36
N LEU J 139 -64.33 60.22 -58.95
CA LEU J 139 -64.65 61.50 -58.27
C LEU J 139 -65.95 61.33 -57.51
N SER J 140 -66.90 60.49 -57.98
CA SER J 140 -68.02 60.06 -57.15
C SER J 140 -67.54 59.48 -55.81
N LEU J 141 -66.52 58.58 -55.82
CA LEU J 141 -65.98 58.01 -54.61
C LEU J 141 -65.28 58.98 -53.60
N TYR J 142 -64.38 59.80 -54.14
CA TYR J 142 -63.69 60.78 -53.34
C TYR J 142 -64.72 61.70 -52.69
N ALA J 143 -65.76 62.16 -53.41
CA ALA J 143 -66.78 63.03 -52.84
C ALA J 143 -67.64 62.36 -51.74
N SER J 144 -67.66 61.02 -51.59
CA SER J 144 -68.36 60.36 -50.50
C SER J 144 -67.43 60.17 -49.32
N GLY J 145 -69.13 59.60 -48.11
CA GLY J 145 -68.52 59.77 -46.80
C GLY J 145 -67.72 58.55 -46.52
N ARG J 146 -66.95 58.11 -47.48
CA ARG J 146 -66.29 56.87 -47.28
C ARG J 146 -64.95 56.96 -47.96
N THR J 147 -64.11 56.08 -47.48
CA THR J 147 -62.70 56.02 -47.84
C THR J 147 -62.22 54.66 -48.36
N THR J 148 -62.94 53.60 -48.07
CA THR J 148 -62.59 52.29 -48.56
C THR J 148 -63.88 51.78 -49.25
N GLY J 149 -63.88 51.02 -50.32
CA GLY J 149 -65.12 50.66 -50.94
C GLY J 149 -64.80 50.38 -52.36
N ILE J 150 -65.78 50.15 -53.20
CA ILE J 150 -65.58 50.01 -54.64
C ILE J 150 -66.81 50.72 -55.18
N VAL J 151 -66.56 51.49 -56.24
CA VAL J 151 -67.57 52.30 -56.87
C VAL J 151 -67.81 51.61 -58.19
N MET J 152 -69.04 51.71 -58.67
CA MET J 152 -69.34 51.15 -59.96
C MET J 152 -69.82 52.37 -60.70
N ASP J 153 -69.08 52.88 -61.66
CA ASP J 153 -69.40 54.19 -62.22
C ASP J 153 -69.92 54.05 -63.61
N SER J 154 -71.14 54.45 -63.93
CA SER J 154 -71.65 54.24 -65.27
C SER J 154 -72.19 55.53 -65.83
N GLY J 155 -71.37 56.02 -66.73
CA GLY J 155 -71.69 57.27 -67.41
C GLY J 155 -72.33 57.11 -68.79
N ASP J 156 -71.78 57.77 -69.82
CA ASP J 156 -72.35 57.71 -71.16
C ASP J 156 -71.47 56.87 -72.06
N GLY J 157 -70.17 56.92 -71.82
CA GLY J 157 -69.27 56.21 -72.67
C GLY J 157 -68.58 55.07 -71.98
N VAL J 158 -68.48 54.96 -70.64
CA VAL J 158 -67.83 53.83 -70.00
C VAL J 158 -68.40 53.51 -68.62
N THR J 159 -68.01 52.32 -68.18
CA THR J 159 -68.31 51.83 -66.87
C THR J 159 -67.00 51.28 -66.34
N HIS J 160 -66.74 51.59 -65.09
CA HIS J 160 -65.61 50.95 -64.43
C HIS J 160 -66.01 50.57 -63.03
N THR J 161 -65.36 49.50 -62.60
CA THR J 161 -65.44 49.08 -61.23
C THR J 161 -64.02 49.41 -60.69
N VAL J 162 -63.92 50.18 -59.59
CA VAL J 162 -62.68 50.73 -59.09
C VAL J 162 -62.65 50.26 -57.66
N PRO J 163 -61.79 49.38 -57.13
CA PRO J 163 -61.60 49.22 -55.69
C PRO J 163 -60.73 50.32 -55.07
N ILE J 164 -61.12 50.96 -53.99
CA ILE J 164 -60.42 52.05 -53.36
C ILE J 164 -60.08 51.65 -51.91
N TYR J 165 -58.81 51.66 -51.52
CA TYR J 165 -58.33 51.42 -50.17
C TYR J 165 -57.79 52.75 -49.67
N GLU J 166 -58.48 53.29 -48.68
CA GLU J 166 -58.12 54.51 -48.03
C GLU J 166 -57.99 55.72 -48.93
N GLY J 167 -58.89 55.98 -49.88
CA GLY J 167 -58.80 57.10 -50.80
C GLY J 167 -57.91 56.88 -52.04
N TYR J 168 -57.51 55.64 -52.29
CA TYR J 168 -56.53 55.34 -53.32
C TYR J 168 -57.11 54.20 -54.09
N ALA J 169 -57.29 54.46 -55.38
CA ALA J 169 -57.86 53.53 -56.33
C ALA J 169 -56.84 52.44 -56.55
N LEU J 170 -57.23 51.19 -56.71
CA LEU J 170 -56.22 50.18 -56.88
C LEU J 170 -56.13 49.82 -58.36
N PRO J 171 -55.29 50.46 -59.18
CA PRO J 171 -55.28 50.36 -60.64
C PRO J 171 -55.22 48.94 -61.21
N HIS J 172 -54.51 48.00 -60.59
CA HIS J 172 -54.58 46.62 -61.10
C HIS J 172 -55.99 45.96 -61.11
N ALA J 173 -56.85 46.32 -60.14
CA ALA J 173 -58.12 45.66 -60.02
C ALA J 173 -59.21 46.47 -60.68
N ILE J 174 -58.89 47.63 -61.32
CA ILE J 174 -59.87 48.45 -62.03
C ILE J 174 -60.18 47.69 -63.32
N LEU J 175 -61.46 47.69 -63.66
CA LEU J 175 -61.97 46.99 -64.83
C LEU J 175 -62.88 48.01 -65.51
N ARG J 176 -62.78 48.00 -66.84
CA ARG J 176 -63.47 48.94 -67.75
C ARG J 176 -64.38 48.17 -68.66
N LEU J 177 -65.58 48.72 -68.82
CA LEU J 177 -66.63 48.12 -69.63
C LEU J 177 -67.15 49.23 -70.51
N ASP J 178 -67.07 48.88 -71.78
CA ASP J 178 -67.48 49.84 -72.76
C ASP J 178 -68.90 49.56 -73.21
N LEU J 179 -69.75 49.93 -72.27
CA LEU J 179 -71.17 49.84 -72.44
C LEU J 179 -71.69 50.71 -71.30
N ALA J 180 -72.39 51.77 -71.67
CA ALA J 180 -72.92 52.72 -70.72
C ALA J 180 -74.10 53.41 -71.36
N GLY J 181 -74.66 54.51 -70.82
CA GLY J 181 -75.84 55.20 -71.35
C GLY J 181 -76.06 55.31 -72.87
N ARG J 182 -75.05 55.52 -73.71
CA ARG J 182 -75.29 55.68 -75.14
C ARG J 182 -75.65 54.34 -75.77
N ASP J 183 -75.04 53.28 -75.23
CA ASP J 183 -75.28 51.94 -75.69
C ASP J 183 -76.71 51.58 -75.43
N LEU J 184 -77.27 52.09 -74.33
CA LEU J 184 -78.63 51.83 -73.93
C LEU J 184 -79.62 52.73 -74.64
N THR J 185 -79.32 53.98 -75.00
CA THR J 185 -80.22 54.78 -75.85
C THR J 185 -80.37 54.20 -77.24
N ASP J 186 -79.25 53.75 -77.77
CA ASP J 186 -79.18 53.09 -79.05
C ASP J 186 -79.92 51.79 -79.20
N TYR J 187 -79.85 50.96 -78.17
CA TYR J 187 -80.50 49.67 -78.17
C TYR J 187 -81.99 49.82 -77.95
N LEU J 188 -82.39 50.87 -77.27
CA LEU J 188 -83.79 51.16 -77.05
C LEU J 188 -84.43 51.51 -78.39
N MET J 189 -83.81 52.41 -79.18
CA MET J 189 -84.31 52.90 -80.48
C MET J 189 -84.46 51.77 -81.47
N LYS J 190 -83.51 50.81 -81.50
CA LYS J 190 -83.59 49.63 -82.34
C LYS J 190 -84.70 48.75 -81.83
N ILE J 191 -84.88 48.46 -80.55
CA ILE J 191 -85.98 47.58 -80.26
C ILE J 191 -87.28 48.37 -80.53
N LEU J 192 -87.38 49.68 -80.34
CA LEU J 192 -88.58 50.48 -80.67
C LEU J 192 -88.91 50.57 -82.19
N THR J 193 -87.91 50.75 -83.06
CA THR J 193 -87.98 50.74 -84.54
C THR J 193 -88.26 49.32 -85.05
N GLU J 194 -87.86 48.29 -84.29
CA GLU J 194 -88.16 46.91 -84.67
C GLU J 194 -89.65 46.75 -84.53
N ARG J 195 -90.31 47.45 -83.59
CA ARG J 195 -91.76 47.39 -83.49
C ARG J 195 -92.42 48.24 -84.60
N GLY J 196 -91.74 48.49 -85.72
CA GLY J 196 -92.21 49.36 -86.77
C GLY J 196 -92.45 50.82 -86.31
N TYR J 197 -91.52 51.41 -85.56
CA TYR J 197 -91.63 52.81 -85.16
C TYR J 197 -90.62 53.53 -86.01
N SER J 198 -90.74 54.85 -85.94
CA SER J 198 -90.05 55.68 -86.90
C SER J 198 -89.39 56.84 -86.15
N PHE J 199 -88.07 56.82 -85.96
CA PHE J 199 -87.40 57.93 -85.27
C PHE J 199 -86.59 58.68 -86.28
N THR J 200 -87.33 59.01 -87.34
CA THR J 200 -86.61 59.47 -88.48
C THR J 200 -86.05 60.88 -88.44
N THR J 201 -86.48 61.84 -87.62
CA THR J 201 -85.89 63.17 -87.75
C THR J 201 -85.07 63.83 -86.65
N THR J 202 -83.74 63.74 -86.79
CA THR J 202 -82.67 64.35 -85.94
C THR J 202 -82.94 64.62 -84.46
N ALA J 203 -83.83 65.58 -84.13
CA ALA J 203 -84.26 65.95 -82.79
C ALA J 203 -84.75 64.63 -82.29
N GLU J 204 -85.75 64.01 -82.95
CA GLU J 204 -86.29 62.76 -82.44
C GLU J 204 -85.30 61.57 -82.31
N ARG J 205 -84.01 61.67 -82.66
CA ARG J 205 -83.00 60.65 -82.31
C ARG J 205 -82.60 60.84 -80.83
N GLU J 206 -82.73 62.08 -80.43
CA GLU J 206 -82.61 62.49 -79.06
C GLU J 206 -83.94 62.25 -78.36
N ILE J 207 -85.03 61.80 -78.97
CA ILE J 207 -86.27 61.57 -78.22
C ILE J 207 -86.32 60.16 -77.60
N VAL J 208 -85.42 59.26 -78.06
CA VAL J 208 -85.29 57.98 -77.40
C VAL J 208 -84.58 58.19 -76.05
N ARG J 209 -83.64 59.17 -75.92
CA ARG J 209 -82.94 59.51 -74.68
C ARG J 209 -83.97 59.78 -73.61
N ASP J 210 -85.04 60.52 -73.84
CA ASP J 210 -86.06 60.77 -72.82
C ASP J 210 -86.95 59.56 -72.54
N ILE J 211 -87.30 58.69 -73.51
CA ILE J 211 -88.10 57.51 -73.17
C ILE J 211 -87.24 56.64 -72.21
N LYS J 212 -85.97 56.46 -72.58
CA LYS J 212 -84.99 55.65 -71.90
C LYS J 212 -84.91 56.15 -70.52
N GLU J 213 -84.71 57.45 -70.37
CA GLU J 213 -84.52 57.90 -69.03
C GLU J 213 -85.86 57.95 -68.37
N LYS J 214 -87.01 58.13 -69.06
CA LYS J 214 -88.25 58.30 -68.33
C LYS J 214 -89.01 57.07 -67.99
N LEU J 215 -88.91 56.01 -68.76
CA LEU J 215 -89.75 54.84 -68.57
C LEU J 215 -88.93 53.62 -68.24
N CYS J 216 -87.61 53.53 -68.56
CA CYS J 216 -86.87 52.31 -68.22
C CYS J 216 -86.74 52.06 -66.73
N TYR J 217 -86.56 50.76 -66.52
CA TYR J 217 -86.65 50.05 -65.27
C TYR J 217 -85.69 48.87 -65.43
N VAL J 218 -85.20 48.40 -64.28
CA VAL J 218 -84.40 47.20 -64.18
C VAL J 218 -85.33 46.24 -63.43
N ALA J 219 -85.40 45.06 -64.02
CA ALA J 219 -86.19 43.93 -63.57
C ALA J 219 -85.40 43.16 -62.55
N LEU J 220 -86.04 42.55 -61.53
CA LEU J 220 -85.40 41.71 -60.50
C LEU J 220 -85.18 40.35 -61.08
N ASP J 221 -86.20 39.88 -61.74
CA ASP J 221 -86.02 38.64 -62.41
C ASP J 221 -86.46 38.88 -63.84
N PHE J 222 -85.52 39.20 -64.77
CA PHE J 222 -85.89 39.41 -66.18
C PHE J 222 -86.94 38.41 -66.65
N GLU J 223 -86.67 37.11 -66.43
CA GLU J 223 -87.52 35.97 -66.79
C GLU J 223 -88.95 36.08 -66.24
N GLN J 224 -89.20 36.12 -64.93
CA GLN J 224 -90.54 36.30 -64.51
C GLN J 224 -90.99 37.71 -64.84
N GLU J 225 -90.14 38.65 -65.28
CA GLU J 225 -90.63 39.96 -65.66
C GLU J 225 -91.13 39.95 -67.07
N MET J 226 -90.61 39.11 -67.94
CA MET J 226 -91.08 39.11 -69.30
C MET J 226 -92.52 38.56 -69.39
N ALA J 227 -92.88 37.57 -68.59
CA ALA J 227 -94.25 37.08 -68.54
C ALA J 227 -95.15 37.92 -67.65
N THR J 228 -94.50 38.88 -67.00
CA THR J 228 -95.17 39.97 -66.32
C THR J 228 -94.89 41.25 -67.15
N ALA J 229 -95.04 41.00 -68.47
CA ALA J 229 -95.16 41.95 -69.54
C ALA J 229 -96.31 41.18 -70.21
N ALA J 230 -96.26 39.87 -70.61
CA ALA J 230 -97.42 39.21 -71.21
C ALA J 230 -98.67 39.26 -70.34
N SER J 231 -98.63 39.38 -68.99
CA SER J 231 -99.81 39.61 -68.16
C SER J 231 -99.98 41.13 -68.04
N SER J 232 -99.99 41.76 -69.19
CA SER J 232 -99.91 43.17 -69.36
C SER J 232 -100.73 44.04 -68.42
N SER J 233 -101.88 44.55 -68.85
CA SER J 233 -102.64 45.59 -68.17
C SER J 233 -101.70 46.80 -67.91
N SER J 234 -100.93 46.78 -66.81
CA SER J 234 -100.17 47.90 -66.30
C SER J 234 -98.75 48.21 -66.83
N LEU J 235 -98.19 47.43 -67.75
CA LEU J 235 -96.81 47.66 -68.18
C LEU J 235 -96.64 48.62 -69.37
N GLU J 236 -97.62 48.74 -70.29
CA GLU J 236 -97.35 49.60 -71.43
C GLU J 236 -97.60 51.02 -70.92
N LYS J 237 -96.66 51.88 -71.26
CA LYS J 237 -96.85 53.32 -71.04
C LYS J 237 -96.67 54.03 -72.38
N SER J 238 -97.23 55.22 -72.51
CA SER J 238 -97.09 56.00 -73.73
C SER J 238 -96.29 57.32 -73.62
N TYR J 239 -95.63 57.47 -74.78
CA TYR J 239 -94.85 58.65 -75.05
C TYR J 239 -95.34 59.33 -76.35
N GLU J 240 -95.34 60.66 -76.24
CA GLU J 240 -95.89 61.56 -77.22
C GLU J 240 -94.77 62.19 -78.01
N LEU J 241 -94.83 62.02 -79.30
CA LEU J 241 -93.93 62.75 -80.17
C LEU J 241 -94.22 64.27 -80.18
N PRO J 242 -93.22 65.14 -80.37
CA PRO J 242 -93.39 66.52 -80.87
C PRO J 242 -94.41 66.56 -82.02
N ASP J 243 -94.23 65.69 -83.01
CA ASP J 243 -95.16 65.41 -84.09
C ASP J 243 -96.64 65.23 -83.66
N GLY J 244 -97.06 65.19 -82.38
CA GLY J 244 -98.46 64.92 -81.98
C GLY J 244 -98.73 63.43 -81.74
N GLN J 245 -98.05 62.55 -82.51
CA GLN J 245 -98.12 61.09 -82.50
C GLN J 245 -97.90 60.34 -81.16
N VAL J 246 -98.29 59.03 -81.07
CA VAL J 246 -98.05 58.26 -79.86
C VAL J 246 -97.13 57.03 -79.96
N ILE J 247 -96.48 56.73 -78.86
CA ILE J 247 -95.52 55.64 -78.76
C ILE J 247 -96.17 54.81 -77.70
N THR J 248 -96.06 53.50 -77.81
CA THR J 248 -96.37 52.72 -76.64
C THR J 248 -95.23 51.73 -76.43
N ILE J 249 -94.79 51.68 -75.16
CA ILE J 249 -93.66 50.88 -74.73
C ILE J 249 -94.10 49.97 -73.60
N GLY J 250 -93.67 48.75 -73.76
CA GLY J 250 -93.97 47.72 -72.80
C GLY J 250 -92.73 46.95 -72.44
N ASN J 251 -92.50 45.72 -72.99
CA ASN J 251 -91.40 44.90 -72.50
C ASN J 251 -90.00 45.52 -72.64
N GLU J 252 -89.96 46.44 -73.58
CA GLU J 252 -88.83 47.28 -73.85
C GLU J 252 -88.26 48.08 -72.68
N ARG J 253 -89.11 48.61 -71.83
CA ARG J 253 -88.69 49.42 -70.69
C ARG J 253 -87.66 48.77 -69.79
N PHE J 254 -87.84 47.48 -69.47
CA PHE J 254 -86.90 46.74 -68.61
C PHE J 254 -85.84 46.00 -69.44
N ARG J 255 -86.17 45.58 -70.68
CA ARG J 255 -85.29 44.94 -71.66
C ARG J 255 -84.16 45.89 -72.07
N CYS J 256 -84.30 47.20 -71.94
CA CYS J 256 -83.24 48.15 -72.28
C CYS J 256 -82.12 48.02 -71.20
N PRO J 257 -82.25 48.46 -69.93
CA PRO J 257 -81.19 48.35 -68.93
C PRO J 257 -80.68 46.95 -68.79
N GLU J 258 -81.40 45.87 -69.09
CA GLU J 258 -80.89 44.49 -69.05
C GLU J 258 -79.64 44.16 -69.84
N ALA J 259 -79.34 45.00 -70.82
CA ALA J 259 -78.11 44.85 -71.57
C ALA J 259 -76.91 45.16 -70.66
N LEU J 260 -77.09 45.85 -69.56
CA LEU J 260 -76.04 46.05 -68.58
C LEU J 260 -75.64 44.77 -67.87
N PHE J 261 -76.62 43.91 -67.60
CA PHE J 261 -76.41 42.66 -66.88
C PHE J 261 -76.05 41.49 -67.78
N GLN J 262 -76.56 41.56 -69.01
CA GLN J 262 -76.36 40.57 -70.04
C GLN J 262 -75.95 41.28 -71.32
N PRO J 263 -74.70 41.57 -71.63
CA PRO J 263 -74.34 42.31 -72.81
C PRO J 263 -74.40 41.46 -74.06
N SER J 264 -74.93 40.24 -73.98
CA SER J 264 -75.21 39.39 -75.11
C SER J 264 -76.38 40.05 -75.80
N PHE J 265 -77.29 40.69 -75.06
CA PHE J 265 -78.40 41.44 -75.65
C PHE J 265 -77.87 42.42 -76.63
N LEU J 266 -76.78 43.07 -76.33
CA LEU J 266 -76.11 43.94 -77.26
C LEU J 266 -75.20 43.23 -78.26
N GLY J 267 -74.94 41.93 -78.23
CA GLY J 267 -74.09 41.33 -79.25
C GLY J 267 -72.64 41.35 -78.81
N MET J 268 -72.44 41.70 -77.54
CA MET J 268 -71.15 41.73 -76.85
C MET J 268 -70.90 40.51 -75.99
N GLU J 269 -69.64 40.12 -76.09
CA GLU J 269 -69.15 39.01 -75.33
C GLU J 269 -69.00 39.39 -73.85
N SER J 270 -69.02 40.68 -73.46
CA SER J 270 -68.74 41.06 -72.09
C SER J 270 -69.67 40.51 -71.02
N CYS J 271 -69.04 40.29 -69.88
CA CYS J 271 -69.70 40.01 -68.63
C CYS J 271 -70.59 41.19 -68.35
N GLY J 272 -71.63 41.07 -67.57
CA GLY J 272 -72.36 42.25 -67.19
C GLY J 272 -71.75 42.87 -65.97
N ILE J 273 -72.31 44.02 -65.68
CA ILE J 273 -71.94 44.83 -64.53
C ILE J 273 -71.82 44.18 -63.14
N HIS J 274 -72.52 43.07 -62.96
CA HIS J 274 -72.58 42.42 -61.65
C HIS J 274 -71.38 41.49 -61.45
N GLU J 275 -70.86 41.02 -62.55
CA GLU J 275 -69.72 40.14 -62.55
C GLU J 275 -68.45 40.93 -62.51
N THR J 276 -68.41 42.08 -63.13
CA THR J 276 -67.26 42.93 -63.18
C THR J 276 -67.06 43.48 -61.77
N THR J 277 -68.01 44.07 -60.97
CA THR J 277 -67.79 44.40 -59.56
C THR J 277 -67.13 43.20 -58.84
N PHE J 278 -67.69 42.00 -58.94
CA PHE J 278 -67.10 40.78 -58.36
C PHE J 278 -65.72 40.43 -58.89
N ASN J 279 -65.33 40.75 -60.09
CA ASN J 279 -64.03 40.30 -60.53
C ASN J 279 -63.01 41.34 -60.15
N SER J 280 -63.33 42.60 -59.79
CA SER J 280 -62.36 43.57 -59.31
C SER J 280 -62.07 43.20 -57.86
N ILE J 281 -63.09 43.05 -57.04
CA ILE J 281 -63.02 42.53 -55.67
C ILE J 281 -62.13 41.31 -55.63
N MET J 282 -62.17 40.37 -56.52
CA MET J 282 -61.30 39.23 -56.38
C MET J 282 -59.82 39.46 -56.63
N LYS J 283 -59.50 40.60 -57.24
CA LYS J 283 -58.18 41.01 -57.65
C LYS J 283 -57.49 41.86 -56.58
N CYS J 284 -58.25 42.24 -55.56
CA CYS J 284 -57.69 43.04 -54.48
C CYS J 284 -57.07 42.21 -53.32
N ASP J 285 -56.39 42.91 -52.44
CA ASP J 285 -55.85 42.39 -51.21
C ASP J 285 -56.91 41.65 -50.45
N VAL J 286 -56.54 40.42 -50.12
CA VAL J 286 -57.34 39.51 -49.34
C VAL J 286 -57.93 40.17 -48.12
N ASP J 287 -57.25 41.12 -47.47
CA ASP J 287 -57.74 41.72 -46.21
C ASP J 287 -58.60 43.00 -46.45
N ILE J 288 -58.95 43.43 -47.69
CA ILE J 288 -59.84 44.54 -47.77
C ILE J 288 -61.09 44.10 -48.44
N ARG J 289 -61.19 42.93 -49.05
CA ARG J 289 -62.37 42.43 -49.73
C ARG J 289 -63.65 42.57 -48.92
N LYS J 290 -63.56 42.25 -47.63
CA LYS J 290 -64.75 42.31 -46.81
C LYS J 290 -65.19 43.75 -46.72
N ASP J 291 -64.28 44.69 -46.90
CA ASP J 291 -64.63 46.07 -46.85
C ASP J 291 -65.25 46.49 -48.16
N LEU J 292 -64.71 45.99 -49.26
CA LEU J 292 -65.24 46.29 -50.58
C LEU J 292 -66.69 45.69 -50.77
N TYR J 293 -67.07 44.50 -50.27
CA TYR J 293 -68.46 44.09 -50.31
C TYR J 293 -69.43 44.90 -49.47
N ALA J 294 -68.99 45.47 -48.36
CA ALA J 294 -69.84 46.25 -47.48
C ALA J 294 -70.07 47.65 -47.99
N ASN J 295 -69.28 48.05 -49.00
CA ASN J 295 -69.29 49.40 -49.53
C ASN J 295 -69.23 49.36 -51.05
N THR J 296 -70.30 48.87 -51.65
CA THR J 296 -70.41 48.88 -53.09
C THR J 296 -71.28 50.10 -53.30
N VAL J 297 -70.74 51.14 -53.96
CA VAL J 297 -71.43 52.42 -54.22
C VAL J 297 -71.61 52.52 -55.73
N LEU J 298 -72.77 52.99 -56.16
CA LEU J 298 -73.00 53.12 -57.58
C LEU J 298 -72.93 54.60 -57.90
N SER J 299 -72.34 55.01 -59.02
CA SER J 299 -72.43 56.42 -59.31
C SER J 299 -72.60 56.66 -60.78
N GLY J 300 -73.05 57.79 -61.31
CA GLY J 300 -73.18 57.99 -62.78
C GLY J 300 -74.61 58.01 -63.25
N GLY J 301 -74.98 58.67 -64.36
CA GLY J 301 -76.36 58.70 -64.89
C GLY J 301 -76.93 57.31 -65.21
N THR J 302 -76.21 56.36 -65.78
CA THR J 302 -76.77 55.05 -66.11
C THR J 302 -77.04 54.25 -64.82
N THR J 303 -76.83 54.74 -63.57
CA THR J 303 -77.12 53.94 -62.37
C THR J 303 -78.45 54.42 -61.79
N MET J 304 -79.10 55.29 -62.53
CA MET J 304 -80.31 55.88 -62.01
C MET J 304 -81.57 55.05 -62.22
N TYR J 305 -81.50 53.90 -62.88
CA TYR J 305 -82.65 53.10 -63.20
C TYR J 305 -83.35 52.55 -62.00
N PRO J 306 -84.66 52.67 -61.78
CA PRO J 306 -85.40 51.93 -60.79
C PRO J 306 -85.12 50.45 -60.95
N GLY J 307 -84.95 49.84 -59.74
CA GLY J 307 -84.52 48.48 -59.52
C GLY J 307 -83.01 48.21 -59.56
N ILE J 308 -82.10 49.16 -59.90
CA ILE J 308 -80.70 48.74 -60.08
C ILE J 308 -79.99 48.41 -58.77
N ALA J 309 -80.30 49.09 -57.67
CA ALA J 309 -79.72 48.74 -56.36
C ALA J 309 -80.10 47.36 -55.95
N ASP J 310 -81.40 47.04 -55.92
CA ASP J 310 -81.91 45.68 -55.63
C ASP J 310 -81.37 44.61 -56.53
N ARG J 311 -81.31 44.83 -57.81
CA ARG J 311 -80.83 43.82 -58.71
C ARG J 311 -79.34 43.70 -58.60
N MET J 312 -78.58 44.75 -58.35
CA MET J 312 -77.15 44.65 -58.12
C MET J 312 -76.99 43.82 -56.85
N GLN J 313 -77.63 44.14 -55.72
CA GLN J 313 -77.61 43.37 -54.49
C GLN J 313 -77.92 41.91 -54.75
N LYS J 314 -79.09 41.52 -55.23
CA LYS J 314 -79.47 40.15 -55.58
C LYS J 314 -78.38 39.41 -56.33
N GLU J 315 -77.69 40.09 -57.24
CA GLU J 315 -76.70 39.43 -58.06
C GLU J 315 -75.33 39.28 -57.44
N ILE J 316 -74.92 40.24 -56.63
CA ILE J 316 -73.64 40.13 -55.99
C ILE J 316 -73.81 39.17 -54.86
N THR J 317 -74.96 39.18 -54.19
CA THR J 317 -75.29 38.17 -53.20
C THR J 317 -75.23 36.74 -53.73
N ALA J 318 -75.52 36.48 -55.01
CA ALA J 318 -75.38 35.12 -55.52
C ALA J 318 -73.92 34.74 -55.77
N LEU J 319 -73.06 35.59 -56.34
CA LEU J 319 -71.64 35.22 -56.53
C LEU J 319 -70.76 35.22 -55.25
N ALA J 320 -71.12 36.06 -54.26
CA ALA J 320 -70.30 36.32 -53.10
C ALA J 320 -70.29 35.14 -52.15
N PRO J 321 -69.17 34.82 -51.42
CA PRO J 321 -69.17 33.78 -50.36
C PRO J 321 -70.42 33.89 -49.48
N SER J 322 -70.91 32.73 -49.01
CA SER J 322 -72.24 32.65 -48.37
C SER J 322 -72.51 33.42 -47.05
N THR J 323 -71.53 34.23 -46.69
CA THR J 323 -71.51 34.95 -45.46
C THR J 323 -71.35 36.44 -45.63
N MET J 324 -70.83 36.96 -46.77
CA MET J 324 -70.44 38.36 -46.85
C MET J 324 -71.60 39.28 -46.52
N LYS J 325 -71.49 40.34 -45.75
CA LYS J 325 -72.58 41.27 -45.54
C LYS J 325 -72.42 42.04 -46.83
N ILE J 326 -73.40 42.21 -47.70
CA ILE J 326 -73.21 42.96 -48.92
C ILE J 326 -74.11 44.16 -48.83
N LYS J 327 -73.55 45.35 -48.92
CA LYS J 327 -74.30 46.55 -48.71
C LYS J 327 -74.03 47.33 -49.99
N ILE J 328 -75.04 47.43 -50.84
CA ILE J 328 -74.93 48.16 -52.12
C ILE J 328 -75.33 49.57 -51.68
N ILE J 329 -74.76 50.73 -52.13
CA ILE J 329 -75.08 52.05 -51.58
C ILE J 329 -75.51 52.79 -52.81
N ALA J 330 -76.60 53.52 -52.78
CA ALA J 330 -77.03 54.16 -53.98
C ALA J 330 -77.70 55.43 -53.50
N PRO J 331 -76.81 56.42 -53.19
CA PRO J 331 -77.23 57.70 -52.66
C PRO J 331 -78.11 58.34 -53.72
N PRO J 332 -79.22 58.94 -53.36
CA PRO J 332 -80.14 59.48 -54.31
C PRO J 332 -79.55 60.63 -55.12
N GLU J 333 -78.33 61.17 -54.85
CA GLU J 333 -77.83 62.26 -55.65
C GLU J 333 -76.70 61.87 -56.54
N ARG J 334 -76.70 60.59 -56.86
CA ARG J 334 -75.65 59.90 -57.60
C ARG J 334 -75.39 60.17 -59.09
N LYS J 335 -76.90 63.03 -57.86
CA LYS J 335 -77.09 63.45 -59.26
C LYS J 335 -75.81 64.27 -59.55
N TYR J 336 -75.21 64.96 -58.58
CA TYR J 336 -74.00 65.75 -58.77
C TYR J 336 -72.63 65.21 -58.27
N SER J 337 -72.53 63.95 -57.82
CA SER J 337 -71.29 63.32 -57.34
C SER J 337 -70.09 63.55 -58.24
N VAL J 338 -70.09 63.23 -59.51
CA VAL J 338 -68.91 63.43 -60.30
C VAL J 338 -68.44 64.89 -60.24
N TRP J 339 -69.29 65.90 -60.30
CA TRP J 339 -68.82 67.25 -60.27
C TRP J 339 -68.31 67.59 -58.87
N ILE J 340 -68.87 67.26 -57.72
CA ILE J 340 -68.34 67.76 -56.45
C ILE J 340 -67.14 66.97 -55.99
N GLY J 341 -66.92 65.79 -56.55
CA GLY J 341 -65.68 65.07 -56.28
C GLY J 341 -64.47 65.71 -56.94
N GLY J 342 -64.66 66.26 -58.13
CA GLY J 342 -63.68 67.02 -58.87
C GLY J 342 -63.48 68.39 -58.26
N SER J 343 -64.51 69.20 -57.99
CA SER J 343 -64.37 70.39 -57.19
C SER J 343 -63.57 70.27 -55.90
N ILE J 344 -63.58 69.16 -55.14
CA ILE J 344 -62.84 68.89 -53.89
C ILE J 344 -61.36 68.70 -54.22
N LEU J 345 -61.22 67.74 -55.15
CA LEU J 345 -59.93 67.30 -55.64
C LEU J 345 -59.20 68.49 -56.21
N ALA J 346 -59.67 69.19 -57.25
CA ALA J 346 -58.95 70.30 -57.81
C ALA J 346 -58.79 71.53 -56.92
N SER J 347 -59.26 71.49 -55.65
CA SER J 347 -59.06 72.58 -54.73
C SER J 347 -57.97 72.24 -53.75
N LEU J 348 -57.62 70.97 -53.54
CA LEU J 348 -56.57 70.61 -52.58
C LEU J 348 -55.19 71.10 -53.10
N SER J 349 -54.26 71.58 -52.24
CA SER J 349 -52.98 72.03 -52.72
C SER J 349 -52.21 70.85 -53.21
N THR J 350 -52.62 69.67 -52.72
CA THR J 350 -52.20 68.34 -53.19
C THR J 350 -52.20 68.22 -54.74
N PHE J 351 -53.28 68.69 -55.34
CA PHE J 351 -53.57 68.46 -56.71
C PHE J 351 -52.67 69.21 -57.66
N GLN J 352 -52.17 70.38 -57.31
CA GLN J 352 -51.36 71.14 -58.24
C GLN J 352 -50.13 70.34 -58.62
N GLN J 353 -49.74 69.33 -57.85
CA GLN J 353 -48.68 68.47 -58.26
C GLN J 353 -49.56 67.29 -58.60
N MET J 354 -50.07 67.25 -59.81
CA MET J 354 -50.85 66.13 -60.30
C MET J 354 -51.28 66.46 -61.71
N TRP J 355 -51.38 67.75 -62.05
CA TRP J 355 -51.70 68.23 -63.40
C TRP J 355 -50.62 67.91 -64.43
N ILE J 356 -50.98 68.09 -65.69
CA ILE J 356 -50.12 68.02 -66.83
C ILE J 356 -50.05 69.51 -67.16
N SER J 357 -48.85 70.06 -67.19
CA SER J 357 -48.67 71.47 -67.41
C SER J 357 -48.43 71.74 -68.87
N LYS J 358 -48.54 73.02 -69.26
CA LYS J 358 -48.27 73.49 -70.63
C LYS J 358 -46.90 73.03 -70.97
N GLN J 359 -45.91 73.33 -70.11
CA GLN J 359 -44.53 72.84 -70.25
C GLN J 359 -44.43 71.35 -70.60
N GLU J 360 -45.13 70.50 -69.82
CA GLU J 360 -45.04 69.05 -70.03
C GLU J 360 -45.63 68.62 -71.34
N TYR J 361 -46.72 69.28 -71.72
CA TYR J 361 -47.37 68.95 -72.97
C TYR J 361 -46.41 69.19 -74.14
N ASP J 362 -45.63 70.28 -74.08
CA ASP J 362 -44.64 70.60 -75.10
C ASP J 362 -43.55 69.56 -75.17
N GLU J 363 -43.09 69.30 -73.94
CA GLU J 363 -42.05 68.35 -73.67
C GLU J 363 -42.52 67.06 -74.34
N SER J 364 -43.70 66.52 -73.99
CA SER J 364 -44.03 65.19 -74.44
C SER J 364 -44.89 65.11 -75.67
N GLY J 365 -45.92 65.91 -75.69
CA GLY J 365 -46.87 65.85 -76.77
C GLY J 365 -48.19 65.50 -76.13
N PRO J 366 -49.22 64.99 -76.83
CA PRO J 366 -50.48 64.50 -76.22
C PRO J 366 -50.50 63.16 -75.47
N SER J 367 -49.53 62.30 -75.80
CA SER J 367 -49.35 61.00 -75.21
C SER J 367 -49.28 61.10 -73.68
N ILE J 368 -48.54 62.04 -73.10
CA ILE J 368 -48.38 62.19 -71.67
C ILE J 368 -49.65 61.98 -70.84
N VAL J 369 -50.90 62.16 -71.37
CA VAL J 369 -52.14 61.93 -70.61
C VAL J 369 -52.12 60.50 -70.11
N HIS J 370 -51.56 59.55 -70.83
CA HIS J 370 -51.59 58.15 -70.42
C HIS J 370 -50.68 57.88 -69.25
N ARG J 371 -49.72 58.72 -69.08
CA ARG J 371 -48.72 58.49 -68.09
C ARG J 371 -49.28 59.10 -66.85
N LYS J 372 -49.75 60.34 -66.93
CA LYS J 372 -50.02 61.04 -65.71
C LYS J 372 -51.36 60.91 -65.12
N CYS J 373 -52.28 60.42 -65.92
CA CYS J 373 -53.64 60.27 -65.45
C CYS J 373 -53.95 58.77 -65.29
N PHE J 374 -53.05 58.17 -64.40
CA PHE J 374 -52.93 56.83 -63.71
C PHE J 374 -51.69 55.95 -63.36
N ALA K 1 97.92 -19.18 69.33
CA ALA K 1 99.22 -18.77 68.73
C ALA K 1 99.63 -19.72 67.62
N TRP K 2 99.33 -21.00 67.82
CA TRP K 2 99.66 -22.04 66.84
C TRP K 2 99.04 -21.72 65.47
N GLU K 3 97.86 -21.14 65.50
CA GLU K 3 97.14 -20.81 64.28
C GLU K 3 97.92 -19.88 63.38
N LYS K 4 98.46 -18.80 63.95
CA LYS K 4 99.24 -17.84 63.17
C LYS K 4 100.52 -18.47 62.65
N GLN K 5 101.16 -19.30 63.46
CA GLN K 5 102.41 -19.96 63.07
C GLN K 5 102.15 -20.94 61.93
N GLN K 6 101.23 -21.86 62.17
CA GLN K 6 100.86 -22.87 61.20
C GLN K 6 100.49 -22.27 59.86
N ARG K 7 99.86 -21.11 59.89
CA ARG K 7 99.44 -20.43 58.67
C ARG K 7 100.67 -19.98 57.89
N LYS K 8 101.64 -19.41 58.59
CA LYS K 8 102.86 -18.94 57.95
C LYS K 8 103.67 -20.11 57.39
N THR K 9 103.90 -21.12 58.23
CA THR K 9 104.67 -22.28 57.79
C THR K 9 104.00 -23.03 56.65
N PHE K 10 102.71 -23.34 56.80
CA PHE K 10 101.98 -24.05 55.74
C PHE K 10 102.00 -23.25 54.44
N THR K 11 101.80 -21.94 54.53
CA THR K 11 101.80 -21.09 53.34
C THR K 11 103.17 -21.17 52.64
N ALA K 12 104.23 -20.97 53.40
CA ALA K 12 105.58 -21.06 52.84
C ALA K 12 105.80 -22.42 52.20
N TRP K 13 105.33 -23.48 52.84
CA TRP K 13 105.51 -24.83 52.30
C TRP K 13 104.77 -24.97 50.97
N CYS K 14 103.51 -24.55 50.95
CA CYS K 14 102.70 -24.64 49.74
C CYS K 14 103.36 -23.88 48.60
N ASN K 15 103.84 -22.67 48.91
CA ASN K 15 104.50 -21.82 47.93
C ASN K 15 105.80 -22.40 47.37
N SER K 16 106.56 -23.12 48.21
CA SER K 16 107.82 -23.69 47.77
C SER K 16 107.58 -24.79 46.73
N HIS K 17 106.33 -25.24 46.62
CA HIS K 17 105.97 -26.25 45.64
C HIS K 17 105.25 -25.62 44.45
N LEU K 18 104.30 -24.75 44.75
CA LEU K 18 103.55 -24.07 43.70
C LEU K 18 104.44 -23.26 42.77
N ARG K 19 105.55 -22.77 43.28
CA ARG K 19 106.48 -21.97 42.47
C ARG K 19 106.99 -22.74 41.25
N LYS K 20 106.96 -24.07 41.35
CA LYS K 20 107.40 -24.90 40.22
C LYS K 20 106.36 -24.82 39.11
N ALA K 21 105.13 -24.47 39.50
CA ALA K 21 104.04 -24.34 38.55
C ALA K 21 103.83 -22.86 38.21
N GLY K 22 104.82 -22.05 38.58
CA GLY K 22 104.82 -20.63 38.29
C GLY K 22 103.78 -19.77 39.02
N THR K 23 103.31 -20.22 40.17
CA THR K 23 102.34 -19.43 40.90
C THR K 23 102.71 -19.41 42.36
N GLN K 24 101.96 -18.63 43.14
CA GLN K 24 102.11 -18.61 44.59
C GLN K 24 100.76 -18.24 45.19
N ILE K 25 100.66 -18.31 46.51
CA ILE K 25 99.46 -17.88 47.22
C ILE K 25 99.92 -16.83 48.23
N GLU K 26 99.02 -15.94 48.60
CA GLU K 26 99.37 -14.92 49.56
C GLU K 26 98.68 -15.23 50.89
N ASN K 27 97.35 -15.25 50.88
CA ASN K 27 96.60 -15.53 52.10
C ASN K 27 95.97 -16.91 51.96
N ILE K 28 96.47 -17.85 52.75
CA ILE K 28 96.00 -19.23 52.70
C ILE K 28 94.50 -19.36 52.92
N GLU K 29 93.93 -18.42 53.69
CA GLU K 29 92.49 -18.46 53.97
C GLU K 29 91.63 -17.87 52.85
N GLU K 30 92.26 -17.55 51.72
CA GLU K 30 91.55 -17.00 50.55
C GLU K 30 91.87 -17.74 49.26
N ASP K 31 93.18 -17.90 49.03
CA ASP K 31 93.71 -18.49 47.81
C ASP K 31 93.47 -19.97 47.49
N PHE K 32 92.74 -20.68 48.35
CA PHE K 32 92.43 -22.07 48.11
C PHE K 32 90.93 -22.27 48.04
N ARG K 33 90.19 -21.18 48.26
CA ARG K 33 88.73 -21.20 48.24
C ARG K 33 88.14 -21.71 46.93
N ASN K 34 88.76 -21.35 45.80
CA ASN K 34 88.25 -21.77 44.51
C ASN K 34 88.83 -23.12 44.07
N GLY K 35 89.68 -23.69 44.92
CA GLY K 35 90.29 -24.99 44.66
C GLY K 35 91.28 -25.16 43.51
N LEU K 36 91.48 -24.12 42.71
CA LEU K 36 92.40 -24.20 41.57
C LEU K 36 93.85 -24.50 41.97
N LYS K 37 94.44 -23.64 42.79
CA LYS K 37 95.81 -23.83 43.21
C LYS K 37 95.93 -25.01 44.16
N LEU K 38 94.80 -25.43 44.73
CA LEU K 38 94.79 -26.59 45.62
C LEU K 38 95.01 -27.81 44.74
N MET K 39 94.30 -27.84 43.60
CA MET K 39 94.43 -28.93 42.65
C MET K 39 95.83 -28.88 42.05
N LEU K 40 96.28 -27.67 41.71
CA LEU K 40 97.59 -27.47 41.13
C LEU K 40 98.68 -27.97 42.09
N LEU K 41 98.53 -27.67 43.37
CA LEU K 41 99.49 -28.10 44.39
C LEU K 41 99.58 -29.61 44.46
N LEU K 42 98.43 -30.29 44.40
CA LEU K 42 98.38 -31.74 44.47
C LEU K 42 99.04 -32.42 43.26
N GLU K 43 98.87 -31.84 42.07
CA GLU K 43 99.49 -32.44 40.89
C GLU K 43 101.01 -32.24 40.99
N VAL K 44 101.42 -31.08 41.48
CA VAL K 44 102.84 -30.79 41.65
C VAL K 44 103.55 -31.77 42.57
N ILE K 45 103.03 -31.94 43.78
CA ILE K 45 103.68 -32.83 44.78
C ILE K 45 103.51 -34.32 44.52
N SER K 46 102.47 -34.72 43.79
CA SER K 46 102.27 -36.15 43.54
C SER K 46 102.83 -36.55 42.19
N GLY K 47 102.92 -35.59 41.28
CA GLY K 47 103.40 -35.91 39.94
C GLY K 47 102.33 -36.58 39.12
N GLU K 48 101.09 -36.55 39.63
CA GLU K 48 99.95 -37.15 38.93
C GLU K 48 99.02 -36.09 38.34
N ARG K 49 98.08 -36.53 37.52
CA ARG K 49 97.12 -35.62 36.92
C ARG K 49 95.76 -35.75 37.59
N LEU K 50 95.22 -34.63 38.07
CA LEU K 50 93.89 -34.64 38.67
C LEU K 50 92.89 -34.39 37.55
N PRO K 51 91.58 -34.58 37.83
CA PRO K 51 90.59 -34.26 36.83
C PRO K 51 90.73 -32.79 36.41
N ARG K 52 90.21 -32.45 35.25
CA ARG K 52 90.31 -31.06 34.82
C ARG K 52 89.40 -30.18 35.68
N PRO K 53 89.81 -28.95 35.93
CA PRO K 53 88.99 -27.99 36.68
C PRO K 53 87.72 -27.61 35.93
N ASP K 54 86.70 -27.21 36.68
CA ASP K 54 85.44 -26.72 36.13
C ASP K 54 85.65 -25.25 35.86
N LYS K 55 85.20 -24.77 34.71
CA LYS K 55 85.33 -23.35 34.40
C LYS K 55 84.14 -22.62 35.04
N GLY K 56 84.42 -21.46 35.66
CA GLY K 56 83.38 -20.69 36.31
C GLY K 56 83.85 -20.18 37.66
N LYS K 57 83.22 -19.11 38.16
CA LYS K 57 83.63 -18.54 39.45
C LYS K 57 82.53 -18.61 40.50
N MET K 58 81.42 -19.25 40.16
CA MET K 58 80.31 -19.38 41.10
C MET K 58 80.66 -20.30 42.26
N ARG K 59 79.87 -20.21 43.32
CA ARG K 59 80.07 -21.03 44.50
C ARG K 59 80.10 -22.51 44.16
N PHE K 60 79.11 -22.97 43.38
CA PHE K 60 79.07 -24.36 43.01
C PHE K 60 80.29 -24.84 42.19
N HIS K 61 80.89 -23.94 41.42
CA HIS K 61 82.08 -24.28 40.64
C HIS K 61 83.23 -24.53 41.61
N LYS K 62 83.29 -23.74 42.68
CA LYS K 62 84.33 -23.88 43.68
C LYS K 62 84.17 -25.19 44.44
N ILE K 63 82.94 -25.50 44.84
CA ILE K 63 82.66 -26.74 45.55
C ILE K 63 83.12 -27.92 44.69
N ALA K 64 82.82 -27.85 43.41
CA ALA K 64 83.17 -28.93 42.49
C ALA K 64 84.68 -29.10 42.36
N ASN K 65 85.41 -28.00 42.22
CA ASN K 65 86.84 -28.12 42.09
C ASN K 65 87.50 -28.53 43.42
N VAL K 66 87.06 -27.96 44.54
CA VAL K 66 87.62 -28.35 45.84
C VAL K 66 87.33 -29.83 46.08
N ASN K 67 86.21 -30.31 45.56
CA ASN K 67 85.86 -31.73 45.75
C ASN K 67 86.76 -32.63 44.91
N LYS K 68 87.28 -32.11 43.80
CA LYS K 68 88.17 -32.89 42.97
C LYS K 68 89.44 -33.13 43.77
N ALA K 69 89.90 -32.08 44.45
CA ALA K 69 91.10 -32.15 45.31
C ALA K 69 90.83 -33.07 46.49
N LEU K 70 89.78 -32.78 47.24
CA LEU K 70 89.45 -33.60 48.41
C LEU K 70 89.34 -35.09 48.07
N ASP K 71 88.69 -35.41 46.94
CA ASP K 71 88.55 -36.80 46.53
C ASP K 71 89.92 -37.41 46.18
N PHE K 72 90.73 -36.64 45.46
CA PHE K 72 92.07 -37.14 45.09
C PHE K 72 92.85 -37.54 46.37
N ILE K 73 92.79 -36.68 47.39
CA ILE K 73 93.46 -36.92 48.66
C ILE K 73 92.89 -38.16 49.33
N ALA K 74 91.55 -38.22 49.41
CA ALA K 74 90.89 -39.36 50.02
C ALA K 74 91.28 -40.65 49.32
N SER K 75 91.47 -40.58 48.00
CA SER K 75 91.83 -41.74 47.21
C SER K 75 93.23 -42.25 47.54
N LYS K 76 94.01 -41.41 48.23
CA LYS K 76 95.36 -41.76 48.62
C LYS K 76 95.40 -42.35 50.01
N GLY K 77 94.27 -42.92 50.43
CA GLY K 77 94.18 -43.52 51.74
C GLY K 77 94.06 -42.51 52.86
N VAL K 78 93.59 -41.32 52.53
CA VAL K 78 93.42 -40.26 53.50
C VAL K 78 91.96 -40.14 53.95
N LYS K 79 91.75 -39.96 55.25
CA LYS K 79 90.40 -39.85 55.79
C LYS K 79 90.12 -38.40 56.13
N LEU K 80 89.56 -37.65 55.19
CA LEU K 80 89.24 -36.25 55.45
C LEU K 80 88.26 -36.22 56.61
N VAL K 81 88.77 -35.94 57.81
CA VAL K 81 87.91 -35.88 58.98
C VAL K 81 87.10 -34.63 59.13
N SER K 82 85.80 -34.76 58.96
CA SER K 82 84.91 -33.63 59.07
C SER K 82 85.35 -32.46 58.19
N ILE K 83 86.16 -32.76 57.18
CA ILE K 83 86.64 -31.74 56.25
C ILE K 83 85.84 -31.78 54.95
N GLY K 84 84.93 -30.84 54.78
CA GLY K 84 84.11 -30.78 53.59
C GLY K 84 84.46 -29.61 52.68
N ALA K 85 84.13 -29.74 51.40
CA ALA K 85 84.43 -28.69 50.42
C ALA K 85 83.77 -27.36 50.81
N GLU K 86 82.59 -27.43 51.42
CA GLU K 86 81.89 -26.22 51.83
C GLU K 86 82.77 -25.32 52.72
N GLU K 87 83.35 -25.90 53.76
CA GLU K 87 84.21 -25.14 54.66
C GLU K 87 85.41 -24.54 53.93
N ILE K 88 85.95 -25.29 52.96
CA ILE K 88 87.11 -24.83 52.18
C ILE K 88 86.69 -23.67 51.28
N VAL K 89 85.54 -23.81 50.65
CA VAL K 89 85.01 -22.79 49.76
C VAL K 89 84.72 -21.53 50.58
N ASP K 90 84.24 -21.75 51.80
CA ASP K 90 83.92 -20.65 52.71
C ASP K 90 85.14 -20.00 53.32
N GLY K 91 86.32 -20.54 53.06
CA GLY K 91 87.54 -19.95 53.61
C GLY K 91 87.76 -20.18 55.10
N ASN K 92 87.14 -21.22 55.66
CA ASN K 92 87.29 -21.52 57.08
C ASN K 92 88.78 -21.83 57.37
N LEU K 93 89.36 -21.10 58.30
CA LEU K 93 90.78 -21.28 58.62
C LEU K 93 91.15 -22.63 59.24
N LYS K 94 90.49 -23.00 60.32
CA LYS K 94 90.79 -24.27 60.98
C LYS K 94 90.69 -25.44 60.01
N MET K 95 89.63 -25.47 59.21
CA MET K 95 89.43 -26.54 58.26
C MET K 95 90.48 -26.51 57.14
N THR K 96 90.80 -25.31 56.66
CA THR K 96 91.79 -25.17 55.60
C THR K 96 93.17 -25.61 56.07
N LEU K 97 93.58 -25.14 57.25
CA LEU K 97 94.88 -25.54 57.77
C LEU K 97 94.90 -27.04 58.06
N GLY K 98 93.76 -27.58 58.48
CA GLY K 98 93.67 -29.00 58.76
C GLY K 98 93.89 -29.79 57.47
N MET K 99 93.28 -29.30 56.40
CA MET K 99 93.41 -29.96 55.09
C MET K 99 94.86 -29.94 54.59
N ILE K 100 95.51 -28.79 54.66
CA ILE K 100 96.88 -28.68 54.19
C ILE K 100 97.84 -29.56 54.99
N TRP K 101 97.63 -29.66 56.31
CA TRP K 101 98.50 -30.52 57.10
C TRP K 101 98.31 -31.95 56.60
N THR K 102 97.04 -32.33 56.42
CA THR K 102 96.72 -33.66 55.94
C THR K 102 97.50 -33.95 54.66
N ILE K 103 97.59 -32.95 53.78
CA ILE K 103 98.32 -33.08 52.52
C ILE K 103 99.83 -33.12 52.77
N ILE K 104 100.31 -32.28 53.68
CA ILE K 104 101.74 -32.25 54.00
C ILE K 104 102.15 -33.61 54.57
N LEU K 105 101.33 -34.12 55.48
CA LEU K 105 101.62 -35.39 56.11
C LEU K 105 101.56 -36.53 55.10
N ARG K 106 100.50 -36.55 54.30
CA ARG K 106 100.34 -37.63 53.32
C ARG K 106 101.34 -37.66 52.16
N PHE K 107 101.63 -36.48 51.58
CA PHE K 107 102.52 -36.46 50.43
C PHE K 107 103.99 -36.14 50.69
N ALA K 108 104.35 -35.81 51.93
CA ALA K 108 105.75 -35.46 52.20
C ALA K 108 106.34 -36.19 53.42
N ILE K 109 105.49 -36.84 54.20
CA ILE K 109 105.99 -37.51 55.41
C ILE K 109 105.61 -38.99 55.52
N ALA L 1 20.03 -61.25 74.41
CA ALA L 1 19.01 -61.54 75.46
C ALA L 1 18.72 -60.30 76.29
N TRP L 2 19.76 -59.52 76.55
CA TRP L 2 19.64 -58.29 77.34
C TRP L 2 18.59 -57.35 76.73
N GLU L 3 18.53 -57.33 75.41
CA GLU L 3 17.61 -56.46 74.69
C GLU L 3 16.16 -56.71 75.08
N LYS L 4 15.74 -57.97 75.07
CA LYS L 4 14.37 -58.32 75.43
C LYS L 4 14.08 -58.00 76.89
N GLN L 5 15.06 -58.25 77.77
CA GLN L 5 14.89 -57.98 79.19
C GLN L 5 14.76 -56.49 79.43
N GLN L 6 15.76 -55.74 78.97
CA GLN L 6 15.79 -54.30 79.12
C GLN L 6 14.53 -53.63 78.62
N ARG L 7 13.96 -54.19 77.56
CA ARG L 7 12.74 -53.63 76.98
C ARG L 7 11.58 -53.81 77.95
N LYS L 8 11.48 -55.00 78.54
CA LYS L 8 10.42 -55.27 79.49
C LYS L 8 10.56 -54.42 80.76
N THR L 9 11.76 -54.42 81.34
CA THR L 9 12.01 -53.63 82.54
C THR L 9 11.82 -52.14 82.32
N PHE L 10 12.45 -51.61 81.27
CA PHE L 10 12.31 -50.19 80.97
C PHE L 10 10.86 -49.79 80.73
N THR L 11 10.13 -50.64 80.00
CA THR L 11 8.72 -50.36 79.72
C THR L 11 7.93 -50.30 81.04
N ALA L 12 8.09 -51.31 81.87
CA ALA L 12 7.40 -51.34 83.17
C ALA L 12 7.77 -50.09 83.98
N TRP L 13 9.03 -49.70 83.95
CA TRP L 13 9.46 -48.52 84.71
C TRP L 13 8.77 -47.27 84.18
N CYS L 14 8.80 -47.09 82.87
CA CYS L 14 8.18 -45.92 82.25
C CYS L 14 6.70 -45.85 82.60
N ASN L 15 6.03 -47.00 82.51
CA ASN L 15 4.61 -47.10 82.81
C ASN L 15 4.26 -46.79 84.27
N SER L 16 5.14 -47.17 85.21
CA SER L 16 4.89 -46.92 86.61
C SER L 16 4.89 -45.43 86.92
N HIS L 17 5.41 -44.63 85.99
CA HIS L 17 5.44 -43.19 86.14
C HIS L 17 4.35 -42.54 85.30
N LEU L 18 4.24 -42.96 84.06
CA LEU L 18 3.23 -42.43 83.15
C LEU L 18 1.81 -42.61 83.69
N ARG L 19 1.59 -43.67 84.45
CA ARG L 19 0.26 -43.93 85.01
C ARG L 19 -0.24 -42.77 85.87
N LYS L 20 0.69 -41.98 86.40
CA LYS L 20 0.30 -40.82 87.21
C LYS L 20 -0.30 -39.76 86.29
N ALA L 21 0.06 -39.83 85.01
CA ALA L 21 -0.44 -38.87 84.02
C ALA L 21 -1.58 -39.53 83.24
N GLY L 22 -2.09 -40.64 83.78
CA GLY L 22 -3.21 -41.35 83.21
C GLY L 22 -2.98 -42.05 81.86
N THR L 23 -1.74 -42.39 81.55
CA THR L 23 -1.49 -43.07 80.29
C THR L 23 -0.53 -44.21 80.53
N GLN L 24 -0.29 -44.98 79.48
CA GLN L 24 0.72 -46.04 79.52
C GLN L 24 1.25 -46.23 78.10
N ILE L 25 2.27 -47.06 77.95
CA ILE L 25 2.80 -47.41 76.64
C ILE L 25 2.74 -48.93 76.56
N GLU L 26 2.66 -49.46 75.35
CA GLU L 26 2.61 -50.90 75.18
C GLU L 26 3.95 -51.36 74.60
N ASN L 27 4.28 -50.89 73.40
CA ASN L 27 5.53 -51.29 72.76
C ASN L 27 6.47 -50.10 72.78
N ILE L 28 7.53 -50.21 73.57
CA ILE L 28 8.49 -49.14 73.72
C ILE L 28 9.10 -48.69 72.40
N GLU L 29 9.21 -49.62 71.46
CA GLU L 29 9.78 -49.29 70.14
C GLU L 29 8.81 -48.61 69.19
N GLU L 30 7.63 -48.24 69.70
CA GLU L 30 6.60 -47.56 68.90
C GLU L 30 6.06 -46.32 69.57
N ASP L 31 5.67 -46.50 70.84
CA ASP L 31 5.04 -45.45 71.65
C ASP L 31 5.82 -44.21 72.06
N PHE L 32 7.08 -44.10 71.65
CA PHE L 32 7.88 -42.93 71.97
C PHE L 32 8.33 -42.24 70.68
N ARG L 33 7.96 -42.84 69.55
CA ARG L 33 8.32 -42.31 68.23
C ARG L 33 7.85 -40.88 67.99
N ASN L 34 6.64 -40.56 68.47
CA ASN L 34 6.11 -39.22 68.27
C ASN L 34 6.51 -38.26 69.40
N GLY L 35 7.28 -38.77 70.34
CA GLY L 35 7.78 -37.96 71.45
C GLY L 35 6.82 -37.40 72.49
N LEU L 36 5.52 -37.59 72.29
CA LEU L 36 4.53 -37.06 73.23
C LEU L 36 4.65 -37.64 74.64
N LYS L 37 4.54 -38.96 74.77
CA LYS L 37 4.63 -39.60 76.06
C LYS L 37 6.06 -39.54 76.61
N LEU L 38 7.01 -39.27 75.72
CA LEU L 38 8.40 -39.13 76.14
C LEU L 38 8.50 -37.83 76.90
N MET L 39 7.86 -36.78 76.35
CA MET L 39 7.85 -35.47 76.98
C MET L 39 7.03 -35.57 78.27
N LEU L 40 5.90 -36.27 78.19
CA LEU L 40 5.03 -36.44 79.34
C LEU L 40 5.78 -37.15 80.47
N LEU L 41 6.55 -38.17 80.12
CA LEU L 41 7.33 -38.94 81.10
C LEU L 41 8.33 -38.04 81.82
N LEU L 42 9.00 -37.18 81.06
CA LEU L 42 10.00 -36.27 81.62
C LEU L 42 9.39 -35.23 82.57
N GLU L 43 8.21 -34.73 82.25
CA GLU L 43 7.58 -33.75 83.14
C GLU L 43 7.16 -34.46 84.43
N VAL L 44 6.66 -35.69 84.29
CA VAL L 44 6.24 -36.47 85.44
C VAL L 44 7.37 -36.72 86.43
N ILE L 45 8.49 -37.26 85.96
CA ILE L 45 9.62 -37.59 86.87
C ILE L 45 10.43 -36.41 87.34
N SER L 46 10.42 -35.29 86.61
CA SER L 46 11.21 -34.14 87.04
C SER L 46 10.35 -33.15 87.80
N GLY L 47 9.05 -33.16 87.54
CA GLY L 47 8.17 -32.21 88.19
C GLY L 47 8.28 -30.84 87.54
N GLU L 48 8.92 -30.78 86.38
CA GLU L 48 9.09 -29.53 85.64
C GLU L 48 8.21 -29.49 84.39
N ARG L 49 8.13 -28.33 83.77
CA ARG L 49 7.34 -28.17 82.56
C ARG L 49 8.25 -28.07 81.35
N LEU L 50 8.01 -28.94 80.36
CA LEU L 50 8.78 -28.90 79.12
C LEU L 50 8.05 -27.93 78.18
N PRO L 51 8.70 -27.57 77.05
CA PRO L 51 8.01 -26.74 76.08
C PRO L 51 6.74 -27.44 75.62
N ARG L 52 5.79 -26.68 75.08
CA ARG L 52 4.56 -27.31 74.62
C ARG L 52 4.84 -28.16 73.38
N PRO L 53 4.13 -29.26 73.21
CA PRO L 53 4.26 -30.11 72.02
C PRO L 53 3.79 -29.40 70.77
N ASP L 54 4.33 -29.83 69.62
CA ASP L 54 3.92 -29.33 68.31
C ASP L 54 2.73 -30.16 67.90
N LYS L 55 1.70 -29.52 67.36
CA LYS L 55 0.52 -30.27 66.91
C LYS L 55 0.80 -30.76 65.50
N GLY L 56 0.44 -32.02 65.23
CA GLY L 56 0.68 -32.61 63.92
C GLY L 56 1.20 -34.03 64.05
N LYS L 57 1.04 -34.85 63.01
CA LYS L 57 1.50 -36.24 63.05
C LYS L 57 2.57 -36.54 62.02
N MET L 58 3.02 -35.51 61.30
CA MET L 58 4.05 -35.69 60.29
C MET L 58 5.40 -36.02 60.91
N ARG L 59 6.31 -36.54 60.10
CA ARG L 59 7.65 -36.89 60.54
C ARG L 59 8.34 -35.71 61.21
N PHE L 60 8.31 -34.55 60.56
CA PHE L 60 8.96 -33.38 61.13
C PHE L 60 8.37 -32.94 62.48
N HIS L 61 7.08 -33.19 62.70
CA HIS L 61 6.44 -32.85 63.96
C HIS L 61 7.02 -33.74 65.05
N LYS L 62 7.27 -35.00 64.70
CA LYS L 62 7.84 -35.95 65.65
C LYS L 62 9.26 -35.59 66.00
N ILE L 63 10.06 -35.23 65.00
CA ILE L 63 11.43 -34.84 65.21
C ILE L 63 11.47 -33.65 66.17
N ALA L 64 10.57 -32.70 65.95
CA ALA L 64 10.51 -31.51 66.78
C ALA L 64 10.15 -31.82 68.22
N ASN L 65 9.16 -32.69 68.43
CA ASN L 65 8.79 -33.01 69.80
C ASN L 65 9.86 -33.88 70.48
N VAL L 66 10.41 -34.86 69.78
CA VAL L 66 11.46 -35.70 70.36
C VAL L 66 12.67 -34.82 70.70
N ASN L 67 12.87 -33.76 69.91
CA ASN L 67 14.01 -32.87 70.18
C ASN L 67 13.76 -32.02 71.43
N LYS L 68 12.49 -31.78 71.75
CA LYS L 68 12.17 -31.01 72.94
C LYS L 68 12.60 -31.84 74.14
N ALA L 69 12.30 -33.14 74.08
CA ALA L 69 12.67 -34.09 75.14
C ALA L 69 14.18 -34.23 75.21
N LEU L 70 14.80 -34.56 74.09
CA LEU L 70 16.25 -34.72 74.05
C LEU L 70 17.00 -33.49 74.59
N ASP L 71 16.55 -32.30 74.21
CA ASP L 71 17.18 -31.07 74.68
C ASP L 71 16.98 -30.92 76.20
N PHE L 72 15.76 -31.19 76.67
CA PHE L 72 15.49 -31.08 78.10
C PHE L 72 16.48 -31.96 78.90
N ILE L 73 16.68 -33.19 78.43
CA ILE L 73 17.58 -34.15 79.06
C ILE L 73 19.01 -33.62 79.01
N ALA L 74 19.44 -33.17 77.82
CA ALA L 74 20.78 -32.64 77.66
C ALA L 74 21.00 -31.46 78.59
N SER L 75 19.95 -30.67 78.82
CA SER L 75 20.05 -29.50 79.67
C SER L 75 20.27 -29.88 81.14
N LYS L 76 20.03 -31.15 81.46
CA LYS L 76 20.21 -31.67 82.80
C LYS L 76 21.59 -32.25 82.99
N GLY L 77 22.54 -31.79 82.17
CA GLY L 77 23.90 -32.27 82.27
C GLY L 77 24.08 -33.65 81.67
N VAL L 78 23.19 -34.03 80.77
CA VAL L 78 23.25 -35.32 80.10
C VAL L 78 23.86 -35.19 78.71
N LYS L 79 24.74 -36.13 78.37
CA LYS L 79 25.38 -36.12 77.06
C LYS L 79 24.77 -37.19 76.18
N LEU L 80 23.74 -36.83 75.42
CA LEU L 80 23.11 -37.80 74.53
C LEU L 80 24.17 -38.28 73.55
N VAL L 81 24.73 -39.45 73.83
CA VAL L 81 25.75 -40.00 72.95
C VAL L 81 25.25 -40.62 71.68
N SER L 82 25.55 -39.97 70.56
CA SER L 82 25.11 -40.48 69.27
C SER L 82 23.61 -40.77 69.25
N ILE L 83 22.88 -40.16 70.17
CA ILE L 83 21.43 -40.35 70.23
C ILE L 83 20.72 -39.14 69.61
N GLY L 84 20.20 -39.33 68.40
CA GLY L 84 19.51 -38.26 67.71
C GLY L 84 18.01 -38.50 67.59
N ALA L 85 17.24 -37.43 67.43
CA ALA L 85 15.79 -37.54 67.32
C ALA L 85 15.38 -38.43 66.15
N GLU L 86 16.14 -38.40 65.07
CA GLU L 86 15.84 -39.23 63.90
C GLU L 86 15.69 -40.71 64.27
N GLU L 87 16.68 -41.26 64.97
CA GLU L 87 16.62 -42.66 65.38
C GLU L 87 15.41 -42.94 66.26
N ILE L 88 15.06 -41.98 67.12
CA ILE L 88 13.92 -42.15 68.03
C ILE L 88 12.61 -42.13 67.23
N VAL L 89 12.53 -41.21 66.28
CA VAL L 89 11.37 -41.07 65.43
C VAL L 89 11.22 -42.34 64.59
N ASP L 90 12.36 -42.88 64.17
CA ASP L 90 12.39 -44.08 63.37
C ASP L 90 12.10 -45.36 64.16
N GLY L 91 11.97 -45.22 65.48
CA GLY L 91 11.70 -46.39 66.30
C GLY L 91 12.87 -47.35 66.49
N ASN L 92 14.10 -46.85 66.35
CA ASN L 92 15.28 -47.69 66.52
C ASN L 92 15.32 -48.20 67.97
N LEU L 93 15.38 -49.51 68.14
CA LEU L 93 15.38 -50.09 69.48
C LEU L 93 16.61 -49.78 70.34
N LYS L 94 17.80 -50.06 69.83
CA LYS L 94 19.02 -49.80 70.58
C LYS L 94 19.08 -48.35 71.05
N MET L 95 18.79 -47.43 70.15
CA MET L 95 18.84 -46.01 70.47
C MET L 95 17.75 -45.62 71.47
N THR L 96 16.56 -46.18 71.30
CA THR L 96 15.45 -45.88 72.20
C THR L 96 15.74 -46.39 73.61
N LEU L 97 16.18 -47.63 73.72
CA LEU L 97 16.51 -48.19 75.02
C LEU L 97 17.67 -47.42 75.65
N GLY L 98 18.61 -46.98 74.82
CA GLY L 98 19.75 -46.22 75.32
C GLY L 98 19.27 -44.92 75.92
N MET L 99 18.33 -44.28 75.23
CA MET L 99 17.77 -43.01 75.71
C MET L 99 17.05 -43.17 77.05
N ILE L 100 16.19 -44.18 77.14
CA ILE L 100 15.44 -44.39 78.38
C ILE L 100 16.35 -44.71 79.56
N TRP L 101 17.43 -45.47 79.33
CA TRP L 101 18.33 -45.77 80.43
C TRP L 101 18.94 -44.44 80.88
N THR L 102 19.36 -43.63 79.90
CA THR L 102 19.96 -42.35 80.20
C THR L 102 19.02 -41.55 81.10
N ILE L 103 17.72 -41.63 80.82
CA ILE L 103 16.71 -40.92 81.62
C ILE L 103 16.54 -41.59 82.99
N ILE L 104 16.55 -42.91 83.02
CA ILE L 104 16.41 -43.64 84.28
C ILE L 104 17.59 -43.30 85.18
N LEU L 105 18.78 -43.32 84.60
CA LEU L 105 19.99 -43.03 85.35
C LEU L 105 20.00 -41.59 85.83
N ARG L 106 19.70 -40.66 84.93
CA ARG L 106 19.72 -39.25 85.30
C ARG L 106 18.66 -38.76 86.29
N PHE L 107 17.41 -39.22 86.10
CA PHE L 107 16.34 -38.75 86.97
C PHE L 107 15.96 -39.64 88.15
N ALA L 108 16.55 -40.83 88.26
CA ALA L 108 16.18 -41.71 89.37
C ALA L 108 17.39 -42.29 90.14
N ILE L 109 18.58 -42.12 89.58
CA ILE L 109 19.77 -42.69 90.23
C ILE L 109 20.90 -41.69 90.51
N ALA M 1 70.00 -11.10 21.02
CA ALA M 1 71.20 -11.28 20.15
C ALA M 1 71.09 -12.55 19.32
N TRP M 2 70.51 -13.59 19.92
CA TRP M 2 70.32 -14.87 19.25
C TRP M 2 69.52 -14.70 17.95
N GLU M 3 68.57 -13.79 17.97
CA GLU M 3 67.72 -13.53 16.81
C GLU M 3 68.52 -13.14 15.58
N LYS M 4 69.44 -12.19 15.72
CA LYS M 4 70.25 -11.74 14.61
C LYS M 4 71.17 -12.85 14.12
N GLN M 5 71.73 -13.64 15.04
CA GLN M 5 72.64 -14.72 14.70
C GLN M 5 71.88 -15.80 13.94
N GLN M 6 70.81 -16.30 14.56
CA GLN M 6 69.97 -17.35 13.98
C GLN M 6 69.51 -16.99 12.59
N ARG M 7 69.23 -15.72 12.37
CA ARG M 7 68.76 -15.25 11.07
C ARG M 7 69.86 -15.41 10.03
N LYS M 8 71.08 -15.02 10.41
CA LYS M 8 72.21 -15.14 9.49
C LYS M 8 72.54 -16.61 9.19
N THR M 9 72.66 -17.41 10.24
CA THR M 9 72.96 -18.82 10.07
C THR M 9 71.89 -19.56 9.29
N PHE M 10 70.64 -19.40 9.70
CA PHE M 10 69.54 -20.06 9.00
C PHE M 10 69.47 -19.65 7.53
N THR M 11 69.66 -18.35 7.27
CA THR M 11 69.63 -17.86 5.89
C THR M 11 70.73 -18.54 5.07
N ALA M 12 71.95 -18.51 5.59
CA ALA M 12 73.07 -19.15 4.89
C ALA M 12 72.77 -20.63 4.64
N TRP M 13 72.19 -21.29 5.63
CA TRP M 13 71.87 -22.72 5.48
C TRP M 13 70.85 -22.93 4.37
N CYS M 14 69.78 -22.15 4.40
CA CYS M 14 68.73 -22.25 3.39
C CYS M 14 69.30 -22.04 2.00
N ASN M 15 70.15 -21.01 1.88
CA ASN M 15 70.78 -20.66 0.61
C ASN M 15 71.71 -21.75 0.08
N SER M 16 72.43 -22.44 0.97
CA SER M 16 73.35 -23.48 0.55
C SER M 16 72.61 -24.65 -0.08
N HIS M 17 71.29 -24.70 0.11
CA HIS M 17 70.47 -25.75 -0.48
C HIS M 17 69.70 -25.21 -1.68
N LEU M 18 69.10 -24.04 -1.52
CA LEU M 18 68.35 -23.41 -2.61
C LEU M 18 69.21 -23.19 -3.85
N ARG M 19 70.50 -22.96 -3.66
CA ARG M 19 71.40 -22.73 -4.78
C ARG M 19 71.40 -23.88 -5.78
N LYS M 20 71.04 -25.08 -5.31
CA LYS M 20 70.98 -26.24 -6.19
C LYS M 20 69.78 -26.08 -7.12
N ALA M 21 68.81 -25.28 -6.69
CA ALA M 21 67.60 -25.04 -7.48
C ALA M 21 67.74 -23.70 -8.19
N GLY M 22 68.97 -23.18 -8.21
CA GLY M 22 69.29 -21.95 -8.90
C GLY M 22 68.71 -20.65 -8.32
N THR M 23 68.39 -20.64 -7.03
CA THR M 23 67.86 -19.43 -6.44
C THR M 23 68.53 -19.19 -5.11
N GLN M 24 68.21 -18.05 -4.50
CA GLN M 24 68.67 -17.75 -3.15
C GLN M 24 67.64 -16.83 -2.50
N ILE M 25 67.82 -16.55 -1.21
CA ILE M 25 66.96 -15.61 -0.51
C ILE M 25 67.89 -14.56 0.07
N GLU M 26 67.38 -13.36 0.29
CA GLU M 26 68.18 -12.31 0.86
C GLU M 26 67.74 -12.06 2.30
N ASN M 27 66.49 -11.65 2.48
CA ASN M 27 65.97 -11.39 3.82
C ASN M 27 64.99 -12.49 4.17
N ILE M 28 65.37 -13.32 5.13
CA ILE M 28 64.55 -14.45 5.55
C ILE M 28 63.16 -14.03 6.00
N GLU M 29 63.04 -12.82 6.53
CA GLU M 29 61.74 -12.32 7.01
C GLU M 29 60.86 -11.78 5.89
N GLU M 30 61.27 -11.96 4.64
CA GLU M 30 60.51 -11.49 3.48
C GLU M 30 60.33 -12.58 2.42
N ASP M 31 61.46 -13.19 2.07
CA ASP M 31 61.53 -14.20 1.02
C ASP M 31 60.84 -15.55 1.17
N PHE M 32 60.16 -15.77 2.30
CA PHE M 32 59.43 -17.01 2.51
C PHE M 32 57.95 -16.72 2.72
N ARG M 33 57.60 -15.43 2.71
CA ARG M 33 56.22 -14.99 2.88
C ARG M 33 55.25 -15.58 1.88
N ASN M 34 55.68 -15.70 0.62
CA ASN M 34 54.80 -16.24 -0.41
C ASN M 34 54.90 -17.76 -0.52
N GLY M 35 55.73 -18.36 0.34
CA GLY M 35 55.89 -19.81 0.38
C GLY M 35 56.51 -20.55 -0.79
N LEU M 36 56.81 -19.85 -1.88
CA LEU M 36 57.40 -20.49 -3.06
C LEU M 36 58.76 -21.13 -2.79
N LYS M 37 59.72 -20.33 -2.35
CA LYS M 37 61.05 -20.85 -2.08
C LYS M 37 61.05 -21.75 -0.84
N LEU M 38 60.01 -21.64 -0.04
CA LEU M 38 59.88 -22.48 1.14
C LEU M 38 59.56 -23.89 0.64
N MET M 39 58.65 -23.95 -0.34
CA MET M 39 58.27 -25.22 -0.95
C MET M 39 59.46 -25.77 -1.72
N LEU M 40 60.13 -24.88 -2.45
CA LEU M 40 61.29 -25.25 -3.24
C LEU M 40 62.39 -25.83 -2.33
N LEU M 41 62.61 -25.20 -1.19
CA LEU M 41 63.61 -25.66 -0.23
C LEU M 41 63.31 -27.07 0.26
N LEU M 42 62.04 -27.32 0.56
CA LEU M 42 61.61 -28.63 1.05
C LEU M 42 61.77 -29.75 0.01
N GLU M 43 61.51 -29.45 -1.25
CA GLU M 43 61.68 -30.47 -2.28
C GLU M 43 63.18 -30.76 -2.46
N VAL M 44 63.99 -29.71 -2.38
CA VAL M 44 65.43 -29.86 -2.51
C VAL M 44 66.03 -30.75 -1.44
N ILE M 45 65.76 -30.46 -0.17
CA ILE M 45 66.35 -31.26 0.93
C ILE M 45 65.73 -32.63 1.15
N SER M 46 64.48 -32.84 0.72
CA SER M 46 63.86 -34.14 0.92
C SER M 46 63.98 -35.00 -0.31
N GLY M 47 64.13 -34.37 -1.47
CA GLY M 47 64.20 -35.12 -2.70
C GLY M 47 62.84 -35.60 -3.14
N GLU M 48 61.79 -35.05 -2.51
CA GLU M 48 60.41 -35.40 -2.83
C GLU M 48 59.69 -34.26 -3.57
N ARG M 49 58.51 -34.57 -4.09
CA ARG M 49 57.73 -33.56 -4.79
C ARG M 49 56.56 -33.10 -3.93
N LEU M 50 56.46 -31.79 -3.73
CA LEU M 50 55.35 -31.23 -2.97
C LEU M 50 54.23 -30.94 -3.97
N PRO M 51 53.02 -30.63 -3.47
CA PRO M 51 51.95 -30.26 -4.37
C PRO M 51 52.38 -29.06 -5.21
N ARG M 52 51.74 -28.84 -6.35
CA ARG M 52 52.11 -27.70 -7.17
C ARG M 52 51.69 -26.41 -6.49
N PRO M 53 52.45 -25.34 -6.66
CA PRO M 53 52.11 -24.03 -6.12
C PRO M 53 50.85 -23.45 -6.77
N ASP M 54 50.17 -22.58 -6.03
CA ASP M 54 49.00 -21.87 -6.52
C ASP M 54 49.53 -20.65 -7.23
N LYS M 55 48.99 -20.32 -8.40
CA LYS M 55 49.43 -19.14 -9.12
C LYS M 55 48.66 -17.93 -8.57
N GLY M 56 49.36 -16.83 -8.36
CA GLY M 56 48.74 -15.62 -7.82
C GLY M 56 49.60 -14.99 -6.76
N LYS M 57 49.43 -13.70 -6.51
CA LYS M 57 50.24 -12.99 -5.51
C LYS M 57 49.42 -12.46 -4.34
N MET M 58 48.13 -12.78 -4.32
CA MET M 58 47.25 -12.32 -3.24
C MET M 58 47.58 -13.00 -1.92
N ARG M 59 47.11 -12.41 -0.83
CA ARG M 59 47.33 -12.95 0.50
C ARG M 59 46.87 -14.40 0.59
N PHE M 60 45.67 -14.69 0.12
CA PHE M 60 45.17 -16.05 0.18
C PHE M 60 46.00 -17.06 -0.61
N HIS M 61 46.65 -16.62 -1.70
CA HIS M 61 47.49 -17.48 -2.49
C HIS M 61 48.72 -17.85 -1.66
N LYS M 62 49.21 -16.89 -0.89
CA LYS M 62 50.37 -17.13 -0.04
C LYS M 62 50.04 -18.10 1.08
N ILE M 63 48.89 -17.91 1.72
CA ILE M 63 48.45 -18.77 2.79
C ILE M 63 48.37 -20.20 2.26
N ALA M 64 47.83 -20.35 1.06
CA ALA M 64 47.67 -21.67 0.45
C ALA M 64 49.01 -22.34 0.18
N ASN M 65 49.96 -21.59 -0.38
CA ASN M 65 51.24 -22.19 -0.66
C ASN M 65 52.03 -22.47 0.63
N VAL M 66 52.02 -21.54 1.58
CA VAL M 66 52.73 -21.77 2.84
C VAL M 66 52.11 -22.98 3.55
N ASN M 67 50.81 -23.19 3.35
CA ASN M 67 50.15 -24.32 3.98
C ASN M 67 50.56 -25.65 3.33
N LYS M 68 50.96 -25.59 2.06
CA LYS M 68 51.39 -26.79 1.37
C LYS M 68 52.69 -27.23 2.03
N ALA M 69 53.56 -26.25 2.30
CA ALA M 69 54.85 -26.50 2.97
C ALA M 69 54.62 -26.97 4.40
N LEU M 70 53.87 -26.19 5.16
CA LEU M 70 53.59 -26.57 6.55
C LEU M 70 53.01 -27.98 6.68
N ASP M 71 52.07 -28.34 5.80
CA ASP M 71 51.47 -29.66 5.83
C ASP M 71 52.51 -30.73 5.49
N PHE M 72 53.33 -30.47 4.46
CA PHE M 72 54.37 -31.42 4.09
C PHE M 72 55.27 -31.74 5.31
N ILE M 73 55.67 -30.70 6.02
CA ILE M 73 56.51 -30.82 7.21
C ILE M 73 55.79 -31.63 8.28
N ALA M 74 54.54 -31.24 8.55
CA ALA M 74 53.75 -31.93 9.56
C ALA M 74 53.61 -33.40 9.21
N SER M 75 53.52 -33.71 7.92
CA SER M 75 53.36 -35.08 7.47
C SER M 75 54.61 -35.92 7.73
N LYS M 76 55.72 -35.24 8.03
CA LYS M 76 56.99 -35.89 8.31
C LYS M 76 57.15 -36.11 9.81
N GLY M 77 56.04 -36.18 10.51
CA GLY M 77 56.08 -36.40 11.94
C GLY M 77 56.49 -35.17 12.72
N VAL M 78 56.30 -34.00 12.13
CA VAL M 78 56.63 -32.74 12.77
C VAL M 78 55.39 -32.07 13.36
N LYS M 79 55.53 -31.53 14.56
CA LYS M 79 54.41 -30.87 15.22
C LYS M 79 54.62 -29.36 15.17
N LEU M 80 54.09 -28.72 14.14
CA LEU M 80 54.22 -27.27 14.02
C LEU M 80 53.57 -26.66 15.24
N VAL M 81 54.38 -26.28 16.23
CA VAL M 81 53.85 -25.68 17.43
C VAL M 81 53.46 -24.23 17.32
N SER M 82 52.15 -23.98 17.39
CA SER M 82 51.66 -22.63 17.29
C SER M 82 52.20 -21.91 16.04
N ILE M 83 52.65 -22.68 15.06
CA ILE M 83 53.18 -22.11 13.83
C ILE M 83 52.13 -22.21 12.72
N GLY M 84 51.50 -21.08 12.41
CA GLY M 84 50.47 -21.06 11.38
C GLY M 84 50.92 -20.31 10.12
N ALA M 85 50.30 -20.62 8.99
CA ALA M 85 50.65 -19.98 7.73
C ALA M 85 50.48 -18.46 7.79
N GLU M 86 49.48 -18.00 8.55
CA GLU M 86 49.25 -16.57 8.69
C GLU M 86 50.51 -15.82 9.15
N GLU M 87 51.12 -16.29 10.23
CA GLU M 87 52.33 -15.65 10.74
C GLU M 87 53.45 -15.66 9.71
N ILE M 88 53.55 -16.74 8.93
CA ILE M 88 54.59 -16.87 7.91
C ILE M 88 54.31 -15.89 6.76
N VAL M 89 53.05 -15.80 6.37
CA VAL M 89 52.65 -14.90 5.31
C VAL M 89 52.88 -13.47 5.76
N ASP M 90 52.65 -13.22 7.04
CA ASP M 90 52.84 -11.90 7.62
C ASP M 90 54.30 -11.54 7.85
N GLY M 91 55.20 -12.48 7.59
CA GLY M 91 56.62 -12.21 7.77
C GLY M 91 57.09 -12.12 9.23
N ASN M 92 56.35 -12.76 10.13
CA ASN M 92 56.72 -12.75 11.56
C ASN M 92 58.09 -13.44 11.71
N LEU M 93 59.05 -12.73 12.30
CA LEU M 93 60.39 -13.27 12.46
C LEU M 93 60.52 -14.49 13.38
N LYS M 94 60.03 -14.36 14.61
CA LYS M 94 60.11 -15.46 15.56
C LYS M 94 59.49 -16.74 15.00
N MET M 95 58.32 -16.61 14.40
CA MET M 95 57.63 -17.75 13.84
C MET M 95 58.37 -18.33 12.62
N THR M 96 58.91 -17.44 11.78
CA THR M 96 59.63 -17.87 10.60
C THR M 96 60.91 -18.61 10.98
N LEU M 97 61.68 -18.04 11.90
CA LEU M 97 62.91 -18.69 12.34
C LEU M 97 62.58 -20.01 13.04
N GLY M 98 61.46 -20.04 13.75
CA GLY M 98 61.06 -21.26 14.44
C GLY M 98 60.77 -22.35 13.42
N MET M 99 60.09 -21.96 12.34
CA MET M 99 59.76 -22.91 11.28
C MET M 99 61.01 -23.48 10.61
N ILE M 100 61.94 -22.61 10.24
CA ILE M 100 63.16 -23.06 9.58
C ILE M 100 63.99 -23.98 10.47
N TRP M 101 64.06 -23.70 11.77
CA TRP M 101 64.81 -24.58 12.65
C TRP M 101 64.13 -25.95 12.62
N THR M 102 62.80 -25.94 12.73
CA THR M 102 62.04 -27.17 12.71
C THR M 102 62.41 -27.99 11.47
N ILE M 103 62.58 -27.29 10.34
CA ILE M 103 62.96 -27.95 9.08
C ILE M 103 64.42 -28.41 9.11
N ILE M 104 65.29 -27.58 9.67
CA ILE M 104 66.70 -27.93 9.77
C ILE M 104 66.85 -29.17 10.64
N LEU M 105 66.14 -29.17 11.77
CA LEU M 105 66.21 -30.28 12.69
C LEU M 105 65.63 -31.54 12.08
N ARG M 106 64.45 -31.42 11.47
CA ARG M 106 63.79 -32.58 10.88
C ARG M 106 64.46 -33.21 9.66
N PHE M 107 64.93 -32.35 8.73
CA PHE M 107 65.52 -32.89 7.51
C PHE M 107 67.05 -33.00 7.46
N ALA M 108 67.74 -32.52 8.48
CA ALA M 108 69.20 -32.58 8.45
C ALA M 108 69.83 -33.15 9.73
N ILE M 109 69.03 -33.29 10.78
CA ILE M 109 69.58 -33.78 12.05
C ILE M 109 68.85 -34.99 12.64
N ALA N 1 -13.28 -23.69 48.74
CA ALA N 1 -14.09 -23.38 49.96
C ALA N 1 -13.84 -21.95 50.44
N TRP N 2 -12.59 -21.50 50.31
CA TRP N 2 -12.21 -20.16 50.71
C TRP N 2 -13.07 -19.10 50.00
N GLU N 3 -13.40 -19.37 48.76
CA GLU N 3 -14.19 -18.45 47.95
C GLU N 3 -15.53 -18.12 48.59
N LYS N 4 -16.26 -19.16 49.01
CA LYS N 4 -17.57 -18.96 49.64
C LYS N 4 -17.44 -18.22 50.97
N GLN N 5 -16.39 -18.55 51.74
CA GLN N 5 -16.17 -17.92 53.03
C GLN N 5 -15.84 -16.45 52.85
N GLN N 6 -14.80 -16.19 52.05
CA GLN N 6 -14.33 -14.84 51.77
C GLN N 6 -15.46 -13.94 51.27
N ARG N 7 -16.37 -14.52 50.51
CA ARG N 7 -17.50 -13.76 49.97
C ARG N 7 -18.42 -13.32 51.10
N LYS N 8 -18.70 -14.25 52.01
CA LYS N 8 -19.57 -13.93 53.15
C LYS N 8 -18.92 -12.89 54.08
N THR N 9 -17.68 -13.15 54.46
CA THR N 9 -16.96 -12.22 55.34
C THR N 9 -16.79 -10.85 54.71
N PHE N 10 -16.28 -10.80 53.48
CA PHE N 10 -16.09 -9.52 52.80
C PHE N 10 -17.41 -8.76 52.67
N THR N 11 -18.48 -9.47 52.32
CA THR N 11 -19.78 -8.83 52.17
C THR N 11 -20.22 -8.22 53.50
N ALA N 12 -20.16 -8.99 54.57
CA ALA N 12 -20.53 -8.50 55.89
C ALA N 12 -19.68 -7.28 56.25
N TRP N 13 -18.39 -7.33 55.93
CA TRP N 13 -17.50 -6.21 56.25
C TRP N 13 -17.92 -4.95 55.49
N CYS N 14 -18.13 -5.10 54.18
CA CYS N 14 -18.53 -3.99 53.33
C CYS N 14 -19.83 -3.36 53.85
N ASN N 15 -20.79 -4.23 54.20
CA ASN N 15 -22.08 -3.80 54.70
C ASN N 15 -22.01 -3.06 56.04
N SER N 16 -21.08 -3.47 56.92
CA SER N 16 -20.94 -2.83 58.22
C SER N 16 -20.46 -1.38 58.07
N HIS N 17 -19.97 -1.04 56.89
CA HIS N 17 -19.52 0.32 56.61
C HIS N 17 -20.54 1.07 55.77
N LEU N 18 -21.04 0.41 54.73
CA LEU N 18 -22.05 1.01 53.86
C LEU N 18 -23.30 1.42 54.61
N ARG N 19 -23.62 0.71 55.68
CA ARG N 19 -24.82 1.02 56.46
C ARG N 19 -24.79 2.45 57.01
N LYS N 20 -23.59 3.00 57.16
CA LYS N 20 -23.47 4.38 57.64
C LYS N 20 -23.94 5.33 56.54
N ALA N 21 -23.91 4.85 55.30
CA ALA N 21 -24.34 5.65 54.16
C ALA N 21 -25.76 5.23 53.77
N GLY N 22 -26.40 4.50 54.67
CA GLY N 22 -27.78 4.07 54.49
C GLY N 22 -28.04 3.03 53.38
N THR N 23 -27.04 2.26 53.02
CA THR N 23 -27.26 1.25 51.99
C THR N 23 -26.63 -0.04 52.42
N GLN N 24 -26.83 -1.07 51.61
CA GLN N 24 -26.17 -2.36 51.81
C GLN N 24 -26.04 -3.04 50.46
N ILE N 25 -25.33 -4.16 50.42
CA ILE N 25 -25.21 -4.95 49.21
C ILE N 25 -25.69 -6.35 49.58
N GLU N 26 -26.19 -7.10 48.59
CA GLU N 26 -26.64 -8.43 48.85
C GLU N 26 -25.65 -9.43 48.26
N ASN N 27 -25.48 -9.39 46.95
CA ASN N 27 -24.55 -10.30 46.28
C ASN N 27 -23.34 -9.51 45.82
N ILE N 28 -22.21 -9.76 46.46
CA ILE N 28 -20.98 -9.04 46.16
C ILE N 28 -20.57 -9.14 44.70
N GLU N 29 -20.94 -10.25 44.06
CA GLU N 29 -20.59 -10.44 42.64
C GLU N 29 -21.54 -9.73 41.67
N GLU N 30 -22.43 -8.90 42.21
CA GLU N 30 -23.39 -8.13 41.40
C GLU N 30 -23.40 -6.65 41.75
N ASP N 31 -23.54 -6.39 43.05
CA ASP N 31 -23.67 -5.05 43.60
C ASP N 31 -22.52 -4.06 43.52
N PHE N 32 -21.40 -4.46 42.93
CA PHE N 32 -20.26 -3.56 42.78
C PHE N 32 -19.94 -3.38 41.31
N ARG N 33 -20.69 -4.08 40.45
CA ARG N 33 -20.50 -4.01 39.00
C ARG N 33 -20.61 -2.61 38.43
N ASN N 34 -21.55 -1.81 38.95
CA ASN N 34 -21.73 -0.46 38.44
C ASN N 34 -20.85 0.55 39.17
N GLY N 35 -20.06 0.07 40.11
CA GLY N 35 -19.12 0.90 40.86
C GLY N 35 -19.65 1.97 41.81
N LEU N 36 -20.96 2.18 41.86
CA LEU N 36 -21.55 3.19 42.74
C LEU N 36 -21.29 2.95 44.22
N LYS N 37 -21.71 1.81 44.73
CA LYS N 37 -21.51 1.50 46.13
C LYS N 37 -20.05 1.23 46.44
N LEU N 38 -19.26 0.97 45.39
CA LEU N 38 -17.85 0.73 45.55
C LEU N 38 -17.23 2.08 45.88
N MET N 39 -17.66 3.12 45.14
CA MET N 39 -17.19 4.48 45.36
C MET N 39 -17.70 4.95 46.72
N LEU N 40 -18.96 4.65 47.01
CA LEU N 40 -19.58 5.04 48.26
C LEU N 40 -18.81 4.41 49.44
N LEU N 41 -18.44 3.14 49.30
CA LEU N 41 -17.71 2.43 50.35
C LEU N 41 -16.37 3.11 50.63
N LEU N 42 -15.67 3.50 49.56
CA LEU N 42 -14.37 4.15 49.69
C LEU N 42 -14.44 5.51 50.38
N GLU N 43 -15.49 6.28 50.09
CA GLU N 43 -15.62 7.59 50.73
C GLU N 43 -15.93 7.38 52.22
N VAL N 44 -16.75 6.38 52.51
CA VAL N 44 -17.10 6.07 53.88
C VAL N 44 -15.90 5.71 54.74
N ILE N 45 -15.10 4.74 54.30
CA ILE N 45 -13.93 4.29 55.09
C ILE N 45 -12.75 5.22 55.09
N SER N 46 -12.61 6.09 54.07
CA SER N 46 -11.47 6.99 54.04
C SER N 46 -11.84 8.36 54.59
N GLY N 47 -13.12 8.69 54.52
CA GLY N 47 -13.55 10.00 54.99
C GLY N 47 -13.22 11.07 53.97
N GLU N 48 -12.86 10.65 52.76
CA GLU N 48 -12.52 11.58 51.67
C GLU N 48 -13.61 11.58 50.59
N ARG N 49 -13.51 12.54 49.67
CA ARG N 49 -14.47 12.65 48.60
C ARG N 49 -13.86 12.16 47.29
N LEU N 50 -14.53 11.21 46.64
CA LEU N 50 -14.07 10.72 45.35
C LEU N 50 -14.69 11.61 44.27
N PRO N 51 -14.24 11.47 43.02
CA PRO N 51 -14.87 12.23 41.95
C PRO N 51 -16.36 11.88 41.89
N ARG N 52 -17.16 12.75 41.28
CA ARG N 52 -18.58 12.45 41.20
C ARG N 52 -18.82 11.29 40.23
N PRO N 53 -19.82 10.47 40.50
CA PRO N 53 -20.19 9.37 39.60
C PRO N 53 -20.71 9.88 38.27
N ASP N 54 -20.57 9.05 37.24
CA ASP N 54 -21.11 9.32 35.91
C ASP N 54 -22.53 8.85 35.93
N LYS N 55 -23.46 9.63 35.37
CA LYS N 55 -24.85 9.22 35.32
C LYS N 55 -25.04 8.33 34.08
N GLY N 56 -25.77 7.24 34.25
CA GLY N 56 -25.99 6.31 33.14
C GLY N 56 -25.86 4.87 33.61
N LYS N 57 -26.46 3.94 32.88
CA LYS N 57 -26.40 2.52 33.27
C LYS N 57 -25.68 1.66 32.23
N MET N 58 -25.15 2.28 31.19
CA MET N 58 -24.45 1.55 30.14
C MET N 58 -23.14 0.97 30.64
N ARG N 59 -22.61 0.01 29.90
CA ARG N 59 -21.35 -0.64 30.24
C ARG N 59 -20.24 0.38 30.42
N PHE N 60 -20.10 1.30 29.48
CA PHE N 60 -19.05 2.30 29.59
C PHE N 60 -19.18 3.21 30.82
N HIS N 61 -20.42 3.45 31.28
CA HIS N 61 -20.64 4.26 32.46
C HIS N 61 -20.09 3.51 33.68
N LYS N 62 -20.28 2.20 33.67
CA LYS N 62 -19.80 1.36 34.77
C LYS N 62 -18.29 1.33 34.81
N ILE N 63 -17.66 1.17 33.64
CA ILE N 63 -16.22 1.14 33.54
C ILE N 63 -15.67 2.44 34.09
N ALA N 64 -16.30 3.55 33.74
CA ALA N 64 -15.85 4.87 34.18
C ALA N 64 -15.96 5.02 35.69
N ASN N 65 -17.07 4.60 36.27
CA ASN N 65 -17.20 4.74 37.71
C ASN N 65 -16.29 3.77 38.46
N VAL N 66 -16.19 2.51 38.01
CA VAL N 66 -15.30 1.56 38.66
C VAL N 66 -13.86 2.06 38.56
N ASN N 67 -13.56 2.77 37.49
CA ASN N 67 -12.19 3.29 37.32
C ASN N 67 -11.92 4.45 38.29
N LYS N 68 -12.97 5.15 38.70
CA LYS N 68 -12.81 6.25 39.64
C LYS N 68 -12.37 5.62 40.96
N ALA N 69 -13.02 4.51 41.32
CA ALA N 69 -12.69 3.77 42.56
C ALA N 69 -11.30 3.18 42.45
N LEU N 70 -11.06 2.41 41.40
CA LEU N 70 -9.74 1.78 41.21
C LEU N 70 -8.60 2.81 41.27
N ASP N 71 -8.78 3.96 40.63
CA ASP N 71 -7.75 4.99 40.63
C ASP N 71 -7.57 5.55 42.04
N PHE N 72 -8.68 5.81 42.74
CA PHE N 72 -8.59 6.33 44.10
C PHE N 72 -7.72 5.39 44.97
N ILE N 73 -7.98 4.09 44.86
CA ILE N 73 -7.25 3.07 45.60
C ILE N 73 -5.77 3.10 45.21
N ALA N 74 -5.51 3.08 43.90
CA ALA N 74 -4.15 3.11 43.41
C ALA N 74 -3.42 4.34 43.92
N SER N 75 -4.13 5.45 44.04
CA SER N 75 -3.54 6.70 44.50
C SER N 75 -3.12 6.63 45.97
N LYS N 76 -3.61 5.60 46.67
CA LYS N 76 -3.30 5.40 48.08
C LYS N 76 -2.12 4.45 48.23
N GLY N 77 -1.29 4.39 47.20
CA GLY N 77 -0.11 3.54 47.24
C GLY N 77 -0.45 2.08 47.05
N VAL N 78 -1.58 1.80 46.42
CA VAL N 78 -2.02 0.43 46.16
C VAL N 78 -1.72 0.03 44.73
N LYS N 79 -1.23 -1.19 44.55
CA LYS N 79 -0.89 -1.69 43.21
C LYS N 79 -1.96 -2.69 42.78
N LEU N 80 -2.99 -2.21 42.09
CA LEU N 80 -4.04 -3.11 41.62
C LEU N 80 -3.39 -4.12 40.69
N VAL N 81 -3.11 -5.31 41.21
CA VAL N 81 -2.50 -6.34 40.41
C VAL N 81 -3.42 -7.06 39.45
N SER N 82 -3.20 -6.82 38.16
CA SER N 82 -4.03 -7.45 37.15
C SER N 82 -5.52 -7.24 37.42
N ILE N 83 -5.85 -6.23 38.21
CA ILE N 83 -7.24 -5.92 38.53
C ILE N 83 -7.72 -4.74 37.68
N GLY N 84 -8.52 -5.03 36.66
CA GLY N 84 -9.03 -3.99 35.79
C GLY N 84 -10.52 -3.76 35.95
N ALA N 85 -10.99 -2.56 35.60
CA ALA N 85 -12.41 -2.24 35.72
C ALA N 85 -13.29 -3.20 34.93
N GLU N 86 -12.80 -3.67 33.80
CA GLU N 86 -13.56 -4.61 32.97
C GLU N 86 -14.02 -5.83 33.77
N GLU N 87 -13.09 -6.49 34.46
CA GLU N 87 -13.43 -7.66 35.26
C GLU N 87 -14.45 -7.33 36.34
N ILE N 88 -14.34 -6.13 36.93
CA ILE N 88 -15.25 -5.70 38.00
C ILE N 88 -16.65 -5.45 37.41
N VAL N 89 -16.68 -4.80 36.26
CA VAL N 89 -17.92 -4.51 35.57
C VAL N 89 -18.58 -5.81 35.16
N ASP N 90 -17.75 -6.78 34.76
CA ASP N 90 -18.23 -8.09 34.35
C ASP N 90 -18.66 -8.98 35.51
N GLY N 91 -18.46 -8.50 36.74
CA GLY N 91 -18.85 -9.29 37.89
C GLY N 91 -17.97 -10.50 38.20
N ASN N 92 -16.72 -10.47 37.73
CA ASN N 92 -15.79 -11.57 37.99
C ASN N 92 -15.57 -11.71 39.50
N LEU N 93 -15.84 -12.90 40.03
CA LEU N 93 -15.71 -13.11 41.48
C LEU N 93 -14.29 -13.02 42.03
N LYS N 94 -13.35 -13.78 41.46
CA LYS N 94 -11.97 -13.74 41.94
C LYS N 94 -11.41 -12.33 41.94
N MET N 95 -11.64 -11.60 40.86
CA MET N 95 -11.14 -10.25 40.75
C MET N 95 -11.83 -9.30 41.74
N THR N 96 -13.14 -9.47 41.89
CA THR N 96 -13.91 -8.63 42.81
C THR N 96 -13.47 -8.86 44.26
N LEU N 97 -13.36 -10.12 44.66
CA LEU N 97 -12.92 -10.43 46.01
C LEU N 97 -11.49 -9.95 46.23
N GLY N 98 -10.67 -10.04 45.18
CA GLY N 98 -9.29 -9.58 45.28
C GLY N 98 -9.26 -8.10 45.53
N MET N 99 -10.11 -7.36 44.83
CA MET N 99 -10.19 -5.92 44.98
C MET N 99 -10.62 -5.51 46.40
N ILE N 100 -11.68 -6.14 46.90
CA ILE N 100 -12.17 -5.82 48.24
C ILE N 100 -11.14 -6.12 49.32
N TRP N 101 -10.39 -7.21 49.18
CA TRP N 101 -9.38 -7.52 50.18
C TRP N 101 -8.35 -6.38 50.14
N THR N 102 -7.95 -6.01 48.92
CA THR N 102 -6.98 -4.95 48.74
C THR N 102 -7.44 -3.70 49.50
N ILE N 103 -8.75 -3.42 49.44
CA ILE N 103 -9.33 -2.26 50.13
C ILE N 103 -9.37 -2.50 51.63
N ILE N 104 -9.71 -3.71 52.05
CA ILE N 104 -9.77 -4.03 53.46
C ILE N 104 -8.37 -3.89 54.07
N LEU N 105 -7.38 -4.43 53.36
CA LEU N 105 -6.01 -4.36 53.82
C LEU N 105 -5.50 -2.94 53.86
N ARG N 106 -5.74 -2.20 52.78
CA ARG N 106 -5.25 -0.82 52.70
C ARG N 106 -5.89 0.19 53.65
N PHE N 107 -7.24 0.12 53.77
CA PHE N 107 -7.92 1.11 54.61
C PHE N 107 -8.26 0.69 56.05
N ALA N 108 -8.00 -0.57 56.41
CA ALA N 108 -8.34 -1.00 57.76
C ALA N 108 -7.21 -1.73 58.49
N ILE N 109 -6.15 -2.09 57.75
CA ILE N 109 -5.05 -2.83 58.38
C ILE N 109 -3.67 -2.21 58.19
N ALA O 1 35.43 -6.16 -23.25
CA ALA O 1 36.32 -6.91 -24.18
C ALA O 1 35.68 -8.23 -24.58
N TRP O 2 34.99 -8.86 -23.64
CA TRP O 2 34.33 -10.14 -23.87
C TRP O 2 33.34 -10.03 -25.05
N GLU O 3 32.70 -8.88 -25.16
CA GLU O 3 31.71 -8.65 -26.22
C GLU O 3 32.30 -8.83 -27.60
N LYS O 4 33.44 -8.22 -27.87
CA LYS O 4 34.10 -8.33 -29.17
C LYS O 4 34.55 -9.76 -29.43
N GLN O 5 35.06 -10.44 -28.41
CA GLN O 5 35.54 -11.80 -28.54
C GLN O 5 34.37 -12.74 -28.84
N GLN O 6 33.38 -12.71 -27.96
CA GLN O 6 32.19 -13.54 -28.09
C GLN O 6 31.53 -13.38 -29.45
N ARG O 7 31.58 -12.18 -30.00
CA ARG O 7 30.97 -11.91 -31.29
C ARG O 7 31.74 -12.65 -32.38
N LYS O 8 33.06 -12.60 -32.31
CA LYS O 8 33.89 -13.28 -33.30
C LYS O 8 33.74 -14.80 -33.20
N THR O 9 33.87 -15.33 -31.99
CA THR O 9 33.73 -16.78 -31.79
C THR O 9 32.35 -17.29 -32.16
N PHE O 10 31.31 -16.64 -31.64
CA PHE O 10 29.94 -17.06 -31.96
C PHE O 10 29.68 -17.01 -33.46
N THR O 11 30.15 -15.95 -34.11
CA THR O 11 29.95 -15.80 -35.56
C THR O 11 30.63 -16.97 -36.29
N ALA O 12 31.88 -17.22 -35.98
CA ALA O 12 32.61 -18.32 -36.60
C ALA O 12 31.88 -19.64 -36.36
N TRP O 13 31.37 -19.83 -35.16
CA TRP O 13 30.65 -21.07 -34.84
C TRP O 13 29.40 -21.20 -35.69
N CYS O 14 28.61 -20.13 -35.74
CA CYS O 14 27.37 -20.14 -36.52
C CYS O 14 27.67 -20.44 -37.99
N ASN O 15 28.71 -19.80 -38.52
CA ASN O 15 29.11 -19.98 -39.89
C ASN O 15 29.59 -21.40 -40.22
N SER O 16 30.26 -22.06 -39.27
CA SER O 16 30.75 -23.41 -39.49
C SER O 16 29.60 -24.40 -39.66
N HIS O 17 28.40 -23.97 -39.28
CA HIS O 17 27.21 -24.81 -39.41
C HIS O 17 26.38 -24.36 -40.60
N LEU O 18 26.17 -23.06 -40.72
CA LEU O 18 25.40 -22.50 -41.82
C LEU O 18 25.99 -22.85 -43.18
N ARG O 19 27.30 -23.01 -43.24
CA ARG O 19 27.96 -23.35 -44.49
C ARG O 19 27.43 -24.64 -45.10
N LYS O 20 26.87 -25.52 -44.26
CA LYS O 20 26.32 -26.76 -44.76
C LYS O 20 25.03 -26.46 -45.51
N ALA O 21 24.42 -25.32 -45.20
CA ALA O 21 23.19 -24.91 -45.85
C ALA O 21 23.52 -23.88 -46.94
N GLY O 22 24.81 -23.80 -47.28
CA GLY O 22 25.30 -22.93 -48.33
C GLY O 22 25.23 -21.42 -48.07
N THR O 23 25.21 -21.01 -46.82
CA THR O 23 25.17 -19.59 -46.53
C THR O 23 26.15 -19.27 -45.44
N GLN O 24 26.29 -17.98 -45.15
CA GLN O 24 27.10 -17.52 -44.02
C GLN O 24 26.52 -16.21 -43.54
N ILE O 25 27.04 -15.69 -42.43
CA ILE O 25 26.65 -14.40 -41.91
C ILE O 25 27.94 -13.59 -41.79
N GLU O 26 27.82 -12.27 -41.86
CA GLU O 26 28.99 -11.43 -41.73
C GLU O 26 28.95 -10.73 -40.38
N ASN O 27 27.94 -9.91 -40.17
CA ASN O 27 27.81 -9.19 -38.90
C ASN O 27 26.67 -9.79 -38.11
N ILE O 28 27.02 -10.45 -37.01
CA ILE O 28 26.03 -11.13 -36.17
C ILE O 28 24.94 -10.20 -35.68
N GLU O 29 25.27 -8.93 -35.50
CA GLU O 29 24.29 -7.95 -35.03
C GLU O 29 23.36 -7.42 -36.12
N GLU O 30 23.43 -8.02 -37.31
CA GLU O 30 22.59 -7.62 -38.44
C GLU O 30 21.89 -8.81 -39.10
N ASP O 31 22.71 -9.81 -39.41
CA ASP O 31 22.27 -11.00 -40.12
C ASP O 31 21.30 -11.98 -39.49
N PHE O 32 20.84 -11.71 -38.27
CA PHE O 32 19.88 -12.57 -37.61
C PHE O 32 18.61 -11.78 -37.29
N ARG O 33 18.63 -10.48 -37.63
CA ARG O 33 17.50 -9.60 -37.39
C ARG O 33 16.20 -10.07 -38.04
N ASN O 34 16.29 -10.62 -39.25
CA ASN O 34 15.11 -11.07 -39.95
C ASN O 34 14.76 -12.53 -39.63
N GLY O 35 15.56 -13.13 -38.76
CA GLY O 35 15.33 -14.50 -38.32
C GLY O 35 15.46 -15.67 -39.30
N LEU O 36 15.69 -15.37 -40.57
CA LEU O 36 15.81 -16.42 -41.58
C LEU O 36 16.98 -17.38 -41.34
N LYS O 37 18.19 -16.85 -41.28
CA LYS O 37 19.35 -17.69 -41.06
C LYS O 37 19.38 -18.23 -39.63
N LEU O 38 18.61 -17.60 -38.75
CA LEU O 38 18.52 -18.05 -37.37
C LEU O 38 17.74 -19.35 -37.40
N MET O 39 16.64 -19.36 -38.17
CA MET O 39 15.82 -20.54 -38.33
C MET O 39 16.61 -21.61 -39.07
N LEU O 40 17.33 -21.18 -40.11
CA LEU O 40 18.14 -22.08 -40.91
C LEU O 40 19.21 -22.75 -40.03
N LEU O 41 19.83 -21.98 -39.15
CA LEU O 41 20.87 -22.48 -38.26
C LEU O 41 20.30 -23.57 -37.34
N LEU O 42 19.11 -23.32 -36.80
CA LEU O 42 18.47 -24.27 -35.91
C LEU O 42 18.09 -25.59 -36.59
N GLU O 43 17.65 -25.54 -37.84
CA GLU O 43 17.31 -26.76 -38.54
C GLU O 43 18.59 -27.55 -38.82
N VAL O 44 19.65 -26.83 -39.17
CA VAL O 44 20.94 -27.45 -39.45
C VAL O 44 21.49 -28.22 -38.26
N ILE O 45 21.59 -27.57 -37.10
CA ILE O 45 22.18 -28.22 -35.91
C ILE O 45 21.28 -29.23 -35.22
N SER O 46 19.96 -29.12 -35.39
CA SER O 46 19.06 -30.07 -34.74
C SER O 46 18.67 -31.20 -35.67
N GLY O 47 18.73 -30.94 -36.98
CA GLY O 47 18.32 -31.95 -37.93
C GLY O 47 16.81 -32.04 -38.02
N GLU O 48 16.12 -31.06 -37.43
CA GLU O 48 14.66 -31.02 -37.46
C GLU O 48 14.14 -29.92 -38.39
N ARG O 49 12.84 -29.94 -38.63
CA ARG O 49 12.22 -28.94 -39.47
C ARG O 49 11.43 -27.94 -38.64
N LEU O 50 11.75 -26.65 -38.81
CA LEU O 50 11.01 -25.61 -38.10
C LEU O 50 9.82 -25.22 -38.98
N PRO O 51 8.88 -24.43 -38.43
CA PRO O 51 7.78 -23.97 -39.25
C PRO O 51 8.33 -23.19 -40.45
N ARG O 52 7.52 -23.06 -41.50
CA ARG O 52 8.01 -22.33 -42.66
C ARG O 52 8.11 -20.83 -42.33
N PRO O 53 9.08 -20.15 -42.92
CA PRO O 53 9.23 -18.70 -42.73
C PRO O 53 8.07 -17.93 -43.33
N ASP O 54 7.82 -16.73 -42.80
CA ASP O 54 6.81 -15.82 -43.31
C ASP O 54 7.48 -15.04 -44.41
N LYS O 55 6.80 -14.85 -45.54
CA LYS O 55 7.38 -14.07 -46.64
C LYS O 55 7.10 -12.59 -46.35
N GLY O 56 8.11 -11.74 -46.57
CA GLY O 56 7.96 -10.32 -46.32
C GLY O 56 9.18 -9.76 -45.62
N LYS O 57 9.42 -8.45 -45.73
CA LYS O 57 10.59 -7.83 -45.11
C LYS O 57 10.22 -6.81 -44.04
N MET O 58 8.93 -6.68 -43.75
CA MET O 58 8.46 -5.73 -42.75
C MET O 58 8.88 -6.16 -41.34
N ARG O 59 8.83 -5.20 -40.41
CA ARG O 59 9.18 -5.45 -39.03
C ARG O 59 8.39 -6.62 -38.45
N PHE O 60 7.07 -6.61 -38.65
CA PHE O 60 6.25 -7.68 -38.13
C PHE O 60 6.59 -9.07 -38.71
N HIS O 61 7.07 -9.11 -39.95
CA HIS O 61 7.46 -10.37 -40.57
C HIS O 61 8.68 -10.91 -39.84
N LYS O 62 9.59 -10.00 -39.46
CA LYS O 62 10.79 -10.38 -38.74
C LYS O 62 10.47 -10.90 -37.35
N ILE O 63 9.57 -10.21 -36.65
CA ILE O 63 9.17 -10.62 -35.33
C ILE O 63 8.59 -12.03 -35.40
N ALA O 64 7.78 -12.27 -36.41
CA ALA O 64 7.14 -13.58 -36.58
C ALA O 64 8.16 -14.68 -36.84
N ASN O 65 9.12 -14.42 -37.71
CA ASN O 65 10.11 -15.45 -37.97
C ASN O 65 11.06 -15.66 -36.79
N VAL O 66 11.50 -14.58 -36.15
CA VAL O 66 12.38 -14.72 -34.99
C VAL O 66 11.62 -15.46 -33.88
N ASN O 67 10.30 -15.29 -33.83
CA ASN O 67 9.52 -15.98 -32.81
C ASN O 67 9.41 -17.47 -33.10
N LYS O 68 9.51 -17.85 -34.37
CA LYS O 68 9.45 -19.25 -34.74
C LYS O 68 10.70 -19.91 -34.17
N ALA O 69 11.84 -19.22 -34.32
CA ALA O 69 13.12 -19.71 -33.78
C ALA O 69 13.09 -19.73 -32.27
N LEU O 70 12.76 -18.60 -31.66
CA LEU O 70 12.70 -18.52 -30.19
C LEU O 70 11.81 -19.60 -29.59
N ASP O 71 10.64 -19.84 -30.19
CA ASP O 71 9.73 -20.86 -29.70
C ASP O 71 10.34 -22.26 -29.86
N PHE O 72 10.95 -22.51 -31.01
CA PHE O 72 11.59 -23.81 -31.23
C PHE O 72 12.61 -24.10 -30.10
N ILE O 73 13.42 -23.11 -29.79
CA ILE O 73 14.44 -23.21 -28.74
C ILE O 73 13.78 -23.46 -27.39
N ALA O 74 12.77 -22.65 -27.07
CA ALA O 74 12.07 -22.79 -25.82
C ALA O 74 11.46 -24.18 -25.69
N SER O 75 11.01 -24.73 -26.82
CA SER O 75 10.39 -26.05 -26.83
C SER O 75 11.40 -27.16 -26.51
N LYS O 76 12.69 -26.82 -26.57
CA LYS O 76 13.76 -27.76 -26.29
C LYS O 76 14.18 -27.66 -24.83
N GLY O 77 13.27 -27.20 -23.99
CA GLY O 77 13.57 -27.07 -22.58
C GLY O 77 14.45 -25.90 -22.26
N VAL O 78 14.45 -24.90 -23.13
CA VAL O 78 15.26 -23.69 -22.94
C VAL O 78 14.40 -22.55 -22.41
N LYS O 79 14.93 -21.82 -21.44
CA LYS O 79 14.22 -20.69 -20.85
C LYS O 79 14.80 -19.39 -21.37
N LEU O 80 14.25 -18.88 -22.46
CA LEU O 80 14.75 -17.61 -23.01
C LEU O 80 14.56 -16.55 -21.94
N VAL O 81 15.64 -16.24 -21.23
CA VAL O 81 15.57 -15.23 -20.19
C VAL O 81 15.56 -13.81 -20.66
N SER O 82 14.43 -13.15 -20.49
CA SER O 82 14.30 -11.77 -20.91
C SER O 82 14.73 -11.57 -22.37
N ILE O 83 14.74 -12.66 -23.13
CA ILE O 83 15.12 -12.59 -24.55
C ILE O 83 13.86 -12.60 -25.42
N GLY O 84 13.50 -11.44 -25.96
CA GLY O 84 12.32 -11.34 -26.80
C GLY O 84 12.67 -11.08 -28.27
N ALA O 85 11.76 -11.44 -29.17
CA ALA O 85 11.98 -11.26 -30.59
C ALA O 85 12.25 -9.79 -30.95
N GLU O 86 11.60 -8.88 -30.23
CA GLU O 86 11.80 -7.46 -30.49
C GLU O 86 13.28 -7.06 -30.44
N GLU O 87 13.97 -7.43 -29.36
CA GLU O 87 15.39 -7.11 -29.23
C GLU O 87 16.21 -7.72 -30.37
N ILE O 88 15.84 -8.93 -30.80
CA ILE O 88 16.55 -9.63 -31.87
C ILE O 88 16.31 -8.90 -33.20
N VAL O 89 15.07 -8.52 -33.43
CA VAL O 89 14.69 -7.81 -34.64
C VAL O 89 15.40 -6.46 -34.66
N ASP O 90 15.53 -5.86 -33.49
CA ASP O 90 16.18 -4.57 -33.34
C ASP O 90 17.71 -4.65 -33.43
N GLY O 91 18.24 -5.87 -33.53
CA GLY O 91 19.69 -6.02 -33.63
C GLY O 91 20.47 -5.75 -32.35
N ASN O 92 19.81 -5.89 -31.19
CA ASN O 92 20.47 -5.66 -29.91
C ASN O 92 21.60 -6.69 -29.75
N LEU O 93 22.81 -6.21 -29.53
CA LEU O 93 23.96 -7.11 -29.41
C LEU O 93 23.96 -8.04 -28.19
N LYS O 94 23.80 -7.47 -26.99
CA LYS O 94 23.79 -8.29 -25.78
C LYS O 94 22.74 -9.40 -25.87
N MET O 95 21.55 -9.04 -26.31
CA MET O 95 20.46 -10.01 -26.42
C MET O 95 20.74 -11.06 -27.50
N THR O 96 21.29 -10.61 -28.63
CA THR O 96 21.60 -11.52 -29.73
C THR O 96 22.69 -12.51 -29.33
N LEU O 97 23.76 -12.01 -28.72
CA LEU O 97 24.83 -12.90 -28.29
C LEU O 97 24.33 -13.84 -27.20
N GLY O 98 23.42 -13.35 -26.36
CA GLY O 98 22.87 -14.17 -25.30
C GLY O 98 22.08 -15.32 -25.91
N MET O 99 21.31 -15.01 -26.95
CA MET O 99 20.50 -16.02 -27.63
C MET O 99 21.38 -17.10 -28.27
N ILE O 100 22.41 -16.68 -29.00
CA ILE O 100 23.28 -17.64 -29.67
C ILE O 100 24.02 -18.54 -28.67
N TRP O 101 24.43 -18.00 -27.53
CA TRP O 101 25.10 -18.84 -26.55
C TRP O 101 24.09 -19.89 -26.08
N THR O 102 22.87 -19.43 -25.80
CA THR O 102 21.81 -20.32 -25.36
C THR O 102 21.68 -21.48 -26.35
N ILE O 103 21.77 -21.17 -27.64
CA ILE O 103 21.67 -22.19 -28.69
C ILE O 103 22.92 -23.06 -28.73
N ILE O 104 24.08 -22.45 -28.55
CA ILE O 104 25.34 -23.20 -28.56
C ILE O 104 25.33 -24.18 -27.39
N LEU O 105 24.92 -23.69 -26.23
CA LEU O 105 24.88 -24.51 -25.04
C LEU O 105 23.86 -25.63 -25.17
N ARG O 106 22.66 -25.28 -25.62
CA ARG O 106 21.60 -26.28 -25.75
C ARG O 106 21.79 -27.36 -26.82
N PHE O 107 22.25 -26.94 -28.01
CA PHE O 107 22.39 -27.91 -29.09
C PHE O 107 23.79 -28.51 -29.32
N ALA O 108 24.79 -28.05 -28.59
CA ALA O 108 26.14 -28.58 -28.80
C ALA O 108 26.86 -29.00 -27.51
N ILE O 109 26.29 -28.62 -26.36
CA ILE O 109 26.95 -28.96 -25.09
C ILE O 109 26.07 -29.70 -24.08
N ALA P 1 -39.99 15.38 18.09
CA ALA P 1 -40.40 16.21 19.27
C ALA P 1 -39.68 17.55 19.28
N TRP P 2 -38.42 17.54 18.85
CA TRP P 2 -37.60 18.75 18.79
C TRP P 2 -38.28 19.83 17.94
N GLU P 3 -38.95 19.39 16.88
CA GLU P 3 -39.62 20.30 15.95
C GLU P 3 -40.64 21.16 16.64
N LYS P 4 -41.52 20.56 17.45
CA LYS P 4 -42.55 21.30 18.16
C LYS P 4 -41.93 22.25 19.19
N GLN P 5 -40.88 21.80 19.87
CA GLN P 5 -40.21 22.61 20.88
C GLN P 5 -39.54 23.81 20.23
N GLN P 6 -38.68 23.53 19.26
CA GLN P 6 -37.94 24.56 18.54
C GLN P 6 -38.86 25.61 17.96
N ARG P 7 -40.04 25.20 17.53
CA ARG P 7 -41.00 26.13 16.95
C ARG P 7 -41.50 27.09 18.02
N LYS P 8 -41.82 26.55 19.20
CA LYS P 8 -42.30 27.38 20.29
C LYS P 8 -41.21 28.34 20.78
N THR P 9 -40.02 27.81 21.05
CA THR P 9 -38.91 28.63 21.52
C THR P 9 -38.51 29.70 20.50
N PHE P 10 -38.30 29.28 19.25
CA PHE P 10 -37.92 30.24 18.21
C PHE P 10 -38.98 31.33 18.04
N THR P 11 -40.25 30.93 18.06
CA THR P 11 -41.34 31.91 17.92
C THR P 11 -41.28 32.92 19.06
N ALA P 12 -41.20 32.44 20.29
CA ALA P 12 -41.13 33.32 21.45
C ALA P 12 -39.92 34.26 21.32
N TRP P 13 -38.80 33.73 20.86
CA TRP P 13 -37.59 34.55 20.71
C TRP P 13 -37.82 35.65 19.68
N CYS P 14 -38.35 35.27 18.52
CA CYS P 14 -38.60 36.23 17.44
C CYS P 14 -39.54 37.33 17.94
N ASN P 15 -40.59 36.92 18.64
CA ASN P 15 -41.58 37.86 19.18
C ASN P 15 -41.02 38.83 20.22
N SER P 16 -40.07 38.36 21.04
CA SER P 16 -39.48 39.21 22.07
C SER P 16 -38.68 40.34 21.44
N HIS P 17 -38.38 40.22 20.15
CA HIS P 17 -37.65 41.26 19.44
C HIS P 17 -38.59 42.08 18.56
N LEU P 18 -39.47 41.39 17.84
CA LEU P 18 -40.44 42.05 16.97
C LEU P 18 -41.34 43.02 17.74
N ARG P 19 -41.60 42.71 19.00
CA ARG P 19 -42.46 43.56 19.83
C ARG P 19 -41.94 44.99 19.92
N LYS P 20 -40.63 45.16 19.73
CA LYS P 20 -40.04 46.50 19.78
C LYS P 20 -40.46 47.26 18.52
N ALA P 21 -40.83 46.52 17.48
CA ALA P 21 -41.26 47.12 16.23
C ALA P 21 -42.80 47.10 16.17
N GLY P 22 -43.40 46.84 17.33
CA GLY P 22 -44.85 46.84 17.47
C GLY P 22 -45.62 45.71 16.76
N THR P 23 -44.97 44.59 16.50
CA THR P 23 -45.67 43.51 15.85
C THR P 23 -45.32 42.22 16.54
N GLN P 24 -45.98 41.15 16.11
CA GLN P 24 -45.66 39.80 16.58
C GLN P 24 -46.01 38.81 15.48
N ILE P 25 -45.66 37.54 15.68
CA ILE P 25 -46.03 36.50 14.74
C ILE P 25 -46.78 35.45 15.56
N GLU P 26 -47.65 34.69 14.91
CA GLU P 26 -48.39 33.67 15.61
C GLU P 26 -47.85 32.30 15.20
N ASN P 27 -47.98 31.98 13.92
CA ASN P 27 -47.49 30.68 13.43
C ASN P 27 -46.24 30.93 12.59
N ILE P 28 -45.11 30.48 13.12
CA ILE P 28 -43.83 30.67 12.46
C ILE P 28 -43.79 30.11 11.04
N GLU P 29 -44.58 29.07 10.81
CA GLU P 29 -44.62 28.44 9.47
C GLU P 29 -45.51 29.17 8.48
N GLU P 30 -46.01 30.34 8.87
CA GLU P 30 -46.89 31.16 8.01
C GLU P 30 -46.43 32.60 7.91
N ASP P 31 -46.20 33.19 9.09
CA ASP P 31 -45.84 34.59 9.24
C ASP P 31 -44.51 35.12 8.72
N PHE P 32 -43.69 34.26 8.12
CA PHE P 32 -42.42 34.68 7.57
C PHE P 32 -42.39 34.40 6.07
N ARG P 33 -43.47 33.79 5.56
CA ARG P 33 -43.59 33.44 4.16
C ARG P 33 -43.44 34.64 3.21
N ASN P 34 -43.99 35.79 3.61
CA ASN P 34 -43.90 36.97 2.76
C ASN P 34 -42.65 37.80 3.02
N GLY P 35 -41.84 37.32 3.96
CA GLY P 35 -40.57 37.97 4.29
C GLY P 35 -40.57 39.35 4.96
N LEU P 36 -41.73 39.95 5.12
CA LEU P 36 -41.82 41.28 5.73
C LEU P 36 -41.31 41.33 7.17
N LYS P 37 -41.90 40.53 8.05
CA LYS P 37 -41.49 40.51 9.44
C LYS P 37 -40.12 39.87 9.61
N LEU P 38 -39.70 39.14 8.59
CA LEU P 38 -38.39 38.50 8.61
C LEU P 38 -37.37 39.63 8.44
N MET P 39 -37.66 40.54 7.50
CA MET P 39 -36.81 41.69 7.26
C MET P 39 -36.85 42.60 8.47
N LEU P 40 -38.06 42.80 9.00
CA LEU P 40 -38.26 43.64 10.16
C LEU P 40 -37.45 43.11 11.36
N LEU P 41 -37.48 41.79 11.54
CA LEU P 41 -36.76 41.15 12.64
C LEU P 41 -35.25 41.40 12.52
N LEU P 42 -34.72 41.30 11.31
CA LEU P 42 -33.31 41.51 11.07
C LEU P 42 -32.86 42.95 11.32
N GLU P 43 -33.69 43.92 10.97
CA GLU P 43 -33.32 45.31 11.22
C GLU P 43 -33.34 45.57 12.73
N VAL P 44 -34.31 44.98 13.41
CA VAL P 44 -34.43 45.13 14.85
C VAL P 44 -33.21 44.61 15.60
N ILE P 45 -32.82 43.37 15.35
CA ILE P 45 -31.67 42.77 16.08
C ILE P 45 -30.31 43.24 15.63
N SER P 46 -30.18 43.76 14.41
CA SER P 46 -28.87 44.22 13.95
C SER P 46 -28.73 45.72 14.13
N GLY P 47 -29.85 46.42 14.14
CA GLY P 47 -29.80 47.86 14.26
C GLY P 47 -29.42 48.50 12.94
N GLU P 48 -29.46 47.71 11.87
CA GLU P 48 -29.14 48.20 10.52
C GLU P 48 -30.39 48.31 9.65
N ARG P 49 -30.23 48.93 8.49
CA ARG P 49 -31.34 49.09 7.57
C ARG P 49 -31.19 48.14 6.39
N LEU P 50 -32.22 47.33 6.14
CA LEU P 50 -32.20 46.43 5.00
C LEU P 50 -32.78 47.18 3.81
N PRO P 51 -32.67 46.62 2.59
CA PRO P 51 -33.29 47.26 1.45
C PRO P 51 -34.79 47.40 1.70
N ARG P 52 -35.43 48.31 0.99
CA ARG P 52 -36.87 48.48 1.19
C ARG P 52 -37.61 47.26 0.64
N PRO P 53 -38.72 46.89 1.27
CA PRO P 53 -39.55 45.78 0.78
C PRO P 53 -40.21 46.11 -0.55
N ASP P 54 -40.53 45.05 -1.30
CA ASP P 54 -41.24 45.17 -2.57
C ASP P 54 -42.70 45.19 -2.22
N LYS P 55 -43.48 46.07 -2.84
CA LYS P 55 -44.91 46.13 -2.58
C LYS P 55 -45.59 45.08 -3.47
N GLY P 56 -46.54 44.35 -2.89
CA GLY P 56 -47.24 43.30 -3.64
C GLY P 56 -47.40 42.05 -2.80
N LYS P 57 -48.38 41.21 -3.14
CA LYS P 57 -48.61 39.98 -2.37
C LYS P 57 -48.41 38.72 -3.20
N MET P 58 -47.96 38.88 -4.44
CA MET P 58 -47.73 37.74 -5.32
C MET P 58 -46.55 36.91 -4.85
N ARG P 59 -46.47 35.68 -5.35
CA ARG P 59 -45.40 34.77 -5.01
C ARG P 59 -44.04 35.39 -5.29
N PHE P 60 -43.86 35.96 -6.47
CA PHE P 60 -42.59 36.57 -6.80
C PHE P 60 -42.20 37.74 -5.88
N HIS P 61 -43.18 38.46 -5.34
CA HIS P 61 -42.92 39.56 -4.43
C HIS P 61 -42.35 38.98 -3.14
N LYS P 62 -42.87 37.83 -2.72
CA LYS P 62 -42.41 37.17 -1.51
C LYS P 62 -40.99 36.67 -1.68
N ILE P 63 -40.71 36.04 -2.82
CA ILE P 63 -39.38 35.54 -3.11
C ILE P 63 -38.39 36.68 -3.03
N ALA P 64 -38.77 37.82 -3.60
CA ALA P 64 -37.89 38.98 -3.63
C ALA P 64 -37.62 39.52 -2.23
N ASN P 65 -38.65 39.63 -1.40
CA ASN P 65 -38.42 40.13 -0.07
C ASN P 65 -37.66 39.12 0.80
N VAL P 66 -38.01 37.84 0.72
CA VAL P 66 -37.29 36.83 1.50
C VAL P 66 -35.82 36.81 1.06
N ASN P 67 -35.58 37.11 -0.21
CA ASN P 67 -34.20 37.12 -0.70
C ASN P 67 -33.42 38.32 -0.16
N LYS P 68 -34.13 39.40 0.17
CA LYS P 68 -33.48 40.57 0.72
C LYS P 68 -32.94 40.17 2.09
N ALA P 69 -33.77 39.44 2.85
CA ALA P 69 -33.39 38.95 4.18
C ALA P 69 -32.27 37.93 4.06
N LEU P 70 -32.48 36.90 3.26
CA LEU P 70 -31.45 35.86 3.09
C LEU P 70 -30.09 36.45 2.68
N ASP P 71 -30.10 37.42 1.77
CA ASP P 71 -28.86 38.04 1.33
C ASP P 71 -28.21 38.84 2.47
N PHE P 72 -29.04 39.58 3.21
CA PHE P 72 -28.51 40.35 4.34
C PHE P 72 -27.76 39.42 5.32
N ILE P 73 -28.38 38.28 5.62
CA ILE P 73 -27.81 37.28 6.53
C ILE P 73 -26.50 36.74 5.94
N ALA P 74 -26.55 36.34 4.67
CA ALA P 74 -25.38 35.82 4.01
C ALA P 74 -24.24 36.83 4.03
N SER P 75 -24.59 38.11 3.93
CA SER P 75 -23.60 39.17 3.92
C SER P 75 -22.90 39.32 5.27
N LYS P 76 -23.48 38.71 6.30
CA LYS P 76 -22.94 38.74 7.65
C LYS P 76 -22.05 37.54 7.90
N GLY P 77 -21.51 36.97 6.83
CA GLY P 77 -20.63 35.83 6.96
C GLY P 77 -21.38 34.54 7.25
N VAL P 78 -22.66 34.51 6.89
CA VAL P 78 -23.49 33.33 7.10
C VAL P 78 -23.63 32.53 5.82
N LYS P 79 -23.54 31.20 5.93
CA LYS P 79 -23.66 30.33 4.77
C LYS P 79 -25.02 29.64 4.80
N LEU P 80 -26.00 30.25 4.15
CA LEU P 80 -27.34 29.65 4.11
C LEU P 80 -27.20 28.29 3.43
N VAL P 81 -27.15 27.24 4.23
CA VAL P 81 -27.03 25.90 3.68
C VAL P 81 -28.29 25.32 3.12
N SER P 82 -28.31 25.16 1.80
CA SER P 82 -29.48 24.62 1.13
C SER P 82 -30.76 25.34 1.53
N ILE P 83 -30.63 26.57 2.03
CA ILE P 83 -31.78 27.36 2.44
C ILE P 83 -32.09 28.40 1.36
N GLY P 84 -33.14 28.14 0.58
CA GLY P 84 -33.53 29.07 -0.47
C GLY P 84 -34.83 29.79 -0.17
N ALA P 85 -35.04 30.94 -0.80
CA ALA P 85 -36.24 31.74 -0.58
C ALA P 85 -37.50 30.95 -0.93
N GLU P 86 -37.42 30.09 -1.94
CA GLU P 86 -38.56 29.29 -2.34
C GLU P 86 -39.15 28.49 -1.16
N GLU P 87 -38.30 27.76 -0.45
CA GLU P 87 -38.76 26.97 0.69
C GLU P 87 -39.39 27.86 1.77
N ILE P 88 -38.84 29.06 1.96
CA ILE P 88 -39.34 30.00 2.96
C ILE P 88 -40.71 30.53 2.53
N VAL P 89 -40.83 30.86 1.26
CA VAL P 89 -42.07 31.36 0.69
C VAL P 89 -43.12 30.28 0.78
N ASP P 90 -42.69 29.05 0.57
CA ASP P 90 -43.57 27.90 0.62
C ASP P 90 -43.96 27.49 2.03
N GLY P 91 -43.38 28.14 3.03
CA GLY P 91 -43.71 27.82 4.41
C GLY P 91 -43.15 26.50 4.93
N ASN P 92 -42.07 26.02 4.31
CA ASN P 92 -41.44 24.78 4.74
C ASN P 92 -40.94 24.93 6.18
N LEU P 93 -41.39 24.06 7.07
CA LEU P 93 -41.01 24.15 8.48
C LEU P 93 -39.53 23.91 8.78
N LYS P 94 -38.99 22.78 8.33
CA LYS P 94 -37.58 22.49 8.59
C LYS P 94 -36.67 23.62 8.11
N MET P 95 -36.92 24.10 6.90
CA MET P 95 -36.11 25.16 6.33
C MET P 95 -36.29 26.48 7.09
N THR P 96 -37.53 26.78 7.47
CA THR P 96 -37.82 28.01 8.20
C THR P 96 -37.15 28.00 9.57
N LEU P 97 -37.30 26.90 10.30
CA LEU P 97 -36.68 26.81 11.61
C LEU P 97 -35.16 26.83 11.48
N GLY P 98 -34.65 26.25 10.41
CA GLY P 98 -33.21 26.24 10.18
C GLY P 98 -32.72 27.66 9.98
N MET P 99 -33.48 28.44 9.22
CA MET P 99 -33.13 29.83 8.95
C MET P 99 -33.11 30.67 10.24
N ILE P 100 -34.16 30.55 11.04
CA ILE P 100 -34.24 31.32 12.27
C ILE P 100 -33.12 30.97 13.25
N TRP P 101 -32.75 29.69 13.33
CA TRP P 101 -31.66 29.32 14.23
C TRP P 101 -30.40 30.03 13.72
N THR P 102 -30.19 29.96 12.40
CA THR P 102 -29.03 30.58 11.79
C THR P 102 -28.97 32.05 12.21
N ILE P 103 -30.13 32.71 12.25
CA ILE P 103 -30.21 34.12 12.64
C ILE P 103 -29.98 34.27 14.15
N ILE P 104 -30.54 33.37 14.94
CA ILE P 104 -30.36 33.41 16.38
C ILE P 104 -28.89 33.25 16.72
N LEU P 105 -28.26 32.27 16.07
CA LEU P 105 -26.85 31.99 16.29
C LEU P 105 -25.98 33.15 15.84
N ARG P 106 -26.24 33.65 14.64
CA ARG P 106 -25.43 34.74 14.11
C ARG P 106 -25.56 36.11 14.79
N PHE P 107 -26.81 36.50 15.12
CA PHE P 107 -27.00 37.81 15.72
C PHE P 107 -27.12 37.88 17.24
N ALA P 108 -27.13 36.73 17.91
CA ALA P 108 -27.28 36.76 19.37
C ALA P 108 -26.25 35.89 20.12
N ILE P 109 -25.52 35.06 19.38
CA ILE P 109 -24.55 34.18 20.04
C ILE P 109 -23.12 34.26 19.49
N ALA Q 1 -5.33 -1.01 -61.86
CA ALA Q 1 -4.91 -2.21 -62.64
C ALA Q 1 -5.96 -3.32 -62.55
N TRP Q 2 -6.56 -3.44 -61.38
CA TRP Q 2 -7.58 -4.46 -61.14
C TRP Q 2 -8.73 -4.33 -62.14
N GLU Q 3 -9.05 -3.10 -62.50
CA GLU Q 3 -10.14 -2.81 -63.42
C GLU Q 3 -9.95 -3.49 -64.77
N LYS Q 4 -8.76 -3.37 -65.35
CA LYS Q 4 -8.47 -3.97 -66.64
C LYS Q 4 -8.49 -5.49 -66.54
N GLN Q 5 -7.97 -6.03 -65.44
CA GLN Q 5 -7.92 -7.47 -65.24
C GLN Q 5 -9.33 -8.03 -65.09
N GLN Q 6 -10.06 -7.48 -64.13
CA GLN Q 6 -11.43 -7.89 -63.85
C GLN Q 6 -12.30 -7.86 -65.09
N ARG Q 7 -12.05 -6.90 -65.96
CA ARG Q 7 -12.83 -6.77 -67.19
C ARG Q 7 -12.55 -7.94 -68.11
N LYS Q 8 -11.28 -8.30 -68.24
CA LYS Q 8 -10.90 -9.42 -69.09
C LYS Q 8 -11.44 -10.75 -68.53
N THR Q 9 -11.19 -10.99 -67.25
CA THR Q 9 -11.66 -12.22 -66.62
C THR Q 9 -13.18 -12.34 -66.63
N PHE Q 10 -13.87 -11.30 -66.19
CA PHE Q 10 -15.33 -11.32 -66.18
C PHE Q 10 -15.89 -11.54 -67.59
N THR Q 11 -15.31 -10.87 -68.58
CA THR Q 11 -15.77 -11.02 -69.96
C THR Q 11 -15.61 -12.47 -70.40
N ALA Q 12 -14.43 -13.03 -70.21
CA ALA Q 12 -14.18 -14.42 -70.58
C ALA Q 12 -15.17 -15.34 -69.87
N TRP Q 13 -15.44 -15.07 -68.60
CA TRP Q 13 -16.38 -15.91 -67.84
C TRP Q 13 -17.77 -15.82 -68.44
N CYS Q 14 -18.24 -14.61 -68.68
CA CYS Q 14 -19.58 -14.40 -69.25
C CYS Q 14 -19.70 -15.12 -70.59
N ASN Q 15 -18.66 -14.99 -71.42
CA ASN Q 15 -18.63 -15.61 -72.74
C ASN Q 15 -18.64 -17.14 -72.70
N SER Q 16 -17.98 -17.73 -71.69
CA SER Q 16 -17.93 -19.18 -71.58
C SER Q 16 -19.31 -19.76 -71.29
N HIS Q 17 -20.25 -18.90 -70.89
CA HIS Q 17 -21.62 -19.32 -70.61
C HIS Q 17 -22.54 -18.92 -71.75
N LEU Q 18 -22.40 -17.68 -72.21
CA LEU Q 18 -23.22 -17.19 -73.31
C LEU Q 18 -23.06 -18.02 -74.58
N ARG Q 19 -21.89 -18.60 -74.77
CA ARG Q 19 -21.63 -19.41 -75.97
C ARG Q 19 -22.61 -20.57 -76.08
N LYS Q 20 -23.18 -21.00 -74.95
CA LYS Q 20 -24.15 -22.09 -74.98
C LYS Q 20 -25.44 -21.58 -75.60
N ALA Q 21 -25.63 -20.26 -75.56
CA ALA Q 21 -26.82 -19.63 -76.13
C ALA Q 21 -26.46 -19.06 -77.51
N GLY Q 22 -25.31 -19.48 -78.03
CA GLY Q 22 -24.85 -19.08 -79.34
C GLY Q 22 -24.46 -17.61 -79.53
N THR Q 23 -24.08 -16.94 -78.46
CA THR Q 23 -23.68 -15.54 -78.59
C THR Q 23 -22.43 -15.31 -77.79
N GLN Q 24 -21.89 -14.11 -77.90
CA GLN Q 24 -20.77 -13.68 -77.08
C GLN Q 24 -20.84 -12.17 -76.92
N ILE Q 25 -19.97 -11.60 -76.09
CA ILE Q 25 -19.88 -10.17 -75.93
C ILE Q 25 -18.42 -9.80 -76.23
N GLU Q 26 -18.19 -8.58 -76.66
CA GLU Q 26 -16.84 -8.15 -76.95
C GLU Q 26 -16.39 -7.17 -75.86
N ASN Q 27 -17.08 -6.04 -75.76
CA ASN Q 27 -16.72 -5.04 -74.75
C ASN Q 27 -17.79 -5.05 -73.67
N ILE Q 28 -17.40 -5.52 -72.49
CA ILE Q 28 -18.32 -5.62 -71.36
C ILE Q 28 -18.99 -4.31 -71.01
N GLU Q 29 -18.29 -3.20 -71.27
CA GLU Q 29 -18.85 -1.87 -70.95
C GLU Q 29 -19.81 -1.35 -72.01
N GLU Q 30 -20.16 -2.19 -72.98
CA GLU Q 30 -21.10 -1.83 -74.05
C GLU Q 30 -22.21 -2.85 -74.24
N ASP Q 31 -21.79 -4.11 -74.35
CA ASP Q 31 -22.68 -5.24 -74.62
C ASP Q 31 -23.72 -5.68 -73.60
N PHE Q 32 -23.80 -4.99 -72.47
CA PHE Q 32 -24.79 -5.31 -71.45
C PHE Q 32 -25.70 -4.11 -71.21
N ARG Q 33 -25.41 -3.01 -71.91
CA ARG Q 33 -26.18 -1.77 -71.79
C ARG Q 33 -27.67 -1.94 -72.08
N ASN Q 34 -27.99 -2.77 -73.09
CA ASN Q 34 -29.37 -2.97 -73.46
C ASN Q 34 -30.03 -4.12 -72.67
N GLY Q 35 -29.24 -4.73 -71.79
CA GLY Q 35 -29.74 -5.81 -70.94
C GLY Q 35 -30.14 -7.15 -71.55
N LEU Q 36 -30.13 -7.25 -72.87
CA LEU Q 36 -30.52 -8.49 -73.54
C LEU Q 36 -29.63 -9.69 -73.19
N LYS Q 37 -28.33 -9.58 -73.45
CA LYS Q 37 -27.42 -10.66 -73.16
C LYS Q 37 -27.23 -10.83 -71.66
N LEU Q 38 -27.59 -9.80 -70.90
CA LEU Q 38 -27.49 -9.87 -69.45
C LEU Q 38 -28.58 -10.81 -68.99
N MET Q 39 -29.78 -10.65 -69.57
CA MET Q 39 -30.91 -11.51 -69.26
C MET Q 39 -30.62 -12.92 -69.76
N LEU Q 40 -30.05 -12.99 -70.97
CA LEU Q 40 -29.71 -14.27 -71.58
C LEU Q 40 -28.70 -15.02 -70.70
N LEU Q 41 -27.71 -14.30 -70.19
CA LEU Q 41 -26.68 -14.89 -69.33
C LEU Q 41 -27.30 -15.48 -68.07
N LEU Q 42 -28.24 -14.76 -67.46
CA LEU Q 42 -28.90 -15.21 -66.25
C LEU Q 42 -29.75 -16.47 -66.46
N GLU Q 43 -30.43 -16.56 -67.60
CA GLU Q 43 -31.24 -17.75 -67.86
C GLU Q 43 -30.30 -18.95 -68.08
N VAL Q 44 -29.19 -18.70 -68.77
CA VAL Q 44 -28.21 -19.75 -69.02
C VAL Q 44 -27.64 -20.35 -67.75
N ILE Q 45 -27.12 -19.52 -66.86
CA ILE Q 45 -26.49 -20.02 -65.61
C ILE Q 45 -27.46 -20.49 -64.54
N SER Q 46 -28.70 -20.03 -64.56
CA SER Q 46 -29.65 -20.45 -63.54
C SER Q 46 -30.53 -21.59 -64.05
N GLY Q 47 -30.69 -21.66 -65.36
CA GLY Q 47 -31.55 -22.69 -65.92
C GLY Q 47 -33.02 -22.31 -65.76
N GLU Q 48 -33.27 -21.06 -65.40
CA GLU Q 48 -34.64 -20.56 -65.23
C GLU Q 48 -35.03 -19.59 -66.35
N ARG Q 49 -36.31 -19.25 -66.40
CA ARG Q 49 -36.80 -18.34 -67.41
C ARG Q 49 -37.09 -16.98 -66.80
N LEU Q 50 -36.49 -15.93 -67.38
CA LEU Q 50 -36.73 -14.58 -66.92
C LEU Q 50 -37.94 -14.04 -67.69
N PRO Q 51 -38.49 -12.89 -67.27
CA PRO Q 51 -39.57 -12.30 -68.03
C PRO Q 51 -39.11 -12.06 -69.48
N ARG Q 52 -40.06 -11.93 -70.39
CA ARG Q 52 -39.66 -11.68 -71.77
C ARG Q 52 -39.09 -10.26 -71.91
N PRO Q 53 -38.13 -10.08 -72.79
CA PRO Q 53 -37.56 -8.75 -73.05
C PRO Q 53 -38.56 -7.82 -73.69
N ASP Q 54 -38.36 -6.52 -73.50
CA ASP Q 54 -39.17 -5.47 -74.12
C ASP Q 54 -38.57 -5.23 -75.48
N LYS Q 55 -39.41 -5.10 -76.51
CA LYS Q 55 -38.89 -4.83 -77.85
C LYS Q 55 -38.69 -3.32 -77.98
N GLY Q 56 -37.57 -2.91 -78.56
CA GLY Q 56 -37.27 -1.50 -78.72
C GLY Q 56 -35.82 -1.21 -78.39
N LYS Q 57 -35.28 -0.11 -78.91
CA LYS Q 57 -33.87 0.23 -78.65
C LYS Q 57 -33.71 1.54 -77.89
N MET Q 58 -34.82 2.14 -77.48
CA MET Q 58 -34.77 3.40 -76.74
C MET Q 58 -34.20 3.21 -75.34
N ARG Q 59 -33.78 4.31 -74.73
CA ARG Q 59 -33.21 4.30 -73.40
C ARG Q 59 -34.15 3.61 -72.41
N PHE Q 60 -35.42 4.00 -72.42
CA PHE Q 60 -36.37 3.39 -71.49
C PHE Q 60 -36.56 1.88 -71.68
N HIS Q 61 -36.39 1.39 -72.91
CA HIS Q 61 -36.49 -0.03 -73.19
C HIS Q 61 -35.33 -0.74 -72.52
N LYS Q 62 -34.15 -0.11 -72.53
CA LYS Q 62 -32.97 -0.68 -71.92
C LYS Q 62 -33.12 -0.72 -70.40
N ILE Q 63 -33.61 0.36 -69.82
CA ILE Q 63 -33.81 0.43 -68.39
C ILE Q 63 -34.75 -0.70 -67.97
N ALA Q 64 -35.80 -0.91 -68.75
CA ALA Q 64 -36.79 -1.93 -68.44
C ALA Q 64 -36.19 -3.33 -68.50
N ASN Q 65 -35.40 -3.61 -69.54
CA ASN Q 65 -34.82 -4.94 -69.62
C ASN Q 65 -33.72 -5.15 -68.57
N VAL Q 66 -32.87 -4.15 -68.34
CA VAL Q 66 -31.83 -4.28 -67.32
C VAL Q 66 -32.50 -4.46 -65.95
N ASN Q 67 -33.68 -3.87 -65.77
CA ASN Q 67 -34.37 -4.01 -64.50
C ASN Q 67 -34.94 -5.42 -64.33
N LYS Q 68 -35.23 -6.09 -65.44
CA LYS Q 68 -35.74 -7.44 -65.37
C LYS Q 68 -34.63 -8.32 -64.80
N ALA Q 69 -33.41 -8.09 -65.29
CA ALA Q 69 -32.22 -8.81 -64.83
C ALA Q 69 -31.92 -8.46 -63.38
N LEU Q 70 -31.79 -7.18 -63.09
CA LEU Q 70 -31.50 -6.75 -61.72
C LEU Q 70 -32.51 -7.31 -60.71
N ASP Q 71 -33.79 -7.30 -61.05
CA ASP Q 71 -34.82 -7.83 -60.16
C ASP Q 71 -34.65 -9.34 -59.99
N PHE Q 72 -34.40 -10.04 -61.09
CA PHE Q 72 -34.21 -11.49 -61.00
C PHE Q 72 -33.08 -11.82 -60.00
N ILE Q 73 -31.98 -11.09 -60.10
CA ILE Q 73 -30.82 -11.26 -59.22
C ILE Q 73 -31.22 -10.97 -57.78
N ALA Q 74 -31.87 -9.82 -57.58
CA ALA Q 74 -32.30 -9.43 -56.25
C ALA Q 74 -33.21 -10.49 -55.65
N SER Q 75 -34.03 -11.12 -56.49
CA SER Q 75 -34.96 -12.13 -56.03
C SER Q 75 -34.25 -13.39 -55.54
N LYS Q 76 -32.97 -13.50 -55.88
CA LYS Q 76 -32.15 -14.64 -55.48
C LYS Q 76 -31.41 -14.35 -54.19
N GLY Q 77 -31.95 -13.43 -53.40
CA GLY Q 77 -31.34 -13.09 -52.14
C GLY Q 77 -30.11 -12.21 -52.30
N VAL Q 78 -30.04 -11.49 -53.41
CA VAL Q 78 -28.92 -10.60 -53.69
C VAL Q 78 -29.30 -9.15 -53.40
N LYS Q 79 -28.39 -8.42 -52.78
CA LYS Q 79 -28.63 -7.03 -52.45
C LYS Q 79 -27.84 -6.14 -53.40
N LEU Q 80 -28.45 -5.74 -54.51
CA LEU Q 80 -27.77 -4.87 -55.46
C LEU Q 80 -27.42 -3.59 -54.73
N VAL Q 81 -26.17 -3.48 -54.29
CA VAL Q 81 -25.74 -2.28 -53.58
C VAL Q 81 -25.46 -1.08 -54.45
N SER Q 82 -26.32 -0.08 -54.33
CA SER Q 82 -26.15 1.13 -55.11
C SER Q 82 -26.02 0.83 -56.61
N ILE Q 83 -26.47 -0.35 -57.01
CA ILE Q 83 -26.41 -0.74 -58.43
C ILE Q 83 -27.78 -0.56 -59.08
N GLY Q 84 -27.92 0.50 -59.87
CA GLY Q 84 -29.18 0.77 -60.54
C GLY Q 84 -29.11 0.54 -62.05
N ALA Q 85 -30.26 0.30 -62.67
CA ALA Q 85 -30.31 0.05 -64.11
C ALA Q 85 -29.74 1.23 -64.91
N GLU Q 86 -29.95 2.45 -64.40
CA GLU Q 86 -29.44 3.63 -65.08
C GLU Q 86 -27.93 3.54 -65.36
N GLU Q 87 -27.15 3.22 -64.33
CA GLU Q 87 -25.70 3.10 -64.49
C GLU Q 87 -25.34 2.01 -65.50
N ILE Q 88 -26.11 0.91 -65.51
CA ILE Q 88 -25.86 -0.20 -66.42
C ILE Q 88 -26.19 0.22 -67.86
N VAL Q 89 -27.30 0.92 -68.02
CA VAL Q 89 -27.72 1.41 -69.31
C VAL Q 89 -26.70 2.41 -69.82
N ASP Q 90 -26.16 3.20 -68.90
CA ASP Q 90 -25.16 4.21 -69.23
C ASP Q 90 -23.78 3.63 -69.50
N GLY Q 91 -23.63 2.32 -69.32
CA GLY Q 91 -22.34 1.69 -69.56
C GLY Q 91 -21.25 1.99 -68.53
N ASN Q 92 -21.66 2.35 -67.31
CA ASN Q 92 -20.69 2.65 -66.25
C ASN Q 92 -19.88 1.38 -65.95
N LEU Q 93 -18.56 1.49 -66.05
CA LEU Q 93 -17.69 0.33 -65.84
C LEU Q 93 -17.68 -0.23 -64.42
N LYS Q 94 -17.42 0.61 -63.42
CA LYS Q 94 -17.39 0.15 -62.03
C LYS Q 94 -18.69 -0.56 -61.66
N MET Q 95 -19.81 0.05 -62.01
CA MET Q 95 -21.10 -0.52 -61.68
C MET Q 95 -21.37 -1.82 -62.44
N THR Q 96 -20.98 -1.86 -63.72
CA THR Q 96 -21.17 -3.05 -64.54
C THR Q 96 -20.34 -4.21 -64.01
N LEU Q 97 -19.06 -3.96 -63.73
CA LEU Q 97 -18.20 -5.01 -63.21
C LEU Q 97 -18.69 -5.46 -61.84
N GLY Q 98 -19.22 -4.52 -61.06
CA GLY Q 98 -19.73 -4.85 -59.75
C GLY Q 98 -20.92 -5.79 -59.87
N MET Q 99 -21.78 -5.50 -60.84
CA MET Q 99 -22.96 -6.34 -61.09
C MET Q 99 -22.57 -7.76 -61.51
N ILE Q 100 -21.64 -7.88 -62.46
CA ILE Q 100 -21.24 -9.19 -62.93
C ILE Q 100 -20.57 -10.02 -61.83
N TRP Q 101 -19.79 -9.38 -60.95
CA TRP Q 101 -19.17 -10.14 -59.87
C TRP Q 101 -20.30 -10.67 -58.99
N THR Q 102 -21.26 -9.79 -58.69
CA THR Q 102 -22.39 -10.17 -57.86
C THR Q 102 -23.05 -11.42 -58.44
N ILE Q 103 -23.16 -11.47 -59.77
CA ILE Q 103 -23.76 -12.61 -60.46
C ILE Q 103 -22.83 -13.83 -60.41
N ILE Q 104 -21.53 -13.60 -60.59
CA ILE Q 104 -20.57 -14.68 -60.55
C ILE Q 104 -20.58 -15.31 -59.15
N LEU Q 105 -20.58 -14.45 -58.14
CA LEU Q 105 -20.58 -14.91 -56.77
C LEU Q 105 -21.87 -15.65 -56.42
N ARG Q 106 -23.00 -15.05 -56.79
CA ARG Q 106 -24.28 -15.66 -56.48
C ARG Q 106 -24.64 -16.96 -57.20
N PHE Q 107 -24.34 -17.01 -58.52
CA PHE Q 107 -24.71 -18.20 -59.28
C PHE Q 107 -23.62 -19.25 -59.51
N ALA Q 108 -22.39 -18.97 -59.09
CA ALA Q 108 -21.31 -19.94 -59.32
C ALA Q 108 -20.47 -20.25 -58.07
N ILE Q 109 -20.65 -19.45 -57.02
CA ILE Q 109 -19.84 -19.67 -55.81
C ILE Q 109 -20.64 -19.83 -54.52
N ALA R 1 -61.21 52.56 -18.60
CA ALA R 1 -61.12 53.73 -17.67
C ALA R 1 -60.07 54.73 -18.16
N TRP R 2 -58.99 54.21 -18.73
CA TRP R 2 -57.91 55.04 -19.25
C TRP R 2 -58.45 56.05 -20.28
N GLU R 3 -59.42 55.61 -21.06
CA GLU R 3 -60.00 56.44 -22.12
C GLU R 3 -60.58 57.73 -21.57
N LYS R 4 -61.38 57.65 -20.52
CA LYS R 4 -61.99 58.83 -19.91
C LYS R 4 -60.93 59.74 -19.30
N GLN R 5 -59.92 59.15 -18.67
CA GLN R 5 -58.86 59.91 -18.03
C GLN R 5 -58.05 60.66 -19.09
N GLN R 6 -57.52 59.89 -20.05
CA GLN R 6 -56.72 60.43 -21.14
C GLN R 6 -57.42 61.56 -21.86
N ARG R 7 -58.73 61.45 -21.98
CA ARG R 7 -59.51 62.48 -22.66
C ARG R 7 -59.49 63.77 -21.86
N LYS R 8 -59.67 63.65 -20.56
CA LYS R 8 -59.66 64.83 -19.69
C LYS R 8 -58.27 65.48 -19.66
N THR R 9 -57.24 64.67 -19.41
CA THR R 9 -55.88 65.19 -19.36
C THR R 9 -55.43 65.79 -20.69
N PHE R 10 -55.62 65.06 -21.78
CA PHE R 10 -55.23 65.57 -23.09
C PHE R 10 -55.97 66.87 -23.43
N THR R 11 -57.27 66.91 -23.11
CA THR R 11 -58.05 68.11 -23.39
C THR R 11 -57.48 69.31 -22.60
N ALA R 12 -57.27 69.12 -21.31
CA ALA R 12 -56.70 70.19 -20.48
C ALA R 12 -55.36 70.62 -21.04
N TRP R 13 -54.54 69.67 -21.48
CA TRP R 13 -53.23 70.00 -22.03
C TRP R 13 -53.36 70.85 -23.29
N CYS R 14 -54.22 70.39 -24.20
CA CYS R 14 -54.43 71.10 -25.47
C CYS R 14 -54.90 72.52 -25.20
N ASN R 15 -55.85 72.65 -24.26
CA ASN R 15 -56.40 73.95 -23.89
C ASN R 15 -55.39 74.90 -23.27
N SER R 16 -54.44 74.37 -22.48
CA SER R 16 -53.44 75.20 -21.84
C SER R 16 -52.52 75.84 -22.86
N HIS R 17 -52.55 75.33 -24.10
CA HIS R 17 -51.74 75.89 -25.18
C HIS R 17 -52.60 76.73 -26.11
N LEU R 18 -53.76 76.21 -26.48
CA LEU R 18 -54.67 76.92 -27.36
C LEU R 18 -55.10 78.27 -26.78
N ARG R 19 -55.15 78.38 -25.47
CA ARG R 19 -55.55 79.63 -24.82
C ARG R 19 -54.65 80.79 -25.22
N LYS R 20 -53.42 80.48 -25.63
CA LYS R 20 -52.50 81.52 -26.05
C LYS R 20 -52.96 82.07 -27.40
N ALA R 21 -53.73 81.27 -28.12
CA ALA R 21 -54.25 81.66 -29.42
C ALA R 21 -55.71 82.12 -29.25
N GLY R 22 -56.09 82.35 -28.01
CA GLY R 22 -57.42 82.84 -27.67
C GLY R 22 -58.60 81.89 -27.91
N THR R 23 -58.35 80.59 -27.92
CA THR R 23 -59.44 79.66 -28.12
C THR R 23 -59.32 78.52 -27.14
N GLN R 24 -60.31 77.65 -27.15
CA GLN R 24 -60.27 76.42 -26.36
C GLN R 24 -61.11 75.37 -27.06
N ILE R 25 -61.08 74.14 -26.55
CA ILE R 25 -61.92 73.08 -27.08
C ILE R 25 -62.72 72.55 -25.91
N GLU R 26 -63.89 71.98 -26.18
CA GLU R 26 -64.69 71.45 -25.12
C GLU R 26 -64.66 69.92 -25.18
N ASN R 27 -65.13 69.35 -26.29
CA ASN R 27 -65.14 67.90 -26.44
C ASN R 27 -64.09 67.53 -27.47
N ILE R 28 -63.03 66.88 -27.00
CA ILE R 28 -61.92 66.49 -27.86
C ILE R 28 -62.35 65.64 -29.04
N GLU R 29 -63.42 64.86 -28.86
CA GLU R 29 -63.92 63.99 -29.93
C GLU R 29 -64.78 64.71 -30.96
N GLU R 30 -64.84 66.05 -30.86
CA GLU R 30 -65.62 66.87 -31.80
C GLU R 30 -64.83 68.03 -32.36
N ASP R 31 -64.20 68.76 -31.45
CA ASP R 31 -63.45 69.98 -31.77
C ASP R 31 -62.17 69.91 -32.59
N PHE R 32 -61.78 68.72 -33.02
CA PHE R 32 -60.59 68.57 -33.85
C PHE R 32 -60.96 67.94 -35.19
N ARG R 33 -62.25 67.62 -35.34
CA ARG R 33 -62.77 67.01 -36.56
C ARG R 33 -62.51 67.83 -37.82
N ASN R 34 -62.62 69.16 -37.71
CA ASN R 34 -62.42 70.01 -38.86
C ASN R 34 -60.95 70.44 -39.02
N GLY R 35 -60.11 69.96 -38.12
CA GLY R 35 -58.68 70.23 -38.16
C GLY R 35 -58.16 71.65 -37.92
N LEU R 36 -59.05 72.62 -37.79
CA LEU R 36 -58.64 74.00 -37.58
C LEU R 36 -57.83 74.23 -36.30
N LYS R 37 -58.42 73.89 -35.16
CA LYS R 37 -57.74 74.07 -33.90
C LYS R 37 -56.58 73.08 -33.74
N LEU R 38 -56.60 72.03 -34.56
CA LEU R 38 -55.54 71.04 -34.53
C LEU R 38 -54.32 71.71 -35.15
N MET R 39 -54.56 72.42 -36.27
CA MET R 39 -53.50 73.14 -36.95
C MET R 39 -53.03 74.28 -36.06
N LEU R 40 -53.99 74.96 -35.45
CA LEU R 40 -53.70 76.09 -34.56
C LEU R 40 -52.83 75.61 -33.39
N LEU R 41 -53.16 74.46 -32.83
CA LEU R 41 -52.42 73.90 -31.70
C LEU R 41 -50.97 73.62 -32.09
N LEU R 42 -50.76 73.07 -33.29
CA LEU R 42 -49.43 72.75 -33.78
C LEU R 42 -48.56 73.99 -34.01
N GLU R 43 -49.16 75.07 -34.51
CA GLU R 43 -48.39 76.28 -34.73
C GLU R 43 -48.00 76.88 -33.37
N VAL R 44 -48.93 76.82 -32.42
CA VAL R 44 -48.68 77.33 -31.09
C VAL R 44 -47.52 76.64 -30.39
N ILE R 45 -47.54 75.31 -30.32
CA ILE R 45 -46.46 74.57 -29.62
C ILE R 45 -45.15 74.47 -30.36
N SER R 46 -45.15 74.61 -31.69
CA SER R 46 -43.91 74.51 -32.43
C SER R 46 -43.33 75.87 -32.73
N GLY R 47 -44.19 76.89 -32.76
CA GLY R 47 -43.73 78.22 -33.07
C GLY R 47 -43.49 78.38 -34.56
N GLU R 48 -43.98 77.41 -35.34
CA GLU R 48 -43.84 77.44 -36.80
C GLU R 48 -45.17 77.74 -37.49
N ARG R 49 -45.11 77.99 -38.79
CA ARG R 49 -46.31 78.26 -39.55
C ARG R 49 -46.68 77.06 -40.42
N LEU R 50 -47.92 76.59 -40.28
CA LEU R 50 -48.40 75.48 -41.09
C LEU R 50 -48.99 76.09 -42.37
N PRO R 51 -49.31 75.25 -43.36
CA PRO R 51 -49.97 75.77 -44.55
C PRO R 51 -51.28 76.43 -44.15
N ARG R 52 -51.80 77.31 -45.00
CA ARG R 52 -53.05 77.96 -44.66
C ARG R 52 -54.20 76.96 -44.72
N PRO R 53 -55.20 77.11 -43.87
CA PRO R 53 -56.39 76.25 -43.89
C PRO R 53 -57.20 76.43 -45.16
N ASP R 54 -57.95 75.40 -45.52
CA ASP R 54 -58.87 75.43 -46.65
C ASP R 54 -60.16 76.00 -46.13
N LYS R 55 -60.78 76.91 -46.87
CA LYS R 55 -62.05 77.48 -46.44
C LYS R 55 -63.17 76.53 -46.88
N GLY R 56 -64.13 76.29 -45.99
CA GLY R 56 -65.23 75.39 -46.30
C GLY R 56 -65.54 74.48 -45.12
N LYS R 57 -66.75 73.95 -45.06
CA LYS R 57 -67.14 73.07 -43.94
C LYS R 57 -67.47 71.66 -44.39
N MET R 58 -67.28 71.37 -45.67
CA MET R 58 -67.57 70.04 -46.21
C MET R 58 -66.58 69.00 -45.68
N ARG R 59 -66.95 67.74 -45.81
CA ARG R 59 -66.11 66.64 -45.37
C ARG R 59 -64.72 66.71 -46.00
N PHE R 60 -64.66 66.91 -47.31
CA PHE R 60 -63.37 66.98 -47.98
C PHE R 60 -62.49 68.15 -47.50
N HIS R 61 -63.11 69.24 -47.06
CA HIS R 61 -62.36 70.39 -46.55
C HIS R 61 -61.70 69.97 -45.24
N LYS R 62 -62.42 69.19 -44.45
CA LYS R 62 -61.90 68.72 -43.17
C LYS R 62 -60.74 67.76 -43.37
N ILE R 63 -60.89 66.83 -44.31
CA ILE R 63 -59.84 65.88 -44.62
C ILE R 63 -58.58 66.63 -45.03
N ALA R 64 -58.75 67.65 -45.84
CA ALA R 64 -57.63 68.44 -46.32
C ALA R 64 -56.92 69.17 -45.19
N ASN R 65 -57.68 69.79 -44.30
CA ASN R 65 -57.04 70.51 -43.21
C ASN R 65 -56.40 69.54 -42.20
N VAL R 66 -57.09 68.46 -41.85
CA VAL R 66 -56.53 67.48 -40.92
C VAL R 66 -55.25 66.88 -41.54
N ASN R 67 -55.21 66.79 -42.86
CA ASN R 67 -54.03 66.24 -43.52
C ASN R 67 -52.86 67.22 -43.46
N LYS R 68 -53.16 68.51 -43.36
CA LYS R 68 -52.11 69.51 -43.27
C LYS R 68 -51.41 69.30 -41.93
N ALA R 69 -52.22 69.07 -40.89
CA ALA R 69 -51.71 68.81 -39.54
C ALA R 69 -50.96 67.49 -39.51
N LEU R 70 -51.61 66.42 -39.94
CA LEU R 70 -50.97 65.10 -39.94
C LEU R 70 -49.62 65.11 -40.68
N ASP R 71 -49.56 65.78 -41.83
CA ASP R 71 -48.32 65.86 -42.60
C ASP R 71 -47.26 66.65 -41.83
N PHE R 72 -47.67 67.78 -41.24
CA PHE R 72 -46.73 68.58 -40.46
C PHE R 72 -46.05 67.71 -39.37
N ILE R 73 -46.88 66.93 -38.66
CA ILE R 73 -46.40 66.05 -37.60
C ILE R 73 -45.46 65.00 -38.17
N ALA R 74 -45.89 64.36 -39.25
CA ALA R 74 -45.08 63.34 -39.89
C ALA R 74 -43.73 63.91 -40.31
N SER R 75 -43.73 65.17 -40.74
CA SER R 75 -42.51 65.84 -41.19
C SER R 75 -41.53 66.06 -40.05
N LYS R 76 -42.02 65.92 -38.82
CA LYS R 76 -41.20 66.10 -37.63
C LYS R 76 -40.63 64.78 -37.16
N GLY R 77 -40.52 63.83 -38.08
CA GLY R 77 -39.98 62.53 -37.75
C GLY R 77 -40.96 61.65 -37.00
N VAL R 78 -42.25 61.94 -37.15
CA VAL R 78 -43.31 61.18 -36.49
C VAL R 78 -43.93 60.18 -37.46
N LYS R 79 -44.18 58.97 -36.98
CA LYS R 79 -44.78 57.93 -37.80
C LYS R 79 -46.23 57.74 -37.40
N LEU R 80 -47.14 58.46 -38.05
CA LEU R 80 -48.56 58.33 -37.73
C LEU R 80 -48.94 56.88 -38.00
N VAL R 81 -49.00 56.09 -36.94
CA VAL R 81 -49.37 54.69 -37.09
C VAL R 81 -50.84 54.41 -37.29
N SER R 82 -51.19 53.98 -38.48
CA SER R 82 -52.57 53.68 -38.80
C SER R 82 -53.49 54.86 -38.45
N ILE R 83 -52.92 56.05 -38.34
CA ILE R 83 -53.70 57.24 -38.04
C ILE R 83 -53.95 58.05 -39.32
N GLY R 84 -55.17 57.97 -39.83
CA GLY R 84 -55.52 58.68 -41.05
C GLY R 84 -56.48 59.84 -40.80
N ALA R 85 -56.50 60.82 -41.69
CA ALA R 85 -57.37 61.98 -41.55
C ALA R 85 -58.84 61.58 -41.48
N GLU R 86 -59.21 60.52 -42.20
CA GLU R 86 -60.60 60.05 -42.19
C GLU R 86 -61.10 59.79 -40.76
N GLU R 87 -60.35 59.01 -39.99
CA GLU R 87 -60.74 58.71 -38.62
C GLU R 87 -60.86 59.98 -37.78
N ILE R 88 -59.97 60.94 -38.02
CA ILE R 88 -59.97 62.20 -37.27
C ILE R 88 -61.21 63.02 -37.65
N VAL R 89 -61.50 63.07 -38.94
CA VAL R 89 -62.65 63.80 -39.44
C VAL R 89 -63.92 63.16 -38.90
N ASP R 90 -63.89 61.83 -38.80
CA ASP R 90 -65.02 61.07 -38.30
C ASP R 90 -65.18 61.16 -36.79
N GLY R 91 -64.25 61.82 -36.11
CA GLY R 91 -64.34 61.94 -34.67
C GLY R 91 -64.06 60.66 -33.87
N ASN R 92 -63.30 59.74 -34.47
CA ASN R 92 -62.96 58.50 -33.78
C ASN R 92 -62.13 58.82 -32.53
N LEU R 93 -62.60 58.37 -31.37
CA LEU R 93 -61.91 58.67 -30.11
C LEU R 93 -60.52 58.05 -29.97
N LYS R 94 -60.41 56.74 -30.14
CA LYS R 94 -59.11 56.07 -30.00
C LYS R 94 -58.07 56.70 -30.91
N MET R 95 -58.43 56.95 -32.16
CA MET R 95 -57.51 57.53 -33.12
C MET R 95 -57.16 58.97 -32.76
N THR R 96 -58.15 59.74 -32.32
CA THR R 96 -57.93 61.13 -31.94
C THR R 96 -57.01 61.23 -30.74
N LEU R 97 -57.28 60.44 -29.70
CA LEU R 97 -56.45 60.46 -28.51
C LEU R 97 -55.04 59.96 -28.86
N GLY R 98 -54.95 59.01 -29.78
CA GLY R 98 -53.65 58.50 -30.19
C GLY R 98 -52.86 59.60 -30.86
N MET R 99 -53.53 60.38 -31.70
CA MET R 99 -52.88 61.48 -32.40
C MET R 99 -52.36 62.55 -31.43
N ILE R 100 -53.20 62.96 -30.49
CA ILE R 100 -52.80 63.99 -29.53
C ILE R 100 -51.62 63.53 -28.67
N TRP R 101 -51.60 62.26 -28.27
CA TRP R 101 -50.48 61.79 -27.46
C TRP R 101 -49.22 61.91 -28.33
N THR R 102 -49.33 61.47 -29.58
CA THR R 102 -48.21 61.53 -30.50
C THR R 102 -47.66 62.95 -30.54
N ILE R 103 -48.57 63.94 -30.53
CA ILE R 103 -48.18 65.35 -30.55
C ILE R 103 -47.59 65.78 -29.20
N ILE R 104 -48.18 65.30 -28.12
CA ILE R 104 -47.69 65.64 -26.78
C ILE R 104 -46.28 65.09 -26.63
N LEU R 105 -46.10 63.84 -27.05
CA LEU R 105 -44.81 63.20 -26.94
C LEU R 105 -43.77 63.87 -27.83
N ARG R 106 -44.14 64.13 -29.08
CA ARG R 106 -43.21 64.75 -30.01
C ARG R 106 -42.81 66.20 -29.73
N PHE R 107 -43.81 67.03 -29.37
CA PHE R 107 -43.50 68.45 -29.16
C PHE R 107 -43.25 68.90 -27.72
N ALA R 108 -43.43 68.01 -26.74
CA ALA R 108 -43.24 68.42 -25.35
C ALA R 108 -42.34 67.48 -24.54
N ILE R 109 -42.05 66.31 -25.09
CA ILE R 109 -41.23 65.34 -24.35
C ILE R 109 -40.00 64.82 -25.09
N ALA S 1 -50.62 7.63 -94.31
CA ALA S 1 -50.72 6.21 -94.76
C ALA S 1 -51.98 5.55 -94.21
N TRP S 2 -52.33 5.90 -92.98
CA TRP S 2 -53.51 5.35 -92.32
C TRP S 2 -54.77 5.59 -93.15
N GLU S 3 -54.82 6.75 -93.80
CA GLU S 3 -55.96 7.14 -94.62
C GLU S 3 -56.26 6.13 -95.71
N LYS S 4 -55.25 5.74 -96.47
CA LYS S 4 -55.41 4.79 -97.55
C LYS S 4 -55.82 3.41 -97.02
N GLN S 5 -55.23 3.01 -95.89
CA GLN S 5 -55.53 1.71 -95.29
C GLN S 5 -56.97 1.70 -94.79
N GLN S 6 -57.30 2.66 -93.93
CA GLN S 6 -58.64 2.78 -93.36
C GLN S 6 -59.72 2.80 -94.42
N ARG S 7 -59.41 3.40 -95.57
CA ARG S 7 -60.37 3.48 -96.66
C ARG S 7 -60.63 2.09 -97.22
N LYS S 8 -59.56 1.33 -97.42
CA LYS S 8 -59.70 -0.01 -97.95
C LYS S 8 -60.43 -0.93 -96.97
N THR S 9 -59.99 -0.94 -95.72
CA THR S 9 -60.63 -1.77 -94.69
C THR S 9 -62.08 -1.39 -94.47
N PHE S 10 -62.35 -0.11 -94.25
CA PHE S 10 -63.72 0.33 -94.04
C PHE S 10 -64.62 -0.02 -95.23
N THR S 11 -64.11 0.18 -96.44
CA THR S 11 -64.89 -0.14 -97.64
C THR S 11 -65.22 -1.63 -97.67
N ALA S 12 -64.22 -2.48 -97.47
CA ALA S 12 -64.44 -3.91 -97.46
C ALA S 12 -65.47 -4.27 -96.38
N TRP S 13 -65.37 -3.64 -95.23
CA TRP S 13 -66.31 -3.93 -94.13
C TRP S 13 -67.73 -3.56 -94.53
N CYS S 14 -67.89 -2.34 -95.05
CA CYS S 14 -69.21 -1.86 -95.47
C CYS S 14 -69.81 -2.80 -96.51
N ASN S 15 -68.98 -3.20 -97.48
CA ASN S 15 -69.41 -4.09 -98.54
C ASN S 15 -69.83 -5.49 -98.06
N SER S 16 -69.14 -6.00 -97.03
CA SER S 16 -69.47 -7.32 -96.51
C SER S 16 -70.85 -7.34 -95.87
N HIS S 17 -71.41 -6.16 -95.62
CA HIS S 17 -72.74 -6.05 -95.05
C HIS S 17 -73.75 -5.66 -96.12
N LEU S 18 -73.39 -4.67 -96.93
CA LEU S 18 -74.27 -4.20 -98.00
C LEU S 18 -74.61 -5.32 -98.99
N ARG S 19 -73.72 -6.28 -99.16
CA ARG S 19 -73.95 -7.39 -100.09
C ARG S 19 -75.22 -8.16 -99.72
N LYS S 20 -75.61 -8.11 -98.45
CA LYS S 20 -76.82 -8.80 -98.03
C LYS S 20 -78.04 -8.07 -98.59
N ALA S 21 -77.85 -6.80 -98.91
CA ALA S 21 -78.93 -5.98 -99.47
C ALA S 21 -78.73 -5.88 -100.98
N GLY S 22 -77.88 -6.76 -101.51
CA GLY S 22 -77.62 -6.85 -102.94
C GLY S 22 -76.90 -5.67 -103.59
N THR S 23 -76.13 -4.92 -102.83
CA THR S 23 -75.41 -3.81 -103.42
C THR S 23 -74.00 -3.80 -102.89
N GLN S 24 -73.20 -2.89 -103.43
CA GLN S 24 -71.84 -2.66 -102.93
C GLN S 24 -71.47 -1.21 -103.21
N ILE S 25 -70.31 -0.78 -102.70
CA ILE S 25 -69.81 0.55 -102.98
C ILE S 25 -68.41 0.35 -103.56
N GLU S 26 -67.96 1.30 -104.36
CA GLU S 26 -66.65 1.19 -104.94
C GLU S 26 -65.72 2.20 -104.27
N ASN S 27 -66.04 3.48 -104.39
CA ASN S 27 -65.21 4.53 -103.78
C ASN S 27 -65.98 5.11 -102.61
N ILE S 28 -65.48 4.84 -101.41
CA ILE S 28 -66.12 5.30 -100.19
C ILE S 28 -66.32 6.81 -100.15
N GLU S 29 -65.43 7.54 -100.80
CA GLU S 29 -65.51 9.01 -100.82
C GLU S 29 -66.52 9.54 -101.84
N GLU S 30 -67.28 8.65 -102.47
CA GLU S 30 -68.30 9.03 -103.46
C GLU S 30 -69.66 8.41 -103.18
N ASP S 31 -69.63 7.09 -102.98
CA ASP S 31 -70.82 6.27 -102.79
C ASP S 31 -71.70 6.44 -101.55
N PHE S 32 -71.33 7.37 -100.67
CA PHE S 32 -72.13 7.63 -99.47
C PHE S 32 -72.61 9.07 -99.47
N ARG S 33 -72.19 9.83 -100.49
CA ARG S 33 -72.56 11.24 -100.63
C ARG S 33 -74.05 11.48 -100.66
N ASN S 34 -74.80 10.60 -101.32
CA ASN S 34 -76.23 10.77 -101.42
C ASN S 34 -76.99 10.11 -100.27
N GLY S 35 -76.22 9.50 -99.35
CA GLY S 35 -76.79 8.87 -98.17
C GLY S 35 -77.66 7.62 -98.30
N LEU S 36 -77.97 7.21 -99.53
CA LEU S 36 -78.81 6.04 -99.75
C LEU S 36 -78.23 4.74 -99.19
N LYS S 37 -77.04 4.37 -99.65
CA LYS S 37 -76.41 3.16 -99.18
C LYS S 37 -75.94 3.29 -97.74
N LEU S 38 -75.85 4.53 -97.26
CA LEU S 38 -75.46 4.78 -95.89
C LEU S 38 -76.63 4.37 -95.02
N MET S 39 -77.84 4.76 -95.46
CA MET S 39 -79.06 4.41 -94.76
C MET S 39 -79.27 2.89 -94.87
N LEU S 40 -79.03 2.36 -96.07
CA LEU S 40 -79.18 0.94 -96.32
C LEU S 40 -78.25 0.14 -95.41
N LEU S 41 -77.01 0.60 -95.26
CA LEU S 41 -76.03 -0.06 -94.42
C LEU S 41 -76.49 -0.12 -92.97
N LEU S 42 -77.04 0.99 -92.48
CA LEU S 42 -77.52 1.07 -91.11
C LEU S 42 -78.70 0.14 -90.83
N GLU S 43 -79.61 0.00 -91.78
CA GLU S 43 -80.74 -0.89 -91.58
C GLU S 43 -80.24 -2.34 -91.56
N VAL S 44 -79.28 -2.63 -92.44
CA VAL S 44 -78.70 -3.96 -92.51
C VAL S 44 -78.05 -4.40 -91.21
N ILE S 45 -77.14 -3.59 -90.68
CA ILE S 45 -76.41 -3.96 -89.43
C ILE S 45 -77.21 -3.83 -88.16
N SER S 46 -78.26 -3.01 -88.14
CA SER S 46 -79.04 -2.85 -86.92
C SER S 46 -80.28 -3.74 -86.95
N GLY S 47 -80.74 -4.06 -88.15
CA GLY S 47 -81.94 -4.86 -88.26
C GLY S 47 -83.18 -4.02 -88.01
N GLU S 48 -83.00 -2.70 -88.01
CA GLU S 48 -84.11 -1.76 -87.80
C GLU S 48 -84.47 -1.02 -89.10
N ARG S 49 -85.59 -0.31 -89.06
CA ARG S 49 -86.02 0.45 -90.21
C ARG S 49 -85.78 1.94 -90.00
N LEU S 50 -85.07 2.57 -90.93
CA LEU S 50 -84.83 4.00 -90.85
C LEU S 50 -86.00 4.69 -91.57
N PRO S 51 -86.10 6.02 -91.44
CA PRO S 51 -87.13 6.73 -92.18
C PRO S 51 -86.94 6.47 -93.68
N ARG S 52 -88.00 6.68 -94.46
CA ARG S 52 -87.86 6.45 -95.89
C ARG S 52 -86.98 7.53 -96.50
N PRO S 53 -86.21 7.19 -97.53
CA PRO S 53 -85.38 8.16 -98.25
C PRO S 53 -86.21 9.20 -98.98
N ASP S 54 -85.63 10.37 -99.20
CA ASP S 54 -86.24 11.43 -99.98
C ASP S 54 -85.91 11.15 -101.42
N LYS S 55 -86.89 11.29 -102.32
CA LYS S 55 -86.63 11.06 -103.73
C LYS S 55 -86.06 12.36 -104.32
N GLY S 56 -85.02 12.23 -105.15
CA GLY S 56 -84.39 13.40 -105.76
C GLY S 56 -82.88 13.28 -105.72
N LYS S 57 -82.19 13.98 -106.61
CA LYS S 57 -80.73 13.92 -106.66
C LYS S 57 -80.05 15.24 -106.34
N MET S 58 -80.85 16.24 -105.97
CA MET S 58 -80.30 17.56 -105.64
C MET S 58 -79.50 17.53 -104.34
N ARG S 59 -78.69 18.56 -104.15
CA ARG S 59 -77.86 18.68 -102.95
C ARG S 59 -78.71 18.59 -101.69
N PHE S 60 -79.80 19.33 -101.64
CA PHE S 60 -80.64 19.31 -100.46
C PHE S 60 -81.27 17.93 -100.17
N HIS S 61 -81.51 17.14 -101.21
CA HIS S 61 -82.06 15.79 -101.05
C HIS S 61 -81.01 14.93 -100.36
N LYS S 62 -79.75 15.14 -100.73
CA LYS S 62 -78.65 14.39 -100.14
C LYS S 62 -78.47 14.74 -98.67
N ILE S 63 -78.51 16.03 -98.37
CA ILE S 63 -78.37 16.50 -97.01
C ILE S 63 -79.46 15.86 -96.15
N ALA S 64 -80.67 15.82 -96.69
CA ALA S 64 -81.81 15.26 -95.96
C ALA S 64 -81.64 13.77 -95.69
N ASN S 65 -81.21 13.02 -96.70
CA ASN S 65 -81.03 11.60 -96.48
C ASN S 65 -79.83 11.31 -95.57
N VAL S 66 -78.71 12.01 -95.76
CA VAL S 66 -77.55 11.79 -94.89
C VAL S 66 -77.92 12.16 -93.45
N ASN S 67 -78.83 13.12 -93.29
CA ASN S 67 -79.24 13.52 -91.95
C ASN S 67 -80.12 12.45 -91.30
N LYS S 68 -80.81 11.66 -92.12
CA LYS S 68 -81.65 10.60 -91.59
C LYS S 68 -80.71 9.57 -90.96
N ALA S 69 -79.61 9.28 -91.66
CA ALA S 69 -78.59 8.34 -91.17
C ALA S 69 -77.90 8.90 -89.94
N LEU S 70 -77.37 10.11 -90.06
CA LEU S 70 -76.69 10.74 -88.92
C LEU S 70 -77.55 10.79 -87.66
N ASP S 71 -78.84 11.12 -87.81
CA ASP S 71 -79.74 11.18 -86.67
C ASP S 71 -79.96 9.78 -86.09
N PHE S 72 -80.15 8.79 -86.97
CA PHE S 72 -80.34 7.42 -86.50
C PHE S 72 -79.15 6.99 -85.60
N ILE S 73 -77.94 7.29 -86.06
CA ILE S 73 -76.72 6.97 -85.33
C ILE S 73 -76.69 7.70 -84.00
N ALA S 74 -76.95 9.01 -84.05
CA ALA S 74 -76.95 9.82 -82.85
C ALA S 74 -77.97 9.28 -81.84
N SER S 75 -79.08 8.77 -82.35
CA SER S 75 -80.14 8.24 -81.49
C SER S 75 -79.70 6.97 -80.77
N LYS S 76 -78.60 6.38 -81.23
CA LYS S 76 -78.05 5.17 -80.63
C LYS S 76 -77.00 5.50 -79.59
N GLY S 77 -77.09 6.71 -79.04
CA GLY S 77 -76.14 7.12 -78.03
C GLY S 77 -74.79 7.51 -78.60
N VAL S 78 -74.77 7.87 -79.88
CA VAL S 78 -73.55 8.27 -80.55
C VAL S 78 -73.44 9.79 -80.65
N LYS S 79 -72.26 10.31 -80.39
CA LYS S 79 -72.03 11.75 -80.46
C LYS S 79 -71.26 12.10 -81.72
N LEU S 80 -71.97 12.39 -82.80
CA LEU S 80 -71.31 12.74 -84.05
C LEU S 80 -70.47 13.98 -83.78
N VAL S 81 -69.17 13.79 -83.57
CA VAL S 81 -68.29 14.92 -83.31
C VAL S 81 -67.90 15.72 -84.51
N SER S 82 -68.40 16.94 -84.57
CA SER S 82 -68.10 17.82 -85.69
C SER S 82 -68.37 17.16 -87.03
N ILE S 83 -69.22 16.12 -87.02
CA ILE S 83 -69.56 15.41 -88.25
C ILE S 83 -70.95 15.85 -88.73
N GLY S 84 -70.97 16.69 -89.77
CA GLY S 84 -72.22 17.18 -90.31
C GLY S 84 -72.54 16.60 -91.68
N ALA S 85 -73.82 16.59 -92.04
CA ALA S 85 -74.26 16.04 -93.32
C ALA S 85 -73.57 16.76 -94.50
N GLU S 86 -73.33 18.05 -94.35
CA GLU S 86 -72.68 18.82 -95.40
C GLU S 86 -71.35 18.19 -95.85
N GLU S 87 -70.48 17.90 -94.89
CA GLU S 87 -69.20 17.28 -95.20
C GLU S 87 -69.37 15.93 -95.89
N ILE S 88 -70.38 15.17 -95.47
CA ILE S 88 -70.66 13.85 -96.04
C ILE S 88 -71.15 14.01 -97.49
N VAL S 89 -72.05 14.96 -97.69
CA VAL S 89 -72.60 15.23 -99.00
C VAL S 89 -71.48 15.71 -99.91
N ASP S 90 -70.56 16.48 -99.35
CA ASP S 90 -69.42 17.01 -100.09
C ASP S 90 -68.35 15.97 -100.37
N GLY S 91 -68.51 14.77 -99.83
CA GLY S 91 -67.53 13.72 -100.06
C GLY S 91 -66.20 13.90 -99.32
N ASN S 92 -66.22 14.64 -98.22
CA ASN S 92 -65.00 14.85 -97.43
C ASN S 92 -64.51 13.50 -96.89
N LEU S 93 -63.27 13.15 -97.19
CA LEU S 93 -62.72 11.86 -96.77
C LEU S 93 -62.55 11.68 -95.27
N LYS S 94 -61.86 12.60 -94.61
CA LYS S 94 -61.66 12.49 -93.17
C LYS S 94 -62.98 12.35 -92.42
N MET S 95 -63.95 13.18 -92.78
CA MET S 95 -65.24 13.15 -92.12
C MET S 95 -66.01 11.86 -92.43
N THR S 96 -65.93 11.41 -93.68
CA THR S 96 -66.61 10.18 -94.08
C THR S 96 -66.02 8.97 -93.37
N LEU S 97 -64.70 8.86 -93.35
CA LEU S 97 -64.06 7.75 -92.67
C LEU S 97 -64.34 7.82 -91.17
N GLY S 98 -64.42 9.03 -90.63
CA GLY S 98 -64.70 9.20 -89.21
C GLY S 98 -66.09 8.67 -88.91
N MET S 99 -67.03 8.99 -89.79
CA MET S 99 -68.42 8.54 -89.62
C MET S 99 -68.52 7.01 -89.65
N ILE S 100 -67.90 6.39 -90.64
CA ILE S 100 -67.97 4.94 -90.76
C ILE S 100 -67.34 4.23 -89.57
N TRP S 101 -66.24 4.76 -89.04
CA TRP S 101 -65.62 4.13 -87.88
C TRP S 101 -66.63 4.21 -86.74
N THR S 102 -67.23 5.39 -86.58
CA THR S 102 -68.21 5.61 -85.53
C THR S 102 -69.30 4.53 -85.62
N ILE S 103 -69.70 4.20 -86.86
CA ILE S 103 -70.73 3.18 -87.09
C ILE S 103 -70.18 1.78 -86.81
N ILE S 104 -68.93 1.54 -87.23
CA ILE S 104 -68.30 0.25 -87.00
C ILE S 104 -68.18 0.00 -85.50
N LEU S 105 -67.72 1.03 -84.79
CA LEU S 105 -67.56 0.93 -83.36
C LEU S 105 -68.89 0.75 -82.64
N ARG S 106 -69.87 1.56 -83.01
CA ARG S 106 -71.17 1.49 -82.36
C ARG S 106 -72.01 0.23 -82.62
N PHE S 107 -72.03 -0.21 -83.90
CA PHE S 107 -72.86 -1.36 -84.22
C PHE S 107 -72.17 -2.73 -84.28
N ALA S 108 -70.85 -2.76 -84.13
CA ALA S 108 -70.17 -4.05 -84.21
C ALA S 108 -69.19 -4.31 -83.06
N ILE S 109 -68.90 -3.28 -82.27
CA ILE S 109 -67.94 -3.44 -81.17
C ILE S 109 -68.45 -3.03 -79.79
N ALA T 1 -79.11 84.81 -61.25
CA ALA T 1 -78.51 86.08 -60.71
C ALA T 1 -77.37 86.55 -61.60
N TRP T 2 -76.61 85.59 -62.15
CA TRP T 2 -75.49 85.89 -63.03
C TRP T 2 -75.94 86.74 -64.22
N GLU T 3 -77.15 86.46 -64.71
CA GLU T 3 -77.69 87.16 -65.86
C GLU T 3 -77.77 88.67 -65.65
N LYS T 4 -78.31 89.09 -64.51
CA LYS T 4 -78.44 90.51 -64.19
C LYS T 4 -77.07 91.15 -64.03
N GLN T 5 -76.13 90.44 -63.40
CA GLN T 5 -74.80 90.96 -63.16
C GLN T 5 -74.07 91.12 -64.49
N GLN T 6 -73.99 90.03 -65.25
CA GLN T 6 -73.33 90.02 -66.55
C GLN T 6 -73.84 91.10 -67.46
N ARG T 7 -75.12 91.40 -67.37
CA ARG T 7 -75.73 92.42 -68.21
C ARG T 7 -75.18 93.79 -67.83
N LYS T 8 -75.10 94.05 -66.52
CA LYS T 8 -74.59 95.32 -66.05
C LYS T 8 -73.09 95.49 -66.40
N THR T 9 -72.30 94.48 -66.08
CA THR T 9 -70.87 94.53 -66.37
C THR T 9 -70.58 94.63 -67.86
N PHE T 10 -71.19 93.76 -68.65
CA PHE T 10 -70.98 93.80 -70.09
C PHE T 10 -71.40 95.14 -70.69
N THR T 11 -72.52 95.66 -70.23
CA THR T 11 -73.00 96.96 -70.73
C THR T 11 -71.97 98.06 -70.41
N ALA T 12 -71.54 98.12 -69.17
CA ALA T 12 -70.55 99.12 -68.76
C ALA T 12 -69.28 98.95 -69.61
N TRP T 13 -68.87 97.72 -69.85
CA TRP T 13 -67.67 97.48 -70.65
C TRP T 13 -67.85 97.99 -72.07
N CYS T 14 -68.97 97.64 -72.69
CA CYS T 14 -69.25 98.06 -74.06
C CYS T 14 -69.25 99.58 -74.15
N ASN T 15 -69.90 100.22 -73.17
CA ASN T 15 -69.99 101.67 -73.13
C ASN T 15 -68.64 102.38 -72.95
N SER T 16 -67.73 101.77 -72.18
CA SER T 16 -66.42 102.37 -71.95
C SER T 16 -65.60 102.41 -73.25
N HIS T 17 -66.05 101.67 -74.25
CA HIS T 17 -65.38 101.67 -75.55
C HIS T 17 -66.15 102.49 -76.56
N LEU T 18 -67.46 102.29 -76.60
CA LEU T 18 -68.33 103.04 -77.51
C LEU T 18 -68.23 104.55 -77.30
N ARG T 19 -67.97 104.96 -76.08
CA ARG T 19 -67.86 106.40 -75.77
C ARG T 19 -66.79 107.09 -76.61
N LYS T 20 -65.81 106.31 -77.08
CA LYS T 20 -64.76 106.87 -77.91
C LYS T 20 -65.33 107.21 -79.28
N ALA T 21 -66.43 106.54 -79.63
CA ALA T 21 -67.10 106.77 -80.91
C ALA T 21 -68.31 107.68 -80.67
N GLY T 22 -68.34 108.31 -79.50
CA GLY T 22 -69.37 109.27 -79.15
C GLY T 22 -70.79 108.71 -78.94
N THR T 23 -70.90 107.45 -78.61
CA THR T 23 -72.22 106.89 -78.38
C THR T 23 -72.20 106.04 -77.13
N GLN T 24 -73.37 105.55 -76.75
CA GLN T 24 -73.49 104.59 -75.65
C GLN T 24 -74.71 103.73 -75.90
N ILE T 25 -74.90 102.72 -75.07
CA ILE T 25 -76.09 101.88 -75.14
C ILE T 25 -76.73 101.93 -73.76
N GLU T 26 -78.04 101.71 -73.69
CA GLU T 26 -78.71 101.73 -72.42
C GLU T 26 -79.10 100.30 -72.04
N ASN T 27 -79.94 99.68 -72.85
CA ASN T 27 -80.37 98.31 -72.59
C ASN T 27 -79.71 97.39 -73.60
N ILE T 28 -78.79 96.57 -73.11
CA ILE T 28 -78.04 95.65 -73.96
C ILE T 28 -78.94 94.73 -74.76
N GLU T 29 -80.10 94.40 -74.22
CA GLU T 29 -81.04 93.50 -74.92
C GLU T 29 -81.87 94.20 -75.99
N GLU T 30 -81.56 95.47 -76.27
CA GLU T 30 -82.28 96.25 -77.28
C GLU T 30 -81.34 96.93 -78.27
N ASP T 31 -80.35 97.62 -77.71
CA ASP T 31 -79.39 98.43 -78.46
C ASP T 31 -78.39 97.77 -79.40
N PHE T 32 -78.43 96.44 -79.52
CA PHE T 32 -77.54 95.72 -80.42
C PHE T 32 -78.35 94.96 -81.46
N ARG T 33 -79.69 95.03 -81.32
CA ARG T 33 -80.61 94.35 -82.24
C ARG T 33 -80.41 94.73 -83.70
N ASN T 34 -80.14 96.01 -83.96
CA ASN T 34 -79.96 96.46 -85.33
C ASN T 34 -78.51 96.34 -85.81
N GLY T 35 -77.65 95.83 -84.92
CA GLY T 35 -76.25 95.62 -85.25
C GLY T 35 -75.33 96.81 -85.51
N LEU T 36 -75.87 98.02 -85.54
CA LEU T 36 -75.07 99.22 -85.80
C LEU T 36 -73.97 99.46 -84.76
N LYS T 37 -74.36 99.61 -83.50
CA LYS T 37 -73.39 99.86 -82.45
C LYS T 37 -72.55 98.61 -82.18
N LEU T 38 -73.03 97.46 -82.63
CA LEU T 38 -72.29 96.22 -82.47
C LEU T 38 -71.11 96.30 -83.42
N MET T 39 -71.38 96.77 -84.65
CA MET T 39 -70.34 96.93 -85.66
C MET T 39 -69.40 98.04 -85.21
N LEU T 40 -69.98 99.12 -84.69
CA LEU T 40 -69.21 100.26 -84.23
C LEU T 40 -68.27 99.83 -83.10
N LEU T 41 -68.78 99.00 -82.18
CA LEU T 41 -67.97 98.51 -81.06
C LEU T 41 -66.77 97.71 -81.55
N LEU T 42 -67.00 96.86 -82.54
CA LEU T 42 -65.94 96.02 -83.10
C LEU T 42 -64.85 96.83 -83.80
N GLU T 43 -65.22 97.90 -84.50
CA GLU T 43 -64.21 98.71 -85.17
C GLU T 43 -63.40 99.45 -84.11
N VAL T 44 -64.08 99.92 -83.06
CA VAL T 44 -63.41 100.62 -81.98
C VAL T 44 -62.35 99.78 -81.29
N ILE T 45 -62.71 98.59 -80.83
CA ILE T 45 -61.75 97.73 -80.09
C ILE T 45 -60.72 97.04 -80.95
N SER T 46 -60.97 96.85 -82.24
CA SER T 46 -60.00 96.19 -83.09
C SER T 46 -59.14 97.20 -83.85
N GLY T 47 -59.69 98.39 -84.05
CA GLY T 47 -58.96 99.39 -84.80
C GLY T 47 -59.01 99.11 -86.29
N GLU T 48 -59.91 98.20 -86.68
CA GLU T 48 -60.09 97.83 -88.09
C GLU T 48 -61.41 98.36 -88.65
N ARG T 49 -61.57 98.27 -89.96
CA ARG T 49 -62.79 98.72 -90.60
C ARG T 49 -63.65 97.54 -91.02
N LEU T 50 -64.90 97.53 -90.58
CA LEU T 50 -65.83 96.48 -90.97
C LEU T 50 -66.51 96.92 -92.26
N PRO T 51 -67.24 96.01 -92.92
CA PRO T 51 -67.98 96.43 -94.10
C PRO T 51 -68.95 97.56 -93.73
N ARG T 52 -69.38 98.32 -94.72
CA ARG T 52 -70.31 99.40 -94.41
C ARG T 52 -71.67 98.83 -94.03
N PRO T 53 -72.38 99.50 -93.13
CA PRO T 53 -73.72 99.07 -92.74
C PRO T 53 -74.72 99.20 -93.88
N ASP T 54 -75.78 98.41 -93.82
CA ASP T 54 -76.88 98.46 -94.78
C ASP T 54 -77.83 99.52 -94.26
N LYS T 55 -78.32 100.38 -95.15
CA LYS T 55 -79.27 101.41 -94.73
C LYS T 55 -80.67 100.79 -94.72
N GLY T 56 -81.44 101.09 -93.68
CA GLY T 56 -82.79 100.54 -93.55
C GLY T 56 -83.06 100.07 -92.14
N LYS T 57 -84.33 99.99 -91.75
CA LYS T 57 -84.68 99.57 -90.39
C LYS T 57 -85.47 98.27 -90.35
N MET T 58 -85.65 97.64 -91.51
CA MET T 58 -86.40 96.39 -91.59
C MET T 58 -85.63 95.25 -90.93
N ARG T 59 -86.35 94.17 -90.63
CA ARG T 59 -85.77 93.00 -90.01
C ARG T 59 -84.58 92.48 -90.82
N PHE T 60 -84.76 92.33 -92.12
CA PHE T 60 -83.67 91.82 -92.96
C PHE T 60 -82.43 92.72 -92.96
N HIS T 61 -82.61 94.04 -92.78
CA HIS T 61 -81.50 94.97 -92.73
C HIS T 61 -80.70 94.69 -91.47
N LYS T 62 -81.41 94.38 -90.38
CA LYS T 62 -80.77 94.09 -89.11
C LYS T 62 -79.99 92.78 -89.18
N ILE T 63 -80.58 91.76 -89.78
CA ILE T 63 -79.93 90.49 -89.93
C ILE T 63 -78.63 90.68 -90.71
N ALA T 64 -78.70 91.48 -91.76
CA ALA T 64 -77.53 91.73 -92.61
C ALA T 64 -76.42 92.44 -91.84
N ASN T 65 -76.77 93.47 -91.07
CA ASN T 65 -75.74 94.16 -90.33
C ASN T 65 -75.18 93.32 -89.18
N VAL T 66 -76.05 92.62 -88.44
CA VAL T 66 -75.57 91.77 -87.36
C VAL T 66 -74.67 90.67 -87.94
N ASN T 67 -74.96 90.26 -89.17
CA ASN T 67 -74.14 89.21 -89.80
C ASN T 67 -72.76 89.76 -90.19
N LYS T 68 -72.67 91.06 -90.43
CA LYS T 68 -71.40 91.67 -90.78
C LYS T 68 -70.51 91.57 -89.54
N ALA T 69 -71.11 91.86 -88.38
CA ALA T 69 -70.40 91.78 -87.09
C ALA T 69 -70.03 90.33 -86.79
N LEU T 70 -71.03 89.45 -86.80
CA LEU T 70 -70.78 88.03 -86.51
C LEU T 70 -69.68 87.44 -87.39
N ASP T 71 -69.70 87.77 -88.69
CA ASP T 71 -68.69 87.26 -89.60
C ASP T 71 -67.31 87.83 -89.25
N PHE T 72 -67.26 89.14 -88.96
CA PHE T 72 -65.99 89.75 -88.59
C PHE T 72 -65.35 89.01 -87.39
N ILE T 73 -66.18 88.72 -86.38
CA ILE T 73 -65.74 88.01 -85.19
C ILE T 73 -65.26 86.61 -85.55
N ALA T 74 -66.08 85.89 -86.33
CA ALA T 74 -65.73 84.55 -86.75
C ALA T 74 -64.41 84.55 -87.50
N SER T 75 -64.16 85.61 -88.27
CA SER T 75 -62.94 85.72 -89.06
C SER T 75 -61.70 85.89 -88.18
N LYS T 76 -61.93 86.21 -86.90
CA LYS T 76 -60.86 86.38 -85.94
C LYS T 76 -60.58 85.10 -85.19
N GLY T 77 -60.93 83.98 -85.80
CA GLY T 77 -60.71 82.68 -85.18
C GLY T 77 -61.70 82.37 -84.09
N VAL T 78 -62.85 83.02 -84.14
CA VAL T 78 -63.91 82.80 -83.15
C VAL T 78 -64.98 81.87 -83.69
N LYS T 79 -65.43 80.94 -82.85
CA LYS T 79 -66.46 79.98 -83.24
C LYS T 79 -67.78 80.37 -82.61
N LEU T 80 -68.57 81.17 -83.31
CA LEU T 80 -69.87 81.57 -82.77
C LEU T 80 -70.68 80.29 -82.56
N VAL T 81 -70.73 79.84 -81.30
CA VAL T 81 -71.48 78.64 -80.99
C VAL T 81 -72.97 78.81 -80.90
N SER T 82 -73.68 78.24 -81.86
CA SER T 82 -75.12 78.34 -81.87
C SER T 82 -75.60 79.79 -81.77
N ILE T 83 -74.72 80.73 -82.10
CA ILE T 83 -75.06 82.15 -82.04
C ILE T 83 -75.35 82.67 -83.45
N GLY T 84 -76.63 82.86 -83.75
CA GLY T 84 -77.04 83.34 -85.06
C GLY T 84 -77.57 84.77 -85.02
N ALA T 85 -77.51 85.45 -86.16
CA ALA T 85 -77.99 86.83 -86.24
C ALA T 85 -79.46 86.95 -85.85
N GLU T 86 -80.25 85.93 -86.18
CA GLU T 86 -81.67 85.94 -85.84
C GLU T 86 -81.91 86.20 -84.35
N GLU T 87 -81.24 85.43 -83.49
CA GLU T 87 -81.39 85.60 -82.05
C GLU T 87 -80.97 87.00 -81.61
N ILE T 88 -79.93 87.55 -82.23
CA ILE T 88 -79.42 88.88 -81.90
C ILE T 88 -80.46 89.94 -82.32
N VAL T 89 -80.99 89.77 -83.51
CA VAL T 89 -81.98 90.68 -84.05
C VAL T 89 -83.23 90.62 -83.18
N ASP T 90 -83.54 89.43 -82.70
CA ASP T 90 -84.70 89.21 -81.84
C ASP T 90 -84.50 89.70 -80.41
N GLY T 91 -83.29 90.15 -80.10
CA GLY T 91 -83.03 90.65 -78.75
C GLY T 91 -82.93 89.57 -77.67
N ASN T 92 -82.61 88.34 -78.07
CA ASN T 92 -82.47 87.25 -77.10
C ASN T 92 -81.33 87.58 -76.12
N LEU T 93 -81.64 87.58 -74.83
CA LEU T 93 -80.64 87.93 -73.82
C LEU T 93 -79.46 86.96 -73.70
N LYS T 94 -79.75 85.68 -73.49
CA LYS T 94 -78.69 84.69 -73.35
C LYS T 94 -77.73 84.72 -74.54
N MET T 95 -78.29 84.76 -75.74
CA MET T 95 -77.48 84.77 -76.94
C MET T 95 -76.68 86.08 -77.07
N THR T 96 -77.31 87.20 -76.73
CA THR T 96 -76.64 88.49 -76.82
C THR T 96 -75.49 88.58 -75.82
N LEU T 97 -75.73 88.19 -74.58
CA LEU T 97 -74.68 88.21 -73.58
C LEU T 97 -73.57 87.23 -73.96
N GLY T 98 -73.94 86.11 -74.56
CA GLY T 98 -72.96 85.14 -74.98
C GLY T 98 -72.06 85.73 -76.04
N MET T 99 -72.66 86.46 -76.97
CA MET T 99 -71.91 87.10 -78.05
C MET T 99 -70.92 88.13 -77.51
N ILE T 100 -71.39 89.01 -76.62
CA ILE T 100 -70.53 90.04 -76.08
C ILE T 100 -69.36 89.46 -75.28
N TRP T 101 -69.59 88.38 -74.53
CA TRP T 101 -68.50 87.78 -73.79
C TRP T 101 -67.47 87.28 -74.81
N THR T 102 -67.97 86.62 -75.86
CA THR T 102 -67.11 86.11 -76.90
C THR T 102 -66.21 87.23 -77.43
N ILE T 103 -66.79 88.43 -77.58
CA ILE T 103 -66.06 89.59 -78.06
C ILE T 103 -65.09 90.11 -76.99
N ILE T 104 -65.54 90.12 -75.75
CA ILE T 104 -64.70 90.59 -74.66
C ILE T 104 -63.49 89.67 -74.53
N LEU T 105 -63.74 88.37 -74.59
CA LEU T 105 -62.69 87.38 -74.48
C LEU T 105 -61.72 87.47 -75.66
N ARG T 106 -62.27 87.53 -76.87
CA ARG T 106 -61.43 87.58 -78.06
C ARG T 106 -60.61 88.85 -78.28
N PHE T 107 -61.24 90.01 -78.04
CA PHE T 107 -60.53 91.26 -78.29
C PHE T 107 -59.86 91.95 -77.09
N ALA T 108 -60.06 91.41 -75.88
CA ALA T 108 -59.45 92.07 -74.72
C ALA T 108 -58.69 91.10 -73.79
N ILE T 109 -58.86 89.79 -74.02
CA ILE T 109 -58.19 88.82 -73.14
C ILE T 109 -57.32 87.78 -73.87
#